data_2JOE
#
_entry.id   2JOE
#
_entity_poly.entity_id   1
_entity_poly.type   'polypeptide(L)'
_entity_poly.pdbx_seq_one_letter_code
;MGDKEESKKFSANLNGTEIAITYVYKGDKVLKQSSETKIQFASIGATTKEDAAKTLEPLSAKYKNIAGVEEKLTYTDTYA
QENVTIDMEKVDFKALQGISGINVSAEDAKKGITMAQMELVMKAAGFKEVKLEHHHHHH
;
_entity_poly.pdbx_strand_id   A
#
# COMPACT_ATOMS: atom_id res chain seq x y z
N MET A 1 8.06 26.80 -1.30
CA MET A 1 8.51 27.19 -2.66
C MET A 1 7.94 26.21 -3.69
N GLY A 2 6.62 26.15 -3.77
CA GLY A 2 5.97 25.16 -4.60
C GLY A 2 5.91 23.83 -3.88
N ASP A 3 7.10 23.34 -3.50
CA ASP A 3 7.25 22.15 -2.67
C ASP A 3 6.64 20.93 -3.33
N LYS A 4 7.45 20.20 -4.08
CA LYS A 4 6.95 19.03 -4.80
C LYS A 4 6.71 17.87 -3.84
N GLU A 5 5.45 17.44 -3.76
CA GLU A 5 5.12 16.21 -3.08
C GLU A 5 5.20 15.07 -4.09
N GLU A 6 6.19 14.22 -3.91
CA GLU A 6 6.61 13.29 -4.95
C GLU A 6 6.13 11.88 -4.65
N SER A 7 5.79 11.15 -5.70
CA SER A 7 5.30 9.79 -5.54
C SER A 7 6.45 8.80 -5.73
N LYS A 8 6.61 7.92 -4.77
CA LYS A 8 7.57 6.83 -4.88
C LYS A 8 6.81 5.51 -4.93
N LYS A 9 6.90 4.86 -6.05
CA LYS A 9 6.09 3.68 -6.32
C LYS A 9 6.98 2.46 -6.49
N PHE A 10 6.84 1.49 -5.59
CA PHE A 10 7.54 0.23 -5.75
C PHE A 10 6.52 -0.84 -6.08
N SER A 11 6.94 -1.95 -6.63
CA SER A 11 6.01 -3.00 -7.03
C SER A 11 6.63 -4.36 -6.82
N ALA A 12 6.15 -5.07 -5.81
CA ALA A 12 6.65 -6.39 -5.49
C ALA A 12 5.63 -7.46 -5.85
N ASN A 13 5.99 -8.31 -6.80
CA ASN A 13 5.11 -9.39 -7.23
C ASN A 13 5.43 -10.65 -6.42
N LEU A 14 4.65 -10.89 -5.39
CA LEU A 14 4.94 -11.99 -4.47
C LEU A 14 3.66 -12.67 -3.99
N ASN A 15 3.73 -13.98 -3.77
CA ASN A 15 2.62 -14.75 -3.20
C ASN A 15 1.42 -14.83 -4.18
N GLY A 16 1.57 -14.24 -5.35
CA GLY A 16 0.47 -14.20 -6.30
C GLY A 16 -0.23 -12.86 -6.26
N THR A 17 0.21 -12.01 -5.35
CA THR A 17 -0.33 -10.67 -5.21
C THR A 17 0.68 -9.64 -5.70
N GLU A 18 0.23 -8.76 -6.58
CA GLU A 18 1.09 -7.72 -7.11
C GLU A 18 0.93 -6.45 -6.29
N ILE A 19 1.80 -6.28 -5.30
CA ILE A 19 1.71 -5.14 -4.39
C ILE A 19 2.58 -3.99 -4.87
N ALA A 20 1.95 -2.95 -5.38
CA ALA A 20 2.68 -1.77 -5.79
C ALA A 20 2.22 -0.57 -4.98
N ILE A 21 3.06 -0.13 -4.07
CA ILE A 21 2.73 0.96 -3.18
C ILE A 21 3.29 2.28 -3.71
N THR A 22 2.39 3.18 -4.03
CA THR A 22 2.73 4.51 -4.49
C THR A 22 2.62 5.49 -3.33
N TYR A 23 3.70 5.67 -2.59
CA TYR A 23 3.65 6.56 -1.44
C TYR A 23 4.17 7.94 -1.80
N VAL A 24 3.34 8.93 -1.54
CA VAL A 24 3.67 10.33 -1.78
C VAL A 24 4.26 10.95 -0.53
N TYR A 25 5.46 11.48 -0.65
CA TYR A 25 6.11 12.14 0.45
C TYR A 25 6.33 13.60 0.12
N LYS A 26 6.34 14.44 1.14
CA LYS A 26 6.59 15.85 0.96
C LYS A 26 7.63 16.30 1.98
N GLY A 27 8.80 16.67 1.50
CA GLY A 27 9.89 16.99 2.39
C GLY A 27 10.63 15.73 2.81
N ASP A 28 10.58 15.42 4.10
CA ASP A 28 11.18 14.18 4.61
C ASP A 28 10.10 13.27 5.18
N LYS A 29 8.85 13.70 5.07
CA LYS A 29 7.75 12.95 5.63
C LYS A 29 6.87 12.35 4.53
N VAL A 30 6.59 11.06 4.64
CA VAL A 30 5.62 10.43 3.77
C VAL A 30 4.23 10.81 4.27
N LEU A 31 3.34 11.17 3.36
CA LEU A 31 2.04 11.69 3.76
C LEU A 31 0.87 10.87 3.24
N LYS A 32 1.02 10.23 2.09
CA LYS A 32 -0.03 9.35 1.58
C LYS A 32 0.56 8.05 1.04
N GLN A 33 0.08 6.94 1.56
CA GLN A 33 0.55 5.63 1.12
C GLN A 33 -0.49 4.92 0.29
N SER A 34 -0.35 4.95 -1.03
CA SER A 34 -1.26 4.25 -1.90
C SER A 34 -0.79 2.80 -2.07
N SER A 35 -1.37 1.91 -1.28
CA SER A 35 -0.96 0.52 -1.31
C SER A 35 -1.92 -0.26 -2.19
N GLU A 36 -1.56 -0.38 -3.46
CA GLU A 36 -2.42 -1.01 -4.44
C GLU A 36 -2.01 -2.48 -4.62
N THR A 37 -2.84 -3.37 -4.10
CA THR A 37 -2.54 -4.80 -4.13
C THR A 37 -3.41 -5.52 -5.14
N LYS A 38 -2.81 -5.96 -6.24
CA LYS A 38 -3.52 -6.71 -7.25
C LYS A 38 -3.52 -8.19 -6.91
N ILE A 39 -4.62 -8.64 -6.33
CA ILE A 39 -4.76 -10.02 -5.91
C ILE A 39 -5.34 -10.85 -7.06
N GLN A 40 -4.76 -12.01 -7.30
CA GLN A 40 -5.27 -12.91 -8.33
C GLN A 40 -6.18 -13.96 -7.69
N PHE A 41 -7.18 -14.40 -8.44
CA PHE A 41 -8.04 -15.48 -7.97
C PHE A 41 -7.29 -16.80 -7.99
N ALA A 42 -7.92 -17.85 -7.48
CA ALA A 42 -7.29 -19.17 -7.31
C ALA A 42 -6.24 -19.12 -6.19
N SER A 43 -5.26 -18.23 -6.33
CA SER A 43 -4.23 -18.07 -5.32
C SER A 43 -4.82 -17.59 -3.99
N ILE A 44 -5.83 -16.74 -4.07
CA ILE A 44 -6.54 -16.27 -2.89
C ILE A 44 -7.44 -17.38 -2.32
N GLY A 45 -7.72 -18.38 -3.15
CA GLY A 45 -8.61 -19.45 -2.75
C GLY A 45 -10.02 -19.23 -3.26
N ALA A 46 -10.20 -18.11 -3.94
CA ALA A 46 -11.50 -17.74 -4.49
C ALA A 46 -11.58 -18.07 -5.96
N THR A 47 -12.69 -18.69 -6.37
CA THR A 47 -12.93 -18.97 -7.77
C THR A 47 -13.92 -17.95 -8.35
N THR A 48 -14.68 -17.28 -7.47
CA THR A 48 -15.65 -16.30 -7.90
C THR A 48 -15.53 -15.03 -7.06
N LYS A 49 -16.01 -13.91 -7.60
CA LYS A 49 -15.89 -12.61 -6.94
C LYS A 49 -16.65 -12.59 -5.61
N GLU A 50 -17.71 -13.38 -5.53
CA GLU A 50 -18.48 -13.49 -4.30
C GLU A 50 -17.62 -14.08 -3.18
N ASP A 51 -17.01 -15.22 -3.50
CA ASP A 51 -16.15 -15.92 -2.54
C ASP A 51 -14.94 -15.07 -2.20
N ALA A 52 -14.49 -14.29 -3.18
CA ALA A 52 -13.37 -13.37 -2.98
C ALA A 52 -13.72 -12.29 -1.97
N ALA A 53 -14.88 -11.66 -2.14
CA ALA A 53 -15.31 -10.60 -1.25
C ALA A 53 -15.47 -11.11 0.18
N LYS A 54 -16.02 -12.31 0.33
CA LYS A 54 -16.19 -12.91 1.65
C LYS A 54 -14.85 -13.12 2.35
N THR A 55 -13.78 -13.08 1.57
CA THR A 55 -12.43 -13.22 2.10
C THR A 55 -11.79 -11.83 2.31
N LEU A 56 -12.12 -10.91 1.41
CA LEU A 56 -11.47 -9.59 1.41
C LEU A 56 -12.13 -8.61 2.38
N GLU A 57 -13.47 -8.59 2.40
CA GLU A 57 -14.22 -7.62 3.21
C GLU A 57 -13.70 -7.57 4.66
N PRO A 58 -13.65 -8.72 5.38
CA PRO A 58 -13.08 -8.80 6.74
C PRO A 58 -11.76 -8.02 6.88
N LEU A 59 -10.91 -8.09 5.86
CA LEU A 59 -9.60 -7.45 5.92
C LEU A 59 -9.68 -5.98 5.57
N SER A 60 -10.38 -5.66 4.49
CA SER A 60 -10.51 -4.27 4.05
C SER A 60 -11.29 -3.45 5.09
N ALA A 61 -12.15 -4.13 5.84
CA ALA A 61 -12.95 -3.48 6.87
C ALA A 61 -12.12 -3.15 8.10
N LYS A 62 -10.89 -3.65 8.13
CA LYS A 62 -9.98 -3.35 9.23
C LYS A 62 -9.56 -1.88 9.18
N TYR A 63 -9.43 -1.35 7.96
CA TYR A 63 -9.04 0.04 7.77
C TYR A 63 -10.12 0.96 8.29
N LYS A 64 -11.36 0.67 7.88
CA LYS A 64 -12.56 1.29 8.47
C LYS A 64 -12.45 2.81 8.55
N ASN A 65 -11.99 3.32 9.69
CA ASN A 65 -11.82 4.75 9.87
C ASN A 65 -10.64 5.04 10.80
N ILE A 66 -9.55 4.29 10.59
CA ILE A 66 -8.31 4.53 11.33
C ILE A 66 -7.84 5.96 11.10
N ALA A 67 -7.93 6.37 9.83
CA ALA A 67 -7.49 7.67 9.38
C ALA A 67 -8.10 7.93 8.01
N GLY A 68 -7.40 8.69 7.18
CA GLY A 68 -7.82 8.83 5.81
C GLY A 68 -7.47 7.61 5.00
N VAL A 69 -7.93 6.46 5.49
CA VAL A 69 -7.61 5.17 4.88
C VAL A 69 -8.72 4.72 3.94
N GLU A 70 -8.47 4.87 2.65
CA GLU A 70 -9.44 4.52 1.64
C GLU A 70 -9.20 3.09 1.15
N GLU A 71 -10.26 2.30 1.11
CA GLU A 71 -10.17 0.92 0.65
C GLU A 71 -11.03 0.70 -0.59
N LYS A 72 -10.42 0.66 -1.77
CA LYS A 72 -11.15 0.45 -3.00
C LYS A 72 -10.96 -0.96 -3.53
N LEU A 73 -11.91 -1.82 -3.24
CA LEU A 73 -11.90 -3.18 -3.77
C LEU A 73 -12.45 -3.19 -5.20
N THR A 74 -11.55 -3.20 -6.16
CA THR A 74 -11.96 -3.25 -7.55
C THR A 74 -11.79 -4.68 -8.07
N TYR A 75 -12.90 -5.37 -8.31
CA TYR A 75 -12.82 -6.75 -8.72
C TYR A 75 -13.92 -7.09 -9.73
N THR A 76 -13.49 -7.74 -10.81
CA THR A 76 -14.40 -8.15 -11.86
C THR A 76 -14.74 -9.62 -11.75
N ASP A 77 -13.72 -10.45 -11.95
CA ASP A 77 -13.86 -11.91 -11.87
C ASP A 77 -12.49 -12.58 -11.94
N THR A 78 -11.58 -11.98 -12.71
CA THR A 78 -10.27 -12.56 -12.92
C THR A 78 -9.29 -12.13 -11.83
N TYR A 79 -9.43 -10.91 -11.35
CA TYR A 79 -8.53 -10.38 -10.35
C TYR A 79 -9.26 -9.40 -9.44
N ALA A 80 -8.70 -9.18 -8.26
CA ALA A 80 -9.22 -8.22 -7.32
C ALA A 80 -8.13 -7.25 -6.90
N GLN A 81 -8.25 -6.01 -7.33
CA GLN A 81 -7.26 -5.00 -7.05
C GLN A 81 -7.70 -4.15 -5.87
N GLU A 82 -7.06 -4.36 -4.73
CA GLU A 82 -7.37 -3.58 -3.54
C GLU A 82 -6.52 -2.33 -3.53
N ASN A 83 -7.07 -1.25 -4.07
CA ASN A 83 -6.38 0.03 -4.10
C ASN A 83 -6.53 0.68 -2.74
N VAL A 84 -5.44 0.69 -1.98
CA VAL A 84 -5.48 1.24 -0.64
C VAL A 84 -4.83 2.62 -0.61
N THR A 85 -5.37 3.52 0.20
CA THR A 85 -4.78 4.83 0.37
C THR A 85 -4.75 5.19 1.85
N ILE A 86 -3.58 5.05 2.46
CA ILE A 86 -3.39 5.35 3.87
C ILE A 86 -2.88 6.77 4.05
N ASP A 87 -3.68 7.62 4.65
CA ASP A 87 -3.27 9.00 4.90
C ASP A 87 -2.45 9.09 6.19
N MET A 88 -1.21 9.55 6.06
CA MET A 88 -0.28 9.59 7.18
C MET A 88 -0.34 10.93 7.92
N GLU A 89 -1.42 11.65 7.78
CA GLU A 89 -1.58 12.91 8.47
C GLU A 89 -2.63 12.79 9.57
N LYS A 90 -3.17 11.59 9.71
CA LYS A 90 -4.17 11.31 10.74
C LYS A 90 -4.04 9.86 11.22
N VAL A 91 -2.92 9.23 10.92
CA VAL A 91 -2.74 7.80 11.18
C VAL A 91 -2.75 7.45 12.66
N ASP A 92 -3.49 6.40 12.98
CA ASP A 92 -3.44 5.81 14.30
C ASP A 92 -2.59 4.54 14.23
N PHE A 93 -1.40 4.60 14.82
CA PHE A 93 -0.46 3.50 14.71
C PHE A 93 -0.79 2.38 15.69
N LYS A 94 -1.73 2.64 16.59
CA LYS A 94 -2.17 1.62 17.53
C LYS A 94 -2.87 0.50 16.78
N ALA A 95 -3.93 0.87 16.05
CA ALA A 95 -4.70 -0.10 15.28
C ALA A 95 -3.92 -0.58 14.07
N LEU A 96 -3.14 0.32 13.48
CA LEU A 96 -2.39 0.01 12.25
C LEU A 96 -1.51 -1.23 12.41
N GLN A 97 -1.02 -1.46 13.62
CA GLN A 97 -0.15 -2.60 13.90
C GLN A 97 -0.89 -3.93 13.70
N GLY A 98 -2.21 -3.89 13.73
CA GLY A 98 -2.99 -5.09 13.51
C GLY A 98 -3.70 -5.06 12.18
N ILE A 99 -3.42 -4.03 11.39
CA ILE A 99 -4.04 -3.87 10.09
C ILE A 99 -3.06 -4.19 8.97
N SER A 100 -2.21 -3.23 8.66
CA SER A 100 -1.21 -3.40 7.64
C SER A 100 0.06 -3.98 8.25
N GLY A 101 0.25 -3.73 9.54
CA GLY A 101 1.41 -4.25 10.24
C GLY A 101 2.67 -3.46 9.95
N ILE A 102 3.16 -3.62 8.72
CA ILE A 102 4.41 -3.00 8.29
C ILE A 102 5.54 -3.42 9.24
N ASN A 103 5.50 -4.69 9.63
CA ASN A 103 6.43 -5.22 10.63
C ASN A 103 7.80 -5.54 10.03
N VAL A 104 8.20 -4.77 9.03
CA VAL A 104 9.54 -4.89 8.47
C VAL A 104 10.52 -4.26 9.44
N SER A 105 10.12 -3.12 9.97
CA SER A 105 10.87 -2.45 11.03
C SER A 105 9.90 -1.86 12.03
N ALA A 106 10.02 -2.29 13.29
CA ALA A 106 9.14 -1.80 14.34
C ALA A 106 9.36 -0.31 14.56
N GLU A 107 10.56 0.15 14.25
CA GLU A 107 10.92 1.55 14.44
C GLU A 107 10.17 2.45 13.47
N ASP A 108 9.92 1.94 12.29
CA ASP A 108 9.26 2.71 11.23
C ASP A 108 7.76 2.78 11.49
N ALA A 109 7.14 1.62 11.60
CA ALA A 109 5.68 1.52 11.69
C ALA A 109 5.13 2.09 13.00
N LYS A 110 5.89 2.00 14.09
CA LYS A 110 5.39 2.41 15.40
C LYS A 110 5.64 3.89 15.66
N LYS A 111 6.76 4.40 15.20
CA LYS A 111 7.17 5.77 15.55
C LYS A 111 6.70 6.78 14.52
N GLY A 112 6.19 6.30 13.39
CA GLY A 112 5.73 7.18 12.36
C GLY A 112 6.60 7.11 11.13
N ILE A 113 6.00 6.76 10.00
CA ILE A 113 6.75 6.53 8.78
C ILE A 113 7.45 7.80 8.31
N THR A 114 8.76 7.71 8.20
CA THR A 114 9.57 8.82 7.72
C THR A 114 10.22 8.40 6.41
N MET A 115 10.58 9.37 5.55
CA MET A 115 11.14 9.04 4.25
C MET A 115 12.43 8.23 4.38
N ALA A 116 13.28 8.61 5.32
CA ALA A 116 14.52 7.89 5.59
C ALA A 116 14.23 6.45 6.00
N GLN A 117 13.15 6.28 6.75
CA GLN A 117 12.69 4.97 7.17
C GLN A 117 12.16 4.19 5.98
N MET A 118 11.05 4.63 5.41
CA MET A 118 10.42 3.97 4.26
C MET A 118 11.44 3.54 3.21
N GLU A 119 12.39 4.42 2.89
CA GLU A 119 13.45 4.10 1.93
C GLU A 119 14.28 2.89 2.38
N LEU A 120 15.00 3.05 3.49
CA LEU A 120 15.90 2.01 3.97
C LEU A 120 15.14 0.74 4.34
N VAL A 121 13.91 0.93 4.76
CA VAL A 121 13.07 -0.14 5.26
C VAL A 121 12.46 -0.94 4.12
N MET A 122 12.07 -0.27 3.05
CA MET A 122 11.55 -0.97 1.87
C MET A 122 12.68 -1.64 1.10
N LYS A 123 13.87 -1.06 1.17
CA LYS A 123 15.06 -1.70 0.62
C LYS A 123 15.42 -2.92 1.45
N ALA A 124 15.21 -2.81 2.76
CA ALA A 124 15.43 -3.93 3.67
C ALA A 124 14.39 -5.02 3.44
N ALA A 125 13.20 -4.60 3.00
CA ALA A 125 12.12 -5.53 2.70
C ALA A 125 12.40 -6.32 1.43
N GLY A 126 13.39 -5.88 0.67
CA GLY A 126 13.78 -6.57 -0.54
C GLY A 126 12.81 -6.37 -1.67
N PHE A 127 12.12 -5.24 -1.66
CA PHE A 127 11.16 -4.92 -2.70
C PHE A 127 11.82 -4.10 -3.80
N LYS A 128 11.28 -4.21 -5.01
CA LYS A 128 11.85 -3.51 -6.15
C LYS A 128 11.03 -2.28 -6.50
N GLU A 129 11.67 -1.13 -6.48
CA GLU A 129 11.00 0.12 -6.81
C GLU A 129 10.93 0.30 -8.32
N VAL A 130 9.79 0.74 -8.80
CA VAL A 130 9.61 1.00 -10.22
C VAL A 130 9.60 2.51 -10.45
N LYS A 131 9.76 3.26 -9.36
CA LYS A 131 9.69 4.72 -9.38
C LYS A 131 8.30 5.15 -9.83
N LEU A 132 8.14 5.33 -11.14
CA LEU A 132 6.82 5.44 -11.77
C LEU A 132 6.97 5.04 -13.23
N GLU A 133 8.10 4.40 -13.53
CA GLU A 133 8.50 4.15 -14.89
C GLU A 133 8.45 2.66 -15.21
N HIS A 134 7.92 2.33 -16.39
CA HIS A 134 7.83 0.95 -16.81
C HIS A 134 8.57 0.75 -18.13
N HIS A 135 8.85 1.86 -18.81
CA HIS A 135 9.54 1.84 -20.09
C HIS A 135 11.02 2.14 -19.87
N HIS A 136 11.49 1.83 -18.65
CA HIS A 136 12.87 2.09 -18.27
C HIS A 136 13.84 1.23 -19.08
N HIS A 137 13.35 0.11 -19.57
CA HIS A 137 14.16 -0.81 -20.36
C HIS A 137 14.29 -0.29 -21.79
N HIS A 138 15.36 0.46 -22.04
CA HIS A 138 15.64 1.00 -23.36
C HIS A 138 15.90 -0.14 -24.35
N HIS A 139 16.89 -0.96 -24.01
CA HIS A 139 17.21 -2.15 -24.78
C HIS A 139 18.21 -2.98 -23.99
N MET A 1 10.58 20.13 -9.07
CA MET A 1 9.43 19.27 -9.42
C MET A 1 9.12 18.30 -8.29
N GLY A 2 10.09 17.45 -7.95
CA GLY A 2 9.91 16.53 -6.84
C GLY A 2 10.16 17.20 -5.51
N ASP A 3 9.61 18.39 -5.36
CA ASP A 3 9.80 19.19 -4.16
C ASP A 3 8.46 19.71 -3.68
N LYS A 4 7.58 20.02 -4.64
CA LYS A 4 6.26 20.56 -4.34
C LYS A 4 5.27 19.42 -4.15
N GLU A 5 5.64 18.27 -4.69
CA GLU A 5 4.94 17.01 -4.48
C GLU A 5 5.66 15.93 -5.26
N GLU A 6 5.75 14.73 -4.71
CA GLU A 6 6.54 13.68 -5.31
C GLU A 6 5.87 12.32 -5.08
N SER A 7 6.10 11.40 -5.99
CA SER A 7 5.46 10.10 -5.92
C SER A 7 6.45 8.99 -6.25
N LYS A 8 6.42 7.93 -5.47
CA LYS A 8 7.25 6.76 -5.70
C LYS A 8 6.44 5.49 -5.57
N LYS A 9 5.99 4.96 -6.69
CA LYS A 9 5.32 3.67 -6.71
C LYS A 9 6.34 2.57 -6.86
N PHE A 10 6.45 1.69 -5.88
CA PHE A 10 7.25 0.50 -6.06
C PHE A 10 6.31 -0.68 -6.25
N SER A 11 6.71 -1.63 -7.07
CA SER A 11 5.82 -2.73 -7.39
C SER A 11 6.59 -4.05 -7.33
N ALA A 12 6.21 -4.93 -6.42
CA ALA A 12 6.92 -6.18 -6.24
C ALA A 12 5.96 -7.35 -6.13
N ASN A 13 6.20 -8.38 -6.93
CA ASN A 13 5.46 -9.63 -6.82
C ASN A 13 6.16 -10.54 -5.82
N LEU A 14 5.66 -10.58 -4.60
CA LEU A 14 6.24 -11.46 -3.60
C LEU A 14 5.49 -12.80 -3.59
N ASN A 15 5.92 -13.68 -4.48
CA ASN A 15 5.42 -15.06 -4.56
C ASN A 15 4.02 -15.14 -5.17
N GLY A 16 3.10 -14.44 -4.56
CA GLY A 16 1.72 -14.48 -4.99
C GLY A 16 1.04 -13.14 -4.95
N THR A 17 1.40 -12.31 -3.98
CA THR A 17 0.83 -10.99 -3.85
C THR A 17 1.73 -9.95 -4.51
N GLU A 18 1.16 -9.19 -5.45
CA GLU A 18 1.90 -8.12 -6.09
C GLU A 18 1.57 -6.80 -5.42
N ILE A 19 2.41 -6.38 -4.50
CA ILE A 19 2.14 -5.18 -3.73
C ILE A 19 2.79 -3.97 -4.38
N ALA A 20 1.96 -2.99 -4.70
CA ALA A 20 2.42 -1.76 -5.30
C ALA A 20 2.12 -0.58 -4.38
N ILE A 21 3.14 -0.09 -3.70
CA ILE A 21 2.96 1.03 -2.79
C ILE A 21 3.43 2.32 -3.44
N THR A 22 2.53 3.28 -3.48
CA THR A 22 2.79 4.56 -4.11
C THR A 22 2.93 5.65 -3.05
N TYR A 23 4.16 6.08 -2.82
CA TYR A 23 4.41 7.12 -1.82
C TYR A 23 4.17 8.49 -2.43
N VAL A 24 3.08 9.13 -2.05
CA VAL A 24 2.90 10.53 -2.35
C VAL A 24 3.41 11.33 -1.16
N TYR A 25 4.63 11.81 -1.28
CA TYR A 25 5.30 12.44 -0.18
C TYR A 25 5.78 13.83 -0.56
N LYS A 26 6.08 14.62 0.45
CA LYS A 26 6.59 15.96 0.24
C LYS A 26 7.65 16.24 1.29
N GLY A 27 8.88 16.46 0.85
CA GLY A 27 9.98 16.56 1.77
C GLY A 27 10.49 15.19 2.15
N ASP A 28 10.36 14.83 3.42
CA ASP A 28 10.75 13.50 3.88
C ASP A 28 9.54 12.73 4.38
N LYS A 29 8.43 13.41 4.56
CA LYS A 29 7.24 12.75 5.07
C LYS A 29 6.35 12.30 3.92
N VAL A 30 6.06 11.01 3.88
CA VAL A 30 5.04 10.51 2.98
C VAL A 30 3.69 10.88 3.56
N LEU A 31 2.88 11.58 2.77
CA LEU A 31 1.64 12.14 3.30
C LEU A 31 0.44 11.28 2.92
N LYS A 32 0.47 10.71 1.73
CA LYS A 32 -0.55 9.77 1.30
C LYS A 32 0.10 8.56 0.64
N GLN A 33 -0.08 7.40 1.26
CA GLN A 33 0.54 6.18 0.78
C GLN A 33 -0.50 5.24 0.20
N SER A 34 -0.45 5.04 -1.11
CA SER A 34 -1.36 4.13 -1.79
C SER A 34 -0.73 2.74 -1.89
N SER A 35 -1.03 1.89 -0.93
CA SER A 35 -0.48 0.55 -0.88
C SER A 35 -1.47 -0.42 -1.49
N GLU A 36 -1.22 -0.82 -2.72
CA GLU A 36 -2.17 -1.60 -3.47
C GLU A 36 -1.71 -3.05 -3.63
N THR A 37 -2.35 -3.95 -2.92
CA THR A 37 -2.04 -5.36 -3.00
C THR A 37 -2.83 -6.00 -4.14
N LYS A 38 -2.15 -6.35 -5.21
CA LYS A 38 -2.81 -6.97 -6.36
C LYS A 38 -2.96 -8.47 -6.11
N ILE A 39 -4.12 -8.83 -5.60
CA ILE A 39 -4.40 -10.22 -5.24
C ILE A 39 -5.02 -10.94 -6.42
N GLN A 40 -4.36 -11.99 -6.89
CA GLN A 40 -4.89 -12.80 -7.97
C GLN A 40 -5.76 -13.90 -7.37
N PHE A 41 -6.70 -14.40 -8.14
CA PHE A 41 -7.62 -15.43 -7.65
C PHE A 41 -6.88 -16.69 -7.25
N ALA A 42 -5.77 -16.97 -7.94
CA ALA A 42 -4.95 -18.14 -7.62
C ALA A 42 -4.12 -17.90 -6.37
N SER A 43 -3.96 -16.64 -5.99
CA SER A 43 -3.20 -16.28 -4.81
C SER A 43 -4.07 -16.39 -3.56
N ILE A 44 -5.34 -16.02 -3.69
CA ILE A 44 -6.27 -16.06 -2.58
C ILE A 44 -6.93 -17.44 -2.46
N GLY A 45 -7.14 -18.09 -3.59
CA GLY A 45 -7.81 -19.38 -3.59
C GLY A 45 -9.31 -19.22 -3.75
N ALA A 46 -9.71 -18.21 -4.50
CA ALA A 46 -11.12 -17.93 -4.71
C ALA A 46 -11.56 -18.38 -6.10
N THR A 47 -12.79 -18.86 -6.20
CA THR A 47 -13.32 -19.32 -7.46
C THR A 47 -13.88 -18.15 -8.27
N THR A 48 -14.72 -17.37 -7.62
CA THR A 48 -15.33 -16.21 -8.24
C THR A 48 -15.11 -14.97 -7.38
N LYS A 49 -15.56 -13.81 -7.88
CA LYS A 49 -15.44 -12.56 -7.14
C LYS A 49 -16.28 -12.60 -5.87
N GLU A 50 -17.27 -13.50 -5.83
CA GLU A 50 -18.09 -13.70 -4.65
C GLU A 50 -17.21 -14.23 -3.52
N ASP A 51 -16.47 -15.29 -3.82
CA ASP A 51 -15.57 -15.91 -2.85
C ASP A 51 -14.52 -14.90 -2.39
N ALA A 52 -14.02 -14.12 -3.34
CA ALA A 52 -12.98 -13.14 -3.06
C ALA A 52 -13.49 -12.05 -2.12
N ALA A 53 -14.61 -11.43 -2.50
CA ALA A 53 -15.16 -10.33 -1.72
C ALA A 53 -15.53 -10.77 -0.32
N LYS A 54 -16.17 -11.93 -0.22
CA LYS A 54 -16.59 -12.47 1.06
C LYS A 54 -15.40 -12.73 1.98
N THR A 55 -14.21 -12.78 1.40
CA THR A 55 -13.00 -13.00 2.16
C THR A 55 -12.31 -11.66 2.50
N LEU A 56 -12.37 -10.71 1.57
CA LEU A 56 -11.59 -9.48 1.70
C LEU A 56 -12.39 -8.35 2.37
N GLU A 57 -13.69 -8.28 2.08
CA GLU A 57 -14.54 -7.18 2.57
C GLU A 57 -14.43 -6.97 4.09
N PRO A 58 -14.48 -8.05 4.91
CA PRO A 58 -14.22 -7.97 6.35
C PRO A 58 -13.05 -7.06 6.74
N LEU A 59 -11.96 -7.12 5.97
CA LEU A 59 -10.76 -6.36 6.29
C LEU A 59 -10.97 -4.86 6.10
N SER A 60 -11.65 -4.51 5.02
CA SER A 60 -11.89 -3.11 4.68
C SER A 60 -12.69 -2.40 5.77
N ALA A 61 -13.39 -3.17 6.60
CA ALA A 61 -14.24 -2.62 7.66
C ALA A 61 -13.40 -2.05 8.80
N LYS A 62 -12.13 -2.44 8.87
CA LYS A 62 -11.25 -1.98 9.93
C LYS A 62 -10.80 -0.54 9.71
N TYR A 63 -10.64 -0.19 8.44
CA TYR A 63 -10.04 1.10 8.08
C TYR A 63 -11.00 2.26 8.25
N LYS A 64 -12.29 1.97 8.29
CA LYS A 64 -13.30 3.02 8.35
C LYS A 64 -13.44 3.58 9.76
N ASN A 65 -12.42 3.43 10.56
CA ASN A 65 -12.37 4.00 11.90
C ASN A 65 -11.00 4.64 12.12
N ILE A 66 -10.19 4.65 11.08
CA ILE A 66 -8.80 5.08 11.19
C ILE A 66 -8.48 6.18 10.18
N ALA A 67 -8.60 7.43 10.63
CA ALA A 67 -8.26 8.61 9.82
C ALA A 67 -8.86 8.52 8.42
N GLY A 68 -8.14 9.05 7.44
CA GLY A 68 -8.55 8.91 6.05
C GLY A 68 -7.90 7.71 5.41
N VAL A 69 -7.64 6.69 6.21
CA VAL A 69 -7.06 5.45 5.73
C VAL A 69 -8.19 4.55 5.25
N GLU A 70 -8.25 4.31 3.94
CA GLU A 70 -9.33 3.53 3.37
C GLU A 70 -8.80 2.39 2.51
N GLU A 71 -9.49 1.26 2.57
CA GLU A 71 -9.14 0.11 1.77
C GLU A 71 -10.15 -0.06 0.65
N LYS A 72 -9.74 0.24 -0.56
CA LYS A 72 -10.61 0.21 -1.71
C LYS A 72 -10.40 -1.07 -2.51
N LEU A 73 -11.36 -1.96 -2.43
CA LEU A 73 -11.30 -3.21 -3.16
C LEU A 73 -11.82 -3.02 -4.58
N THR A 74 -11.00 -3.38 -5.56
CA THR A 74 -11.39 -3.28 -6.95
C THR A 74 -11.36 -4.65 -7.62
N TYR A 75 -12.50 -5.07 -8.14
CA TYR A 75 -12.64 -6.40 -8.71
C TYR A 75 -12.89 -6.32 -10.21
N THR A 76 -12.10 -7.06 -10.98
CA THR A 76 -12.30 -7.14 -12.41
C THR A 76 -12.85 -8.50 -12.81
N ASP A 77 -11.98 -9.48 -12.89
CA ASP A 77 -12.37 -10.83 -13.27
C ASP A 77 -11.52 -11.88 -12.58
N THR A 78 -10.24 -11.94 -12.94
CA THR A 78 -9.35 -12.97 -12.43
C THR A 78 -8.48 -12.44 -11.31
N TYR A 79 -8.66 -11.16 -10.98
CA TYR A 79 -7.85 -10.53 -9.95
C TYR A 79 -8.63 -9.44 -9.24
N ALA A 80 -8.19 -9.12 -8.04
CA ALA A 80 -8.76 -8.04 -7.26
C ALA A 80 -7.65 -7.19 -6.67
N GLN A 81 -7.74 -5.88 -6.83
CA GLN A 81 -6.72 -4.99 -6.32
C GLN A 81 -7.14 -4.38 -5.00
N GLU A 82 -6.36 -4.66 -3.97
CA GLU A 82 -6.56 -4.09 -2.65
C GLU A 82 -5.87 -2.73 -2.57
N ASN A 83 -6.59 -1.69 -2.95
CA ASN A 83 -6.03 -0.34 -2.99
C ASN A 83 -6.11 0.31 -1.60
N VAL A 84 -5.02 0.22 -0.85
CA VAL A 84 -5.04 0.74 0.52
C VAL A 84 -4.47 2.15 0.59
N THR A 85 -5.36 3.13 0.67
CA THR A 85 -4.92 4.52 0.73
C THR A 85 -4.76 4.96 2.19
N ILE A 86 -3.51 5.09 2.61
CA ILE A 86 -3.21 5.47 3.98
C ILE A 86 -2.90 6.96 4.08
N ASP A 87 -3.63 7.66 4.93
CA ASP A 87 -3.37 9.08 5.17
C ASP A 87 -2.41 9.24 6.33
N MET A 88 -1.22 9.74 6.05
CA MET A 88 -0.17 9.83 7.06
C MET A 88 -0.23 11.17 7.80
N GLU A 89 -1.25 11.96 7.51
CA GLU A 89 -1.44 13.21 8.22
C GLU A 89 -2.17 12.96 9.53
N LYS A 90 -2.53 11.70 9.75
CA LYS A 90 -3.02 11.27 11.04
C LYS A 90 -2.68 9.80 11.26
N VAL A 91 -3.23 8.95 10.39
CA VAL A 91 -3.26 7.50 10.61
C VAL A 91 -3.85 7.21 11.99
N ASP A 92 -3.70 5.99 12.42
CA ASP A 92 -3.80 5.67 13.82
C ASP A 92 -2.80 4.57 14.11
N PHE A 93 -1.62 4.96 14.55
CA PHE A 93 -0.51 4.05 14.68
C PHE A 93 -0.73 3.04 15.81
N LYS A 94 -1.77 3.28 16.60
CA LYS A 94 -2.12 2.38 17.69
C LYS A 94 -3.02 1.25 17.18
N ALA A 95 -4.09 1.62 16.50
CA ALA A 95 -4.99 0.64 15.88
C ALA A 95 -4.34 0.04 14.63
N LEU A 96 -3.24 0.65 14.20
CA LEU A 96 -2.47 0.19 13.06
C LEU A 96 -1.92 -1.21 13.31
N GLN A 97 -1.90 -1.61 14.57
CA GLN A 97 -1.41 -2.92 14.98
C GLN A 97 -2.25 -4.04 14.35
N GLY A 98 -3.49 -3.74 13.99
CA GLY A 98 -4.38 -4.75 13.45
C GLY A 98 -4.49 -4.71 11.94
N ILE A 99 -3.78 -3.77 11.32
CA ILE A 99 -3.84 -3.62 9.87
C ILE A 99 -2.45 -3.49 9.26
N SER A 100 -1.44 -3.84 10.03
CA SER A 100 -0.07 -3.73 9.55
C SER A 100 0.31 -4.92 8.66
N GLY A 101 0.07 -4.78 7.36
CA GLY A 101 0.42 -5.81 6.41
C GLY A 101 1.85 -5.67 5.92
N ILE A 102 2.63 -4.85 6.61
CA ILE A 102 4.02 -4.64 6.27
C ILE A 102 4.85 -5.84 6.71
N ASN A 103 5.17 -6.73 5.77
CA ASN A 103 5.88 -7.96 6.09
C ASN A 103 7.37 -7.72 6.18
N VAL A 104 7.75 -6.76 7.00
CA VAL A 104 9.15 -6.46 7.28
C VAL A 104 9.33 -6.40 8.78
N SER A 105 8.83 -5.33 9.37
CA SER A 105 8.76 -5.19 10.80
C SER A 105 7.65 -4.19 11.16
N ALA A 106 6.67 -4.65 11.93
CA ALA A 106 5.53 -3.82 12.29
C ALA A 106 5.92 -2.74 13.29
N GLU A 107 7.18 -2.76 13.72
CA GLU A 107 7.68 -1.76 14.66
C GLU A 107 7.95 -0.43 13.97
N ASP A 108 8.34 -0.50 12.70
CA ASP A 108 8.65 0.70 11.93
C ASP A 108 7.41 1.58 11.83
N ALA A 109 6.28 0.91 11.62
CA ALA A 109 5.00 1.59 11.52
C ALA A 109 4.55 2.15 12.88
N LYS A 110 5.25 1.77 13.94
CA LYS A 110 4.94 2.28 15.27
C LYS A 110 5.86 3.46 15.61
N LYS A 111 7.09 3.40 15.11
CA LYS A 111 8.10 4.38 15.46
C LYS A 111 7.95 5.66 14.64
N GLY A 112 7.46 5.54 13.41
CA GLY A 112 7.24 6.70 12.59
C GLY A 112 7.57 6.47 11.13
N ILE A 113 6.54 6.39 10.30
CA ILE A 113 6.71 6.16 8.88
C ILE A 113 7.19 7.43 8.18
N THR A 114 8.42 7.40 7.69
CA THR A 114 8.96 8.49 6.91
C THR A 114 9.52 7.95 5.59
N MET A 115 10.05 8.83 4.75
CA MET A 115 10.63 8.38 3.50
C MET A 115 11.95 7.66 3.76
N ALA A 116 12.72 8.18 4.71
CA ALA A 116 13.99 7.57 5.09
C ALA A 116 13.80 6.10 5.46
N GLN A 117 12.78 5.84 6.28
CA GLN A 117 12.42 4.47 6.63
C GLN A 117 12.06 3.67 5.39
N MET A 118 10.97 4.04 4.71
CA MET A 118 10.50 3.31 3.54
C MET A 118 11.63 3.02 2.53
N GLU A 119 12.53 3.98 2.32
CA GLU A 119 13.67 3.77 1.43
C GLU A 119 14.51 2.58 1.86
N LEU A 120 15.15 2.70 3.02
CA LEU A 120 16.05 1.65 3.53
C LEU A 120 15.30 0.36 3.80
N VAL A 121 14.07 0.52 4.26
CA VAL A 121 13.23 -0.59 4.70
C VAL A 121 12.77 -1.44 3.51
N MET A 122 12.34 -0.78 2.44
CA MET A 122 11.89 -1.50 1.25
C MET A 122 13.07 -2.05 0.45
N LYS A 123 14.20 -1.35 0.51
CA LYS A 123 15.41 -1.84 -0.13
C LYS A 123 16.00 -2.99 0.67
N ALA A 124 15.60 -3.10 1.94
CA ALA A 124 15.98 -4.23 2.78
C ALA A 124 15.11 -5.44 2.44
N ALA A 125 13.87 -5.18 2.08
CA ALA A 125 12.95 -6.23 1.68
C ALA A 125 13.24 -6.69 0.26
N GLY A 126 13.96 -5.86 -0.49
CA GLY A 126 14.33 -6.22 -1.84
C GLY A 126 13.30 -5.79 -2.86
N PHE A 127 12.72 -4.62 -2.64
CA PHE A 127 11.72 -4.10 -3.57
C PHE A 127 12.35 -3.03 -4.46
N LYS A 128 11.72 -2.76 -5.60
CA LYS A 128 12.26 -1.79 -6.55
C LYS A 128 11.23 -0.72 -6.88
N GLU A 129 11.68 0.52 -6.91
CA GLU A 129 10.84 1.65 -7.27
C GLU A 129 10.48 1.59 -8.76
N VAL A 130 9.22 1.91 -9.05
CA VAL A 130 8.68 1.81 -10.40
C VAL A 130 8.23 3.18 -10.93
N LYS A 131 7.92 4.09 -10.01
CA LYS A 131 7.46 5.44 -10.34
C LYS A 131 6.06 5.41 -10.94
N LEU A 132 5.61 6.55 -11.45
CA LEU A 132 4.27 6.66 -12.00
C LEU A 132 4.32 6.76 -13.52
N GLU A 133 3.95 5.68 -14.17
CA GLU A 133 3.87 5.63 -15.62
C GLU A 133 2.58 6.28 -16.11
N HIS A 134 1.56 6.28 -15.24
CA HIS A 134 0.22 6.72 -15.63
C HIS A 134 0.06 8.22 -15.46
N HIS A 135 1.06 8.97 -15.93
CA HIS A 135 1.01 10.43 -15.96
C HIS A 135 1.01 11.03 -14.56
N HIS A 136 -0.16 11.13 -13.94
CA HIS A 136 -0.31 11.71 -12.62
C HIS A 136 -1.44 11.03 -11.87
N HIS A 137 -1.47 11.19 -10.56
CA HIS A 137 -2.54 10.61 -9.75
C HIS A 137 -2.93 11.56 -8.62
N HIS A 138 -2.73 12.86 -8.85
CA HIS A 138 -3.06 13.87 -7.86
C HIS A 138 -2.96 15.26 -8.47
N HIS A 139 -1.75 15.64 -8.84
CA HIS A 139 -1.52 16.89 -9.56
C HIS A 139 -1.26 16.59 -11.02
N MET A 1 10.71 21.55 -10.54
CA MET A 1 9.64 20.60 -10.18
C MET A 1 10.21 19.43 -9.39
N GLY A 2 9.34 18.63 -8.79
CA GLY A 2 9.80 17.56 -7.92
C GLY A 2 10.31 18.09 -6.61
N ASP A 3 9.87 19.30 -6.27
CA ASP A 3 10.29 19.99 -5.07
C ASP A 3 9.13 20.14 -4.10
N LYS A 4 7.94 20.32 -4.66
CA LYS A 4 6.72 20.43 -3.86
C LYS A 4 6.25 19.05 -3.42
N GLU A 5 6.09 18.17 -4.39
CA GLU A 5 5.57 16.83 -4.14
C GLU A 5 6.36 15.82 -4.97
N GLU A 6 6.47 14.60 -4.46
CA GLU A 6 7.14 13.53 -5.19
C GLU A 6 6.47 12.21 -4.90
N SER A 7 6.37 11.38 -5.93
CA SER A 7 5.75 10.08 -5.79
C SER A 7 6.77 8.98 -6.05
N LYS A 8 6.84 8.02 -5.14
CA LYS A 8 7.70 6.87 -5.32
C LYS A 8 6.85 5.63 -5.48
N LYS A 9 6.59 5.25 -6.72
CA LYS A 9 5.88 4.02 -6.99
C LYS A 9 6.88 2.89 -7.15
N PHE A 10 6.71 1.85 -6.36
CA PHE A 10 7.49 0.63 -6.55
C PHE A 10 6.51 -0.50 -6.78
N SER A 11 6.96 -1.57 -7.41
CA SER A 11 6.06 -2.69 -7.66
C SER A 11 6.83 -4.00 -7.62
N ALA A 12 6.52 -4.84 -6.64
CA ALA A 12 7.19 -6.11 -6.48
C ALA A 12 6.19 -7.25 -6.37
N ASN A 13 6.34 -8.24 -7.23
CA ASN A 13 5.52 -9.44 -7.17
C ASN A 13 6.22 -10.49 -6.32
N LEU A 14 5.69 -10.74 -5.13
CA LEU A 14 6.28 -11.71 -4.23
C LEU A 14 5.48 -13.02 -4.25
N ASN A 15 5.10 -13.43 -5.46
CA ASN A 15 4.48 -14.74 -5.73
C ASN A 15 3.02 -14.77 -5.32
N GLY A 16 2.77 -14.46 -4.07
CA GLY A 16 1.41 -14.48 -3.57
C GLY A 16 0.69 -13.17 -3.82
N THR A 17 1.42 -12.08 -3.70
CA THR A 17 0.87 -10.76 -3.90
C THR A 17 1.79 -9.88 -4.74
N GLU A 18 1.21 -9.10 -5.63
CA GLU A 18 1.97 -8.13 -6.41
C GLU A 18 1.73 -6.75 -5.81
N ILE A 19 2.64 -6.30 -4.97
CA ILE A 19 2.44 -5.07 -4.24
C ILE A 19 3.09 -3.90 -4.94
N ALA A 20 2.28 -2.96 -5.38
CA ALA A 20 2.75 -1.74 -5.99
C ALA A 20 2.27 -0.54 -5.19
N ILE A 21 3.21 0.13 -4.54
CA ILE A 21 2.88 1.24 -3.66
C ILE A 21 3.41 2.55 -4.21
N THR A 22 2.52 3.54 -4.29
CA THR A 22 2.89 4.88 -4.68
C THR A 22 3.04 5.76 -3.44
N TYR A 23 4.28 6.04 -3.06
CA TYR A 23 4.55 6.89 -1.91
C TYR A 23 4.50 8.36 -2.33
N VAL A 24 3.42 9.02 -2.00
CA VAL A 24 3.35 10.45 -2.20
C VAL A 24 3.84 11.17 -0.97
N TYR A 25 5.09 11.58 -0.99
CA TYR A 25 5.68 12.24 0.14
C TYR A 25 5.89 13.71 -0.16
N LYS A 26 5.70 14.52 0.87
CA LYS A 26 5.72 15.96 0.74
C LYS A 26 6.36 16.55 1.99
N GLY A 27 7.50 17.20 1.81
CA GLY A 27 8.31 17.58 2.95
C GLY A 27 9.20 16.43 3.37
N ASP A 28 8.99 15.92 4.57
CA ASP A 28 9.76 14.78 5.07
C ASP A 28 8.90 13.52 5.13
N LYS A 29 7.60 13.72 5.36
CA LYS A 29 6.69 12.60 5.59
C LYS A 29 6.09 12.10 4.29
N VAL A 30 5.85 10.80 4.21
CA VAL A 30 5.03 10.25 3.15
C VAL A 30 3.58 10.46 3.53
N LEU A 31 2.99 11.54 3.05
CA LEU A 31 1.69 11.97 3.54
C LEU A 31 0.57 11.05 3.10
N LYS A 32 0.69 10.51 1.89
CA LYS A 32 -0.30 9.57 1.40
C LYS A 32 0.38 8.38 0.71
N GLN A 33 0.17 7.21 1.26
CA GLN A 33 0.78 6.00 0.76
C GLN A 33 -0.26 5.14 0.05
N SER A 34 -0.22 5.16 -1.27
CA SER A 34 -1.16 4.38 -2.07
C SER A 34 -0.61 2.97 -2.29
N SER A 35 -0.96 2.07 -1.39
CA SER A 35 -0.47 0.71 -1.44
C SER A 35 -1.49 -0.20 -2.09
N GLU A 36 -1.32 -0.47 -3.37
CA GLU A 36 -2.24 -1.33 -4.08
C GLU A 36 -1.66 -2.73 -4.20
N THR A 37 -2.23 -3.66 -3.48
CA THR A 37 -1.79 -5.04 -3.51
C THR A 37 -2.63 -5.85 -4.51
N LYS A 38 -2.01 -6.24 -5.61
CA LYS A 38 -2.69 -7.03 -6.62
C LYS A 38 -2.67 -8.50 -6.22
N ILE A 39 -3.82 -8.97 -5.77
CA ILE A 39 -3.94 -10.32 -5.25
C ILE A 39 -4.55 -11.23 -6.31
N GLN A 40 -3.89 -12.34 -6.59
CA GLN A 40 -4.42 -13.31 -7.53
C GLN A 40 -5.37 -14.26 -6.79
N PHE A 41 -6.37 -14.77 -7.49
CA PHE A 41 -7.33 -15.68 -6.89
C PHE A 41 -6.68 -16.98 -6.45
N ALA A 42 -5.47 -17.23 -6.94
CA ALA A 42 -4.72 -18.43 -6.60
C ALA A 42 -4.16 -18.36 -5.18
N SER A 43 -3.92 -17.15 -4.69
CA SER A 43 -3.34 -16.99 -3.36
C SER A 43 -4.43 -16.77 -2.31
N ILE A 44 -5.55 -16.16 -2.70
CA ILE A 44 -6.66 -15.98 -1.78
C ILE A 44 -7.49 -17.25 -1.66
N GLY A 45 -7.53 -18.03 -2.75
CA GLY A 45 -8.30 -19.26 -2.74
C GLY A 45 -9.76 -19.01 -3.05
N ALA A 46 -10.01 -18.07 -3.96
CA ALA A 46 -11.36 -17.74 -4.36
C ALA A 46 -11.64 -18.22 -5.78
N THR A 47 -12.87 -18.62 -6.05
CA THR A 47 -13.25 -19.08 -7.37
C THR A 47 -13.85 -17.94 -8.20
N THR A 48 -14.74 -17.17 -7.59
CA THR A 48 -15.38 -16.06 -8.27
C THR A 48 -15.25 -14.80 -7.43
N LYS A 49 -15.71 -13.66 -7.96
CA LYS A 49 -15.63 -12.40 -7.25
C LYS A 49 -16.56 -12.38 -6.05
N GLU A 50 -17.56 -13.26 -6.06
CA GLU A 50 -18.46 -13.41 -4.92
C GLU A 50 -17.67 -13.95 -3.73
N ASP A 51 -16.89 -15.00 -3.98
CA ASP A 51 -16.05 -15.60 -2.96
C ASP A 51 -15.07 -14.56 -2.40
N ALA A 52 -14.52 -13.77 -3.31
CA ALA A 52 -13.56 -12.74 -2.95
C ALA A 52 -14.19 -11.70 -2.04
N ALA A 53 -15.33 -11.16 -2.45
CA ALA A 53 -16.02 -10.14 -1.68
C ALA A 53 -16.46 -10.69 -0.32
N LYS A 54 -16.99 -11.91 -0.33
CA LYS A 54 -17.46 -12.55 0.88
C LYS A 54 -16.29 -12.85 1.83
N THR A 55 -15.07 -12.74 1.32
CA THR A 55 -13.87 -12.95 2.12
C THR A 55 -13.26 -11.61 2.58
N LEU A 56 -13.10 -10.68 1.64
CA LEU A 56 -12.28 -9.49 1.87
C LEU A 56 -13.08 -8.28 2.38
N GLU A 57 -14.31 -8.09 1.89
CA GLU A 57 -15.09 -6.88 2.19
C GLU A 57 -15.09 -6.48 3.69
N PRO A 58 -15.40 -7.41 4.61
CA PRO A 58 -15.48 -7.10 6.04
C PRO A 58 -14.17 -6.57 6.64
N LEU A 59 -13.07 -6.69 5.89
CA LEU A 59 -11.77 -6.24 6.35
C LEU A 59 -11.61 -4.73 6.12
N SER A 60 -12.06 -4.27 4.96
CA SER A 60 -11.91 -2.87 4.56
C SER A 60 -12.64 -1.93 5.52
N ALA A 61 -13.63 -2.46 6.24
CA ALA A 61 -14.42 -1.66 7.17
C ALA A 61 -13.60 -1.19 8.37
N LYS A 62 -12.53 -1.93 8.67
CA LYS A 62 -11.68 -1.61 9.81
C LYS A 62 -10.96 -0.28 9.60
N TYR A 63 -10.75 0.07 8.35
CA TYR A 63 -9.99 1.25 7.98
C TYR A 63 -10.72 2.53 8.31
N LYS A 64 -12.04 2.52 8.21
CA LYS A 64 -12.85 3.72 8.43
C LYS A 64 -13.01 4.02 9.92
N ASN A 65 -12.21 3.35 10.73
CA ASN A 65 -12.18 3.59 12.16
C ASN A 65 -10.88 4.30 12.53
N ILE A 66 -9.98 4.39 11.55
CA ILE A 66 -8.64 4.90 11.79
C ILE A 66 -8.52 6.37 11.41
N ALA A 67 -8.53 6.62 10.12
CA ALA A 67 -8.32 7.95 9.57
C ALA A 67 -8.65 7.98 8.09
N GLY A 68 -7.91 8.77 7.32
CA GLY A 68 -8.05 8.77 5.87
C GLY A 68 -7.42 7.52 5.27
N VAL A 69 -7.13 6.55 6.12
CA VAL A 69 -6.61 5.26 5.72
C VAL A 69 -7.78 4.40 5.29
N GLU A 70 -7.94 4.20 4.00
CA GLU A 70 -9.10 3.48 3.49
C GLU A 70 -8.68 2.43 2.47
N GLU A 71 -9.55 1.45 2.29
CA GLU A 71 -9.26 0.31 1.43
C GLU A 71 -10.35 0.14 0.39
N LYS A 72 -9.96 0.01 -0.86
CA LYS A 72 -10.89 -0.15 -1.96
C LYS A 72 -10.64 -1.47 -2.69
N LEU A 73 -11.60 -2.38 -2.57
CA LEU A 73 -11.47 -3.69 -3.17
C LEU A 73 -12.10 -3.72 -4.56
N THR A 74 -11.26 -3.66 -5.58
CA THR A 74 -11.73 -3.73 -6.95
C THR A 74 -11.50 -5.13 -7.52
N TYR A 75 -12.57 -5.79 -7.93
CA TYR A 75 -12.47 -7.16 -8.42
C TYR A 75 -12.63 -7.21 -9.94
N THR A 76 -11.80 -8.00 -10.59
CA THR A 76 -11.93 -8.20 -12.03
C THR A 76 -12.56 -9.55 -12.32
N ASP A 77 -11.72 -10.59 -12.33
CA ASP A 77 -12.16 -11.95 -12.61
C ASP A 77 -11.13 -12.94 -12.09
N THR A 78 -9.92 -12.82 -12.59
CA THR A 78 -8.83 -13.72 -12.22
C THR A 78 -8.04 -13.14 -11.05
N TYR A 79 -8.19 -11.84 -10.83
CA TYR A 79 -7.44 -11.17 -9.78
C TYR A 79 -8.27 -10.07 -9.14
N ALA A 80 -7.80 -9.61 -7.98
CA ALA A 80 -8.44 -8.54 -7.26
C ALA A 80 -7.41 -7.51 -6.83
N GLN A 81 -7.74 -6.24 -6.96
CA GLN A 81 -6.83 -5.18 -6.53
C GLN A 81 -7.25 -4.66 -5.17
N GLU A 82 -6.39 -4.89 -4.20
CA GLU A 82 -6.58 -4.37 -2.86
C GLU A 82 -5.93 -2.98 -2.79
N ASN A 83 -6.70 -1.97 -3.19
CA ASN A 83 -6.21 -0.60 -3.24
C ASN A 83 -6.22 0.01 -1.86
N VAL A 84 -5.07 0.11 -1.23
CA VAL A 84 -5.01 0.60 0.14
C VAL A 84 -4.43 2.01 0.20
N THR A 85 -5.29 2.98 0.44
CA THR A 85 -4.86 4.37 0.51
C THR A 85 -4.65 4.78 1.96
N ILE A 86 -3.39 4.88 2.38
CA ILE A 86 -3.07 5.22 3.76
C ILE A 86 -2.75 6.70 3.88
N ASP A 87 -3.48 7.39 4.76
CA ASP A 87 -3.24 8.80 5.02
C ASP A 87 -2.41 8.97 6.29
N MET A 88 -1.20 9.49 6.12
CA MET A 88 -0.25 9.61 7.24
C MET A 88 -0.36 10.98 7.89
N GLU A 89 -1.41 11.72 7.58
CA GLU A 89 -1.61 13.03 8.19
C GLU A 89 -2.43 12.86 9.45
N LYS A 90 -2.85 11.63 9.70
CA LYS A 90 -3.55 11.29 10.91
C LYS A 90 -3.13 9.90 11.37
N VAL A 91 -3.49 8.89 10.56
CA VAL A 91 -3.29 7.46 10.87
C VAL A 91 -3.55 7.11 12.33
N ASP A 92 -3.18 5.89 12.68
CA ASP A 92 -3.11 5.46 14.07
C ASP A 92 -2.21 4.25 14.15
N PHE A 93 -0.97 4.47 14.58
CA PHE A 93 0.04 3.41 14.56
C PHE A 93 -0.22 2.35 15.63
N LYS A 94 -1.24 2.57 16.44
CA LYS A 94 -1.63 1.62 17.46
C LYS A 94 -2.57 0.58 16.85
N ALA A 95 -3.69 1.05 16.30
CA ALA A 95 -4.65 0.17 15.65
C ALA A 95 -4.09 -0.34 14.32
N LEU A 96 -3.10 0.38 13.80
CA LEU A 96 -2.42 0.01 12.56
C LEU A 96 -1.87 -1.41 12.67
N GLN A 97 -1.46 -1.78 13.88
CA GLN A 97 -0.84 -3.07 14.15
C GLN A 97 -1.69 -4.23 13.62
N GLY A 98 -3.00 -4.07 13.71
CA GLY A 98 -3.91 -5.16 13.34
C GLY A 98 -4.18 -5.24 11.86
N ILE A 99 -3.73 -4.25 11.10
CA ILE A 99 -3.99 -4.21 9.65
C ILE A 99 -2.76 -3.77 8.85
N SER A 100 -1.57 -3.92 9.43
CA SER A 100 -0.36 -3.52 8.74
C SER A 100 0.03 -4.53 7.66
N GLY A 101 -0.24 -4.18 6.40
CA GLY A 101 0.24 -4.97 5.29
C GLY A 101 1.74 -4.78 5.09
N ILE A 102 2.29 -3.77 5.76
CA ILE A 102 3.71 -3.47 5.68
C ILE A 102 4.49 -4.38 6.62
N ASN A 103 4.37 -5.69 6.41
CA ASN A 103 4.99 -6.65 7.31
C ASN A 103 6.46 -6.86 6.94
N VAL A 104 7.26 -5.85 7.21
CA VAL A 104 8.71 -5.96 7.12
C VAL A 104 9.27 -5.97 8.53
N SER A 105 8.69 -5.11 9.36
CA SER A 105 8.98 -5.07 10.77
C SER A 105 7.90 -4.25 11.47
N ALA A 106 7.20 -4.87 12.42
CA ALA A 106 6.09 -4.21 13.11
C ALA A 106 6.60 -3.05 13.96
N GLU A 107 7.89 -3.08 14.24
CA GLU A 107 8.52 -2.08 15.08
C GLU A 107 8.73 -0.77 14.32
N ASP A 108 8.85 -0.85 13.01
CA ASP A 108 9.19 0.31 12.20
C ASP A 108 8.04 1.30 12.19
N ALA A 109 6.82 0.79 12.15
CA ALA A 109 5.63 1.63 12.20
C ALA A 109 5.49 2.32 13.55
N LYS A 110 6.24 1.83 14.54
CA LYS A 110 6.18 2.40 15.88
C LYS A 110 7.17 3.56 16.02
N LYS A 111 8.10 3.64 15.07
CA LYS A 111 9.11 4.70 15.07
C LYS A 111 8.51 6.00 14.56
N GLY A 112 7.68 5.87 13.53
CA GLY A 112 7.17 7.03 12.83
C GLY A 112 7.46 6.92 11.37
N ILE A 113 6.45 6.60 10.58
CA ILE A 113 6.66 6.30 9.17
C ILE A 113 6.89 7.57 8.36
N THR A 114 8.15 7.77 7.98
CA THR A 114 8.53 8.84 7.08
C THR A 114 9.12 8.23 5.82
N MET A 115 9.72 9.04 4.97
CA MET A 115 10.27 8.53 3.72
C MET A 115 11.57 7.78 3.98
N ALA A 116 12.33 8.26 4.95
CA ALA A 116 13.61 7.63 5.33
C ALA A 116 13.42 6.16 5.65
N GLN A 117 12.38 5.85 6.41
CA GLN A 117 12.03 4.48 6.75
C GLN A 117 11.76 3.68 5.48
N MET A 118 10.70 4.02 4.77
CA MET A 118 10.28 3.31 3.57
C MET A 118 11.42 3.09 2.57
N GLU A 119 12.23 4.12 2.34
CA GLU A 119 13.36 4.01 1.42
C GLU A 119 14.31 2.88 1.82
N LEU A 120 14.86 2.97 3.02
CA LEU A 120 15.84 1.99 3.50
C LEU A 120 15.17 0.64 3.74
N VAL A 121 13.95 0.69 4.21
CA VAL A 121 13.19 -0.48 4.62
C VAL A 121 12.73 -1.31 3.42
N MET A 122 12.23 -0.64 2.39
CA MET A 122 11.77 -1.35 1.20
C MET A 122 12.94 -1.89 0.38
N LYS A 123 14.07 -1.20 0.42
CA LYS A 123 15.27 -1.68 -0.23
C LYS A 123 15.93 -2.78 0.61
N ALA A 124 15.52 -2.86 1.88
CA ALA A 124 15.95 -3.95 2.75
C ALA A 124 15.16 -5.21 2.44
N ALA A 125 13.95 -5.04 1.93
CA ALA A 125 13.11 -6.15 1.52
C ALA A 125 13.45 -6.59 0.10
N GLY A 126 14.09 -5.70 -0.65
CA GLY A 126 14.49 -6.00 -2.01
C GLY A 126 13.50 -5.52 -3.04
N PHE A 127 12.78 -4.45 -2.70
CA PHE A 127 11.79 -3.89 -3.62
C PHE A 127 12.45 -2.89 -4.57
N LYS A 128 11.90 -2.81 -5.78
CA LYS A 128 12.48 -1.94 -6.81
C LYS A 128 11.46 -0.90 -7.26
N GLU A 129 11.95 0.30 -7.54
CA GLU A 129 11.12 1.39 -8.02
C GLU A 129 10.48 1.07 -9.37
N VAL A 130 9.42 1.79 -9.65
CA VAL A 130 8.68 1.69 -10.90
C VAL A 130 8.27 3.10 -11.36
N LYS A 131 7.77 3.87 -10.39
CA LYS A 131 7.23 5.20 -10.61
C LYS A 131 6.04 5.18 -11.56
N LEU A 132 5.53 6.36 -11.86
CA LEU A 132 4.32 6.47 -12.64
C LEU A 132 4.65 7.01 -14.01
N GLU A 133 4.94 6.09 -14.92
CA GLU A 133 5.32 6.44 -16.28
C GLU A 133 4.07 6.57 -17.15
N HIS A 134 3.01 5.92 -16.73
CA HIS A 134 1.77 5.90 -17.50
C HIS A 134 0.92 7.11 -17.18
N HIS A 135 1.24 8.21 -17.85
CA HIS A 135 0.52 9.48 -17.72
C HIS A 135 0.72 10.12 -16.34
N HIS A 136 0.35 11.39 -16.25
CA HIS A 136 0.41 12.12 -14.99
C HIS A 136 -0.87 11.89 -14.21
N HIS A 137 -0.80 12.02 -12.89
CA HIS A 137 -1.96 11.69 -12.06
C HIS A 137 -2.20 12.77 -10.99
N HIS A 138 -1.45 12.72 -9.89
CA HIS A 138 -1.59 13.71 -8.83
C HIS A 138 -1.06 15.06 -9.31
N HIS A 139 -0.06 14.97 -10.17
CA HIS A 139 0.55 16.13 -10.80
C HIS A 139 1.02 15.71 -12.17
N MET A 1 -0.57 20.83 -6.26
CA MET A 1 0.19 21.22 -7.47
C MET A 1 0.85 22.57 -7.26
N GLY A 2 2.11 22.68 -7.69
CA GLY A 2 2.91 23.84 -7.35
C GLY A 2 3.79 23.52 -6.16
N ASP A 3 3.18 22.87 -5.18
CA ASP A 3 3.89 22.30 -4.05
C ASP A 3 4.60 21.04 -4.51
N LYS A 4 5.69 20.69 -3.85
CA LYS A 4 6.51 19.58 -4.30
C LYS A 4 6.02 18.26 -3.72
N GLU A 5 5.07 17.65 -4.42
CA GLU A 5 4.61 16.30 -4.10
C GLU A 5 5.50 15.30 -4.82
N GLU A 6 6.29 14.57 -4.06
CA GLU A 6 7.24 13.63 -4.63
C GLU A 6 6.68 12.22 -4.60
N SER A 7 6.64 11.59 -5.76
CA SER A 7 6.01 10.28 -5.91
C SER A 7 7.04 9.15 -5.95
N LYS A 8 6.72 8.06 -5.27
CA LYS A 8 7.51 6.84 -5.34
C LYS A 8 6.61 5.63 -5.48
N LYS A 9 6.64 4.99 -6.65
CA LYS A 9 5.82 3.83 -6.91
C LYS A 9 6.69 2.58 -7.00
N PHE A 10 6.49 1.66 -6.08
CA PHE A 10 7.16 0.37 -6.16
C PHE A 10 6.11 -0.71 -6.34
N SER A 11 6.52 -1.90 -6.72
CA SER A 11 5.59 -3.01 -6.88
C SER A 11 6.31 -4.34 -6.75
N ALA A 12 5.90 -5.11 -5.76
CA ALA A 12 6.47 -6.43 -5.54
C ALA A 12 5.46 -7.50 -5.91
N ASN A 13 5.74 -8.20 -6.99
CA ASN A 13 4.85 -9.25 -7.48
C ASN A 13 5.23 -10.57 -6.82
N LEU A 14 4.65 -10.85 -5.66
CA LEU A 14 5.02 -12.03 -4.89
C LEU A 14 3.79 -12.76 -4.39
N ASN A 15 3.89 -14.09 -4.30
CA ASN A 15 2.84 -14.95 -3.72
C ASN A 15 1.60 -15.04 -4.61
N GLY A 16 1.52 -14.16 -5.60
CA GLY A 16 0.32 -14.06 -6.41
C GLY A 16 -0.40 -12.76 -6.11
N THR A 17 0.25 -11.93 -5.31
CA THR A 17 -0.28 -10.62 -4.98
C THR A 17 0.63 -9.53 -5.51
N GLU A 18 0.10 -8.66 -6.35
CA GLU A 18 0.87 -7.55 -6.88
C GLU A 18 0.75 -6.37 -5.94
N ILE A 19 1.74 -6.18 -5.10
CA ILE A 19 1.72 -5.07 -4.16
C ILE A 19 2.43 -3.87 -4.76
N ALA A 20 1.66 -3.01 -5.40
CA ALA A 20 2.19 -1.77 -5.94
C ALA A 20 1.78 -0.62 -5.04
N ILE A 21 2.78 0.00 -4.45
CA ILE A 21 2.56 1.08 -3.51
C ILE A 21 3.20 2.36 -4.03
N THR A 22 2.41 3.41 -4.08
CA THR A 22 2.88 4.72 -4.49
C THR A 22 2.74 5.68 -3.32
N TYR A 23 3.82 5.88 -2.59
CA TYR A 23 3.82 6.79 -1.46
C TYR A 23 4.27 8.18 -1.88
N VAL A 24 3.47 9.17 -1.50
CA VAL A 24 3.77 10.55 -1.84
C VAL A 24 4.33 11.26 -0.62
N TYR A 25 5.47 11.88 -0.81
CA TYR A 25 6.18 12.51 0.28
C TYR A 25 6.63 13.91 -0.10
N LYS A 26 6.83 14.73 0.90
CA LYS A 26 7.42 16.05 0.71
C LYS A 26 8.73 16.10 1.49
N GLY A 27 9.85 15.90 0.81
CA GLY A 27 11.12 15.88 1.48
C GLY A 27 11.33 14.58 2.24
N ASP A 28 11.43 14.68 3.56
CA ASP A 28 11.57 13.50 4.40
C ASP A 28 10.23 13.13 5.02
N LYS A 29 9.21 13.94 4.73
CA LYS A 29 7.89 13.72 5.29
C LYS A 29 6.99 12.98 4.30
N VAL A 30 6.82 11.68 4.51
CA VAL A 30 5.87 10.92 3.70
C VAL A 30 4.46 11.21 4.22
N LEU A 31 3.64 11.82 3.39
CA LEU A 31 2.37 12.36 3.84
C LEU A 31 1.22 11.38 3.61
N LYS A 32 1.31 10.59 2.55
CA LYS A 32 0.30 9.58 2.29
C LYS A 32 0.84 8.50 1.35
N GLN A 33 0.13 7.38 1.30
CA GLN A 33 0.62 6.21 0.60
C GLN A 33 -0.53 5.45 -0.07
N SER A 34 -0.54 5.46 -1.39
CA SER A 34 -1.52 4.70 -2.14
C SER A 34 -1.03 3.26 -2.33
N SER A 35 -1.54 2.35 -1.52
CA SER A 35 -1.05 0.97 -1.51
C SER A 35 -2.12 0.04 -2.07
N GLU A 36 -1.93 -0.42 -3.29
CA GLU A 36 -2.91 -1.31 -3.91
C GLU A 36 -2.36 -2.72 -4.05
N THR A 37 -2.87 -3.62 -3.23
CA THR A 37 -2.49 -5.01 -3.30
C THR A 37 -3.44 -5.78 -4.22
N LYS A 38 -2.91 -6.29 -5.32
CA LYS A 38 -3.72 -6.99 -6.31
C LYS A 38 -3.64 -8.49 -6.09
N ILE A 39 -4.74 -9.09 -5.65
CA ILE A 39 -4.76 -10.52 -5.36
C ILE A 39 -5.32 -11.28 -6.55
N GLN A 40 -4.52 -12.19 -7.09
CA GLN A 40 -5.00 -13.08 -8.15
C GLN A 40 -5.95 -14.11 -7.55
N PHE A 41 -6.94 -14.54 -8.32
CA PHE A 41 -7.87 -15.57 -7.85
C PHE A 41 -7.14 -16.87 -7.56
N ALA A 42 -6.06 -17.12 -8.30
CA ALA A 42 -5.27 -18.32 -8.10
C ALA A 42 -4.36 -18.21 -6.87
N SER A 43 -4.24 -17.00 -6.35
CA SER A 43 -3.44 -16.75 -5.15
C SER A 43 -4.29 -17.00 -3.90
N ILE A 44 -5.55 -16.61 -3.99
CA ILE A 44 -6.47 -16.76 -2.86
C ILE A 44 -7.19 -18.11 -2.92
N GLY A 45 -7.37 -18.62 -4.14
CA GLY A 45 -8.08 -19.88 -4.32
C GLY A 45 -9.57 -19.67 -4.43
N ALA A 46 -9.96 -18.55 -5.02
CA ALA A 46 -11.37 -18.21 -5.16
C ALA A 46 -11.90 -18.67 -6.52
N THR A 47 -13.20 -18.57 -6.71
CA THR A 47 -13.83 -18.99 -7.95
C THR A 47 -14.53 -17.81 -8.62
N THR A 48 -15.39 -17.14 -7.89
CA THR A 48 -16.12 -15.98 -8.41
C THR A 48 -15.77 -14.74 -7.62
N LYS A 49 -16.30 -13.60 -8.05
CA LYS A 49 -16.12 -12.35 -7.34
C LYS A 49 -16.83 -12.40 -5.99
N GLU A 50 -17.84 -13.27 -5.90
CA GLU A 50 -18.62 -13.42 -4.69
C GLU A 50 -17.78 -14.03 -3.57
N ASP A 51 -17.26 -15.22 -3.82
CA ASP A 51 -16.49 -15.93 -2.81
C ASP A 51 -15.11 -15.30 -2.63
N ALA A 52 -14.70 -14.48 -3.58
CA ALA A 52 -13.47 -13.70 -3.45
C ALA A 52 -13.71 -12.52 -2.51
N ALA A 53 -14.77 -11.75 -2.78
CA ALA A 53 -15.07 -10.57 -1.99
C ALA A 53 -15.29 -10.90 -0.53
N LYS A 54 -16.10 -11.94 -0.29
CA LYS A 54 -16.48 -12.29 1.07
C LYS A 54 -15.28 -12.78 1.90
N THR A 55 -14.15 -12.97 1.23
CA THR A 55 -12.94 -13.37 1.91
C THR A 55 -12.03 -12.15 2.18
N LEU A 56 -12.06 -11.19 1.26
CA LEU A 56 -11.23 -9.99 1.39
C LEU A 56 -11.95 -8.93 2.22
N GLU A 57 -13.28 -8.99 2.22
CA GLU A 57 -14.11 -8.04 2.95
C GLU A 57 -13.64 -7.84 4.41
N PRO A 58 -13.49 -8.92 5.21
CA PRO A 58 -13.04 -8.80 6.60
C PRO A 58 -11.59 -8.33 6.72
N LEU A 59 -10.83 -8.46 5.64
CA LEU A 59 -9.43 -8.04 5.64
C LEU A 59 -9.34 -6.54 5.41
N SER A 60 -10.04 -6.06 4.41
CA SER A 60 -10.09 -4.62 4.14
C SER A 60 -10.77 -3.90 5.30
N ALA A 61 -11.68 -4.60 5.97
CA ALA A 61 -12.44 -4.08 7.11
C ALA A 61 -11.54 -3.86 8.33
N LYS A 62 -10.25 -4.11 8.20
CA LYS A 62 -9.33 -3.84 9.29
C LYS A 62 -9.05 -2.34 9.39
N TYR A 63 -9.10 -1.65 8.26
CA TYR A 63 -8.83 -0.22 8.22
C TYR A 63 -10.02 0.56 8.77
N LYS A 64 -11.18 0.34 8.16
CA LYS A 64 -12.43 0.96 8.60
C LYS A 64 -12.42 2.48 8.43
N ASN A 65 -12.04 3.18 9.48
CA ASN A 65 -12.11 4.63 9.49
C ASN A 65 -11.01 5.20 10.38
N ILE A 66 -9.83 4.58 10.27
CA ILE A 66 -8.65 5.06 11.02
C ILE A 66 -8.40 6.54 10.75
N ALA A 67 -8.54 6.90 9.49
CA ALA A 67 -8.24 8.23 9.00
C ALA A 67 -8.80 8.35 7.58
N GLY A 68 -8.10 9.08 6.73
CA GLY A 68 -8.46 9.10 5.33
C GLY A 68 -8.02 7.83 4.61
N VAL A 69 -8.26 6.68 5.23
CA VAL A 69 -7.90 5.40 4.66
C VAL A 69 -9.06 4.81 3.88
N GLU A 70 -8.90 4.76 2.57
CA GLU A 70 -9.94 4.25 1.70
C GLU A 70 -9.56 2.87 1.18
N GLU A 71 -10.25 1.84 1.64
CA GLU A 71 -10.02 0.50 1.14
C GLU A 71 -11.02 0.19 0.02
N LYS A 72 -10.56 0.36 -1.20
CA LYS A 72 -11.41 0.21 -2.37
C LYS A 72 -11.16 -1.14 -3.03
N LEU A 73 -12.10 -2.06 -2.85
CA LEU A 73 -12.02 -3.37 -3.45
C LEU A 73 -12.59 -3.34 -4.87
N THR A 74 -11.71 -3.40 -5.85
CA THR A 74 -12.12 -3.38 -7.24
C THR A 74 -11.96 -4.76 -7.86
N TYR A 75 -13.04 -5.26 -8.45
CA TYR A 75 -13.05 -6.61 -8.98
C TYR A 75 -13.14 -6.61 -10.50
N THR A 76 -12.12 -7.13 -11.15
CA THR A 76 -12.11 -7.23 -12.59
C THR A 76 -12.81 -8.49 -13.06
N ASP A 77 -12.20 -9.62 -12.72
CA ASP A 77 -12.75 -10.94 -13.02
C ASP A 77 -11.80 -12.04 -12.55
N THR A 78 -10.55 -11.95 -12.99
CA THR A 78 -9.54 -12.95 -12.66
C THR A 78 -8.75 -12.55 -11.41
N TYR A 79 -8.91 -11.31 -10.98
CA TYR A 79 -8.19 -10.82 -9.82
C TYR A 79 -8.96 -9.70 -9.13
N ALA A 80 -8.59 -9.44 -7.88
CA ALA A 80 -9.21 -8.39 -7.09
C ALA A 80 -8.16 -7.42 -6.60
N GLN A 81 -8.43 -6.13 -6.76
CA GLN A 81 -7.48 -5.11 -6.39
C GLN A 81 -7.92 -4.42 -5.10
N GLU A 82 -7.16 -4.65 -4.04
CA GLU A 82 -7.39 -3.95 -2.78
C GLU A 82 -6.64 -2.63 -2.78
N ASN A 83 -7.30 -1.59 -3.25
CA ASN A 83 -6.69 -0.28 -3.32
C ASN A 83 -6.80 0.40 -1.96
N VAL A 84 -5.72 0.38 -1.22
CA VAL A 84 -5.71 0.97 0.12
C VAL A 84 -5.05 2.34 0.08
N THR A 85 -5.87 3.38 0.18
CA THR A 85 -5.35 4.73 0.17
C THR A 85 -5.13 5.21 1.59
N ILE A 86 -3.88 5.22 2.02
CA ILE A 86 -3.55 5.56 3.40
C ILE A 86 -3.03 6.99 3.49
N ASP A 87 -3.41 7.70 4.54
CA ASP A 87 -2.85 9.01 4.84
C ASP A 87 -2.00 8.92 6.09
N MET A 88 -0.76 9.38 5.99
CA MET A 88 0.22 9.20 7.06
C MET A 88 0.13 10.30 8.11
N GLU A 89 -0.75 11.26 7.88
CA GLU A 89 -0.84 12.41 8.77
C GLU A 89 -1.89 12.18 9.85
N LYS A 90 -3.05 11.69 9.44
CA LYS A 90 -4.16 11.52 10.37
C LYS A 90 -4.31 10.05 10.78
N VAL A 91 -3.42 9.20 10.28
CA VAL A 91 -3.49 7.77 10.59
C VAL A 91 -3.08 7.50 12.04
N ASP A 92 -3.56 6.38 12.57
CA ASP A 92 -3.20 5.95 13.92
C ASP A 92 -2.58 4.57 13.85
N PHE A 93 -1.33 4.45 14.25
CA PHE A 93 -0.59 3.21 14.10
C PHE A 93 -1.02 2.19 15.15
N LYS A 94 -1.64 2.67 16.22
CA LYS A 94 -2.22 1.81 17.24
C LYS A 94 -3.38 1.02 16.63
N ALA A 95 -4.12 1.67 15.74
CA ALA A 95 -5.19 1.01 15.00
C ALA A 95 -4.63 0.08 13.92
N LEU A 96 -3.41 0.36 13.49
CA LEU A 96 -2.74 -0.44 12.46
C LEU A 96 -2.04 -1.66 13.07
N GLN A 97 -2.17 -1.80 14.39
CA GLN A 97 -1.52 -2.88 15.13
C GLN A 97 -1.85 -4.25 14.54
N GLY A 98 -3.12 -4.54 14.34
CA GLY A 98 -3.53 -5.82 13.80
C GLY A 98 -3.75 -5.78 12.30
N ILE A 99 -3.22 -4.75 11.66
CA ILE A 99 -3.39 -4.59 10.22
C ILE A 99 -2.06 -4.78 9.49
N SER A 100 -1.01 -4.25 10.08
CA SER A 100 0.30 -4.24 9.44
C SER A 100 0.92 -5.64 9.43
N GLY A 101 0.67 -6.38 8.35
CA GLY A 101 1.33 -7.65 8.15
C GLY A 101 2.71 -7.48 7.56
N ILE A 102 3.07 -6.22 7.34
CA ILE A 102 4.37 -5.87 6.81
C ILE A 102 5.46 -6.24 7.81
N ASN A 103 6.48 -6.94 7.33
CA ASN A 103 7.66 -7.19 8.14
C ASN A 103 8.48 -5.91 8.18
N VAL A 104 8.28 -5.13 9.23
CA VAL A 104 8.82 -3.79 9.30
C VAL A 104 9.58 -3.58 10.61
N SER A 105 10.28 -2.45 10.70
CA SER A 105 11.07 -2.13 11.88
C SER A 105 10.17 -1.52 12.95
N ALA A 106 10.53 -1.72 14.22
CA ALA A 106 9.74 -1.20 15.33
C ALA A 106 9.78 0.32 15.35
N GLU A 107 10.96 0.90 15.19
CA GLU A 107 11.12 2.35 15.25
C GLU A 107 10.69 3.01 13.94
N ASP A 108 10.07 2.22 13.09
CA ASP A 108 9.60 2.68 11.80
C ASP A 108 8.16 3.16 11.95
N ALA A 109 7.27 2.23 12.28
CA ALA A 109 5.86 2.53 12.38
C ALA A 109 5.51 3.17 13.72
N LYS A 110 6.22 2.77 14.78
CA LYS A 110 5.91 3.25 16.13
C LYS A 110 6.27 4.72 16.31
N LYS A 111 7.33 5.16 15.65
CA LYS A 111 7.82 6.52 15.86
C LYS A 111 7.36 7.47 14.75
N GLY A 112 7.02 6.92 13.60
CA GLY A 112 6.52 7.74 12.52
C GLY A 112 7.18 7.41 11.20
N ILE A 113 6.36 7.26 10.17
CA ILE A 113 6.85 6.90 8.85
C ILE A 113 7.45 8.11 8.15
N THR A 114 8.77 8.10 8.00
CA THR A 114 9.44 9.16 7.28
C THR A 114 10.08 8.60 6.02
N MET A 115 10.74 9.46 5.27
CA MET A 115 11.35 9.07 4.00
C MET A 115 12.48 8.08 4.25
N ALA A 116 13.28 8.36 5.28
CA ALA A 116 14.38 7.48 5.66
C ALA A 116 13.90 6.07 5.97
N GLN A 117 12.90 5.97 6.83
CA GLN A 117 12.31 4.68 7.19
C GLN A 117 11.80 3.93 5.96
N MET A 118 10.81 4.50 5.30
CA MET A 118 10.18 3.89 4.13
C MET A 118 11.21 3.37 3.12
N GLU A 119 12.23 4.17 2.83
CA GLU A 119 13.28 3.76 1.90
C GLU A 119 14.04 2.55 2.40
N LEU A 120 14.71 2.70 3.53
CA LEU A 120 15.56 1.65 4.06
C LEU A 120 14.76 0.39 4.38
N VAL A 121 13.53 0.60 4.81
CA VAL A 121 12.66 -0.48 5.24
C VAL A 121 12.08 -1.27 4.05
N MET A 122 11.67 -0.57 3.01
CA MET A 122 11.11 -1.24 1.84
C MET A 122 12.18 -2.00 1.07
N LYS A 123 13.39 -1.46 1.05
CA LYS A 123 14.51 -2.17 0.44
C LYS A 123 14.94 -3.34 1.33
N ALA A 124 14.65 -3.22 2.62
CA ALA A 124 14.92 -4.30 3.57
C ALA A 124 14.00 -5.49 3.29
N ALA A 125 12.71 -5.19 3.13
CA ALA A 125 11.71 -6.22 2.85
C ALA A 125 11.98 -6.89 1.51
N GLY A 126 12.50 -6.11 0.56
CA GLY A 126 12.79 -6.64 -0.75
C GLY A 126 11.79 -6.15 -1.78
N PHE A 127 11.31 -4.93 -1.60
CA PHE A 127 10.37 -4.33 -2.52
C PHE A 127 11.11 -3.54 -3.59
N LYS A 128 10.81 -3.81 -4.84
CA LYS A 128 11.50 -3.15 -5.95
C LYS A 128 10.62 -2.05 -6.53
N GLU A 129 11.24 -0.93 -6.87
CA GLU A 129 10.52 0.22 -7.36
C GLU A 129 10.23 0.11 -8.85
N VAL A 130 9.11 0.69 -9.26
CA VAL A 130 8.81 0.87 -10.66
C VAL A 130 9.28 2.26 -11.07
N LYS A 131 9.36 3.14 -10.06
CA LYS A 131 9.84 4.51 -10.21
C LYS A 131 8.88 5.37 -11.02
N LEU A 132 8.04 6.10 -10.31
CA LEU A 132 7.03 6.93 -10.94
C LEU A 132 7.48 8.38 -10.94
N GLU A 133 7.94 8.84 -12.09
CA GLU A 133 8.29 10.24 -12.25
C GLU A 133 7.18 10.96 -13.01
N HIS A 134 7.39 11.17 -14.30
CA HIS A 134 6.41 11.80 -15.19
C HIS A 134 6.65 11.32 -16.62
N HIS A 135 7.73 11.82 -17.19
CA HIS A 135 8.14 11.46 -18.56
C HIS A 135 9.40 12.25 -18.91
N HIS A 136 10.00 12.83 -17.88
CA HIS A 136 11.22 13.64 -17.99
C HIS A 136 11.14 14.70 -19.07
N HIS A 137 10.50 15.82 -18.74
CA HIS A 137 10.53 16.98 -19.62
C HIS A 137 11.79 17.77 -19.31
N HIS A 138 12.89 17.40 -19.96
CA HIS A 138 14.19 17.98 -19.68
C HIS A 138 14.33 19.36 -20.32
N HIS A 139 13.67 19.54 -21.45
CA HIS A 139 13.74 20.80 -22.19
C HIS A 139 12.70 20.78 -23.30
N MET A 1 6.26 26.48 -1.61
CA MET A 1 6.19 25.20 -0.88
C MET A 1 6.49 24.04 -1.82
N GLY A 2 5.90 24.08 -3.01
CA GLY A 2 6.12 23.03 -3.98
C GLY A 2 4.88 22.75 -4.80
N ASP A 3 5.01 22.87 -6.11
CA ASP A 3 3.88 22.65 -7.01
C ASP A 3 3.49 21.18 -7.06
N LYS A 4 4.49 20.30 -7.08
CA LYS A 4 4.25 18.87 -7.11
C LYS A 4 4.83 18.20 -5.87
N GLU A 5 4.17 17.15 -5.42
CA GLU A 5 4.68 16.32 -4.33
C GLU A 5 5.38 15.11 -4.93
N GLU A 6 5.92 14.25 -4.10
CA GLU A 6 6.78 13.17 -4.57
C GLU A 6 6.01 11.86 -4.56
N SER A 7 6.06 11.13 -5.67
CA SER A 7 5.34 9.88 -5.78
C SER A 7 6.28 8.72 -6.09
N LYS A 8 6.35 7.78 -5.16
CA LYS A 8 7.21 6.60 -5.31
C LYS A 8 6.38 5.33 -5.43
N LYS A 9 6.22 4.83 -6.64
CA LYS A 9 5.47 3.60 -6.87
C LYS A 9 6.42 2.42 -7.01
N PHE A 10 6.38 1.50 -6.06
CA PHE A 10 7.12 0.26 -6.18
C PHE A 10 6.12 -0.87 -6.31
N SER A 11 6.56 -2.02 -6.80
CA SER A 11 5.69 -3.18 -6.88
C SER A 11 6.51 -4.45 -6.89
N ALA A 12 6.21 -5.35 -5.96
CA ALA A 12 6.88 -6.63 -5.87
C ALA A 12 5.85 -7.75 -5.90
N ASN A 13 6.18 -8.84 -6.58
CA ASN A 13 5.27 -9.96 -6.69
C ASN A 13 5.65 -11.03 -5.68
N LEU A 14 4.95 -11.04 -4.55
CA LEU A 14 5.28 -11.95 -3.46
C LEU A 14 4.02 -12.62 -2.94
N ASN A 15 4.15 -13.90 -2.59
CA ASN A 15 3.02 -14.69 -2.05
C ASN A 15 1.93 -14.81 -3.11
N GLY A 16 2.29 -14.54 -4.36
CA GLY A 16 1.34 -14.59 -5.45
C GLY A 16 0.55 -13.31 -5.57
N THR A 17 0.89 -12.31 -4.77
CA THR A 17 0.19 -11.04 -4.79
C THR A 17 1.11 -9.92 -5.27
N GLU A 18 0.58 -9.04 -6.11
CA GLU A 18 1.34 -7.91 -6.61
C GLU A 18 1.09 -6.70 -5.72
N ILE A 19 1.97 -6.45 -4.80
CA ILE A 19 1.82 -5.32 -3.90
C ILE A 19 2.55 -4.11 -4.46
N ALA A 20 1.79 -3.16 -4.97
CA ALA A 20 2.34 -1.93 -5.51
C ALA A 20 1.88 -0.75 -4.66
N ILE A 21 2.83 -0.16 -3.95
CA ILE A 21 2.53 0.95 -3.07
C ILE A 21 3.09 2.24 -3.65
N THR A 22 2.21 3.22 -3.81
CA THR A 22 2.60 4.52 -4.30
C THR A 22 2.71 5.50 -3.14
N TYR A 23 3.95 5.77 -2.73
CA TYR A 23 4.20 6.68 -1.63
C TYR A 23 4.18 8.13 -2.12
N VAL A 24 3.17 8.87 -1.74
CA VAL A 24 3.14 10.30 -1.98
C VAL A 24 3.69 11.01 -0.77
N TYR A 25 4.91 11.49 -0.89
CA TYR A 25 5.58 12.13 0.22
C TYR A 25 6.04 13.53 -0.17
N LYS A 26 6.36 14.31 0.82
CA LYS A 26 6.90 15.64 0.63
C LYS A 26 8.06 15.85 1.58
N GLY A 27 9.27 16.02 1.04
CA GLY A 27 10.44 16.07 1.89
C GLY A 27 10.78 14.68 2.40
N ASP A 28 10.70 14.50 3.72
CA ASP A 28 10.86 13.16 4.29
C ASP A 28 9.53 12.72 4.91
N LYS A 29 8.49 13.50 4.69
CA LYS A 29 7.18 13.21 5.26
C LYS A 29 6.31 12.51 4.24
N VAL A 30 6.08 11.23 4.43
CA VAL A 30 5.15 10.51 3.57
C VAL A 30 3.72 10.87 3.99
N LEU A 31 3.01 11.54 3.11
CA LEU A 31 1.70 12.07 3.44
C LEU A 31 0.60 11.10 3.06
N LYS A 32 0.74 10.45 1.93
CA LYS A 32 -0.23 9.45 1.50
C LYS A 32 0.46 8.18 1.05
N GLN A 33 0.11 7.07 1.67
CA GLN A 33 0.65 5.78 1.29
C GLN A 33 -0.45 4.97 0.60
N SER A 34 -0.44 5.01 -0.72
CA SER A 34 -1.42 4.25 -1.49
C SER A 34 -0.92 2.83 -1.69
N SER A 35 -1.39 1.92 -0.85
CA SER A 35 -0.96 0.55 -0.90
C SER A 35 -1.95 -0.29 -1.69
N GLU A 36 -1.62 -0.57 -2.94
CA GLU A 36 -2.50 -1.33 -3.81
C GLU A 36 -2.06 -2.79 -3.86
N THR A 37 -2.85 -3.65 -3.24
CA THR A 37 -2.54 -5.07 -3.18
C THR A 37 -3.32 -5.84 -4.23
N LYS A 38 -2.64 -6.25 -5.30
CA LYS A 38 -3.30 -7.00 -6.36
C LYS A 38 -3.28 -8.48 -6.05
N ILE A 39 -4.43 -9.00 -5.67
CA ILE A 39 -4.56 -10.39 -5.27
C ILE A 39 -5.23 -11.22 -6.37
N GLN A 40 -4.44 -12.09 -6.99
CA GLN A 40 -5.00 -13.06 -7.95
C GLN A 40 -5.89 -14.05 -7.22
N PHE A 41 -6.88 -14.59 -7.93
CA PHE A 41 -7.81 -15.53 -7.33
C PHE A 41 -7.11 -16.83 -6.94
N ALA A 42 -6.07 -17.18 -7.69
CA ALA A 42 -5.28 -18.35 -7.39
C ALA A 42 -4.43 -18.15 -6.13
N SER A 43 -4.22 -16.89 -5.77
CA SER A 43 -3.39 -16.55 -4.63
C SER A 43 -4.23 -16.49 -3.34
N ILE A 44 -5.47 -16.06 -3.47
CA ILE A 44 -6.38 -16.00 -2.34
C ILE A 44 -7.05 -17.34 -2.10
N GLY A 45 -7.27 -18.07 -3.18
CA GLY A 45 -8.02 -19.31 -3.09
C GLY A 45 -9.50 -19.07 -3.23
N ALA A 46 -9.86 -18.13 -4.11
CA ALA A 46 -11.25 -17.76 -4.32
C ALA A 46 -11.84 -18.49 -5.51
N THR A 47 -13.16 -18.54 -5.57
CA THR A 47 -13.85 -19.20 -6.67
C THR A 47 -14.29 -18.17 -7.72
N THR A 48 -15.22 -17.30 -7.33
CA THR A 48 -15.68 -16.22 -8.20
C THR A 48 -15.45 -14.88 -7.53
N LYS A 49 -15.85 -13.79 -8.20
CA LYS A 49 -15.58 -12.45 -7.69
C LYS A 49 -16.41 -12.16 -6.43
N GLU A 50 -17.60 -12.73 -6.36
CA GLU A 50 -18.44 -12.60 -5.16
C GLU A 50 -17.80 -13.34 -4.01
N ASP A 51 -17.32 -14.55 -4.32
CA ASP A 51 -16.63 -15.39 -3.33
C ASP A 51 -15.40 -14.68 -2.78
N ALA A 52 -14.67 -14.01 -3.65
CA ALA A 52 -13.48 -13.27 -3.26
C ALA A 52 -13.83 -12.10 -2.34
N ALA A 53 -14.88 -11.36 -2.69
CA ALA A 53 -15.27 -10.19 -1.92
C ALA A 53 -15.66 -10.58 -0.50
N LYS A 54 -16.45 -11.63 -0.37
CA LYS A 54 -16.90 -12.07 0.94
C LYS A 54 -15.73 -12.52 1.83
N THR A 55 -14.56 -12.67 1.22
CA THR A 55 -13.36 -12.98 1.95
C THR A 55 -12.51 -11.72 2.19
N LEU A 56 -12.33 -10.91 1.15
CA LEU A 56 -11.41 -9.76 1.22
C LEU A 56 -12.06 -8.51 1.81
N GLU A 57 -13.39 -8.42 1.77
CA GLU A 57 -14.05 -7.27 2.38
C GLU A 57 -13.75 -7.19 3.88
N PRO A 58 -13.96 -8.28 4.64
CA PRO A 58 -13.50 -8.39 6.04
C PRO A 58 -12.02 -8.06 6.19
N LEU A 59 -11.24 -8.39 5.17
CA LEU A 59 -9.79 -8.15 5.18
C LEU A 59 -9.49 -6.66 5.20
N SER A 60 -9.92 -5.95 4.15
CA SER A 60 -9.65 -4.52 4.04
C SER A 60 -10.32 -3.73 5.15
N ALA A 61 -11.35 -4.33 5.76
CA ALA A 61 -12.10 -3.69 6.84
C ALA A 61 -11.26 -3.53 8.10
N LYS A 62 -10.02 -4.01 8.08
CA LYS A 62 -9.09 -3.84 9.19
C LYS A 62 -8.87 -2.37 9.49
N TYR A 63 -8.68 -1.57 8.43
CA TYR A 63 -8.45 -0.14 8.57
C TYR A 63 -9.67 0.53 9.15
N LYS A 64 -10.81 0.26 8.53
CA LYS A 64 -12.11 0.71 9.04
C LYS A 64 -12.28 2.21 8.89
N ASN A 65 -11.70 2.95 9.81
CA ASN A 65 -11.82 4.38 9.83
C ASN A 65 -10.65 4.96 10.60
N ILE A 66 -9.47 4.44 10.34
CA ILE A 66 -8.25 4.93 10.99
C ILE A 66 -8.09 6.43 10.76
N ALA A 67 -8.36 6.84 9.52
CA ALA A 67 -8.19 8.22 9.09
C ALA A 67 -8.87 8.39 7.75
N GLY A 68 -8.31 9.27 6.91
CA GLY A 68 -8.76 9.36 5.54
C GLY A 68 -8.24 8.18 4.72
N VAL A 69 -8.51 6.98 5.22
CA VAL A 69 -8.05 5.76 4.60
C VAL A 69 -9.16 5.16 3.74
N GLU A 70 -8.88 4.97 2.47
CA GLU A 70 -9.86 4.39 1.56
C GLU A 70 -9.35 3.07 1.01
N GLU A 71 -10.06 2.01 1.35
CA GLU A 71 -9.77 0.69 0.82
C GLU A 71 -10.74 0.40 -0.32
N LYS A 72 -10.29 0.59 -1.54
CA LYS A 72 -11.14 0.39 -2.71
C LYS A 72 -10.83 -0.95 -3.38
N LEU A 73 -11.74 -1.89 -3.21
CA LEU A 73 -11.57 -3.22 -3.78
C LEU A 73 -12.11 -3.27 -5.21
N THR A 74 -11.22 -3.49 -6.15
CA THR A 74 -11.61 -3.59 -7.55
C THR A 74 -11.65 -5.04 -7.98
N TYR A 75 -12.84 -5.49 -8.40
CA TYR A 75 -13.02 -6.86 -8.83
C TYR A 75 -13.27 -6.93 -10.32
N THR A 76 -12.25 -7.29 -11.08
CA THR A 76 -12.41 -7.47 -12.50
C THR A 76 -13.10 -8.80 -12.77
N ASP A 77 -12.38 -9.87 -12.44
CA ASP A 77 -12.90 -11.24 -12.56
C ASP A 77 -11.82 -12.24 -12.18
N THR A 78 -10.65 -12.09 -12.77
CA THR A 78 -9.55 -13.02 -12.54
C THR A 78 -8.67 -12.60 -11.37
N TYR A 79 -8.82 -11.35 -10.94
CA TYR A 79 -8.03 -10.83 -9.83
C TYR A 79 -8.81 -9.75 -9.09
N ALA A 80 -8.43 -9.51 -7.84
CA ALA A 80 -9.03 -8.48 -7.02
C ALA A 80 -7.94 -7.58 -6.46
N GLN A 81 -8.08 -6.28 -6.65
CA GLN A 81 -7.05 -5.36 -6.23
C GLN A 81 -7.52 -4.46 -5.10
N GLU A 82 -6.77 -4.47 -4.00
CA GLU A 82 -7.04 -3.56 -2.89
C GLU A 82 -6.37 -2.23 -3.16
N ASN A 83 -7.10 -1.30 -3.75
CA ASN A 83 -6.59 0.04 -3.95
C ASN A 83 -6.75 0.83 -2.66
N VAL A 84 -5.73 0.75 -1.82
CA VAL A 84 -5.80 1.37 -0.50
C VAL A 84 -5.02 2.68 -0.49
N THR A 85 -5.55 3.69 0.18
CA THR A 85 -4.84 4.95 0.33
C THR A 85 -4.84 5.38 1.79
N ILE A 86 -3.69 5.23 2.42
CA ILE A 86 -3.54 5.56 3.83
C ILE A 86 -2.99 6.97 3.98
N ASP A 87 -3.81 7.89 4.49
CA ASP A 87 -3.37 9.25 4.72
C ASP A 87 -2.62 9.33 6.05
N MET A 88 -1.35 9.69 5.99
CA MET A 88 -0.48 9.67 7.16
C MET A 88 -0.56 10.96 7.93
N GLU A 89 -1.33 11.93 7.43
CA GLU A 89 -1.48 13.21 8.12
C GLU A 89 -2.54 13.08 9.20
N LYS A 90 -3.38 12.06 9.06
CA LYS A 90 -4.50 11.88 9.97
C LYS A 90 -4.51 10.48 10.56
N VAL A 91 -3.56 9.65 10.16
CA VAL A 91 -3.58 8.24 10.56
C VAL A 91 -3.22 8.08 12.02
N ASP A 92 -4.00 7.26 12.70
CA ASP A 92 -3.75 6.93 14.09
C ASP A 92 -2.88 5.68 14.19
N PHE A 93 -1.71 5.84 14.80
CA PHE A 93 -0.76 4.75 14.92
C PHE A 93 -1.11 3.85 16.10
N LYS A 94 -2.10 4.25 16.88
CA LYS A 94 -2.61 3.42 17.95
C LYS A 94 -3.34 2.22 17.37
N ALA A 95 -4.11 2.47 16.32
CA ALA A 95 -4.75 1.39 15.56
C ALA A 95 -3.70 0.59 14.80
N LEU A 96 -2.65 1.28 14.38
CA LEU A 96 -1.54 0.65 13.65
C LEU A 96 -0.68 -0.21 14.57
N GLN A 97 -1.06 -0.25 15.85
CA GLN A 97 -0.41 -1.16 16.77
C GLN A 97 -0.75 -2.61 16.40
N GLY A 98 -1.90 -2.80 15.76
CA GLY A 98 -2.30 -4.13 15.34
C GLY A 98 -2.39 -4.27 13.83
N ILE A 99 -2.26 -3.14 13.13
CA ILE A 99 -2.36 -3.12 11.68
C ILE A 99 -1.13 -2.44 11.09
N SER A 100 -0.64 -2.91 9.97
CA SER A 100 0.54 -2.29 9.37
C SER A 100 0.49 -2.37 7.85
N GLY A 101 0.59 -3.58 7.34
CA GLY A 101 0.71 -3.78 5.91
C GLY A 101 2.14 -3.54 5.45
N ILE A 102 3.01 -3.31 6.42
CA ILE A 102 4.41 -3.02 6.16
C ILE A 102 5.27 -4.12 6.77
N ASN A 103 6.12 -4.72 5.95
CA ASN A 103 6.98 -5.80 6.42
C ASN A 103 8.29 -5.27 6.96
N VAL A 104 9.30 -6.13 7.02
CA VAL A 104 10.63 -5.80 7.57
C VAL A 104 10.58 -5.79 9.08
N SER A 105 9.96 -4.79 9.65
CA SER A 105 9.77 -4.72 11.09
C SER A 105 8.50 -3.96 11.45
N ALA A 106 7.61 -4.64 12.17
CA ALA A 106 6.35 -4.04 12.59
C ALA A 106 6.60 -2.92 13.58
N GLU A 107 7.77 -2.96 14.22
CA GLU A 107 8.18 -1.91 15.14
C GLU A 107 8.40 -0.59 14.41
N ASP A 108 8.71 -0.67 13.13
CA ASP A 108 8.98 0.51 12.33
C ASP A 108 7.71 1.34 12.16
N ALA A 109 6.57 0.67 12.18
CA ALA A 109 5.29 1.35 12.07
C ALA A 109 4.79 1.83 13.44
N LYS A 110 5.53 1.49 14.48
CA LYS A 110 5.15 1.88 15.84
C LYS A 110 5.82 3.20 16.23
N LYS A 111 7.09 3.33 15.87
CA LYS A 111 7.86 4.53 16.17
C LYS A 111 7.39 5.71 15.33
N GLY A 112 6.96 5.42 14.10
CA GLY A 112 6.54 6.46 13.20
C GLY A 112 7.09 6.24 11.80
N ILE A 113 6.27 6.51 10.80
CA ILE A 113 6.66 6.27 9.42
C ILE A 113 7.04 7.57 8.70
N THR A 114 8.27 7.63 8.25
CA THR A 114 8.74 8.73 7.42
C THR A 114 9.37 8.16 6.16
N MET A 115 9.90 9.02 5.31
CA MET A 115 10.49 8.55 4.07
C MET A 115 11.87 7.96 4.33
N ALA A 116 12.48 8.36 5.44
CA ALA A 116 13.75 7.78 5.87
C ALA A 116 13.61 6.27 6.02
N GLN A 117 12.61 5.86 6.81
CA GLN A 117 12.27 4.45 6.96
C GLN A 117 12.01 3.84 5.59
N MET A 118 10.94 4.29 4.96
CA MET A 118 10.50 3.75 3.67
C MET A 118 11.65 3.56 2.67
N GLU A 119 12.46 4.58 2.43
CA GLU A 119 13.56 4.46 1.48
C GLU A 119 14.51 3.30 1.84
N LEU A 120 15.02 3.33 3.06
CA LEU A 120 15.99 2.33 3.50
C LEU A 120 15.34 0.94 3.63
N VAL A 121 14.08 0.96 4.02
CA VAL A 121 13.31 -0.24 4.31
C VAL A 121 12.87 -0.95 3.03
N MET A 122 12.48 -0.18 2.01
CA MET A 122 12.15 -0.76 0.71
C MET A 122 13.39 -1.43 0.12
N LYS A 123 14.52 -0.75 0.27
CA LYS A 123 15.80 -1.28 -0.17
C LYS A 123 16.16 -2.55 0.59
N ALA A 124 15.94 -2.52 1.91
CA ALA A 124 16.23 -3.67 2.77
C ALA A 124 15.41 -4.89 2.36
N ALA A 125 14.12 -4.69 2.15
CA ALA A 125 13.21 -5.77 1.79
C ALA A 125 13.52 -6.30 0.39
N GLY A 126 14.05 -5.44 -0.45
CA GLY A 126 14.39 -5.83 -1.80
C GLY A 126 13.29 -5.50 -2.79
N PHE A 127 12.57 -4.43 -2.51
CA PHE A 127 11.48 -4.00 -3.38
C PHE A 127 12.02 -3.17 -4.55
N LYS A 128 11.46 -3.40 -5.73
CA LYS A 128 11.89 -2.69 -6.92
C LYS A 128 10.91 -1.57 -7.26
N GLU A 129 11.47 -0.39 -7.55
CA GLU A 129 10.66 0.78 -7.85
C GLU A 129 10.25 0.81 -9.31
N VAL A 130 9.00 1.13 -9.55
CA VAL A 130 8.44 1.23 -10.90
C VAL A 130 8.30 2.68 -11.29
N LYS A 131 7.83 3.47 -10.32
CA LYS A 131 7.53 4.89 -10.51
C LYS A 131 6.36 5.09 -11.47
N LEU A 132 6.10 6.32 -11.88
CA LEU A 132 4.85 6.63 -12.58
C LEU A 132 5.10 7.10 -14.00
N GLU A 133 6.36 7.27 -14.35
CA GLU A 133 6.72 7.75 -15.69
C GLU A 133 6.48 6.66 -16.73
N HIS A 134 5.26 6.60 -17.25
CA HIS A 134 4.92 5.68 -18.31
C HIS A 134 4.57 6.42 -19.59
N HIS A 135 4.84 7.72 -19.59
CA HIS A 135 4.63 8.54 -20.78
C HIS A 135 5.87 8.48 -21.66
N HIS A 136 6.89 9.24 -21.29
CA HIS A 136 8.20 9.15 -21.92
C HIS A 136 9.30 9.30 -20.87
N HIS A 137 9.54 10.55 -20.47
CA HIS A 137 10.53 10.86 -19.44
C HIS A 137 11.90 10.26 -19.79
N HIS A 138 12.33 10.47 -21.02
CA HIS A 138 13.61 9.96 -21.47
C HIS A 138 14.67 11.05 -21.40
N HIS A 139 14.76 11.85 -22.45
CA HIS A 139 15.72 12.95 -22.53
C HIS A 139 15.60 13.63 -23.88
N MET A 1 9.71 22.05 1.27
CA MET A 1 8.95 23.26 0.88
C MET A 1 9.52 23.85 -0.40
N GLY A 2 8.67 24.46 -1.20
CA GLY A 2 9.09 24.93 -2.51
C GLY A 2 9.08 23.81 -3.52
N ASP A 3 8.36 22.76 -3.18
CA ASP A 3 8.33 21.54 -3.98
C ASP A 3 6.91 21.02 -4.10
N LYS A 4 6.73 19.98 -4.90
CA LYS A 4 5.41 19.41 -5.12
C LYS A 4 5.23 18.12 -4.34
N GLU A 5 4.02 17.60 -4.33
CA GLU A 5 3.76 16.30 -3.75
C GLU A 5 4.24 15.22 -4.72
N GLU A 6 5.26 14.48 -4.33
CA GLU A 6 5.93 13.56 -5.22
C GLU A 6 5.40 12.15 -5.00
N SER A 7 5.64 11.27 -5.96
CA SER A 7 5.12 9.91 -5.89
C SER A 7 6.21 8.88 -6.13
N LYS A 8 6.34 7.95 -5.19
CA LYS A 8 7.21 6.80 -5.36
C LYS A 8 6.37 5.55 -5.44
N LYS A 9 6.66 4.72 -6.42
CA LYS A 9 5.86 3.55 -6.69
C LYS A 9 6.74 2.30 -6.71
N PHE A 10 6.43 1.34 -5.88
CA PHE A 10 7.11 0.06 -5.93
C PHE A 10 6.08 -1.04 -6.05
N SER A 11 6.51 -2.22 -6.47
CA SER A 11 5.59 -3.32 -6.66
C SER A 11 6.33 -4.63 -6.49
N ALA A 12 5.93 -5.38 -5.48
CA ALA A 12 6.53 -6.66 -5.20
C ALA A 12 5.55 -7.78 -5.56
N ASN A 13 5.86 -8.49 -6.63
CA ASN A 13 5.02 -9.60 -7.06
C ASN A 13 5.46 -10.88 -6.39
N LEU A 14 4.92 -11.13 -5.22
CA LEU A 14 5.30 -12.29 -4.44
C LEU A 14 4.13 -13.25 -4.32
N ASN A 15 4.40 -14.53 -4.58
CA ASN A 15 3.40 -15.61 -4.45
C ASN A 15 2.37 -15.57 -5.59
N GLY A 16 2.09 -14.37 -6.07
CA GLY A 16 1.11 -14.21 -7.13
C GLY A 16 0.37 -12.89 -7.01
N THR A 17 0.54 -12.25 -5.87
CA THR A 17 -0.10 -10.96 -5.60
C THR A 17 0.87 -9.82 -5.87
N GLU A 18 0.40 -8.79 -6.58
CA GLU A 18 1.21 -7.61 -6.82
C GLU A 18 1.01 -6.62 -5.68
N ILE A 19 2.02 -6.43 -4.87
CA ILE A 19 1.96 -5.43 -3.81
C ILE A 19 2.51 -4.11 -4.33
N ALA A 20 1.60 -3.25 -4.78
CA ALA A 20 1.99 -1.97 -5.34
C ALA A 20 1.72 -0.85 -4.36
N ILE A 21 2.76 -0.38 -3.70
CA ILE A 21 2.60 0.74 -2.79
C ILE A 21 3.08 2.02 -3.45
N THR A 22 2.12 2.80 -3.91
CA THR A 22 2.38 4.09 -4.50
C THR A 22 2.24 5.16 -3.43
N TYR A 23 3.35 5.53 -2.82
CA TYR A 23 3.30 6.47 -1.70
C TYR A 23 3.70 7.87 -2.14
N VAL A 24 2.87 8.82 -1.74
CA VAL A 24 3.08 10.23 -2.03
C VAL A 24 3.81 10.89 -0.88
N TYR A 25 4.95 11.49 -1.19
CA TYR A 25 5.78 12.11 -0.19
C TYR A 25 6.06 13.55 -0.58
N LYS A 26 6.43 14.35 0.41
CA LYS A 26 6.80 15.74 0.17
C LYS A 26 7.97 16.10 1.07
N GLY A 27 9.10 16.40 0.46
CA GLY A 27 10.32 16.56 1.21
C GLY A 27 10.76 15.23 1.78
N ASP A 28 11.15 15.21 3.05
CA ASP A 28 11.44 13.93 3.70
C ASP A 28 10.30 13.55 4.61
N LYS A 29 9.16 13.24 4.01
CA LYS A 29 7.99 12.80 4.74
C LYS A 29 6.98 12.22 3.76
N VAL A 30 6.59 10.97 3.98
CA VAL A 30 5.56 10.35 3.19
C VAL A 30 4.21 10.61 3.84
N LEU A 31 3.31 11.27 3.12
CA LEU A 31 2.06 11.71 3.72
C LEU A 31 0.90 10.80 3.33
N LYS A 32 1.05 10.06 2.23
CA LYS A 32 0.00 9.14 1.81
C LYS A 32 0.60 7.86 1.26
N GLN A 33 0.27 6.74 1.89
CA GLN A 33 0.79 5.45 1.48
C GLN A 33 -0.29 4.62 0.80
N SER A 34 -0.28 4.59 -0.52
CA SER A 34 -1.26 3.81 -1.26
C SER A 34 -0.76 2.38 -1.46
N SER A 35 -1.18 1.49 -0.59
CA SER A 35 -0.78 0.10 -0.66
C SER A 35 -1.87 -0.69 -1.36
N GLU A 36 -1.65 -1.00 -2.63
CA GLU A 36 -2.65 -1.67 -3.44
C GLU A 36 -2.22 -3.10 -3.75
N THR A 37 -2.92 -4.07 -3.20
CA THR A 37 -2.58 -5.47 -3.41
C THR A 37 -3.42 -6.07 -4.54
N LYS A 38 -2.79 -6.27 -5.69
CA LYS A 38 -3.46 -6.85 -6.84
C LYS A 38 -3.38 -8.38 -6.77
N ILE A 39 -4.39 -8.99 -6.19
CA ILE A 39 -4.41 -10.43 -6.00
C ILE A 39 -5.09 -11.11 -7.18
N GLN A 40 -4.41 -12.10 -7.75
CA GLN A 40 -4.98 -12.85 -8.87
C GLN A 40 -5.93 -13.91 -8.35
N PHE A 41 -6.94 -14.26 -9.15
CA PHE A 41 -7.94 -15.27 -8.77
C PHE A 41 -7.37 -16.69 -8.85
N ALA A 42 -6.05 -16.80 -8.72
CA ALA A 42 -5.41 -18.10 -8.68
C ALA A 42 -4.52 -18.19 -7.44
N SER A 43 -4.42 -17.08 -6.72
CA SER A 43 -3.56 -17.02 -5.54
C SER A 43 -4.37 -16.73 -4.28
N ILE A 44 -5.58 -16.22 -4.47
CA ILE A 44 -6.41 -15.78 -3.36
C ILE A 44 -7.26 -16.92 -2.79
N GLY A 45 -7.76 -17.78 -3.66
CA GLY A 45 -8.69 -18.80 -3.25
C GLY A 45 -10.12 -18.36 -3.51
N ALA A 46 -10.30 -17.63 -4.60
CA ALA A 46 -11.61 -17.11 -4.96
C ALA A 46 -12.04 -17.63 -6.33
N THR A 47 -13.22 -18.22 -6.40
CA THR A 47 -13.70 -18.79 -7.64
C THR A 47 -14.71 -17.85 -8.33
N THR A 48 -15.21 -16.88 -7.58
CA THR A 48 -16.18 -15.92 -8.13
C THR A 48 -15.85 -14.51 -7.64
N LYS A 49 -16.55 -13.51 -8.19
CA LYS A 49 -16.41 -12.14 -7.71
C LYS A 49 -16.83 -12.07 -6.25
N GLU A 50 -17.87 -12.81 -5.92
CA GLU A 50 -18.46 -12.78 -4.59
C GLU A 50 -17.58 -13.52 -3.59
N ASP A 51 -16.95 -14.60 -4.04
CA ASP A 51 -15.99 -15.31 -3.21
C ASP A 51 -14.82 -14.41 -2.87
N ALA A 52 -14.38 -13.62 -3.86
CA ALA A 52 -13.30 -12.68 -3.67
C ALA A 52 -13.67 -11.64 -2.62
N ALA A 53 -14.90 -11.12 -2.70
CA ALA A 53 -15.38 -10.15 -1.74
C ALA A 53 -15.46 -10.76 -0.34
N LYS A 54 -16.00 -11.98 -0.26
CA LYS A 54 -16.12 -12.68 1.02
C LYS A 54 -14.77 -12.83 1.69
N THR A 55 -13.70 -12.79 0.90
CA THR A 55 -12.36 -12.90 1.44
C THR A 55 -11.75 -11.51 1.71
N LEU A 56 -11.90 -10.59 0.74
CA LEU A 56 -11.22 -9.30 0.81
C LEU A 56 -11.95 -8.28 1.68
N GLU A 57 -13.28 -8.37 1.76
CA GLU A 57 -14.04 -7.41 2.57
C GLU A 57 -13.58 -7.43 4.03
N PRO A 58 -13.54 -8.61 4.70
CA PRO A 58 -13.07 -8.69 6.09
C PRO A 58 -11.58 -8.33 6.23
N LEU A 59 -10.83 -8.45 5.14
CA LEU A 59 -9.42 -8.12 5.14
C LEU A 59 -9.23 -6.60 5.15
N SER A 60 -9.85 -5.92 4.21
CA SER A 60 -9.79 -4.47 4.14
C SER A 60 -10.47 -3.86 5.36
N ALA A 61 -11.49 -4.55 5.87
CA ALA A 61 -12.23 -4.09 7.04
C ALA A 61 -11.38 -4.13 8.32
N LYS A 62 -10.19 -4.71 8.22
CA LYS A 62 -9.27 -4.74 9.36
C LYS A 62 -8.75 -3.35 9.64
N TYR A 63 -8.72 -2.51 8.61
CA TYR A 63 -8.38 -1.11 8.78
C TYR A 63 -9.52 -0.39 9.49
N LYS A 64 -10.72 -0.51 8.92
CA LYS A 64 -11.93 -0.01 9.56
C LYS A 64 -11.89 1.51 9.64
N ASN A 65 -11.39 2.13 8.58
CA ASN A 65 -11.26 3.58 8.49
C ASN A 65 -10.40 4.11 9.65
N ILE A 66 -9.17 3.61 9.72
CA ILE A 66 -8.20 4.06 10.72
C ILE A 66 -8.03 5.58 10.69
N ALA A 67 -7.37 6.05 9.65
CA ALA A 67 -7.08 7.47 9.51
C ALA A 67 -6.85 7.85 8.05
N GLY A 68 -7.86 8.46 7.46
CA GLY A 68 -7.77 8.89 6.07
C GLY A 68 -7.50 7.75 5.12
N VAL A 69 -7.82 6.54 5.56
CA VAL A 69 -7.54 5.36 4.76
C VAL A 69 -8.66 5.10 3.78
N GLU A 70 -8.30 5.13 2.50
CA GLU A 70 -9.23 4.82 1.45
C GLU A 70 -9.10 3.35 1.10
N GLU A 71 -9.93 2.55 1.75
CA GLU A 71 -9.94 1.11 1.54
C GLU A 71 -10.91 0.76 0.42
N LYS A 72 -10.38 0.66 -0.80
CA LYS A 72 -11.19 0.45 -1.98
C LYS A 72 -10.91 -0.91 -2.61
N LEU A 73 -11.94 -1.70 -2.77
CA LEU A 73 -11.80 -3.03 -3.35
C LEU A 73 -12.28 -3.04 -4.80
N THR A 74 -11.35 -3.22 -5.73
CA THR A 74 -11.69 -3.23 -7.14
C THR A 74 -11.72 -4.67 -7.65
N TYR A 75 -12.91 -5.12 -8.03
CA TYR A 75 -13.10 -6.48 -8.50
C TYR A 75 -13.37 -6.50 -10.00
N THR A 76 -12.37 -6.86 -10.78
CA THR A 76 -12.55 -7.00 -12.21
C THR A 76 -13.22 -8.34 -12.51
N ASP A 77 -12.46 -9.41 -12.35
CA ASP A 77 -12.96 -10.78 -12.50
C ASP A 77 -11.82 -11.78 -12.40
N THR A 78 -10.74 -11.50 -13.12
CA THR A 78 -9.58 -12.38 -13.12
C THR A 78 -8.60 -11.98 -12.01
N TYR A 79 -8.82 -10.79 -11.45
CA TYR A 79 -7.99 -10.30 -10.36
C TYR A 79 -8.77 -9.31 -9.53
N ALA A 80 -8.40 -9.21 -8.27
CA ALA A 80 -9.02 -8.29 -7.34
C ALA A 80 -7.96 -7.45 -6.66
N GLN A 81 -8.10 -6.14 -6.72
CA GLN A 81 -7.08 -5.27 -6.20
C GLN A 81 -7.57 -4.54 -4.96
N GLU A 82 -6.93 -4.82 -3.84
CA GLU A 82 -7.23 -4.14 -2.60
C GLU A 82 -6.43 -2.85 -2.54
N ASN A 83 -7.06 -1.77 -2.99
CA ASN A 83 -6.41 -0.47 -3.04
C ASN A 83 -6.57 0.24 -1.71
N VAL A 84 -5.52 0.22 -0.90
CA VAL A 84 -5.61 0.80 0.44
C VAL A 84 -4.72 2.02 0.57
N THR A 85 -5.34 3.19 0.55
CA THR A 85 -4.60 4.44 0.63
C THR A 85 -4.60 4.97 2.07
N ILE A 86 -3.47 4.84 2.75
CA ILE A 86 -3.37 5.25 4.14
C ILE A 86 -2.86 6.68 4.24
N ASP A 87 -3.59 7.53 4.94
CA ASP A 87 -3.16 8.90 5.16
C ASP A 87 -2.24 8.94 6.38
N MET A 88 -0.99 9.29 6.14
CA MET A 88 0.05 9.17 7.13
C MET A 88 0.22 10.46 7.91
N GLU A 89 -0.75 11.35 7.79
CA GLU A 89 -0.76 12.61 8.52
C GLU A 89 -1.71 12.51 9.71
N LYS A 90 -2.42 11.39 9.79
CA LYS A 90 -3.42 11.19 10.85
C LYS A 90 -3.34 9.77 11.39
N VAL A 91 -2.39 8.99 10.87
CA VAL A 91 -2.30 7.54 11.12
C VAL A 91 -2.42 7.16 12.58
N ASP A 92 -3.31 6.20 12.85
CA ASP A 92 -3.40 5.57 14.16
C ASP A 92 -2.65 4.25 14.12
N PHE A 93 -1.41 4.26 14.59
CA PHE A 93 -0.54 3.10 14.52
C PHE A 93 -0.99 2.00 15.48
N LYS A 94 -1.88 2.33 16.39
CA LYS A 94 -2.40 1.34 17.34
C LYS A 94 -3.11 0.22 16.59
N ALA A 95 -3.98 0.61 15.65
CA ALA A 95 -4.70 -0.35 14.84
C ALA A 95 -3.82 -0.86 13.70
N LEU A 96 -3.15 0.08 13.02
CA LEU A 96 -2.37 -0.23 11.83
C LEU A 96 -1.25 -1.23 12.12
N GLN A 97 -0.81 -1.29 13.38
CA GLN A 97 0.26 -2.21 13.79
C GLN A 97 -0.12 -3.66 13.46
N GLY A 98 -1.42 -3.95 13.41
CA GLY A 98 -1.88 -5.29 13.13
C GLY A 98 -1.99 -5.58 11.65
N ILE A 99 -2.20 -4.54 10.84
CA ILE A 99 -2.46 -4.74 9.41
C ILE A 99 -1.39 -4.09 8.55
N SER A 100 -0.48 -4.90 8.01
CA SER A 100 0.56 -4.40 7.14
C SER A 100 1.21 -5.53 6.35
N GLY A 101 1.72 -6.50 7.07
CA GLY A 101 2.44 -7.60 6.44
C GLY A 101 3.78 -7.15 5.89
N ILE A 102 4.26 -6.03 6.42
CA ILE A 102 5.50 -5.42 5.95
C ILE A 102 6.64 -5.80 6.89
N ASN A 103 7.82 -6.03 6.34
CA ASN A 103 9.00 -6.24 7.16
C ASN A 103 9.46 -4.90 7.70
N VAL A 104 8.78 -4.45 8.74
CA VAL A 104 9.07 -3.18 9.36
C VAL A 104 9.07 -3.33 10.88
N SER A 105 9.93 -2.57 11.53
CA SER A 105 10.00 -2.60 12.98
C SER A 105 8.84 -1.83 13.59
N ALA A 106 8.29 -2.38 14.67
CA ALA A 106 7.24 -1.68 15.40
C ALA A 106 7.81 -0.43 16.04
N GLU A 107 9.12 -0.44 16.24
CA GLU A 107 9.83 0.71 16.76
C GLU A 107 9.94 1.79 15.69
N ASP A 108 9.85 1.37 14.43
CA ASP A 108 10.06 2.29 13.31
C ASP A 108 8.75 2.92 12.90
N ALA A 109 7.72 2.09 12.72
CA ALA A 109 6.40 2.55 12.31
C ALA A 109 5.85 3.57 13.30
N LYS A 110 6.08 3.33 14.58
CA LYS A 110 5.52 4.17 15.62
C LYS A 110 6.36 5.43 15.87
N LYS A 111 7.41 5.62 15.08
CA LYS A 111 8.15 6.88 15.11
C LYS A 111 7.39 7.94 14.34
N GLY A 112 6.71 7.50 13.30
CA GLY A 112 6.18 8.40 12.31
C GLY A 112 6.99 8.29 11.04
N ILE A 113 6.53 7.47 10.12
CA ILE A 113 7.31 7.08 8.96
C ILE A 113 7.65 8.28 8.07
N THR A 114 8.94 8.43 7.80
CA THR A 114 9.43 9.50 6.97
C THR A 114 9.86 8.96 5.61
N MET A 115 10.46 9.80 4.78
CA MET A 115 10.89 9.36 3.46
C MET A 115 12.13 8.50 3.59
N ALA A 116 13.07 8.94 4.43
CA ALA A 116 14.29 8.19 4.69
C ALA A 116 13.95 6.80 5.21
N GLN A 117 13.01 6.73 6.14
CA GLN A 117 12.54 5.46 6.68
C GLN A 117 11.95 4.60 5.59
N MET A 118 10.93 5.11 4.92
CA MET A 118 10.25 4.38 3.85
C MET A 118 11.22 3.74 2.86
N GLU A 119 12.18 4.52 2.36
CA GLU A 119 13.12 4.03 1.37
C GLU A 119 13.92 2.83 1.89
N LEU A 120 14.62 3.01 3.01
CA LEU A 120 15.46 1.95 3.56
C LEU A 120 14.63 0.78 4.08
N VAL A 121 13.49 1.11 4.66
CA VAL A 121 12.64 0.14 5.32
C VAL A 121 11.86 -0.73 4.31
N MET A 122 11.38 -0.12 3.23
CA MET A 122 10.66 -0.87 2.21
C MET A 122 11.60 -1.78 1.44
N LYS A 123 12.80 -1.30 1.17
CA LYS A 123 13.78 -2.10 0.47
C LYS A 123 14.43 -3.11 1.43
N ALA A 124 14.19 -2.91 2.72
CA ALA A 124 14.60 -3.88 3.74
C ALA A 124 13.61 -5.04 3.76
N ALA A 125 12.37 -4.77 3.37
CA ALA A 125 11.33 -5.79 3.30
C ALA A 125 11.55 -6.73 2.12
N GLY A 126 12.48 -6.35 1.25
CA GLY A 126 12.79 -7.18 0.10
C GLY A 126 11.89 -6.86 -1.07
N PHE A 127 11.24 -5.71 -1.02
CA PHE A 127 10.39 -5.26 -2.10
C PHE A 127 11.20 -4.42 -3.05
N LYS A 128 10.79 -4.34 -4.31
CA LYS A 128 11.55 -3.59 -5.30
C LYS A 128 10.74 -2.45 -5.86
N GLU A 129 11.41 -1.34 -6.11
CA GLU A 129 10.80 -0.18 -6.69
C GLU A 129 10.52 -0.42 -8.16
N VAL A 130 9.46 0.17 -8.67
CA VAL A 130 9.15 0.10 -10.09
C VAL A 130 9.15 1.49 -10.70
N LYS A 131 9.03 2.50 -9.81
CA LYS A 131 8.98 3.90 -10.21
C LYS A 131 7.78 4.12 -11.13
N LEU A 132 7.84 5.17 -11.93
CA LEU A 132 6.87 5.38 -12.98
C LEU A 132 7.63 5.76 -14.24
N GLU A 133 6.93 6.05 -15.32
CA GLU A 133 7.60 6.42 -16.57
C GLU A 133 8.39 7.72 -16.38
N HIS A 134 9.33 7.98 -17.29
CA HIS A 134 10.17 9.16 -17.17
C HIS A 134 9.40 10.40 -17.62
N HIS A 135 8.96 11.19 -16.66
CA HIS A 135 8.16 12.37 -16.95
C HIS A 135 8.93 13.65 -16.61
N HIS A 136 9.52 14.25 -17.64
CA HIS A 136 10.23 15.50 -17.48
C HIS A 136 9.95 16.42 -18.66
N HIS A 137 8.91 16.07 -19.41
CA HIS A 137 8.53 16.84 -20.57
C HIS A 137 7.60 17.98 -20.17
N HIS A 138 8.17 19.17 -20.01
CA HIS A 138 7.35 20.36 -19.83
C HIS A 138 6.96 20.86 -21.21
N HIS A 139 7.94 20.86 -22.12
CA HIS A 139 7.71 21.13 -23.54
C HIS A 139 9.03 20.94 -24.29
N MET A 1 11.95 12.89 -10.66
CA MET A 1 11.11 12.14 -9.71
C MET A 1 9.86 12.96 -9.34
N GLY A 2 10.05 13.93 -8.45
CA GLY A 2 8.94 14.78 -8.05
C GLY A 2 9.39 16.23 -7.90
N ASP A 3 8.70 16.98 -7.05
CA ASP A 3 9.01 18.38 -6.84
C ASP A 3 8.58 18.86 -5.46
N LYS A 4 7.28 18.97 -5.24
CA LYS A 4 6.75 19.43 -3.97
C LYS A 4 6.36 18.23 -3.10
N GLU A 5 5.23 17.65 -3.43
CA GLU A 5 4.82 16.39 -2.85
C GLU A 5 5.04 15.31 -3.89
N GLU A 6 5.99 14.44 -3.64
CA GLU A 6 6.53 13.58 -4.67
C GLU A 6 5.92 12.20 -4.62
N SER A 7 5.66 11.65 -5.79
CA SER A 7 5.10 10.31 -5.90
C SER A 7 6.19 9.31 -6.28
N LYS A 8 6.10 8.12 -5.70
CA LYS A 8 7.04 7.07 -6.01
C LYS A 8 6.34 5.72 -5.99
N LYS A 9 6.56 4.92 -7.02
CA LYS A 9 5.87 3.64 -7.17
C LYS A 9 6.80 2.47 -6.92
N PHE A 10 6.38 1.57 -6.06
CA PHE A 10 7.02 0.27 -5.95
C PHE A 10 5.93 -0.78 -6.08
N SER A 11 6.26 -1.92 -6.65
CA SER A 11 5.27 -2.94 -6.92
C SER A 11 5.86 -4.32 -6.70
N ALA A 12 5.47 -4.95 -5.61
CA ALA A 12 5.98 -6.27 -5.28
C ALA A 12 4.88 -7.30 -5.43
N ASN A 13 5.13 -8.29 -6.28
CA ASN A 13 4.19 -9.37 -6.47
C ASN A 13 4.54 -10.52 -5.53
N LEU A 14 3.87 -10.56 -4.40
CA LEU A 14 4.13 -11.57 -3.38
C LEU A 14 3.35 -12.84 -3.70
N ASN A 15 4.05 -13.79 -4.36
CA ASN A 15 3.48 -15.09 -4.76
C ASN A 15 2.48 -14.93 -5.90
N GLY A 16 1.50 -14.07 -5.67
CA GLY A 16 0.48 -13.81 -6.66
C GLY A 16 -0.36 -12.62 -6.25
N THR A 17 0.25 -11.75 -5.47
CA THR A 17 -0.41 -10.56 -4.97
C THR A 17 0.39 -9.34 -5.39
N GLU A 18 -0.06 -8.68 -6.45
CA GLU A 18 0.68 -7.57 -7.03
C GLU A 18 0.37 -6.29 -6.26
N ILE A 19 1.20 -5.99 -5.28
CA ILE A 19 0.99 -4.82 -4.44
C ILE A 19 1.71 -3.60 -5.01
N ALA A 20 0.93 -2.67 -5.54
CA ALA A 20 1.46 -1.45 -6.11
C ALA A 20 1.24 -0.28 -5.17
N ILE A 21 2.30 0.17 -4.52
CA ILE A 21 2.19 1.25 -3.58
C ILE A 21 2.86 2.51 -4.10
N THR A 22 2.12 3.60 -4.06
CA THR A 22 2.63 4.89 -4.50
C THR A 22 2.76 5.82 -3.31
N TYR A 23 3.98 6.24 -3.01
CA TYR A 23 4.23 7.15 -1.91
C TYR A 23 3.94 8.58 -2.34
N VAL A 24 3.47 9.37 -1.40
CA VAL A 24 3.46 10.81 -1.55
C VAL A 24 4.29 11.39 -0.41
N TYR A 25 5.54 11.65 -0.71
CA TYR A 25 6.47 12.10 0.30
C TYR A 25 6.83 13.56 0.08
N LYS A 26 6.90 14.28 1.17
CA LYS A 26 7.22 15.69 1.16
C LYS A 26 8.56 15.88 1.86
N GLY A 27 9.62 16.00 1.08
CA GLY A 27 10.95 16.00 1.65
C GLY A 27 11.36 14.61 2.07
N ASP A 28 11.57 14.40 3.36
CA ASP A 28 11.88 13.07 3.87
C ASP A 28 10.72 12.56 4.71
N LYS A 29 9.51 12.98 4.36
CA LYS A 29 8.32 12.55 5.06
C LYS A 29 7.28 11.98 4.09
N VAL A 30 7.07 10.68 4.15
CA VAL A 30 5.99 10.08 3.38
C VAL A 30 4.68 10.29 4.12
N LEU A 31 3.97 11.35 3.75
CA LEU A 31 2.81 11.80 4.50
C LEU A 31 1.53 11.15 3.98
N LYS A 32 1.62 10.46 2.86
CA LYS A 32 0.47 9.77 2.27
C LYS A 32 0.93 8.56 1.46
N GLN A 33 0.24 7.45 1.62
CA GLN A 33 0.56 6.22 0.91
C GLN A 33 -0.66 5.69 0.16
N SER A 34 -0.55 5.58 -1.15
CA SER A 34 -1.62 5.01 -1.95
C SER A 34 -1.27 3.58 -2.34
N SER A 35 -1.82 2.62 -1.61
CA SER A 35 -1.50 1.22 -1.79
C SER A 35 -2.63 0.50 -2.53
N GLU A 36 -2.33 -0.02 -3.71
CA GLU A 36 -3.31 -0.74 -4.50
C GLU A 36 -2.89 -2.20 -4.65
N THR A 37 -3.58 -3.07 -3.93
CA THR A 37 -3.26 -4.49 -3.92
C THR A 37 -4.02 -5.23 -5.02
N LYS A 38 -3.30 -5.73 -6.01
CA LYS A 38 -3.92 -6.46 -7.12
C LYS A 38 -3.76 -7.96 -6.90
N ILE A 39 -4.81 -8.58 -6.38
CA ILE A 39 -4.78 -10.00 -6.06
C ILE A 39 -5.32 -10.82 -7.21
N GLN A 40 -4.55 -11.82 -7.64
CA GLN A 40 -5.02 -12.75 -8.65
C GLN A 40 -5.71 -13.93 -7.99
N PHE A 41 -6.89 -14.29 -8.50
CA PHE A 41 -7.71 -15.33 -7.89
C PHE A 41 -7.00 -16.68 -7.85
N ALA A 42 -6.18 -16.94 -8.85
CA ALA A 42 -5.43 -18.19 -8.92
C ALA A 42 -4.42 -18.30 -7.77
N SER A 43 -4.05 -17.16 -7.21
CA SER A 43 -3.07 -17.13 -6.13
C SER A 43 -3.76 -17.22 -4.77
N ILE A 44 -4.85 -16.47 -4.60
CA ILE A 44 -5.59 -16.48 -3.34
C ILE A 44 -6.31 -17.81 -3.16
N GLY A 45 -6.63 -18.48 -4.26
CA GLY A 45 -7.29 -19.76 -4.19
C GLY A 45 -8.80 -19.63 -4.33
N ALA A 46 -9.22 -18.54 -4.95
CA ALA A 46 -10.63 -18.28 -5.13
C ALA A 46 -11.07 -18.61 -6.54
N THR A 47 -12.14 -19.37 -6.66
CA THR A 47 -12.65 -19.75 -7.97
C THR A 47 -13.53 -18.65 -8.54
N THR A 48 -14.44 -18.15 -7.72
CA THR A 48 -15.39 -17.15 -8.14
C THR A 48 -15.05 -15.78 -7.54
N LYS A 49 -15.49 -14.72 -8.19
CA LYS A 49 -15.33 -13.36 -7.67
C LYS A 49 -15.85 -13.26 -6.24
N GLU A 50 -17.02 -13.84 -6.00
CA GLU A 50 -17.64 -13.82 -4.69
C GLU A 50 -16.82 -14.64 -3.69
N ASP A 51 -16.13 -15.64 -4.22
CA ASP A 51 -15.36 -16.56 -3.41
C ASP A 51 -14.11 -15.87 -2.87
N ALA A 52 -13.60 -14.91 -3.65
CA ALA A 52 -12.47 -14.10 -3.24
C ALA A 52 -12.91 -13.01 -2.27
N ALA A 53 -14.11 -12.48 -2.50
CA ALA A 53 -14.66 -11.43 -1.66
C ALA A 53 -14.76 -11.89 -0.21
N LYS A 54 -15.17 -13.13 -0.02
CA LYS A 54 -15.32 -13.71 1.32
C LYS A 54 -14.01 -13.67 2.12
N THR A 55 -12.90 -13.51 1.41
CA THR A 55 -11.60 -13.42 2.06
C THR A 55 -11.15 -11.96 2.21
N LEU A 56 -11.35 -11.17 1.17
CA LEU A 56 -10.83 -9.80 1.12
C LEU A 56 -11.71 -8.82 1.91
N GLU A 57 -13.02 -9.03 1.88
CA GLU A 57 -13.97 -8.13 2.55
C GLU A 57 -13.61 -7.89 4.02
N PRO A 58 -13.43 -8.95 4.85
CA PRO A 58 -12.96 -8.81 6.23
C PRO A 58 -11.66 -8.00 6.36
N LEU A 59 -10.75 -8.19 5.41
CA LEU A 59 -9.39 -7.64 5.52
C LEU A 59 -9.37 -6.12 5.39
N SER A 60 -9.95 -5.59 4.32
CA SER A 60 -9.91 -4.14 4.08
C SER A 60 -10.68 -3.39 5.16
N ALA A 61 -11.70 -4.06 5.71
CA ALA A 61 -12.56 -3.46 6.72
C ALA A 61 -11.81 -3.20 8.02
N LYS A 62 -10.54 -3.55 8.05
CA LYS A 62 -9.70 -3.27 9.20
C LYS A 62 -9.09 -1.88 9.08
N TYR A 63 -9.42 -1.18 8.00
CA TYR A 63 -8.89 0.17 7.76
C TYR A 63 -9.97 1.24 7.84
N LYS A 64 -11.23 0.85 7.73
CA LYS A 64 -12.32 1.82 7.68
C LYS A 64 -12.27 2.83 8.84
N ASN A 65 -12.06 4.09 8.47
CA ASN A 65 -12.13 5.23 9.40
C ASN A 65 -11.04 5.21 10.48
N ILE A 66 -9.88 4.65 10.17
CA ILE A 66 -8.72 4.77 11.08
C ILE A 66 -8.17 6.20 11.01
N ALA A 67 -8.28 6.77 9.82
CA ALA A 67 -7.73 8.09 9.51
C ALA A 67 -8.23 8.48 8.14
N GLY A 68 -7.43 9.24 7.41
CA GLY A 68 -7.73 9.53 6.01
C GLY A 68 -7.46 8.32 5.13
N VAL A 69 -8.04 7.20 5.50
CA VAL A 69 -7.86 5.95 4.78
C VAL A 69 -9.14 5.55 4.05
N GLU A 70 -9.02 5.34 2.76
CA GLU A 70 -10.14 4.94 1.94
C GLU A 70 -9.92 3.55 1.37
N GLU A 71 -10.76 2.61 1.76
CA GLU A 71 -10.70 1.26 1.21
C GLU A 71 -11.66 1.14 0.02
N LYS A 72 -11.12 0.73 -1.11
CA LYS A 72 -11.94 0.50 -2.30
C LYS A 72 -11.65 -0.86 -2.90
N LEU A 73 -12.46 -1.85 -2.55
CA LEU A 73 -12.32 -3.19 -3.09
C LEU A 73 -13.02 -3.28 -4.44
N THR A 74 -12.23 -3.32 -5.51
CA THR A 74 -12.79 -3.43 -6.85
C THR A 74 -12.57 -4.83 -7.41
N TYR A 75 -13.64 -5.59 -7.53
CA TYR A 75 -13.57 -6.94 -8.05
C TYR A 75 -13.97 -6.95 -9.52
N THR A 76 -13.21 -7.66 -10.35
CA THR A 76 -13.53 -7.77 -11.76
C THR A 76 -14.18 -9.11 -12.06
N ASP A 77 -13.36 -10.14 -12.12
CA ASP A 77 -13.81 -11.50 -12.41
C ASP A 77 -12.65 -12.48 -12.26
N THR A 78 -11.47 -12.04 -12.66
CA THR A 78 -10.28 -12.87 -12.56
C THR A 78 -9.33 -12.34 -11.48
N TYR A 79 -9.45 -11.06 -11.17
CA TYR A 79 -8.61 -10.45 -10.14
C TYR A 79 -9.39 -9.41 -9.36
N ALA A 80 -8.83 -8.99 -8.23
CA ALA A 80 -9.44 -7.96 -7.40
C ALA A 80 -8.39 -6.96 -6.96
N GLN A 81 -8.75 -5.69 -6.94
CA GLN A 81 -7.83 -4.65 -6.53
C GLN A 81 -8.31 -3.93 -5.28
N GLU A 82 -7.47 -3.95 -4.26
CA GLU A 82 -7.69 -3.13 -3.08
C GLU A 82 -7.12 -1.74 -3.34
N ASN A 83 -7.93 -0.85 -3.89
CA ASN A 83 -7.49 0.51 -4.10
C ASN A 83 -7.55 1.26 -2.79
N VAL A 84 -6.43 1.30 -2.08
CA VAL A 84 -6.41 1.84 -0.73
C VAL A 84 -5.62 3.15 -0.67
N THR A 85 -6.23 4.17 -0.09
CA THR A 85 -5.56 5.43 0.12
C THR A 85 -5.34 5.63 1.61
N ILE A 86 -4.10 5.59 2.03
CA ILE A 86 -3.76 5.70 3.45
C ILE A 86 -3.06 7.02 3.74
N ASP A 87 -3.76 7.94 4.40
CA ASP A 87 -3.12 9.15 4.88
C ASP A 87 -2.16 8.82 6.00
N MET A 88 -0.92 9.26 5.86
CA MET A 88 0.12 8.90 6.82
C MET A 88 0.48 10.09 7.70
N GLU A 89 -0.39 11.09 7.73
CA GLU A 89 -0.21 12.21 8.63
C GLU A 89 -0.99 11.98 9.91
N LYS A 90 -2.15 11.34 9.77
CA LYS A 90 -2.98 11.03 10.92
C LYS A 90 -3.08 9.52 11.12
N VAL A 91 -2.11 8.78 10.59
CA VAL A 91 -2.06 7.32 10.76
C VAL A 91 -2.16 6.94 12.23
N ASP A 92 -3.29 6.36 12.60
CA ASP A 92 -3.48 5.92 13.96
C ASP A 92 -2.78 4.58 14.16
N PHE A 93 -1.51 4.65 14.54
CA PHE A 93 -0.72 3.46 14.76
C PHE A 93 -1.25 2.65 15.94
N LYS A 94 -2.09 3.28 16.74
CA LYS A 94 -2.73 2.63 17.87
C LYS A 94 -3.69 1.55 17.36
N ALA A 95 -4.51 1.92 16.39
CA ALA A 95 -5.40 0.97 15.74
C ALA A 95 -4.64 0.08 14.78
N LEU A 96 -3.74 0.67 14.00
CA LEU A 96 -2.95 -0.05 13.01
C LEU A 96 -2.10 -1.14 13.65
N GLN A 97 -1.87 -1.03 14.95
CA GLN A 97 -1.10 -2.02 15.69
C GLN A 97 -1.74 -3.40 15.60
N GLY A 98 -3.04 -3.42 15.30
CA GLY A 98 -3.75 -4.68 15.16
C GLY A 98 -3.81 -5.14 13.71
N ILE A 99 -3.27 -4.33 12.80
CA ILE A 99 -3.27 -4.68 11.38
C ILE A 99 -1.87 -4.56 10.81
N SER A 100 -1.54 -3.36 10.29
CA SER A 100 -0.24 -3.08 9.67
C SER A 100 0.00 -3.97 8.45
N GLY A 101 0.53 -5.16 8.68
CA GLY A 101 0.82 -6.08 7.59
C GLY A 101 2.23 -5.93 7.08
N ILE A 102 2.99 -5.03 7.69
CA ILE A 102 4.36 -4.76 7.28
C ILE A 102 5.33 -5.46 8.22
N ASN A 103 6.30 -6.17 7.65
CA ASN A 103 7.33 -6.82 8.43
C ASN A 103 8.37 -5.78 8.86
N VAL A 104 8.11 -5.15 9.99
CA VAL A 104 8.97 -4.09 10.51
C VAL A 104 8.92 -4.10 12.03
N SER A 105 9.79 -3.32 12.67
CA SER A 105 9.84 -3.25 14.12
C SER A 105 8.91 -2.16 14.65
N ALA A 106 8.81 -2.06 15.98
CA ALA A 106 7.95 -1.08 16.60
C ALA A 106 8.65 0.26 16.71
N GLU A 107 9.98 0.22 16.70
CA GLU A 107 10.80 1.42 16.80
C GLU A 107 10.90 2.11 15.45
N ASP A 108 10.02 1.76 14.53
CA ASP A 108 10.02 2.32 13.20
C ASP A 108 8.63 2.86 12.90
N ALA A 109 7.66 1.96 12.80
CA ALA A 109 6.27 2.32 12.52
C ALA A 109 5.70 3.25 13.59
N LYS A 110 5.82 2.84 14.86
CA LYS A 110 5.24 3.62 15.95
C LYS A 110 6.18 4.73 16.41
N LYS A 111 7.29 4.88 15.71
CA LYS A 111 8.27 5.90 16.04
C LYS A 111 8.07 7.13 15.17
N GLY A 112 7.63 6.90 13.94
CA GLY A 112 7.44 7.98 13.00
C GLY A 112 8.06 7.64 11.66
N ILE A 113 7.23 7.53 10.64
CA ILE A 113 7.68 7.10 9.34
C ILE A 113 8.22 8.26 8.52
N THR A 114 9.33 8.03 7.85
CA THR A 114 9.98 9.03 7.02
C THR A 114 10.22 8.46 5.62
N MET A 115 10.94 9.19 4.79
CA MET A 115 11.26 8.71 3.44
C MET A 115 12.40 7.72 3.50
N ALA A 116 13.46 8.07 4.23
CA ALA A 116 14.60 7.18 4.40
C ALA A 116 14.18 5.91 5.12
N GLN A 117 13.12 6.01 5.93
CA GLN A 117 12.51 4.85 6.57
C GLN A 117 12.12 3.83 5.52
N MET A 118 11.11 4.13 4.74
CA MET A 118 10.62 3.22 3.70
C MET A 118 11.73 2.84 2.70
N GLU A 119 12.69 3.73 2.47
CA GLU A 119 13.83 3.38 1.62
C GLU A 119 14.57 2.17 2.21
N LEU A 120 15.12 2.36 3.41
CA LEU A 120 15.87 1.31 4.09
C LEU A 120 14.99 0.09 4.38
N VAL A 121 13.78 0.39 4.81
CA VAL A 121 12.86 -0.60 5.35
C VAL A 121 12.16 -1.42 4.27
N MET A 122 11.64 -0.76 3.24
CA MET A 122 10.94 -1.46 2.18
C MET A 122 11.92 -2.22 1.28
N LYS A 123 13.11 -1.67 1.11
CA LYS A 123 14.13 -2.35 0.32
C LYS A 123 14.76 -3.48 1.13
N ALA A 124 14.64 -3.40 2.45
CA ALA A 124 15.06 -4.49 3.33
C ALA A 124 14.10 -5.68 3.20
N ALA A 125 12.83 -5.35 2.96
CA ALA A 125 11.80 -6.38 2.77
C ALA A 125 11.98 -7.07 1.43
N GLY A 126 12.77 -6.47 0.56
CA GLY A 126 13.00 -7.04 -0.74
C GLY A 126 11.87 -6.79 -1.70
N PHE A 127 11.27 -5.60 -1.60
CA PHE A 127 10.22 -5.21 -2.51
C PHE A 127 10.79 -4.76 -3.85
N LYS A 128 9.97 -4.73 -4.88
CA LYS A 128 10.41 -4.37 -6.21
C LYS A 128 10.24 -2.87 -6.43
N GLU A 129 11.33 -2.15 -6.31
CA GLU A 129 11.33 -0.69 -6.36
C GLU A 129 11.42 -0.22 -7.82
N VAL A 130 10.48 0.63 -8.22
CA VAL A 130 10.28 0.96 -9.63
C VAL A 130 10.52 2.44 -9.93
N LYS A 131 10.44 3.29 -8.90
CA LYS A 131 10.33 4.74 -9.10
C LYS A 131 9.05 5.05 -9.86
N LEU A 132 9.19 5.57 -11.08
CA LEU A 132 8.07 5.80 -12.00
C LEU A 132 8.53 6.63 -13.18
N GLU A 133 9.48 7.53 -12.92
CA GLU A 133 10.00 8.43 -13.93
C GLU A 133 10.95 7.67 -14.87
N HIS A 134 11.69 6.74 -14.29
CA HIS A 134 12.68 5.95 -15.04
C HIS A 134 12.00 4.85 -15.86
N HIS A 135 10.68 4.95 -15.98
CA HIS A 135 9.92 3.95 -16.72
C HIS A 135 10.19 4.05 -18.22
N HIS A 136 10.63 2.95 -18.81
CA HIS A 136 10.82 2.90 -20.25
C HIS A 136 9.61 2.28 -20.91
N HIS A 137 8.91 1.43 -20.16
CA HIS A 137 7.71 0.79 -20.65
C HIS A 137 6.49 1.49 -20.08
N HIS A 138 5.46 1.67 -20.89
CA HIS A 138 4.29 2.42 -20.48
C HIS A 138 3.22 1.50 -19.90
N HIS A 139 2.44 2.04 -18.97
CA HIS A 139 1.32 1.32 -18.38
C HIS A 139 0.06 2.15 -18.51
N MET A 1 8.63 22.77 1.11
CA MET A 1 8.04 23.08 -0.21
C MET A 1 9.10 22.94 -1.31
N GLY A 2 10.36 23.16 -0.95
CA GLY A 2 11.46 22.91 -1.87
C GLY A 2 11.74 21.42 -2.01
N ASP A 3 10.67 20.69 -2.28
CA ASP A 3 10.68 19.24 -2.25
C ASP A 3 9.59 18.70 -3.17
N LYS A 4 8.37 19.20 -2.96
CA LYS A 4 7.20 18.89 -3.78
C LYS A 4 6.70 17.49 -3.47
N GLU A 5 5.41 17.27 -3.73
CA GLU A 5 4.80 15.98 -3.45
C GLU A 5 5.16 14.97 -4.53
N GLU A 6 6.13 14.12 -4.22
CA GLU A 6 6.60 13.14 -5.19
C GLU A 6 5.95 11.80 -4.95
N SER A 7 5.54 11.15 -6.03
CA SER A 7 4.95 9.84 -5.94
C SER A 7 6.01 8.78 -6.17
N LYS A 8 6.33 8.04 -5.12
CA LYS A 8 7.35 7.01 -5.19
C LYS A 8 6.70 5.64 -5.00
N LYS A 9 6.76 4.82 -6.02
CA LYS A 9 6.12 3.51 -5.97
C LYS A 9 7.14 2.41 -5.83
N PHE A 10 6.77 1.35 -5.14
CA PHE A 10 7.50 0.10 -5.21
C PHE A 10 6.50 -0.99 -5.56
N SER A 11 6.93 -1.95 -6.33
CA SER A 11 6.03 -3.01 -6.76
C SER A 11 6.73 -4.36 -6.69
N ALA A 12 6.35 -5.16 -5.70
CA ALA A 12 6.94 -6.47 -5.51
C ALA A 12 5.87 -7.55 -5.57
N ASN A 13 6.05 -8.50 -6.47
CA ASN A 13 5.11 -9.60 -6.62
C ASN A 13 5.39 -10.66 -5.56
N LEU A 14 4.70 -10.57 -4.44
CA LEU A 14 4.98 -11.40 -3.29
C LEU A 14 4.28 -12.75 -3.38
N ASN A 15 4.94 -13.68 -4.08
CA ASN A 15 4.49 -15.09 -4.16
C ASN A 15 3.12 -15.24 -4.80
N GLY A 16 2.58 -14.17 -5.35
CA GLY A 16 1.28 -14.23 -5.98
C GLY A 16 0.57 -12.90 -5.94
N THR A 17 0.61 -12.26 -4.78
CA THR A 17 -0.01 -10.96 -4.64
C THR A 17 0.90 -9.85 -5.14
N GLU A 18 0.43 -9.13 -6.15
CA GLU A 18 1.20 -8.06 -6.75
C GLU A 18 0.96 -6.77 -5.96
N ILE A 19 1.86 -6.47 -5.03
CA ILE A 19 1.67 -5.32 -4.16
C ILE A 19 2.36 -4.09 -4.73
N ALA A 20 1.55 -3.14 -5.17
CA ALA A 20 2.05 -1.89 -5.70
C ALA A 20 1.75 -0.75 -4.75
N ILE A 21 2.78 -0.22 -4.11
CA ILE A 21 2.60 0.83 -3.14
C ILE A 21 3.23 2.13 -3.62
N THR A 22 2.37 3.11 -3.87
CA THR A 22 2.82 4.44 -4.27
C THR A 22 2.68 5.41 -3.11
N TYR A 23 3.80 5.80 -2.54
CA TYR A 23 3.76 6.72 -1.42
C TYR A 23 4.20 8.11 -1.85
N VAL A 24 3.30 9.07 -1.67
CA VAL A 24 3.58 10.46 -1.95
C VAL A 24 4.11 11.14 -0.71
N TYR A 25 5.30 11.69 -0.82
CA TYR A 25 5.94 12.31 0.33
C TYR A 25 6.20 13.78 0.05
N LYS A 26 6.28 14.55 1.12
CA LYS A 26 6.59 15.97 1.01
C LYS A 26 7.81 16.28 1.87
N GLY A 27 8.96 16.28 1.22
CA GLY A 27 10.21 16.47 1.93
C GLY A 27 10.68 15.22 2.62
N ASP A 28 10.74 15.25 3.93
CA ASP A 28 11.20 14.10 4.72
C ASP A 28 10.02 13.24 5.16
N LYS A 29 8.82 13.77 5.00
CA LYS A 29 7.64 13.14 5.56
C LYS A 29 6.73 12.60 4.47
N VAL A 30 6.46 11.31 4.49
CA VAL A 30 5.47 10.71 3.62
C VAL A 30 4.09 11.06 4.14
N LEU A 31 3.19 11.50 3.26
CA LEU A 31 1.91 12.00 3.71
C LEU A 31 0.73 11.24 3.11
N LYS A 32 1.02 10.28 2.24
CA LYS A 32 -0.03 9.46 1.66
C LYS A 32 0.55 8.23 0.95
N GLN A 33 0.19 7.06 1.46
CA GLN A 33 0.67 5.81 0.89
C GLN A 33 -0.48 5.05 0.22
N SER A 34 -0.52 5.08 -1.09
CA SER A 34 -1.53 4.34 -1.84
C SER A 34 -1.03 2.94 -2.17
N SER A 35 -1.48 1.97 -1.39
CA SER A 35 -1.04 0.60 -1.53
C SER A 35 -2.14 -0.23 -2.19
N GLU A 36 -1.89 -0.72 -3.40
CA GLU A 36 -2.88 -1.52 -4.09
C GLU A 36 -2.38 -2.94 -4.28
N THR A 37 -3.00 -3.86 -3.57
CA THR A 37 -2.64 -5.26 -3.65
C THR A 37 -3.45 -5.95 -4.75
N LYS A 38 -2.79 -6.29 -5.84
CA LYS A 38 -3.46 -6.95 -6.95
C LYS A 38 -3.46 -8.45 -6.73
N ILE A 39 -4.64 -8.97 -6.42
CA ILE A 39 -4.79 -10.37 -6.06
C ILE A 39 -5.48 -11.13 -7.18
N GLN A 40 -4.94 -12.29 -7.51
CA GLN A 40 -5.51 -13.13 -8.55
C GLN A 40 -6.46 -14.15 -7.93
N PHE A 41 -7.59 -14.39 -8.59
CA PHE A 41 -8.59 -15.32 -8.08
C PHE A 41 -8.02 -16.73 -7.95
N ALA A 42 -7.09 -17.07 -8.84
CA ALA A 42 -6.43 -18.37 -8.80
C ALA A 42 -5.51 -18.50 -7.59
N SER A 43 -5.15 -17.37 -7.00
CA SER A 43 -4.25 -17.36 -5.85
C SER A 43 -5.05 -17.47 -4.55
N ILE A 44 -6.14 -16.73 -4.48
CA ILE A 44 -6.99 -16.72 -3.29
C ILE A 44 -7.89 -17.95 -3.24
N GLY A 45 -8.07 -18.60 -4.37
CA GLY A 45 -8.94 -19.75 -4.44
C GLY A 45 -10.40 -19.35 -4.55
N ALA A 46 -10.63 -18.29 -5.31
CA ALA A 46 -11.97 -17.77 -5.51
C ALA A 46 -12.49 -18.15 -6.89
N THR A 47 -13.54 -18.95 -6.91
CA THR A 47 -14.14 -19.37 -8.17
C THR A 47 -15.11 -18.31 -8.68
N THR A 48 -15.48 -17.39 -7.80
CA THR A 48 -16.38 -16.31 -8.15
C THR A 48 -16.08 -15.09 -7.29
N LYS A 49 -16.80 -14.00 -7.57
CA LYS A 49 -16.56 -12.72 -6.90
C LYS A 49 -16.91 -12.78 -5.41
N GLU A 50 -17.96 -13.54 -5.09
CA GLU A 50 -18.38 -13.71 -3.71
C GLU A 50 -17.27 -14.32 -2.86
N ASP A 51 -16.61 -15.34 -3.41
CA ASP A 51 -15.51 -16.00 -2.71
C ASP A 51 -14.38 -15.03 -2.40
N ALA A 52 -14.14 -14.11 -3.34
CA ALA A 52 -13.12 -13.10 -3.16
C ALA A 52 -13.52 -12.11 -2.08
N ALA A 53 -14.71 -11.52 -2.24
CA ALA A 53 -15.18 -10.50 -1.32
C ALA A 53 -15.32 -11.02 0.11
N LYS A 54 -15.93 -12.18 0.28
CA LYS A 54 -16.18 -12.73 1.61
C LYS A 54 -14.88 -12.95 2.38
N THR A 55 -13.77 -13.00 1.65
CA THR A 55 -12.46 -13.19 2.25
C THR A 55 -11.71 -11.86 2.39
N LEU A 56 -11.80 -11.01 1.36
CA LEU A 56 -11.01 -9.78 1.31
C LEU A 56 -11.69 -8.63 2.05
N GLU A 57 -13.01 -8.60 2.07
CA GLU A 57 -13.74 -7.52 2.73
C GLU A 57 -13.41 -7.45 4.23
N PRO A 58 -13.49 -8.57 4.98
CA PRO A 58 -13.14 -8.57 6.41
C PRO A 58 -11.66 -8.27 6.65
N LEU A 59 -10.86 -8.34 5.59
CA LEU A 59 -9.45 -8.00 5.67
C LEU A 59 -9.26 -6.49 5.52
N SER A 60 -9.84 -5.93 4.46
CA SER A 60 -9.76 -4.50 4.19
C SER A 60 -10.57 -3.70 5.22
N ALA A 61 -11.45 -4.39 5.94
CA ALA A 61 -12.22 -3.79 7.01
C ALA A 61 -11.31 -3.24 8.11
N LYS A 62 -10.09 -3.75 8.16
CA LYS A 62 -9.10 -3.28 9.13
C LYS A 62 -8.53 -1.92 8.71
N TYR A 63 -8.94 -1.45 7.54
CA TYR A 63 -8.56 -0.13 7.08
C TYR A 63 -9.78 0.77 6.99
N LYS A 64 -10.82 0.42 7.73
CA LYS A 64 -12.04 1.21 7.76
C LYS A 64 -12.15 1.98 9.06
N ASN A 65 -11.20 1.73 9.97
CA ASN A 65 -11.33 2.24 11.34
C ASN A 65 -10.02 2.87 11.85
N ILE A 66 -9.06 3.10 10.97
CA ILE A 66 -7.78 3.64 11.42
C ILE A 66 -7.77 5.17 11.32
N ALA A 67 -7.34 5.67 10.17
CA ALA A 67 -7.23 7.10 9.94
C ALA A 67 -8.09 7.48 8.76
N GLY A 68 -7.65 8.47 7.99
CA GLY A 68 -8.29 8.79 6.73
C GLY A 68 -7.93 7.77 5.67
N VAL A 69 -8.14 6.50 6.00
CA VAL A 69 -7.78 5.39 5.13
C VAL A 69 -8.94 4.98 4.26
N GLU A 70 -8.80 5.22 2.97
CA GLU A 70 -9.82 4.87 2.00
C GLU A 70 -9.48 3.52 1.37
N GLU A 71 -10.50 2.76 1.00
CA GLU A 71 -10.27 1.49 0.35
C GLU A 71 -11.20 1.29 -0.83
N LYS A 72 -10.75 0.52 -1.81
CA LYS A 72 -11.58 0.14 -2.94
C LYS A 72 -11.27 -1.28 -3.37
N LEU A 73 -12.11 -2.21 -2.96
CA LEU A 73 -12.02 -3.58 -3.43
C LEU A 73 -12.67 -3.68 -4.80
N THR A 74 -11.86 -3.66 -5.83
CA THR A 74 -12.38 -3.63 -7.18
C THR A 74 -12.04 -4.92 -7.91
N TYR A 75 -13.04 -5.75 -8.16
CA TYR A 75 -12.79 -7.01 -8.84
C TYR A 75 -13.49 -7.02 -10.20
N THR A 76 -12.69 -7.17 -11.25
CA THR A 76 -13.21 -7.24 -12.60
C THR A 76 -13.99 -8.53 -12.80
N ASP A 77 -13.29 -9.64 -12.58
CA ASP A 77 -13.86 -10.98 -12.77
C ASP A 77 -12.80 -12.03 -12.46
N THR A 78 -11.62 -11.86 -13.05
CA THR A 78 -10.54 -12.82 -12.90
C THR A 78 -9.57 -12.42 -11.78
N TYR A 79 -9.59 -11.15 -11.40
CA TYR A 79 -8.69 -10.67 -10.37
C TYR A 79 -9.35 -9.57 -9.53
N ALA A 80 -8.83 -9.38 -8.33
CA ALA A 80 -9.36 -8.39 -7.41
C ALA A 80 -8.28 -7.36 -7.06
N GLN A 81 -8.67 -6.11 -7.05
CA GLN A 81 -7.79 -5.01 -6.73
C GLN A 81 -8.06 -4.49 -5.34
N GLU A 82 -7.13 -4.69 -4.43
CA GLU A 82 -7.22 -4.15 -3.10
C GLU A 82 -6.55 -2.78 -3.06
N ASN A 83 -7.29 -1.75 -3.48
CA ASN A 83 -6.74 -0.40 -3.49
C ASN A 83 -6.88 0.23 -2.11
N VAL A 84 -5.77 0.35 -1.42
CA VAL A 84 -5.79 0.88 -0.06
C VAL A 84 -5.06 2.22 0.02
N THR A 85 -5.81 3.29 0.22
CA THR A 85 -5.23 4.62 0.31
C THR A 85 -5.01 5.00 1.77
N ILE A 86 -3.76 4.93 2.21
CA ILE A 86 -3.42 5.26 3.59
C ILE A 86 -2.96 6.71 3.70
N ASP A 87 -3.83 7.56 4.20
CA ASP A 87 -3.48 8.95 4.43
C ASP A 87 -2.58 9.07 5.65
N MET A 88 -1.39 9.62 5.47
CA MET A 88 -0.42 9.73 6.56
C MET A 88 -0.44 11.11 7.18
N GLU A 89 -1.49 11.88 6.93
CA GLU A 89 -1.61 13.21 7.49
C GLU A 89 -2.49 13.19 8.72
N LYS A 90 -3.32 12.15 8.83
CA LYS A 90 -4.14 11.96 10.02
C LYS A 90 -4.01 10.52 10.53
N VAL A 91 -2.87 9.90 10.24
CA VAL A 91 -2.62 8.51 10.65
C VAL A 91 -2.77 8.30 12.15
N ASP A 92 -3.38 7.17 12.50
CA ASP A 92 -3.44 6.75 13.88
C ASP A 92 -2.57 5.51 14.05
N PHE A 93 -1.36 5.71 14.55
CA PHE A 93 -0.42 4.60 14.73
C PHE A 93 -0.81 3.76 15.94
N LYS A 94 -1.86 4.19 16.63
CA LYS A 94 -2.44 3.40 17.72
C LYS A 94 -3.12 2.16 17.15
N ALA A 95 -4.00 2.38 16.17
CA ALA A 95 -4.65 1.27 15.47
C ALA A 95 -3.64 0.53 14.61
N LEU A 96 -2.82 1.30 13.89
CA LEU A 96 -1.80 0.72 13.03
C LEU A 96 -0.70 0.03 13.82
N GLN A 97 -0.71 0.19 15.15
CA GLN A 97 0.26 -0.48 16.00
C GLN A 97 0.13 -1.99 15.81
N GLY A 98 -1.10 -2.47 15.80
CA GLY A 98 -1.33 -3.89 15.64
C GLY A 98 -1.62 -4.28 14.21
N ILE A 99 -2.16 -3.34 13.43
CA ILE A 99 -2.59 -3.63 12.07
C ILE A 99 -1.42 -3.51 11.07
N SER A 100 -0.30 -2.97 11.52
CA SER A 100 0.85 -2.79 10.64
C SER A 100 1.43 -4.14 10.18
N GLY A 101 1.05 -4.54 8.97
CA GLY A 101 1.60 -5.74 8.38
C GLY A 101 2.87 -5.44 7.60
N ILE A 102 3.34 -4.20 7.72
CA ILE A 102 4.58 -3.79 7.08
C ILE A 102 5.76 -4.24 7.93
N ASN A 103 5.89 -5.54 8.09
CA ASN A 103 6.88 -6.07 9.00
C ASN A 103 8.23 -6.27 8.32
N VAL A 104 8.89 -5.15 8.04
CA VAL A 104 10.30 -5.16 7.73
C VAL A 104 11.02 -5.04 9.06
N SER A 105 10.62 -4.02 9.78
CA SER A 105 10.87 -3.91 11.19
C SER A 105 9.65 -3.23 11.82
N ALA A 106 8.78 -4.03 12.43
CA ALA A 106 7.47 -3.57 12.88
C ALA A 106 7.54 -2.31 13.73
N GLU A 107 8.60 -2.18 14.52
CA GLU A 107 8.78 -1.05 15.42
C GLU A 107 8.85 0.26 14.63
N ASP A 108 9.29 0.18 13.38
CA ASP A 108 9.40 1.34 12.51
C ASP A 108 8.04 1.99 12.25
N ALA A 109 7.04 1.17 11.97
CA ALA A 109 5.70 1.66 11.70
C ALA A 109 5.03 2.16 12.97
N LYS A 110 5.33 1.50 14.09
CA LYS A 110 4.73 1.85 15.36
C LYS A 110 5.31 3.15 15.89
N LYS A 111 6.48 3.53 15.35
CA LYS A 111 7.14 4.75 15.73
C LYS A 111 6.68 5.91 14.84
N GLY A 112 6.76 5.71 13.53
CA GLY A 112 6.37 6.75 12.59
C GLY A 112 7.12 6.64 11.28
N ILE A 113 6.38 6.45 10.19
CA ILE A 113 6.98 6.25 8.89
C ILE A 113 7.34 7.59 8.24
N THR A 114 8.60 7.72 7.87
CA THR A 114 9.09 8.88 7.13
C THR A 114 9.83 8.41 5.88
N MET A 115 10.40 9.34 5.13
CA MET A 115 11.13 8.99 3.91
C MET A 115 12.37 8.18 4.26
N ALA A 116 13.15 8.67 5.22
CA ALA A 116 14.36 7.97 5.67
C ALA A 116 14.05 6.52 6.04
N GLN A 117 12.97 6.34 6.81
CA GLN A 117 12.50 5.01 7.18
C GLN A 117 12.18 4.18 5.94
N MET A 118 11.16 4.58 5.19
CA MET A 118 10.71 3.80 4.05
C MET A 118 11.85 3.51 3.05
N GLU A 119 12.78 4.45 2.88
CA GLU A 119 13.95 4.22 2.03
C GLU A 119 14.76 3.03 2.53
N LEU A 120 15.32 3.17 3.73
CA LEU A 120 16.17 2.13 4.31
C LEU A 120 15.40 0.83 4.52
N VAL A 121 14.16 0.99 4.88
CA VAL A 121 13.28 -0.10 5.26
C VAL A 121 12.81 -0.91 4.05
N MET A 122 12.36 -0.24 3.01
CA MET A 122 11.87 -0.95 1.82
C MET A 122 13.01 -1.58 1.04
N LYS A 123 14.17 -0.94 1.06
CA LYS A 123 15.35 -1.51 0.42
C LYS A 123 15.86 -2.69 1.23
N ALA A 124 15.59 -2.67 2.54
CA ALA A 124 15.97 -3.76 3.42
C ALA A 124 15.10 -4.99 3.19
N ALA A 125 13.90 -4.76 2.67
CA ALA A 125 12.97 -5.84 2.37
C ALA A 125 13.24 -6.40 0.98
N GLY A 126 14.12 -5.76 0.25
CA GLY A 126 14.43 -6.20 -1.10
C GLY A 126 13.36 -5.78 -2.09
N PHE A 127 12.71 -4.66 -1.81
CA PHE A 127 11.70 -4.11 -2.70
C PHE A 127 12.35 -3.28 -3.80
N LYS A 128 11.76 -3.31 -4.98
CA LYS A 128 12.23 -2.53 -6.12
C LYS A 128 11.38 -1.27 -6.25
N GLU A 129 12.01 -0.10 -6.13
CA GLU A 129 11.30 1.16 -6.22
C GLU A 129 10.98 1.51 -7.67
N VAL A 130 9.75 1.17 -8.06
CA VAL A 130 9.22 1.50 -9.37
C VAL A 130 9.00 3.00 -9.51
N LYS A 131 9.88 3.65 -10.24
CA LYS A 131 9.82 5.11 -10.42
C LYS A 131 8.85 5.45 -11.55
N LEU A 132 7.76 6.09 -11.20
CA LEU A 132 6.74 6.44 -12.18
C LEU A 132 6.88 7.89 -12.63
N GLU A 133 7.95 8.55 -12.20
CA GLU A 133 8.20 9.92 -12.61
C GLU A 133 8.61 9.96 -14.08
N HIS A 134 9.51 9.07 -14.46
CA HIS A 134 9.95 8.90 -15.84
C HIS A 134 10.29 10.24 -16.47
N HIS A 135 11.27 10.92 -15.87
CA HIS A 135 11.70 12.22 -16.34
C HIS A 135 12.02 12.20 -17.83
N HIS A 136 11.46 13.14 -18.55
CA HIS A 136 11.49 13.14 -20.01
C HIS A 136 12.82 13.62 -20.56
N HIS A 137 13.06 13.31 -21.82
CA HIS A 137 14.28 13.71 -22.52
C HIS A 137 14.35 15.21 -22.75
N HIS A 138 14.75 15.93 -21.73
CA HIS A 138 14.96 17.37 -21.85
C HIS A 138 16.17 17.65 -22.71
N HIS A 139 16.06 18.64 -23.58
CA HIS A 139 17.13 19.00 -24.48
C HIS A 139 16.97 20.45 -24.91
N MET A 1 12.62 20.63 -9.66
CA MET A 1 11.91 21.89 -9.40
C MET A 1 10.63 21.95 -10.23
N GLY A 2 9.61 22.59 -9.69
CA GLY A 2 8.28 22.51 -10.27
C GLY A 2 7.51 21.40 -9.60
N ASP A 3 8.27 20.47 -9.05
CA ASP A 3 7.77 19.39 -8.23
C ASP A 3 7.73 19.83 -6.77
N LYS A 4 6.80 19.27 -6.00
CA LYS A 4 6.63 19.63 -4.61
C LYS A 4 6.36 18.39 -3.76
N GLU A 5 5.45 17.56 -4.26
CA GLU A 5 5.06 16.35 -3.56
C GLU A 5 5.39 15.15 -4.44
N GLU A 6 6.26 14.29 -3.94
CA GLU A 6 6.83 13.23 -4.77
C GLU A 6 6.08 11.92 -4.54
N SER A 7 5.76 11.24 -5.63
CA SER A 7 5.01 10.01 -5.56
C SER A 7 5.89 8.82 -5.94
N LYS A 8 6.07 7.91 -5.00
CA LYS A 8 6.88 6.72 -5.22
C LYS A 8 6.01 5.47 -5.19
N LYS A 9 5.83 4.83 -6.35
CA LYS A 9 5.03 3.62 -6.43
C LYS A 9 5.92 2.40 -6.63
N PHE A 10 6.21 1.69 -5.57
CA PHE A 10 6.98 0.46 -5.70
C PHE A 10 6.01 -0.71 -5.79
N SER A 11 6.33 -1.70 -6.61
CA SER A 11 5.46 -2.84 -6.76
C SER A 11 6.26 -4.11 -6.93
N ALA A 12 6.01 -5.08 -6.06
CA ALA A 12 6.69 -6.35 -6.11
C ALA A 12 5.68 -7.50 -6.15
N ASN A 13 5.81 -8.35 -7.15
CA ASN A 13 4.93 -9.52 -7.29
C ASN A 13 5.35 -10.60 -6.30
N LEU A 14 4.55 -10.79 -5.25
CA LEU A 14 4.79 -11.87 -4.32
C LEU A 14 4.17 -13.17 -4.85
N ASN A 15 3.87 -14.10 -3.95
CA ASN A 15 3.31 -15.39 -4.35
C ASN A 15 1.99 -15.25 -5.09
N GLY A 16 1.04 -14.62 -4.43
CA GLY A 16 -0.28 -14.47 -5.02
C GLY A 16 -0.83 -13.08 -4.84
N THR A 17 -0.01 -12.18 -4.34
CA THR A 17 -0.42 -10.80 -4.13
C THR A 17 0.68 -9.83 -4.59
N GLU A 18 0.36 -9.01 -5.57
CA GLU A 18 1.28 -7.99 -6.02
C GLU A 18 1.09 -6.73 -5.19
N ILE A 19 2.11 -6.33 -4.48
CA ILE A 19 2.01 -5.18 -3.60
C ILE A 19 2.63 -3.95 -4.24
N ALA A 20 1.78 -3.03 -4.66
CA ALA A 20 2.24 -1.76 -5.21
C ALA A 20 1.85 -0.63 -4.27
N ILE A 21 2.85 -0.06 -3.62
CA ILE A 21 2.61 1.02 -2.67
C ILE A 21 3.09 2.35 -3.23
N THR A 22 2.14 3.21 -3.52
CA THR A 22 2.41 4.54 -4.00
C THR A 22 2.40 5.52 -2.82
N TYR A 23 3.56 5.82 -2.28
CA TYR A 23 3.63 6.75 -1.16
C TYR A 23 4.12 8.11 -1.62
N VAL A 24 3.42 9.13 -1.17
CA VAL A 24 3.71 10.51 -1.51
C VAL A 24 4.37 11.19 -0.33
N TYR A 25 5.63 11.56 -0.50
CA TYR A 25 6.39 12.14 0.58
C TYR A 25 6.72 13.60 0.27
N LYS A 26 6.93 14.38 1.31
CA LYS A 26 7.24 15.78 1.17
C LYS A 26 8.43 16.13 2.08
N GLY A 27 9.63 16.01 1.51
CA GLY A 27 10.83 16.18 2.30
C GLY A 27 11.17 14.91 3.05
N ASP A 28 11.16 14.99 4.38
CA ASP A 28 11.38 13.81 5.22
C ASP A 28 10.07 13.25 5.71
N LYS A 29 9.00 14.03 5.55
CA LYS A 29 7.68 13.63 6.01
C LYS A 29 6.91 12.94 4.90
N VAL A 30 6.67 11.65 5.04
CA VAL A 30 5.79 10.96 4.12
C VAL A 30 4.34 11.27 4.52
N LEU A 31 3.59 11.88 3.61
CA LEU A 31 2.28 12.42 3.96
C LEU A 31 1.15 11.50 3.52
N LYS A 32 1.45 10.60 2.60
CA LYS A 32 0.40 9.78 2.02
C LYS A 32 0.97 8.44 1.55
N GLN A 33 0.20 7.39 1.74
CA GLN A 33 0.58 6.06 1.29
C GLN A 33 -0.58 5.44 0.51
N SER A 34 -0.27 4.60 -0.47
CA SER A 34 -1.30 3.88 -1.18
C SER A 34 -0.84 2.46 -1.47
N SER A 35 -1.28 1.53 -0.65
CA SER A 35 -0.87 0.15 -0.76
C SER A 35 -1.92 -0.64 -1.52
N GLU A 36 -1.67 -0.81 -2.79
CA GLU A 36 -2.60 -1.46 -3.69
C GLU A 36 -2.17 -2.91 -3.90
N THR A 37 -2.96 -3.84 -3.40
CA THR A 37 -2.61 -5.25 -3.49
C THR A 37 -3.41 -5.97 -4.58
N LYS A 38 -2.70 -6.57 -5.51
CA LYS A 38 -3.34 -7.37 -6.55
C LYS A 38 -3.37 -8.83 -6.12
N ILE A 39 -4.52 -9.27 -5.61
CA ILE A 39 -4.65 -10.64 -5.13
C ILE A 39 -5.27 -11.52 -6.21
N GLN A 40 -4.52 -12.52 -6.65
CA GLN A 40 -5.01 -13.47 -7.64
C GLN A 40 -6.04 -14.42 -7.03
N PHE A 41 -7.06 -14.78 -7.80
CA PHE A 41 -8.09 -15.69 -7.32
C PHE A 41 -7.51 -17.06 -6.98
N ALA A 42 -6.40 -17.40 -7.59
CA ALA A 42 -5.73 -18.68 -7.32
C ALA A 42 -5.09 -18.70 -5.94
N SER A 43 -4.78 -17.52 -5.41
CA SER A 43 -4.10 -17.42 -4.12
C SER A 43 -5.13 -17.39 -2.99
N ILE A 44 -6.35 -17.00 -3.30
CA ILE A 44 -7.41 -16.93 -2.31
C ILE A 44 -8.30 -18.17 -2.39
N GLY A 45 -8.37 -18.77 -3.57
CA GLY A 45 -9.23 -19.92 -3.77
C GLY A 45 -10.61 -19.51 -4.19
N ALA A 46 -10.69 -18.40 -4.89
CA ALA A 46 -11.96 -17.83 -5.31
C ALA A 46 -12.33 -18.30 -6.71
N THR A 47 -13.55 -18.78 -6.85
CA THR A 47 -14.06 -19.21 -8.15
C THR A 47 -14.58 -18.02 -8.92
N THR A 48 -15.06 -17.03 -8.20
CA THR A 48 -15.64 -15.83 -8.78
C THR A 48 -15.54 -14.68 -7.78
N LYS A 49 -16.14 -13.54 -8.11
CA LYS A 49 -16.05 -12.36 -7.27
C LYS A 49 -16.73 -12.58 -5.91
N GLU A 50 -17.65 -13.55 -5.86
CA GLU A 50 -18.34 -13.87 -4.61
C GLU A 50 -17.33 -14.31 -3.55
N ASP A 51 -16.57 -15.36 -3.86
CA ASP A 51 -15.58 -15.88 -2.93
C ASP A 51 -14.56 -14.82 -2.58
N ALA A 52 -14.23 -13.99 -3.56
CA ALA A 52 -13.31 -12.88 -3.36
C ALA A 52 -13.85 -11.94 -2.29
N ALA A 53 -15.10 -11.55 -2.44
CA ALA A 53 -15.75 -10.68 -1.47
C ALA A 53 -15.83 -11.36 -0.11
N LYS A 54 -16.39 -12.56 -0.08
CA LYS A 54 -16.59 -13.32 1.16
C LYS A 54 -15.31 -13.40 2.00
N THR A 55 -14.17 -13.42 1.34
CA THR A 55 -12.90 -13.55 2.05
C THR A 55 -12.19 -12.21 2.23
N LEU A 56 -12.19 -11.38 1.19
CA LEU A 56 -11.38 -10.15 1.19
C LEU A 56 -12.13 -8.96 1.77
N GLU A 57 -13.46 -9.06 1.88
CA GLU A 57 -14.24 -8.00 2.51
C GLU A 57 -13.82 -7.80 3.98
N PRO A 58 -13.86 -8.87 4.82
CA PRO A 58 -13.34 -8.79 6.20
C PRO A 58 -11.88 -8.33 6.24
N LEU A 59 -11.16 -8.61 5.16
CA LEU A 59 -9.75 -8.24 5.07
C LEU A 59 -9.59 -6.72 5.03
N SER A 60 -10.22 -6.10 4.04
CA SER A 60 -10.09 -4.66 3.83
C SER A 60 -10.96 -3.87 4.82
N ALA A 61 -11.93 -4.55 5.43
CA ALA A 61 -12.85 -3.92 6.37
C ALA A 61 -12.16 -3.43 7.64
N LYS A 62 -10.85 -3.59 7.69
CA LYS A 62 -10.07 -3.12 8.83
C LYS A 62 -9.84 -1.61 8.71
N TYR A 63 -9.86 -1.08 7.49
CA TYR A 63 -9.56 0.32 7.26
C TYR A 63 -10.82 1.16 7.15
N LYS A 64 -11.93 0.68 7.72
CA LYS A 64 -13.23 1.33 7.60
C LYS A 64 -13.24 2.76 8.19
N ASN A 65 -12.79 3.71 7.37
CA ASN A 65 -12.73 5.12 7.74
C ASN A 65 -12.11 5.33 9.12
N ILE A 66 -10.85 4.96 9.25
CA ILE A 66 -10.09 5.23 10.47
C ILE A 66 -9.52 6.64 10.38
N ALA A 67 -9.27 7.04 9.15
CA ALA A 67 -8.63 8.31 8.83
C ALA A 67 -8.85 8.58 7.36
N GLY A 68 -7.88 9.22 6.72
CA GLY A 68 -7.94 9.38 5.28
C GLY A 68 -7.55 8.10 4.56
N VAL A 69 -8.11 6.98 5.03
CA VAL A 69 -7.80 5.67 4.47
C VAL A 69 -8.94 5.17 3.61
N GLU A 70 -8.61 4.80 2.38
CA GLU A 70 -9.60 4.28 1.45
C GLU A 70 -9.33 2.81 1.17
N GLU A 71 -10.22 1.96 1.66
CA GLU A 71 -10.16 0.53 1.37
C GLU A 71 -10.99 0.24 0.13
N LYS A 72 -10.34 0.23 -1.02
CA LYS A 72 -11.05 0.18 -2.28
C LYS A 72 -10.85 -1.16 -2.99
N LEU A 73 -11.80 -2.06 -2.80
CA LEU A 73 -11.76 -3.36 -3.47
C LEU A 73 -12.35 -3.27 -4.86
N THR A 74 -11.51 -3.32 -5.86
CA THR A 74 -12.00 -3.30 -7.23
C THR A 74 -11.97 -4.71 -7.82
N TYR A 75 -13.13 -5.22 -8.17
CA TYR A 75 -13.25 -6.55 -8.74
C TYR A 75 -13.00 -6.48 -10.25
N THR A 76 -11.87 -7.00 -10.69
CA THR A 76 -11.55 -6.96 -12.10
C THR A 76 -12.25 -8.10 -12.84
N ASP A 77 -11.84 -9.31 -12.51
CA ASP A 77 -12.41 -10.53 -13.08
C ASP A 77 -11.61 -11.74 -12.62
N THR A 78 -10.32 -11.73 -12.94
CA THR A 78 -9.44 -12.83 -12.62
C THR A 78 -8.74 -12.59 -11.28
N TYR A 79 -8.78 -11.34 -10.82
CA TYR A 79 -8.17 -10.98 -9.56
C TYR A 79 -8.92 -9.81 -8.94
N ALA A 80 -8.58 -9.50 -7.70
CA ALA A 80 -9.14 -8.36 -7.01
C ALA A 80 -8.04 -7.38 -6.66
N GLN A 81 -8.23 -6.11 -6.99
CA GLN A 81 -7.26 -5.09 -6.68
C GLN A 81 -7.71 -4.32 -5.44
N GLU A 82 -7.01 -4.55 -4.34
CA GLU A 82 -7.31 -3.86 -3.10
C GLU A 82 -6.47 -2.60 -3.00
N ASN A 83 -6.99 -1.52 -3.58
CA ASN A 83 -6.29 -0.24 -3.56
C ASN A 83 -6.49 0.43 -2.21
N VAL A 84 -5.54 0.25 -1.31
CA VAL A 84 -5.69 0.78 0.05
C VAL A 84 -4.95 2.10 0.21
N THR A 85 -5.68 3.19 0.30
CA THR A 85 -5.06 4.48 0.39
C THR A 85 -4.86 4.86 1.85
N ILE A 86 -3.65 4.64 2.36
CA ILE A 86 -3.35 4.89 3.75
C ILE A 86 -2.79 6.29 3.94
N ASP A 87 -3.56 7.12 4.61
CA ASP A 87 -3.15 8.49 4.88
C ASP A 87 -1.98 8.51 5.87
N MET A 88 -1.27 9.63 5.96
CA MET A 88 -0.20 9.76 6.95
C MET A 88 -0.24 11.13 7.63
N GLU A 89 -1.38 11.79 7.52
CA GLU A 89 -1.55 13.10 8.14
C GLU A 89 -2.61 13.05 9.24
N LYS A 90 -3.67 12.32 8.97
CA LYS A 90 -4.82 12.25 9.87
C LYS A 90 -4.98 10.83 10.45
N VAL A 91 -3.97 9.99 10.24
CA VAL A 91 -4.03 8.60 10.67
C VAL A 91 -3.75 8.42 12.14
N ASP A 92 -3.82 7.16 12.56
CA ASP A 92 -3.40 6.74 13.87
C ASP A 92 -2.58 5.47 13.74
N PHE A 93 -1.27 5.61 13.88
CA PHE A 93 -0.37 4.48 13.64
C PHE A 93 -0.60 3.36 14.65
N LYS A 94 -1.10 3.71 15.82
CA LYS A 94 -1.34 2.74 16.88
C LYS A 94 -2.33 1.69 16.42
N ALA A 95 -3.47 2.15 15.93
CA ALA A 95 -4.51 1.26 15.45
C ALA A 95 -4.12 0.60 14.13
N LEU A 96 -3.27 1.28 13.36
CA LEU A 96 -2.87 0.78 12.05
C LEU A 96 -1.73 -0.23 12.15
N GLN A 97 -1.12 -0.33 13.32
CA GLN A 97 0.01 -1.23 13.55
C GLN A 97 -0.31 -2.66 13.09
N GLY A 98 -1.51 -3.12 13.44
CA GLY A 98 -1.92 -4.45 13.06
C GLY A 98 -2.89 -4.45 11.90
N ILE A 99 -2.98 -3.32 11.21
CA ILE A 99 -3.93 -3.17 10.11
C ILE A 99 -3.22 -2.98 8.78
N SER A 100 -2.35 -1.98 8.74
CA SER A 100 -1.71 -1.53 7.50
C SER A 100 -0.79 -2.58 6.90
N GLY A 101 -0.43 -3.59 7.68
CA GLY A 101 0.40 -4.66 7.16
C GLY A 101 1.88 -4.32 7.20
N ILE A 102 2.20 -3.05 7.42
CA ILE A 102 3.58 -2.63 7.56
C ILE A 102 4.15 -3.15 8.87
N ASN A 103 4.72 -4.33 8.81
CA ASN A 103 5.31 -4.96 9.98
C ASN A 103 6.75 -5.35 9.68
N VAL A 104 7.50 -4.39 9.15
CA VAL A 104 8.91 -4.59 8.84
C VAL A 104 9.72 -4.45 10.12
N SER A 105 9.06 -3.89 11.12
CA SER A 105 9.58 -3.79 12.46
C SER A 105 8.40 -3.62 13.41
N ALA A 106 8.67 -3.44 14.69
CA ALA A 106 7.62 -3.07 15.63
C ALA A 106 7.58 -1.56 15.81
N GLU A 107 8.71 -0.93 15.52
CA GLU A 107 8.88 0.50 15.75
C GLU A 107 8.43 1.32 14.54
N ASP A 108 8.24 0.66 13.41
CA ASP A 108 7.91 1.33 12.15
C ASP A 108 6.64 2.18 12.29
N ALA A 109 5.57 1.55 12.74
CA ALA A 109 4.31 2.26 12.95
C ALA A 109 4.38 3.14 14.20
N LYS A 110 4.90 2.59 15.29
CA LYS A 110 4.91 3.26 16.59
C LYS A 110 5.71 4.57 16.55
N LYS A 111 6.83 4.56 15.85
CA LYS A 111 7.73 5.70 15.81
C LYS A 111 7.27 6.73 14.79
N GLY A 112 6.47 6.29 13.84
CA GLY A 112 6.05 7.16 12.76
C GLY A 112 6.89 6.94 11.53
N ILE A 113 6.25 6.90 10.38
CA ILE A 113 6.96 6.63 9.14
C ILE A 113 7.63 7.88 8.58
N THR A 114 8.94 7.82 8.45
CA THR A 114 9.73 8.89 7.87
C THR A 114 10.39 8.41 6.57
N MET A 115 10.95 9.34 5.81
CA MET A 115 11.46 9.03 4.47
C MET A 115 12.71 8.15 4.50
N ALA A 116 13.61 8.43 5.45
CA ALA A 116 14.85 7.66 5.57
C ALA A 116 14.55 6.17 5.74
N GLN A 117 13.49 5.90 6.49
CA GLN A 117 12.99 4.55 6.68
C GLN A 117 12.63 3.93 5.34
N MET A 118 11.61 4.46 4.69
CA MET A 118 11.13 3.91 3.41
C MET A 118 12.27 3.57 2.44
N GLU A 119 13.22 4.47 2.26
CA GLU A 119 14.36 4.23 1.38
C GLU A 119 15.12 2.96 1.77
N LEU A 120 15.59 2.91 3.01
CA LEU A 120 16.42 1.80 3.49
C LEU A 120 15.59 0.54 3.69
N VAL A 121 14.31 0.73 3.97
CA VAL A 121 13.39 -0.35 4.31
C VAL A 121 12.87 -1.05 3.06
N MET A 122 12.52 -0.28 2.04
CA MET A 122 12.08 -0.84 0.78
C MET A 122 13.23 -1.53 0.06
N LYS A 123 14.41 -0.95 0.17
CA LYS A 123 15.61 -1.54 -0.40
C LYS A 123 16.01 -2.79 0.39
N ALA A 124 15.66 -2.81 1.67
CA ALA A 124 15.96 -3.93 2.55
C ALA A 124 15.28 -5.21 2.07
N ALA A 125 14.02 -5.10 1.67
CA ALA A 125 13.26 -6.25 1.22
C ALA A 125 13.43 -6.48 -0.27
N GLY A 126 14.24 -5.64 -0.90
CA GLY A 126 14.49 -5.76 -2.33
C GLY A 126 13.24 -5.48 -3.15
N PHE A 127 12.54 -4.42 -2.81
CA PHE A 127 11.34 -4.03 -3.54
C PHE A 127 11.72 -3.35 -4.85
N LYS A 128 10.79 -3.34 -5.78
CA LYS A 128 11.02 -2.76 -7.10
C LYS A 128 10.24 -1.47 -7.24
N GLU A 129 10.94 -0.34 -7.18
CA GLU A 129 10.26 0.95 -7.12
C GLU A 129 10.03 1.54 -8.51
N VAL A 130 8.77 1.78 -8.82
CA VAL A 130 8.38 2.37 -10.08
C VAL A 130 8.28 3.89 -9.93
N LYS A 131 9.20 4.61 -10.55
CA LYS A 131 9.19 6.05 -10.50
C LYS A 131 7.97 6.61 -11.22
N LEU A 132 7.06 7.23 -10.47
CA LEU A 132 5.88 7.83 -11.08
C LEU A 132 6.24 9.20 -11.63
N GLU A 133 6.90 9.20 -12.78
CA GLU A 133 7.35 10.43 -13.42
C GLU A 133 6.49 10.74 -14.64
N HIS A 134 6.39 12.01 -14.98
CA HIS A 134 5.69 12.42 -16.20
C HIS A 134 6.46 11.89 -17.40
N HIS A 135 7.79 11.91 -17.28
CA HIS A 135 8.66 11.43 -18.35
C HIS A 135 8.98 9.94 -18.18
N HIS A 136 8.14 9.25 -17.41
CA HIS A 136 8.30 7.82 -17.22
C HIS A 136 7.21 7.09 -18.00
N HIS A 137 5.97 7.58 -17.87
CA HIS A 137 4.86 7.06 -18.65
C HIS A 137 4.76 7.84 -19.95
N HIS A 138 4.92 7.17 -21.07
CA HIS A 138 5.00 7.85 -22.35
C HIS A 138 4.11 7.17 -23.38
N HIS A 139 3.81 7.90 -24.44
CA HIS A 139 3.12 7.33 -25.58
C HIS A 139 4.14 6.70 -26.51
N MET A 1 12.18 21.76 -7.92
CA MET A 1 12.24 21.29 -9.32
C MET A 1 11.53 19.94 -9.45
N GLY A 2 12.14 18.91 -8.89
CA GLY A 2 11.55 17.58 -8.90
C GLY A 2 11.63 16.99 -7.52
N ASP A 3 11.23 17.80 -6.56
CA ASP A 3 11.47 17.53 -5.15
C ASP A 3 10.27 17.90 -4.29
N LYS A 4 9.21 18.36 -4.94
CA LYS A 4 8.02 18.80 -4.23
C LYS A 4 6.84 17.93 -4.62
N GLU A 5 6.37 17.14 -3.65
CA GLU A 5 5.28 16.19 -3.85
C GLU A 5 5.70 15.09 -4.82
N GLU A 6 6.44 14.14 -4.30
CA GLU A 6 6.94 13.03 -5.10
C GLU A 6 6.05 11.81 -4.95
N SER A 7 5.76 11.14 -6.06
CA SER A 7 5.01 9.91 -6.01
C SER A 7 5.98 8.73 -6.04
N LYS A 8 6.05 8.01 -4.95
CA LYS A 8 7.01 6.93 -4.81
C LYS A 8 6.27 5.59 -4.73
N LYS A 9 6.12 4.93 -5.87
CA LYS A 9 5.51 3.62 -5.90
C LYS A 9 6.58 2.55 -5.86
N PHE A 10 6.52 1.65 -4.90
CA PHE A 10 7.35 0.48 -4.93
C PHE A 10 6.48 -0.71 -5.29
N SER A 11 6.98 -1.60 -6.13
CA SER A 11 6.17 -2.73 -6.53
C SER A 11 6.96 -4.02 -6.52
N ALA A 12 6.37 -5.04 -5.90
CA ALA A 12 6.95 -6.37 -5.85
C ALA A 12 5.89 -7.41 -6.15
N ASN A 13 6.18 -8.30 -7.09
CA ASN A 13 5.22 -9.29 -7.53
C ASN A 13 5.56 -10.64 -6.93
N LEU A 14 4.88 -11.01 -5.85
CA LEU A 14 5.22 -12.23 -5.13
C LEU A 14 3.96 -13.00 -4.72
N ASN A 15 4.02 -14.32 -4.83
CA ASN A 15 2.96 -15.22 -4.37
C ASN A 15 1.62 -14.92 -5.06
N GLY A 16 1.70 -14.37 -6.27
CA GLY A 16 0.49 -14.02 -7.00
C GLY A 16 -0.15 -12.76 -6.44
N THR A 17 0.58 -12.06 -5.61
CA THR A 17 0.13 -10.79 -5.07
C THR A 17 1.07 -9.69 -5.51
N GLU A 18 0.68 -8.96 -6.55
CA GLU A 18 1.51 -7.91 -7.09
C GLU A 18 1.30 -6.63 -6.28
N ILE A 19 2.19 -6.41 -5.32
CA ILE A 19 2.03 -5.32 -4.36
C ILE A 19 2.73 -4.06 -4.85
N ALA A 20 2.00 -2.96 -4.93
CA ALA A 20 2.59 -1.69 -5.27
C ALA A 20 2.06 -0.59 -4.35
N ILE A 21 2.89 -0.19 -3.39
CA ILE A 21 2.52 0.88 -2.49
C ILE A 21 3.06 2.19 -3.01
N THR A 22 2.14 3.08 -3.36
CA THR A 22 2.47 4.38 -3.91
C THR A 22 2.30 5.45 -2.84
N TYR A 23 3.40 5.87 -2.25
CA TYR A 23 3.34 6.87 -1.20
C TYR A 23 3.83 8.22 -1.69
N VAL A 24 3.01 9.23 -1.48
CA VAL A 24 3.34 10.59 -1.85
C VAL A 24 3.96 11.31 -0.66
N TYR A 25 5.20 11.74 -0.81
CA TYR A 25 5.92 12.32 0.31
C TYR A 25 6.52 13.67 -0.04
N LYS A 26 6.91 14.40 0.99
CA LYS A 26 7.54 15.70 0.84
C LYS A 26 8.64 15.85 1.89
N GLY A 27 9.87 15.63 1.47
CA GLY A 27 10.98 15.62 2.39
C GLY A 27 11.13 14.27 3.07
N ASP A 28 11.46 14.26 4.35
CA ASP A 28 11.55 13.01 5.11
C ASP A 28 10.19 12.64 5.67
N LYS A 29 9.18 13.40 5.29
CA LYS A 29 7.84 13.21 5.80
C LYS A 29 6.93 12.63 4.72
N VAL A 30 6.52 11.39 4.90
CA VAL A 30 5.51 10.79 4.03
C VAL A 30 4.14 11.26 4.48
N LEU A 31 3.37 11.80 3.55
CA LEU A 31 2.09 12.43 3.90
C LEU A 31 0.91 11.60 3.40
N LYS A 32 1.09 10.95 2.26
CA LYS A 32 0.02 10.14 1.68
C LYS A 32 0.53 8.77 1.29
N GLN A 33 -0.33 7.77 1.39
CA GLN A 33 0.00 6.42 1.01
C GLN A 33 -1.12 5.79 0.21
N SER A 34 -0.76 5.04 -0.82
CA SER A 34 -1.69 4.20 -1.52
C SER A 34 -1.18 2.77 -1.52
N SER A 35 -1.87 1.90 -0.81
CA SER A 35 -1.49 0.52 -0.73
C SER A 35 -2.33 -0.28 -1.73
N GLU A 36 -1.73 -0.55 -2.87
CA GLU A 36 -2.43 -1.16 -3.97
C GLU A 36 -1.87 -2.56 -4.26
N THR A 37 -2.67 -3.55 -3.93
CA THR A 37 -2.27 -4.94 -4.11
C THR A 37 -3.10 -5.60 -5.21
N LYS A 38 -2.45 -6.37 -6.05
CA LYS A 38 -3.13 -7.13 -7.08
C LYS A 38 -3.12 -8.61 -6.72
N ILE A 39 -4.22 -9.09 -6.17
CA ILE A 39 -4.31 -10.46 -5.69
C ILE A 39 -4.94 -11.35 -6.75
N GLN A 40 -4.21 -12.37 -7.18
CA GLN A 40 -4.74 -13.35 -8.11
C GLN A 40 -5.72 -14.27 -7.39
N PHE A 41 -6.79 -14.68 -8.09
CA PHE A 41 -7.79 -15.56 -7.51
C PHE A 41 -7.17 -16.87 -7.06
N ALA A 42 -6.14 -17.32 -7.78
CA ALA A 42 -5.46 -18.57 -7.44
C ALA A 42 -4.70 -18.45 -6.11
N SER A 43 -4.25 -17.23 -5.81
CA SER A 43 -3.48 -17.00 -4.59
C SER A 43 -4.38 -16.91 -3.37
N ILE A 44 -5.50 -16.19 -3.51
CA ILE A 44 -6.45 -16.06 -2.42
C ILE A 44 -7.23 -17.36 -2.22
N GLY A 45 -7.33 -18.14 -3.29
CA GLY A 45 -8.06 -19.40 -3.22
C GLY A 45 -9.55 -19.19 -3.34
N ALA A 46 -9.94 -18.08 -3.96
CA ALA A 46 -11.34 -17.72 -4.10
C ALA A 46 -12.00 -18.58 -5.17
N THR A 47 -13.27 -18.87 -4.98
CA THR A 47 -14.04 -19.64 -5.96
C THR A 47 -14.58 -18.71 -7.06
N THR A 48 -15.21 -17.62 -6.63
CA THR A 48 -15.73 -16.62 -7.54
C THR A 48 -15.45 -15.22 -7.00
N LYS A 49 -15.90 -14.20 -7.72
CA LYS A 49 -15.68 -12.81 -7.30
C LYS A 49 -16.41 -12.48 -6.00
N GLU A 50 -17.56 -13.12 -5.77
CA GLU A 50 -18.30 -12.92 -4.53
C GLU A 50 -17.56 -13.56 -3.37
N ASP A 51 -17.07 -14.78 -3.60
CA ASP A 51 -16.31 -15.51 -2.59
C ASP A 51 -15.00 -14.77 -2.29
N ALA A 52 -14.48 -14.07 -3.28
CA ALA A 52 -13.30 -13.25 -3.09
C ALA A 52 -13.60 -12.10 -2.12
N ALA A 53 -14.76 -11.48 -2.30
CA ALA A 53 -15.16 -10.35 -1.46
C ALA A 53 -15.42 -10.80 -0.03
N LYS A 54 -16.13 -11.91 0.15
CA LYS A 54 -16.45 -12.40 1.49
C LYS A 54 -15.18 -12.79 2.25
N THR A 55 -14.06 -12.87 1.51
CA THR A 55 -12.78 -13.17 2.11
C THR A 55 -11.97 -11.89 2.33
N LEU A 56 -11.96 -11.00 1.34
CA LEU A 56 -11.13 -9.79 1.39
C LEU A 56 -11.78 -8.67 2.19
N GLU A 57 -13.10 -8.52 2.10
CA GLU A 57 -13.80 -7.42 2.78
C GLU A 57 -13.46 -7.37 4.27
N PRO A 58 -13.62 -8.49 5.02
CA PRO A 58 -13.24 -8.58 6.44
C PRO A 58 -11.87 -7.98 6.74
N LEU A 59 -10.95 -8.06 5.79
CA LEU A 59 -9.60 -7.55 5.97
C LEU A 59 -9.54 -6.05 5.69
N SER A 60 -9.90 -5.68 4.47
CA SER A 60 -9.78 -4.29 4.03
C SER A 60 -10.73 -3.36 4.80
N ALA A 61 -11.84 -3.91 5.28
CA ALA A 61 -12.84 -3.11 5.99
C ALA A 61 -12.37 -2.70 7.39
N LYS A 62 -11.18 -3.15 7.78
CA LYS A 62 -10.60 -2.76 9.05
C LYS A 62 -10.07 -1.33 8.98
N TYR A 63 -9.93 -0.83 7.76
CA TYR A 63 -9.37 0.50 7.55
C TYR A 63 -10.42 1.60 7.67
N LYS A 64 -11.66 1.27 7.37
CA LYS A 64 -12.69 2.30 7.20
C LYS A 64 -13.20 2.88 8.54
N ASN A 65 -12.29 2.98 9.50
CA ASN A 65 -12.57 3.68 10.75
C ASN A 65 -11.46 4.70 11.04
N ILE A 66 -10.35 4.61 10.29
CA ILE A 66 -9.18 5.45 10.56
C ILE A 66 -9.28 6.77 9.77
N ALA A 67 -8.18 7.52 9.71
CA ALA A 67 -8.18 8.84 9.08
C ALA A 67 -7.65 8.80 7.66
N GLY A 68 -8.41 9.38 6.74
CA GLY A 68 -7.97 9.56 5.36
C GLY A 68 -7.70 8.24 4.66
N VAL A 69 -8.35 7.18 5.11
CA VAL A 69 -8.16 5.88 4.51
C VAL A 69 -9.36 5.50 3.66
N GLU A 70 -9.07 4.94 2.49
CA GLU A 70 -10.10 4.59 1.53
C GLU A 70 -9.86 3.20 0.97
N GLU A 71 -10.62 2.23 1.43
CA GLU A 71 -10.47 0.86 0.97
C GLU A 71 -11.29 0.63 -0.31
N LYS A 72 -10.62 0.71 -1.45
CA LYS A 72 -11.26 0.52 -2.73
C LYS A 72 -11.00 -0.89 -3.25
N LEU A 73 -12.00 -1.74 -3.10
CA LEU A 73 -11.89 -3.13 -3.52
C LEU A 73 -12.45 -3.32 -4.93
N THR A 74 -11.54 -3.48 -5.87
CA THR A 74 -11.92 -3.67 -7.27
C THR A 74 -11.82 -5.14 -7.68
N TYR A 75 -12.97 -5.75 -7.89
CA TYR A 75 -13.01 -7.17 -8.21
C TYR A 75 -13.28 -7.41 -9.69
N THR A 76 -12.57 -8.37 -10.26
CA THR A 76 -12.86 -8.85 -11.60
C THR A 76 -13.22 -10.33 -11.53
N ASP A 77 -13.11 -11.03 -12.65
CA ASP A 77 -13.38 -12.46 -12.66
C ASP A 77 -12.07 -13.23 -12.63
N THR A 78 -10.97 -12.50 -12.73
CA THR A 78 -9.65 -13.09 -12.78
C THR A 78 -8.82 -12.76 -11.54
N TYR A 79 -8.93 -11.53 -11.06
CA TYR A 79 -8.15 -11.09 -9.91
C TYR A 79 -8.89 -10.03 -9.11
N ALA A 80 -8.37 -9.74 -7.93
CA ALA A 80 -8.93 -8.70 -7.09
C ALA A 80 -7.87 -7.66 -6.76
N GLN A 81 -8.17 -6.41 -7.06
CA GLN A 81 -7.25 -5.32 -6.78
C GLN A 81 -7.68 -4.59 -5.51
N GLU A 82 -6.83 -4.67 -4.50
CA GLU A 82 -7.05 -3.95 -3.26
C GLU A 82 -6.31 -2.63 -3.32
N ASN A 83 -7.02 -1.57 -3.68
CA ASN A 83 -6.41 -0.25 -3.79
C ASN A 83 -6.84 0.60 -2.60
N VAL A 84 -5.99 0.67 -1.60
CA VAL A 84 -6.35 1.34 -0.36
C VAL A 84 -5.60 2.66 -0.22
N THR A 85 -6.30 3.71 0.14
CA THR A 85 -5.67 4.99 0.37
C THR A 85 -5.47 5.20 1.86
N ILE A 86 -4.36 5.79 2.24
CA ILE A 86 -4.03 6.03 3.63
C ILE A 86 -3.44 7.44 3.78
N ASP A 87 -4.02 8.23 4.67
CA ASP A 87 -3.51 9.57 4.93
C ASP A 87 -2.57 9.56 6.12
N MET A 88 -1.27 9.70 5.84
CA MET A 88 -0.26 9.63 6.89
C MET A 88 -0.16 10.94 7.65
N GLU A 89 -1.17 11.78 7.53
CA GLU A 89 -1.15 13.08 8.19
C GLU A 89 -2.04 13.05 9.41
N LYS A 90 -2.96 12.10 9.42
CA LYS A 90 -3.87 11.94 10.54
C LYS A 90 -4.10 10.46 10.88
N VAL A 91 -3.56 9.54 10.06
CA VAL A 91 -3.75 8.11 10.31
C VAL A 91 -3.21 7.74 11.68
N ASP A 92 -3.93 6.88 12.37
CA ASP A 92 -3.52 6.47 13.70
C ASP A 92 -2.88 5.10 13.65
N PHE A 93 -1.60 5.04 13.97
CA PHE A 93 -0.85 3.80 13.94
C PHE A 93 -1.22 2.92 15.13
N LYS A 94 -1.87 3.52 16.12
CA LYS A 94 -2.40 2.77 17.25
C LYS A 94 -3.64 2.00 16.82
N ALA A 95 -4.33 2.54 15.82
CA ALA A 95 -5.44 1.83 15.19
C ALA A 95 -4.91 0.82 14.19
N LEU A 96 -3.73 1.12 13.64
CA LEU A 96 -3.04 0.21 12.74
C LEU A 96 -2.39 -0.93 13.53
N GLN A 97 -2.58 -0.91 14.85
CA GLN A 97 -1.98 -1.89 15.78
C GLN A 97 -2.03 -3.31 15.22
N GLY A 98 -3.18 -3.69 14.67
CA GLY A 98 -3.32 -5.00 14.06
C GLY A 98 -3.79 -4.91 12.63
N ILE A 99 -3.61 -3.73 12.03
CA ILE A 99 -4.08 -3.47 10.68
C ILE A 99 -2.96 -2.85 9.84
N SER A 100 -1.76 -2.88 10.39
CA SER A 100 -0.62 -2.30 9.71
C SER A 100 -0.16 -3.19 8.55
N GLY A 101 -0.51 -2.78 7.34
CA GLY A 101 0.00 -3.45 6.15
C GLY A 101 1.51 -3.38 6.09
N ILE A 102 2.06 -2.37 6.75
CA ILE A 102 3.50 -2.25 6.88
C ILE A 102 3.97 -3.07 8.07
N ASN A 103 4.59 -4.20 7.79
CA ASN A 103 5.07 -5.07 8.85
C ASN A 103 6.42 -5.66 8.47
N VAL A 104 7.48 -5.07 9.00
CA VAL A 104 8.82 -5.56 8.76
C VAL A 104 9.69 -5.41 10.01
N SER A 105 9.62 -4.25 10.63
CA SER A 105 10.33 -4.00 11.87
C SER A 105 9.43 -3.23 12.84
N ALA A 106 9.91 -3.03 14.06
CA ALA A 106 9.16 -2.27 15.04
C ALA A 106 9.61 -0.81 15.07
N GLU A 107 10.49 -0.45 14.15
CA GLU A 107 11.05 0.89 14.12
C GLU A 107 10.45 1.71 12.98
N ASP A 108 9.68 1.05 12.12
CA ASP A 108 9.07 1.73 10.97
C ASP A 108 7.60 2.05 11.25
N ALA A 109 6.70 1.12 10.95
CA ALA A 109 5.27 1.35 11.09
C ALA A 109 4.87 1.49 12.55
N LYS A 110 5.57 0.78 13.41
CA LYS A 110 5.23 0.71 14.82
C LYS A 110 5.51 2.03 15.54
N LYS A 111 6.32 2.88 14.92
CA LYS A 111 6.72 4.14 15.55
C LYS A 111 6.52 5.33 14.60
N GLY A 112 5.70 5.12 13.58
CA GLY A 112 5.41 6.19 12.64
C GLY A 112 6.29 6.13 11.41
N ILE A 113 5.66 6.03 10.24
CA ILE A 113 6.39 5.93 8.99
C ILE A 113 7.16 7.20 8.67
N THR A 114 8.48 7.11 8.77
CA THR A 114 9.35 8.18 8.35
C THR A 114 10.05 7.76 7.07
N MET A 115 10.39 8.72 6.21
CA MET A 115 10.95 8.41 4.90
C MET A 115 12.29 7.69 5.03
N ALA A 116 13.02 7.98 6.10
CA ALA A 116 14.28 7.29 6.38
C ALA A 116 14.05 5.79 6.42
N GLN A 117 13.09 5.37 7.25
CA GLN A 117 12.67 3.98 7.31
C GLN A 117 12.30 3.48 5.93
N MET A 118 11.22 4.03 5.37
CA MET A 118 10.69 3.63 4.08
C MET A 118 11.77 3.35 3.04
N GLU A 119 12.65 4.33 2.80
CA GLU A 119 13.71 4.18 1.80
C GLU A 119 14.61 2.97 2.06
N LEU A 120 15.22 2.91 3.25
CA LEU A 120 16.15 1.83 3.58
C LEU A 120 15.42 0.49 3.70
N VAL A 121 14.18 0.58 4.15
CA VAL A 121 13.36 -0.59 4.43
C VAL A 121 12.85 -1.24 3.14
N MET A 122 12.41 -0.42 2.19
CA MET A 122 11.98 -0.92 0.88
C MET A 122 13.16 -1.57 0.16
N LYS A 123 14.33 -0.98 0.34
CA LYS A 123 15.55 -1.48 -0.28
C LYS A 123 16.02 -2.75 0.44
N ALA A 124 15.78 -2.80 1.75
CA ALA A 124 16.15 -3.95 2.57
C ALA A 124 15.40 -5.20 2.12
N ALA A 125 14.14 -5.03 1.73
CA ALA A 125 13.33 -6.16 1.30
C ALA A 125 13.55 -6.47 -0.19
N GLY A 126 14.25 -5.58 -0.87
CA GLY A 126 14.55 -5.79 -2.27
C GLY A 126 13.37 -5.57 -3.18
N PHE A 127 12.62 -4.52 -2.93
CA PHE A 127 11.47 -4.17 -3.75
C PHE A 127 11.93 -3.41 -5.00
N LYS A 128 11.07 -3.31 -5.99
CA LYS A 128 11.37 -2.55 -7.19
C LYS A 128 10.90 -1.12 -7.03
N GLU A 129 11.78 -0.17 -7.29
CA GLU A 129 11.43 1.23 -7.21
C GLU A 129 10.76 1.69 -8.49
N VAL A 130 9.55 2.21 -8.36
CA VAL A 130 8.84 2.77 -9.49
C VAL A 130 8.39 4.18 -9.15
N LYS A 131 9.32 5.12 -9.10
CA LYS A 131 8.97 6.50 -8.86
C LYS A 131 8.42 7.13 -10.13
N LEU A 132 7.19 7.58 -10.05
CA LEU A 132 6.50 8.10 -11.22
C LEU A 132 6.92 9.52 -11.52
N GLU A 133 7.79 9.67 -12.51
CA GLU A 133 8.17 10.98 -13.01
C GLU A 133 6.99 11.57 -13.76
N HIS A 134 6.12 12.25 -13.02
CA HIS A 134 4.90 12.82 -13.58
C HIS A 134 5.22 13.81 -14.69
N HIS A 135 6.37 14.46 -14.56
CA HIS A 135 6.86 15.32 -15.62
C HIS A 135 7.75 14.49 -16.53
N HIS A 136 7.39 14.42 -17.80
CA HIS A 136 8.10 13.56 -18.75
C HIS A 136 9.38 14.23 -19.24
N HIS A 137 10.09 14.89 -18.32
CA HIS A 137 11.31 15.63 -18.63
C HIS A 137 11.02 16.75 -19.61
N HIS A 138 10.42 17.82 -19.10
CA HIS A 138 10.03 18.94 -19.93
C HIS A 138 10.76 20.21 -19.50
N HIS A 139 11.58 20.74 -20.39
CA HIS A 139 12.29 21.97 -20.15
C HIS A 139 12.66 22.61 -21.48
N MET A 1 4.13 24.49 -0.18
CA MET A 1 4.73 25.84 0.00
C MET A 1 5.92 26.01 -0.94
N GLY A 2 6.95 25.23 -0.68
CA GLY A 2 8.11 25.20 -1.55
C GLY A 2 8.56 23.77 -1.72
N ASP A 3 7.60 22.93 -2.06
CA ASP A 3 7.75 21.49 -2.01
C ASP A 3 6.86 20.82 -3.04
N LYS A 4 7.05 19.53 -3.22
CA LYS A 4 6.27 18.76 -4.18
C LYS A 4 5.70 17.52 -3.52
N GLU A 5 4.52 17.11 -3.96
CA GLU A 5 3.97 15.82 -3.55
C GLU A 5 4.54 14.73 -4.44
N GLU A 6 5.54 14.02 -3.92
CA GLU A 6 6.25 13.05 -4.72
C GLU A 6 5.71 11.66 -4.47
N SER A 7 5.32 10.99 -5.53
CA SER A 7 4.72 9.67 -5.42
C SER A 7 5.76 8.62 -5.82
N LYS A 8 5.87 7.57 -5.02
CA LYS A 8 6.78 6.48 -5.32
C LYS A 8 6.03 5.15 -5.33
N LYS A 9 5.92 4.56 -6.52
CA LYS A 9 5.27 3.26 -6.66
C LYS A 9 6.30 2.16 -6.77
N PHE A 10 6.29 1.25 -5.81
CA PHE A 10 7.09 0.04 -5.91
C PHE A 10 6.14 -1.15 -5.96
N SER A 11 6.55 -2.23 -6.57
CA SER A 11 5.69 -3.40 -6.66
C SER A 11 6.51 -4.69 -6.64
N ALA A 12 6.27 -5.50 -5.62
CA ALA A 12 6.97 -6.76 -5.47
C ALA A 12 5.97 -7.90 -5.34
N ASN A 13 6.33 -9.06 -5.87
CA ASN A 13 5.46 -10.22 -5.82
C ASN A 13 5.88 -11.17 -4.70
N LEU A 14 4.98 -11.41 -3.76
CA LEU A 14 5.24 -12.32 -2.67
C LEU A 14 3.96 -13.05 -2.29
N ASN A 15 4.09 -14.34 -1.95
CA ASN A 15 2.95 -15.20 -1.58
C ASN A 15 2.06 -15.50 -2.80
N GLY A 16 2.28 -14.77 -3.88
CA GLY A 16 1.43 -14.89 -5.04
C GLY A 16 0.69 -13.59 -5.31
N THR A 17 0.90 -12.63 -4.41
CA THR A 17 0.24 -11.33 -4.51
C THR A 17 1.25 -10.26 -4.92
N GLU A 18 0.85 -9.36 -5.81
CA GLU A 18 1.70 -8.27 -6.24
C GLU A 18 1.42 -7.03 -5.39
N ILE A 19 2.32 -6.70 -4.48
CA ILE A 19 2.12 -5.55 -3.62
C ILE A 19 2.72 -4.30 -4.25
N ALA A 20 1.86 -3.45 -4.78
CA ALA A 20 2.30 -2.20 -5.38
C ALA A 20 1.88 -1.03 -4.51
N ILE A 21 2.79 -0.60 -3.65
CA ILE A 21 2.53 0.53 -2.78
C ILE A 21 3.02 1.81 -3.42
N THR A 22 2.08 2.70 -3.68
CA THR A 22 2.38 3.99 -4.24
C THR A 22 2.24 5.06 -3.18
N TYR A 23 3.32 5.35 -2.47
CA TYR A 23 3.27 6.27 -1.37
C TYR A 23 3.75 7.65 -1.77
N VAL A 24 2.96 8.65 -1.41
CA VAL A 24 3.25 10.03 -1.70
C VAL A 24 3.89 10.71 -0.50
N TYR A 25 5.10 11.18 -0.66
CA TYR A 25 5.79 11.88 0.38
C TYR A 25 5.92 13.35 0.05
N LYS A 26 5.64 14.18 1.02
CA LYS A 26 5.68 15.62 0.84
C LYS A 26 6.79 16.19 1.70
N GLY A 27 7.89 16.54 1.06
CA GLY A 27 9.08 16.91 1.79
C GLY A 27 9.89 15.69 2.17
N ASP A 28 10.01 15.45 3.48
CA ASP A 28 10.78 14.31 3.97
C ASP A 28 9.86 13.27 4.59
N LYS A 29 8.60 13.62 4.76
CA LYS A 29 7.65 12.75 5.43
C LYS A 29 6.61 12.22 4.45
N VAL A 30 6.33 10.94 4.53
CA VAL A 30 5.30 10.33 3.71
C VAL A 30 3.94 10.64 4.30
N LEU A 31 3.11 11.35 3.55
CA LEU A 31 1.85 11.86 4.09
C LEU A 31 0.63 11.16 3.50
N LYS A 32 0.87 10.27 2.55
CA LYS A 32 -0.19 9.49 1.95
C LYS A 32 0.36 8.19 1.39
N GLN A 33 -0.30 7.08 1.69
CA GLN A 33 0.16 5.79 1.23
C GLN A 33 -0.95 5.08 0.46
N SER A 34 -0.83 5.07 -0.86
CA SER A 34 -1.75 4.29 -1.68
C SER A 34 -1.23 2.87 -1.78
N SER A 35 -1.68 2.02 -0.87
CA SER A 35 -1.21 0.65 -0.83
C SER A 35 -2.21 -0.23 -1.54
N GLU A 36 -1.82 -0.72 -2.70
CA GLU A 36 -2.71 -1.51 -3.52
C GLU A 36 -2.11 -2.88 -3.80
N THR A 37 -2.76 -3.91 -3.32
CA THR A 37 -2.30 -5.27 -3.54
C THR A 37 -3.06 -5.90 -4.70
N LYS A 38 -2.33 -6.28 -5.74
CA LYS A 38 -2.92 -6.96 -6.88
C LYS A 38 -3.03 -8.45 -6.58
N ILE A 39 -4.21 -8.85 -6.15
CA ILE A 39 -4.44 -10.21 -5.72
C ILE A 39 -5.13 -11.03 -6.80
N GLN A 40 -4.37 -11.87 -7.46
CA GLN A 40 -4.95 -12.83 -8.39
C GLN A 40 -5.82 -13.81 -7.62
N PHE A 41 -6.89 -14.29 -8.24
CA PHE A 41 -7.82 -15.19 -7.56
C PHE A 41 -7.13 -16.48 -7.11
N ALA A 42 -6.03 -16.81 -7.77
CA ALA A 42 -5.27 -18.01 -7.41
C ALA A 42 -4.47 -17.80 -6.12
N SER A 43 -4.26 -16.53 -5.76
CA SER A 43 -3.50 -16.19 -4.56
C SER A 43 -4.41 -16.16 -3.34
N ILE A 44 -5.71 -16.11 -3.58
CA ILE A 44 -6.69 -16.10 -2.50
C ILE A 44 -7.48 -17.41 -2.46
N GLY A 45 -7.58 -18.06 -3.61
CA GLY A 45 -8.33 -19.30 -3.69
C GLY A 45 -9.80 -19.04 -3.97
N ALA A 46 -10.08 -17.99 -4.74
CA ALA A 46 -11.43 -17.59 -5.04
C ALA A 46 -11.85 -18.06 -6.41
N THR A 47 -12.90 -18.88 -6.46
CA THR A 47 -13.42 -19.38 -7.71
C THR A 47 -14.20 -18.32 -8.46
N THR A 48 -14.84 -17.43 -7.70
CA THR A 48 -15.62 -16.35 -8.27
C THR A 48 -15.21 -15.03 -7.64
N LYS A 49 -15.43 -13.92 -8.33
CA LYS A 49 -15.18 -12.61 -7.76
C LYS A 49 -16.10 -12.36 -6.57
N GLU A 50 -17.24 -13.04 -6.56
CA GLU A 50 -18.14 -13.04 -5.42
C GLU A 50 -17.43 -13.64 -4.21
N ASP A 51 -16.78 -14.78 -4.43
CA ASP A 51 -16.01 -15.45 -3.37
C ASP A 51 -14.90 -14.54 -2.88
N ALA A 52 -14.29 -13.81 -3.81
CA ALA A 52 -13.24 -12.86 -3.49
C ALA A 52 -13.75 -11.78 -2.54
N ALA A 53 -14.87 -11.15 -2.92
CA ALA A 53 -15.46 -10.11 -2.08
C ALA A 53 -15.88 -10.69 -0.72
N LYS A 54 -16.48 -11.86 -0.77
CA LYS A 54 -16.92 -12.56 0.43
C LYS A 54 -15.75 -12.80 1.39
N THR A 55 -14.54 -12.79 0.84
CA THR A 55 -13.34 -12.98 1.65
C THR A 55 -12.67 -11.65 1.99
N LEU A 56 -12.59 -10.75 1.01
CA LEU A 56 -11.75 -9.56 1.14
C LEU A 56 -12.50 -8.36 1.73
N GLU A 57 -13.82 -8.32 1.61
CA GLU A 57 -14.59 -7.21 2.18
C GLU A 57 -14.40 -7.11 3.70
N PRO A 58 -14.54 -8.23 4.45
CA PRO A 58 -14.25 -8.24 5.89
C PRO A 58 -12.75 -8.09 6.18
N LEU A 59 -11.94 -8.10 5.13
CA LEU A 59 -10.49 -7.98 5.25
C LEU A 59 -10.09 -6.50 5.35
N SER A 60 -10.68 -5.68 4.50
CA SER A 60 -10.37 -4.25 4.48
C SER A 60 -11.07 -3.54 5.64
N ALA A 61 -12.05 -4.23 6.23
CA ALA A 61 -12.84 -3.70 7.34
C ALA A 61 -11.99 -3.44 8.59
N LYS A 62 -10.69 -3.68 8.48
CA LYS A 62 -9.79 -3.40 9.59
C LYS A 62 -9.50 -1.90 9.69
N TYR A 63 -9.59 -1.20 8.58
CA TYR A 63 -9.28 0.22 8.53
C TYR A 63 -10.49 1.06 8.95
N LYS A 64 -11.61 0.82 8.27
CA LYS A 64 -12.86 1.54 8.53
C LYS A 64 -12.73 3.06 8.40
N ASN A 65 -12.34 3.70 9.49
CA ASN A 65 -12.41 5.17 9.59
C ASN A 65 -11.11 5.81 10.05
N ILE A 66 -9.97 5.16 9.81
CA ILE A 66 -8.68 5.73 10.20
C ILE A 66 -8.37 6.99 9.38
N ALA A 67 -8.71 8.16 9.94
CA ALA A 67 -8.44 9.45 9.32
C ALA A 67 -9.06 9.57 7.94
N GLY A 68 -8.35 9.11 6.92
CA GLY A 68 -8.84 9.17 5.57
C GLY A 68 -8.44 7.95 4.78
N VAL A 69 -8.59 6.79 5.40
CA VAL A 69 -8.24 5.53 4.74
C VAL A 69 -9.38 5.06 3.83
N GLU A 70 -9.12 5.11 2.54
CA GLU A 70 -10.07 4.66 1.54
C GLU A 70 -9.81 3.21 1.17
N GLU A 71 -10.68 2.32 1.62
CA GLU A 71 -10.56 0.91 1.32
C GLU A 71 -11.42 0.56 0.10
N LYS A 72 -10.80 0.52 -1.08
CA LYS A 72 -11.53 0.22 -2.30
C LYS A 72 -11.04 -1.07 -2.94
N LEU A 73 -11.92 -2.05 -3.00
CA LEU A 73 -11.62 -3.34 -3.60
C LEU A 73 -12.20 -3.40 -5.00
N THR A 74 -11.32 -3.33 -5.99
CA THR A 74 -11.76 -3.34 -7.38
C THR A 74 -11.54 -4.71 -8.00
N TYR A 75 -12.64 -5.41 -8.26
CA TYR A 75 -12.60 -6.73 -8.85
C TYR A 75 -12.76 -6.61 -10.36
N THR A 76 -11.68 -6.85 -11.09
CA THR A 76 -11.70 -6.69 -12.54
C THR A 76 -12.30 -7.90 -13.23
N ASP A 77 -11.52 -8.96 -13.32
CA ASP A 77 -11.96 -10.18 -13.97
C ASP A 77 -11.38 -11.42 -13.28
N THR A 78 -10.05 -11.52 -13.28
CA THR A 78 -9.39 -12.67 -12.68
C THR A 78 -8.45 -12.23 -11.54
N TYR A 79 -8.48 -10.94 -11.23
CA TYR A 79 -7.66 -10.40 -10.17
C TYR A 79 -8.36 -9.24 -9.49
N ALA A 80 -8.14 -9.09 -8.20
CA ALA A 80 -8.73 -8.02 -7.43
C ALA A 80 -7.64 -7.06 -6.97
N GLN A 81 -7.90 -5.77 -7.12
CA GLN A 81 -6.97 -4.76 -6.67
C GLN A 81 -7.43 -4.17 -5.35
N GLU A 82 -6.71 -4.48 -4.28
CA GLU A 82 -7.00 -3.93 -2.97
C GLU A 82 -6.36 -2.55 -2.86
N ASN A 83 -7.06 -1.54 -3.32
CA ASN A 83 -6.52 -0.19 -3.33
C ASN A 83 -6.87 0.51 -2.02
N VAL A 84 -5.92 0.50 -1.10
CA VAL A 84 -6.12 1.14 0.18
C VAL A 84 -5.38 2.46 0.22
N THR A 85 -6.11 3.54 0.39
CA THR A 85 -5.49 4.86 0.42
C THR A 85 -5.39 5.34 1.87
N ILE A 86 -4.20 5.20 2.43
CA ILE A 86 -3.99 5.54 3.82
C ILE A 86 -3.49 6.97 3.95
N ASP A 87 -4.30 7.84 4.54
CA ASP A 87 -3.87 9.21 4.79
C ASP A 87 -2.88 9.23 5.93
N MET A 88 -1.63 9.48 5.60
CA MET A 88 -0.56 9.42 6.58
C MET A 88 -0.33 10.79 7.20
N GLU A 89 -1.15 11.75 6.80
CA GLU A 89 -1.13 13.06 7.43
C GLU A 89 -1.67 12.96 8.85
N LYS A 90 -2.65 12.07 9.03
CA LYS A 90 -3.24 11.88 10.33
C LYS A 90 -3.37 10.38 10.65
N VAL A 91 -2.37 9.59 10.23
CA VAL A 91 -2.35 8.17 10.56
C VAL A 91 -2.42 7.95 12.06
N ASP A 92 -3.32 7.09 12.48
CA ASP A 92 -3.41 6.72 13.88
C ASP A 92 -2.48 5.57 14.16
N PHE A 93 -1.31 5.87 14.72
CA PHE A 93 -0.29 4.87 14.95
C PHE A 93 -0.65 3.94 16.11
N LYS A 94 -1.80 4.16 16.71
CA LYS A 94 -2.23 3.34 17.83
C LYS A 94 -3.02 2.13 17.33
N ALA A 95 -4.06 2.40 16.54
CA ALA A 95 -4.86 1.34 15.94
C ALA A 95 -4.08 0.63 14.84
N LEU A 96 -3.21 1.38 14.17
CA LEU A 96 -2.40 0.86 13.07
C LEU A 96 -1.59 -0.35 13.51
N GLN A 97 -1.21 -0.39 14.78
CA GLN A 97 -0.38 -1.48 15.31
C GLN A 97 -1.11 -2.82 15.20
N GLY A 98 -2.41 -2.81 15.43
CA GLY A 98 -3.16 -4.06 15.39
C GLY A 98 -3.82 -4.30 14.05
N ILE A 99 -3.71 -3.34 13.15
CA ILE A 99 -4.33 -3.43 11.85
C ILE A 99 -3.32 -3.84 10.79
N SER A 100 -2.55 -2.87 10.32
CA SER A 100 -1.55 -3.14 9.30
C SER A 100 -0.30 -3.72 9.93
N GLY A 101 0.11 -3.13 11.05
CA GLY A 101 1.30 -3.58 11.75
C GLY A 101 2.60 -3.19 11.06
N ILE A 102 2.66 -3.46 9.77
CA ILE A 102 3.88 -3.27 8.98
C ILE A 102 4.99 -4.17 9.52
N ASN A 103 4.92 -5.44 9.18
CA ASN A 103 5.84 -6.44 9.70
C ASN A 103 7.11 -6.53 8.85
N VAL A 104 7.41 -5.43 8.19
CA VAL A 104 8.66 -5.29 7.47
C VAL A 104 9.73 -4.82 8.44
N SER A 105 9.29 -3.96 9.35
CA SER A 105 10.08 -3.53 10.48
C SER A 105 9.12 -3.07 11.58
N ALA A 106 8.91 -3.94 12.57
CA ALA A 106 7.95 -3.68 13.63
C ALA A 106 8.31 -2.41 14.40
N GLU A 107 9.60 -2.12 14.48
CA GLU A 107 10.07 -0.96 15.19
C GLU A 107 9.77 0.33 14.42
N ASP A 108 9.74 0.22 13.10
CA ASP A 108 9.54 1.38 12.24
C ASP A 108 8.15 1.99 12.46
N ALA A 109 7.14 1.14 12.46
CA ALA A 109 5.76 1.57 12.65
C ALA A 109 5.55 2.14 14.06
N LYS A 110 6.46 1.80 14.96
CA LYS A 110 6.38 2.29 16.33
C LYS A 110 7.31 3.50 16.51
N LYS A 111 8.15 3.73 15.51
CA LYS A 111 9.12 4.83 15.56
C LYS A 111 8.56 6.07 14.86
N GLY A 112 8.17 5.91 13.61
CA GLY A 112 7.67 7.02 12.83
C GLY A 112 7.97 6.85 11.36
N ILE A 113 6.93 6.52 10.60
CA ILE A 113 7.08 6.24 9.18
C ILE A 113 7.51 7.49 8.42
N THR A 114 8.77 7.53 8.04
CA THR A 114 9.32 8.64 7.27
C THR A 114 9.84 8.13 5.93
N MET A 115 10.25 9.03 5.06
CA MET A 115 10.74 8.64 3.74
C MET A 115 12.08 7.94 3.85
N ALA A 116 12.93 8.41 4.77
CA ALA A 116 14.24 7.81 4.98
C ALA A 116 14.11 6.34 5.38
N GLN A 117 13.11 6.06 6.23
CA GLN A 117 12.81 4.69 6.60
C GLN A 117 12.29 3.92 5.40
N MET A 118 11.17 4.35 4.83
CA MET A 118 10.60 3.71 3.64
C MET A 118 11.65 3.43 2.56
N GLU A 119 12.55 4.37 2.36
CA GLU A 119 13.59 4.24 1.35
C GLU A 119 14.54 3.08 1.66
N LEU A 120 15.21 3.16 2.82
CA LEU A 120 16.21 2.16 3.21
C LEU A 120 15.56 0.82 3.55
N VAL A 121 14.36 0.90 4.08
CA VAL A 121 13.60 -0.26 4.55
C VAL A 121 13.11 -1.10 3.38
N MET A 122 12.56 -0.45 2.35
CA MET A 122 12.09 -1.17 1.17
C MET A 122 13.26 -1.77 0.41
N LYS A 123 14.37 -1.06 0.37
CA LYS A 123 15.59 -1.57 -0.25
C LYS A 123 16.15 -2.74 0.54
N ALA A 124 15.94 -2.73 1.85
CA ALA A 124 16.39 -3.81 2.72
C ALA A 124 15.51 -5.05 2.54
N ALA A 125 14.24 -4.83 2.25
CA ALA A 125 13.28 -5.91 2.06
C ALA A 125 13.42 -6.55 0.69
N GLY A 126 14.15 -5.88 -0.19
CA GLY A 126 14.33 -6.37 -1.54
C GLY A 126 13.19 -5.99 -2.45
N PHE A 127 12.55 -4.87 -2.15
CA PHE A 127 11.45 -4.38 -2.96
C PHE A 127 11.97 -3.59 -4.15
N LYS A 128 11.29 -3.72 -5.28
CA LYS A 128 11.72 -3.06 -6.50
C LYS A 128 10.79 -1.90 -6.84
N GLU A 129 11.39 -0.75 -7.07
CA GLU A 129 10.64 0.48 -7.33
C GLU A 129 10.38 0.68 -8.82
N VAL A 130 9.10 0.89 -9.16
CA VAL A 130 8.70 1.12 -10.53
C VAL A 130 8.88 2.60 -10.89
N LYS A 131 8.68 3.45 -9.88
CA LYS A 131 8.99 4.88 -9.98
C LYS A 131 7.99 5.65 -10.85
N LEU A 132 6.93 4.96 -11.29
CA LEU A 132 5.79 5.64 -11.93
C LEU A 132 6.16 6.31 -13.26
N GLU A 133 7.07 5.72 -14.02
CA GLU A 133 7.43 6.32 -15.30
C GLU A 133 6.29 6.17 -16.31
N HIS A 134 5.65 7.28 -16.63
CA HIS A 134 4.62 7.29 -17.66
C HIS A 134 5.29 7.38 -19.01
N HIS A 135 5.41 6.24 -19.67
CA HIS A 135 6.20 6.16 -20.88
C HIS A 135 5.30 6.07 -22.11
N HIS A 136 5.32 7.10 -22.92
CA HIS A 136 4.57 7.11 -24.17
C HIS A 136 5.49 6.76 -25.32
N HIS A 137 5.30 5.57 -25.87
CA HIS A 137 6.16 5.08 -26.94
C HIS A 137 5.80 5.69 -28.27
N HIS A 138 6.68 6.54 -28.78
CA HIS A 138 6.55 7.05 -30.13
C HIS A 138 7.11 6.00 -31.09
N HIS A 139 8.06 5.24 -30.59
CA HIS A 139 8.69 4.16 -31.33
C HIS A 139 8.80 2.93 -30.43
N MET A 1 -1.37 23.91 -8.19
CA MET A 1 -0.57 22.94 -8.97
C MET A 1 0.84 22.83 -8.39
N GLY A 2 1.41 21.64 -8.45
CA GLY A 2 2.75 21.43 -7.95
C GLY A 2 3.13 19.97 -7.89
N ASP A 3 4.29 19.65 -8.45
CA ASP A 3 4.79 18.28 -8.46
C ASP A 3 5.69 18.04 -7.26
N LYS A 4 5.51 18.88 -6.23
CA LYS A 4 6.32 18.78 -5.02
C LYS A 4 5.96 17.52 -4.24
N GLU A 5 4.73 17.06 -4.42
CA GLU A 5 4.31 15.78 -3.87
C GLU A 5 4.78 14.67 -4.81
N GLU A 6 5.77 13.90 -4.39
CA GLU A 6 6.35 12.92 -5.28
C GLU A 6 5.73 11.56 -5.04
N SER A 7 5.48 10.86 -6.12
CA SER A 7 4.88 9.56 -6.06
C SER A 7 5.94 8.48 -6.24
N LYS A 8 6.16 7.71 -5.20
CA LYS A 8 7.11 6.62 -5.24
C LYS A 8 6.37 5.31 -5.14
N LYS A 9 6.06 4.72 -6.27
CA LYS A 9 5.41 3.43 -6.29
C LYS A 9 6.49 2.35 -6.28
N PHE A 10 6.22 1.25 -5.62
CA PHE A 10 7.06 0.08 -5.74
C PHE A 10 6.15 -1.10 -5.98
N SER A 11 6.58 -2.02 -6.80
CA SER A 11 5.73 -3.13 -7.16
C SER A 11 6.40 -4.44 -6.77
N ALA A 12 5.90 -5.06 -5.71
CA ALA A 12 6.46 -6.31 -5.23
C ALA A 12 5.54 -7.47 -5.53
N ASN A 13 5.97 -8.33 -6.44
CA ASN A 13 5.18 -9.48 -6.84
C ASN A 13 5.59 -10.69 -6.01
N LEU A 14 4.93 -10.86 -4.88
CA LEU A 14 5.26 -11.95 -3.99
C LEU A 14 4.16 -13.02 -3.96
N ASN A 15 4.43 -14.13 -4.62
CA ASN A 15 3.52 -15.28 -4.67
C ASN A 15 2.14 -14.87 -5.18
N GLY A 16 2.10 -14.28 -6.37
CA GLY A 16 0.84 -13.90 -6.98
C GLY A 16 0.29 -12.59 -6.43
N THR A 17 0.81 -12.16 -5.30
CA THR A 17 0.36 -10.94 -4.68
C THR A 17 1.22 -9.76 -5.12
N GLU A 18 0.68 -8.93 -6.00
CA GLU A 18 1.39 -7.77 -6.49
C GLU A 18 1.12 -6.59 -5.58
N ILE A 19 2.00 -6.34 -4.64
CA ILE A 19 1.82 -5.23 -3.73
C ILE A 19 2.50 -4.00 -4.28
N ALA A 20 1.70 -3.09 -4.81
CA ALA A 20 2.19 -1.85 -5.37
C ALA A 20 1.82 -0.69 -4.47
N ILE A 21 2.76 -0.25 -3.66
CA ILE A 21 2.52 0.85 -2.74
C ILE A 21 3.05 2.15 -3.33
N THR A 22 2.16 3.10 -3.51
CA THR A 22 2.50 4.40 -4.03
C THR A 22 2.65 5.41 -2.90
N TYR A 23 3.89 5.73 -2.58
CA TYR A 23 4.17 6.70 -1.53
C TYR A 23 4.11 8.12 -2.08
N VAL A 24 3.06 8.84 -1.71
CA VAL A 24 3.01 10.27 -1.99
C VAL A 24 3.50 11.02 -0.77
N TYR A 25 4.72 11.47 -0.84
CA TYR A 25 5.34 12.12 0.29
C TYR A 25 5.64 13.57 -0.02
N LYS A 26 5.71 14.37 1.04
CA LYS A 26 5.99 15.78 0.91
C LYS A 26 7.04 16.16 1.93
N GLY A 27 8.25 16.44 1.44
CA GLY A 27 9.37 16.64 2.32
C GLY A 27 9.99 15.32 2.72
N ASP A 28 9.99 15.01 4.01
CA ASP A 28 10.58 13.76 4.49
C ASP A 28 9.54 12.82 5.06
N LYS A 29 8.30 13.29 5.19
CA LYS A 29 7.23 12.43 5.66
C LYS A 29 6.41 11.93 4.49
N VAL A 30 6.13 10.63 4.49
CA VAL A 30 5.20 10.08 3.52
C VAL A 30 3.79 10.35 4.00
N LEU A 31 3.15 11.35 3.42
CA LEU A 31 1.87 11.82 3.91
C LEU A 31 0.73 10.95 3.43
N LYS A 32 0.92 10.29 2.29
CA LYS A 32 -0.08 9.38 1.77
C LYS A 32 0.58 8.09 1.26
N GLN A 33 0.24 6.99 1.90
CA GLN A 33 0.75 5.69 1.49
C GLN A 33 -0.35 4.89 0.83
N SER A 34 -0.33 4.83 -0.48
CA SER A 34 -1.31 4.06 -1.22
C SER A 34 -0.86 2.62 -1.32
N SER A 35 -1.44 1.76 -0.50
CA SER A 35 -1.06 0.36 -0.48
C SER A 35 -2.03 -0.43 -1.34
N GLU A 36 -1.67 -0.59 -2.60
CA GLU A 36 -2.53 -1.25 -3.55
C GLU A 36 -2.09 -2.71 -3.72
N THR A 37 -2.76 -3.60 -3.00
CA THR A 37 -2.39 -5.00 -2.98
C THR A 37 -3.21 -5.80 -3.99
N LYS A 38 -2.57 -6.21 -5.07
CA LYS A 38 -3.24 -6.98 -6.12
C LYS A 38 -3.09 -8.47 -5.86
N ILE A 39 -4.15 -9.08 -5.36
CA ILE A 39 -4.13 -10.50 -5.04
C ILE A 39 -4.79 -11.31 -6.14
N GLN A 40 -4.08 -12.28 -6.69
CA GLN A 40 -4.67 -13.17 -7.69
C GLN A 40 -5.64 -14.13 -6.99
N PHE A 41 -6.64 -14.61 -7.70
CA PHE A 41 -7.60 -15.56 -7.11
C PHE A 41 -6.89 -16.82 -6.63
N ALA A 42 -5.80 -17.18 -7.30
CA ALA A 42 -5.02 -18.35 -6.93
C ALA A 42 -4.27 -18.14 -5.62
N SER A 43 -4.00 -16.88 -5.28
CA SER A 43 -3.28 -16.55 -4.06
C SER A 43 -4.23 -16.51 -2.86
N ILE A 44 -5.43 -15.99 -3.09
CA ILE A 44 -6.42 -15.86 -2.01
C ILE A 44 -7.23 -17.15 -1.85
N GLY A 45 -7.38 -17.90 -2.94
CA GLY A 45 -8.14 -19.14 -2.88
C GLY A 45 -9.61 -18.92 -3.18
N ALA A 46 -9.91 -17.80 -3.82
CA ALA A 46 -11.28 -17.46 -4.16
C ALA A 46 -11.63 -18.00 -5.54
N THR A 47 -12.74 -18.72 -5.62
CA THR A 47 -13.18 -19.32 -6.87
C THR A 47 -13.63 -18.24 -7.86
N THR A 48 -14.41 -17.28 -7.38
CA THR A 48 -14.96 -16.25 -8.23
C THR A 48 -14.78 -14.87 -7.62
N LYS A 49 -15.26 -13.84 -8.31
CA LYS A 49 -15.20 -12.47 -7.83
C LYS A 49 -16.15 -12.30 -6.65
N GLU A 50 -17.26 -13.03 -6.71
CA GLU A 50 -18.24 -13.05 -5.63
C GLU A 50 -17.61 -13.59 -4.36
N ASP A 51 -16.94 -14.72 -4.49
CA ASP A 51 -16.28 -15.37 -3.36
C ASP A 51 -15.15 -14.49 -2.82
N ALA A 52 -14.45 -13.82 -3.72
CA ALA A 52 -13.37 -12.92 -3.35
C ALA A 52 -13.88 -11.77 -2.49
N ALA A 53 -15.03 -11.23 -2.86
CA ALA A 53 -15.64 -10.13 -2.11
C ALA A 53 -15.99 -10.58 -0.69
N LYS A 54 -16.46 -11.81 -0.56
CA LYS A 54 -16.81 -12.36 0.75
C LYS A 54 -15.61 -12.37 1.70
N THR A 55 -14.41 -12.39 1.14
CA THR A 55 -13.22 -12.37 1.96
C THR A 55 -12.70 -10.94 2.13
N LEU A 56 -12.73 -10.17 1.06
CA LEU A 56 -12.10 -8.85 1.05
C LEU A 56 -12.97 -7.76 1.66
N GLU A 57 -14.28 -7.83 1.46
CA GLU A 57 -15.17 -6.78 1.98
C GLU A 57 -15.04 -6.64 3.51
N PRO A 58 -15.18 -7.73 4.29
CA PRO A 58 -14.99 -7.66 5.74
C PRO A 58 -13.55 -7.38 6.14
N LEU A 59 -12.62 -7.57 5.19
CA LEU A 59 -11.21 -7.32 5.44
C LEU A 59 -10.92 -5.82 5.34
N SER A 60 -11.52 -5.17 4.33
CA SER A 60 -11.42 -3.73 4.19
C SER A 60 -12.07 -3.04 5.38
N ALA A 61 -13.06 -3.71 5.98
CA ALA A 61 -13.76 -3.20 7.14
C ALA A 61 -12.86 -3.19 8.38
N LYS A 62 -11.69 -3.82 8.28
CA LYS A 62 -10.72 -3.81 9.37
C LYS A 62 -10.07 -2.44 9.46
N TYR A 63 -10.08 -1.71 8.34
CA TYR A 63 -9.60 -0.34 8.32
C TYR A 63 -10.68 0.58 8.86
N LYS A 64 -11.85 0.52 8.24
CA LYS A 64 -13.03 1.25 8.69
C LYS A 64 -12.80 2.76 8.75
N ASN A 65 -12.40 3.27 9.92
CA ASN A 65 -12.23 4.70 10.10
C ASN A 65 -11.00 5.02 10.94
N ILE A 66 -9.91 4.27 10.70
CA ILE A 66 -8.64 4.53 11.38
C ILE A 66 -8.17 5.95 11.11
N ALA A 67 -8.37 6.38 9.88
CA ALA A 67 -7.89 7.67 9.40
C ALA A 67 -8.53 7.94 8.06
N GLY A 68 -7.81 8.63 7.19
CA GLY A 68 -8.25 8.77 5.81
C GLY A 68 -7.97 7.52 5.02
N VAL A 69 -8.25 6.36 5.62
CA VAL A 69 -7.97 5.08 5.02
C VAL A 69 -9.07 4.69 4.05
N GLU A 70 -8.80 4.92 2.78
CA GLU A 70 -9.77 4.69 1.74
C GLU A 70 -9.49 3.37 1.04
N GLU A 71 -10.33 2.37 1.28
CA GLU A 71 -10.14 1.05 0.70
C GLU A 71 -11.04 0.86 -0.52
N LYS A 72 -10.42 0.85 -1.69
CA LYS A 72 -11.14 0.68 -2.95
C LYS A 72 -10.84 -0.70 -3.53
N LEU A 73 -11.79 -1.61 -3.40
CA LEU A 73 -11.62 -2.97 -3.89
C LEU A 73 -11.89 -3.06 -5.38
N THR A 74 -10.86 -3.40 -6.14
CA THR A 74 -10.99 -3.51 -7.58
C THR A 74 -10.95 -4.97 -8.02
N TYR A 75 -12.09 -5.48 -8.45
CA TYR A 75 -12.17 -6.82 -8.99
C TYR A 75 -12.11 -6.74 -10.52
N THR A 76 -10.96 -7.05 -11.08
CA THR A 76 -10.73 -6.80 -12.50
C THR A 76 -11.16 -7.99 -13.35
N ASP A 77 -10.88 -9.19 -12.87
CA ASP A 77 -11.21 -10.40 -13.61
C ASP A 77 -10.89 -11.65 -12.79
N THR A 78 -9.61 -12.02 -12.76
CA THR A 78 -9.19 -13.21 -12.03
C THR A 78 -8.26 -12.79 -10.89
N TYR A 79 -8.34 -11.53 -10.52
CA TYR A 79 -7.59 -11.00 -9.40
C TYR A 79 -8.31 -9.80 -8.83
N ALA A 80 -8.03 -9.51 -7.58
CA ALA A 80 -8.65 -8.39 -6.90
C ALA A 80 -7.58 -7.52 -6.25
N GLN A 81 -7.59 -6.25 -6.59
CA GLN A 81 -6.62 -5.33 -6.03
C GLN A 81 -7.26 -4.49 -4.94
N GLU A 82 -6.74 -4.59 -3.74
CA GLU A 82 -7.16 -3.74 -2.65
C GLU A 82 -6.42 -2.41 -2.74
N ASN A 83 -7.04 -1.44 -3.39
CA ASN A 83 -6.44 -0.12 -3.52
C ASN A 83 -6.63 0.62 -2.21
N VAL A 84 -5.66 0.51 -1.34
CA VAL A 84 -5.78 1.10 -0.02
C VAL A 84 -5.11 2.46 0.02
N THR A 85 -5.81 3.44 0.52
CA THR A 85 -5.26 4.78 0.61
C THR A 85 -5.06 5.16 2.07
N ILE A 86 -3.82 5.10 2.53
CA ILE A 86 -3.53 5.39 3.93
C ILE A 86 -3.00 6.81 4.09
N ASP A 87 -3.80 7.67 4.69
CA ASP A 87 -3.40 9.05 4.94
C ASP A 87 -2.63 9.13 6.26
N MET A 88 -1.35 9.42 6.17
CA MET A 88 -0.45 9.37 7.32
C MET A 88 -0.50 10.64 8.15
N GLU A 89 -1.38 11.55 7.78
CA GLU A 89 -1.55 12.77 8.55
C GLU A 89 -2.64 12.58 9.60
N LYS A 90 -3.37 11.48 9.51
CA LYS A 90 -4.47 11.23 10.41
C LYS A 90 -4.41 9.82 11.01
N VAL A 91 -3.39 9.05 10.62
CA VAL A 91 -3.29 7.65 11.02
C VAL A 91 -3.28 7.46 12.54
N ASP A 92 -4.14 6.58 13.00
CA ASP A 92 -4.09 6.11 14.37
C ASP A 92 -3.26 4.85 14.43
N PHE A 93 -2.06 4.96 14.99
CA PHE A 93 -1.13 3.85 15.01
C PHE A 93 -1.57 2.77 15.98
N LYS A 94 -2.54 3.10 16.82
CA LYS A 94 -3.07 2.13 17.77
C LYS A 94 -3.88 1.06 17.04
N ALA A 95 -4.69 1.49 16.09
CA ALA A 95 -5.42 0.56 15.24
C ALA A 95 -4.51 0.00 14.15
N LEU A 96 -3.56 0.83 13.71
CA LEU A 96 -2.62 0.45 12.67
C LEU A 96 -1.65 -0.62 13.18
N GLN A 97 -1.58 -0.77 14.49
CA GLN A 97 -0.74 -1.79 15.12
C GLN A 97 -1.10 -3.18 14.61
N GLY A 98 -2.37 -3.36 14.28
CA GLY A 98 -2.81 -4.63 13.73
C GLY A 98 -2.62 -4.68 12.23
N ILE A 99 -3.05 -3.63 11.55
CA ILE A 99 -2.91 -3.54 10.10
C ILE A 99 -1.99 -2.38 9.73
N SER A 100 -0.72 -2.68 9.50
CA SER A 100 0.26 -1.65 9.17
C SER A 100 0.55 -1.66 7.67
N GLY A 101 0.55 -2.85 7.08
CA GLY A 101 0.90 -3.00 5.69
C GLY A 101 2.40 -3.08 5.49
N ILE A 102 3.12 -2.91 6.59
CA ILE A 102 4.58 -2.95 6.56
C ILE A 102 5.06 -4.29 7.09
N ASN A 103 5.49 -5.15 6.19
CA ASN A 103 5.93 -6.49 6.56
C ASN A 103 7.44 -6.55 6.66
N VAL A 104 8.05 -5.42 7.02
CA VAL A 104 9.49 -5.35 7.21
C VAL A 104 9.81 -5.34 8.70
N SER A 105 9.70 -4.18 9.32
CA SER A 105 9.92 -4.05 10.74
C SER A 105 8.77 -3.32 11.40
N ALA A 106 8.20 -3.90 12.44
CA ALA A 106 7.14 -3.24 13.21
C ALA A 106 7.75 -2.13 14.06
N GLU A 107 9.04 -2.29 14.36
CA GLU A 107 9.79 -1.29 15.10
C GLU A 107 9.81 0.03 14.33
N ASP A 108 9.80 -0.07 13.00
CA ASP A 108 9.79 1.10 12.13
C ASP A 108 8.43 1.78 12.15
N ALA A 109 7.37 0.97 12.28
CA ALA A 109 6.02 1.50 12.36
C ALA A 109 5.80 2.20 13.70
N LYS A 110 6.44 1.66 14.74
CA LYS A 110 6.36 2.24 16.08
C LYS A 110 7.40 3.36 16.22
N LYS A 111 8.09 3.64 15.14
CA LYS A 111 9.17 4.60 15.12
C LYS A 111 8.72 5.93 14.52
N GLY A 112 7.91 5.83 13.48
CA GLY A 112 7.50 7.01 12.73
C GLY A 112 7.96 6.91 11.30
N ILE A 113 7.03 6.69 10.40
CA ILE A 113 7.37 6.42 9.01
C ILE A 113 7.82 7.68 8.28
N THR A 114 9.09 7.70 7.92
CA THR A 114 9.64 8.77 7.10
C THR A 114 9.91 8.23 5.70
N MET A 115 10.27 9.11 4.78
CA MET A 115 10.64 8.66 3.44
C MET A 115 12.03 8.05 3.48
N ALA A 116 12.87 8.58 4.38
CA ALA A 116 14.19 8.02 4.60
C ALA A 116 14.09 6.57 5.05
N GLN A 117 13.09 6.31 5.90
CA GLN A 117 12.72 4.95 6.26
C GLN A 117 12.39 4.15 5.02
N MET A 118 11.34 4.54 4.32
CA MET A 118 10.88 3.81 3.15
C MET A 118 11.99 3.54 2.14
N GLU A 119 12.81 4.53 1.81
CA GLU A 119 13.91 4.35 0.85
C GLU A 119 14.83 3.20 1.30
N LEU A 120 15.40 3.34 2.49
CA LEU A 120 16.34 2.36 3.03
C LEU A 120 15.66 1.02 3.29
N VAL A 121 14.42 1.09 3.71
CA VAL A 121 13.62 -0.05 4.12
C VAL A 121 13.13 -0.87 2.92
N MET A 122 12.86 -0.19 1.81
CA MET A 122 12.49 -0.88 0.57
C MET A 122 13.70 -1.65 0.06
N LYS A 123 14.87 -1.02 0.18
CA LYS A 123 16.12 -1.64 -0.23
C LYS A 123 16.45 -2.85 0.65
N ALA A 124 16.01 -2.79 1.90
CA ALA A 124 16.25 -3.88 2.84
C ALA A 124 15.51 -5.15 2.44
N ALA A 125 14.21 -5.03 2.19
CA ALA A 125 13.40 -6.18 1.82
C ALA A 125 13.60 -6.55 0.36
N GLY A 126 14.26 -5.67 -0.38
CA GLY A 126 14.52 -5.93 -1.78
C GLY A 126 13.30 -5.71 -2.65
N PHE A 127 12.59 -4.61 -2.38
CA PHE A 127 11.42 -4.27 -3.16
C PHE A 127 11.81 -3.59 -4.47
N LYS A 128 10.97 -3.75 -5.48
CA LYS A 128 11.26 -3.21 -6.80
C LYS A 128 10.60 -1.84 -6.97
N GLU A 129 11.43 -0.80 -7.03
CA GLU A 129 10.94 0.57 -7.13
C GLU A 129 10.37 0.83 -8.52
N VAL A 130 9.21 1.46 -8.55
CA VAL A 130 8.52 1.77 -9.78
C VAL A 130 8.04 3.23 -9.76
N LYS A 131 8.95 4.17 -10.00
CA LYS A 131 8.57 5.56 -10.11
C LYS A 131 7.65 5.77 -11.31
N LEU A 132 6.74 6.71 -11.18
CA LEU A 132 5.76 6.98 -12.21
C LEU A 132 6.41 7.72 -13.38
N GLU A 133 5.72 7.74 -14.51
CA GLU A 133 6.22 8.38 -15.71
C GLU A 133 6.39 9.88 -15.48
N HIS A 134 7.30 10.49 -16.21
CA HIS A 134 7.52 11.93 -16.16
C HIS A 134 6.51 12.61 -17.07
N HIS A 135 5.28 12.10 -17.04
CA HIS A 135 4.22 12.56 -17.92
C HIS A 135 3.62 13.87 -17.40
N HIS A 136 3.99 14.23 -16.17
CA HIS A 136 3.59 15.51 -15.61
C HIS A 136 4.75 16.49 -15.77
N HIS A 137 5.82 16.22 -15.04
CA HIS A 137 7.04 17.02 -15.13
C HIS A 137 8.03 16.30 -16.04
N HIS A 138 8.03 16.67 -17.32
CA HIS A 138 8.83 15.97 -18.32
C HIS A 138 10.30 16.41 -18.29
N HIS A 139 10.88 16.35 -17.11
CA HIS A 139 12.28 16.70 -16.92
C HIS A 139 12.68 16.29 -15.50
N MET A 1 6.12 27.82 -3.34
CA MET A 1 6.92 27.36 -4.50
C MET A 1 8.20 26.70 -4.01
N GLY A 2 8.47 25.51 -4.53
CA GLY A 2 9.66 24.78 -4.12
C GLY A 2 9.29 23.43 -3.57
N ASP A 3 8.57 23.42 -2.47
CA ASP A 3 8.08 22.19 -1.87
C ASP A 3 6.82 21.72 -2.56
N LYS A 4 6.98 20.80 -3.49
CA LYS A 4 5.83 20.18 -4.14
C LYS A 4 5.87 18.69 -3.85
N GLU A 5 4.75 18.17 -3.35
CA GLU A 5 4.62 16.77 -2.97
C GLU A 5 5.24 15.82 -4.02
N GLU A 6 6.11 14.96 -3.55
CA GLU A 6 6.94 14.10 -4.40
C GLU A 6 6.35 12.69 -4.44
N SER A 7 6.17 12.15 -5.63
CA SER A 7 5.54 10.84 -5.78
C SER A 7 6.57 9.75 -6.11
N LYS A 8 6.50 8.65 -5.39
CA LYS A 8 7.37 7.50 -5.63
C LYS A 8 6.57 6.21 -5.49
N LYS A 9 6.64 5.35 -6.49
CA LYS A 9 5.93 4.09 -6.46
C LYS A 9 6.90 2.92 -6.51
N PHE A 10 6.58 1.86 -5.78
CA PHE A 10 7.30 0.61 -5.89
C PHE A 10 6.31 -0.52 -6.06
N SER A 11 6.69 -1.55 -6.79
CA SER A 11 5.81 -2.68 -7.01
C SER A 11 6.56 -3.99 -6.87
N ALA A 12 6.18 -4.78 -5.88
CA ALA A 12 6.82 -6.05 -5.63
C ALA A 12 5.79 -7.17 -5.65
N ASN A 13 5.89 -8.04 -6.64
CA ASN A 13 5.01 -9.19 -6.76
C ASN A 13 5.59 -10.34 -5.96
N LEU A 14 4.93 -10.66 -4.85
CA LEU A 14 5.40 -11.73 -3.98
C LEU A 14 4.28 -12.75 -3.75
N ASN A 15 4.57 -14.01 -4.09
CA ASN A 15 3.63 -15.13 -3.92
C ASN A 15 2.45 -15.06 -4.90
N GLY A 16 1.95 -13.86 -5.12
CA GLY A 16 0.79 -13.67 -5.96
C GLY A 16 0.09 -12.36 -5.67
N THR A 17 0.45 -11.75 -4.55
CA THR A 17 -0.03 -10.42 -4.21
C THR A 17 0.88 -9.37 -4.82
N GLU A 18 0.38 -8.69 -5.85
CA GLU A 18 1.15 -7.67 -6.54
C GLU A 18 0.96 -6.33 -5.84
N ILE A 19 1.88 -5.99 -4.96
CA ILE A 19 1.75 -4.79 -4.16
C ILE A 19 2.53 -3.64 -4.78
N ALA A 20 1.81 -2.70 -5.36
CA ALA A 20 2.40 -1.50 -5.91
C ALA A 20 1.92 -0.29 -5.14
N ILE A 21 2.77 0.24 -4.28
CA ILE A 21 2.41 1.36 -3.44
C ILE A 21 2.95 2.65 -4.02
N THR A 22 2.05 3.52 -4.45
CA THR A 22 2.42 4.83 -4.91
C THR A 22 2.33 5.80 -3.74
N TYR A 23 3.45 6.03 -3.06
CA TYR A 23 3.43 6.88 -1.89
C TYR A 23 4.01 8.25 -2.21
N VAL A 24 3.33 9.26 -1.73
CA VAL A 24 3.73 10.63 -1.93
C VAL A 24 4.33 11.21 -0.66
N TYR A 25 5.58 11.58 -0.74
CA TYR A 25 6.29 12.14 0.40
C TYR A 25 6.58 13.60 0.14
N LYS A 26 6.99 14.32 1.17
CA LYS A 26 7.35 15.71 1.02
C LYS A 26 8.51 16.01 1.95
N GLY A 27 9.71 15.91 1.41
CA GLY A 27 10.88 16.05 2.24
C GLY A 27 11.23 14.74 2.93
N ASP A 28 11.16 14.73 4.26
CA ASP A 28 11.52 13.54 5.01
C ASP A 28 10.28 12.79 5.50
N LYS A 29 9.09 13.35 5.30
CA LYS A 29 7.87 12.68 5.70
C LYS A 29 7.08 12.21 4.49
N VAL A 30 6.61 10.98 4.54
CA VAL A 30 5.64 10.50 3.57
C VAL A 30 4.27 10.99 3.99
N LEU A 31 3.58 11.71 3.11
CA LEU A 31 2.34 12.38 3.49
C LEU A 31 1.11 11.70 2.92
N LYS A 32 1.30 10.81 1.97
CA LYS A 32 0.20 10.04 1.44
C LYS A 32 0.70 8.69 0.96
N GLN A 33 -0.07 7.64 1.21
CA GLN A 33 0.33 6.30 0.84
C GLN A 33 -0.79 5.61 0.06
N SER A 34 -0.62 5.49 -1.25
CA SER A 34 -1.57 4.77 -2.06
C SER A 34 -1.09 3.33 -2.22
N SER A 35 -1.62 2.45 -1.38
CA SER A 35 -1.20 1.07 -1.37
C SER A 35 -2.15 0.21 -2.18
N GLU A 36 -1.80 0.00 -3.44
CA GLU A 36 -2.61 -0.77 -4.35
C GLU A 36 -2.11 -2.22 -4.39
N THR A 37 -2.92 -3.12 -3.87
CA THR A 37 -2.56 -4.53 -3.86
C THR A 37 -3.43 -5.31 -4.84
N LYS A 38 -2.79 -5.83 -5.88
CA LYS A 38 -3.49 -6.62 -6.89
C LYS A 38 -3.36 -8.09 -6.56
N ILE A 39 -4.40 -8.64 -5.94
CA ILE A 39 -4.38 -10.03 -5.50
C ILE A 39 -5.01 -10.92 -6.56
N GLN A 40 -4.21 -11.80 -7.14
CA GLN A 40 -4.75 -12.81 -8.06
C GLN A 40 -5.62 -13.78 -7.27
N PHE A 41 -6.65 -14.33 -7.90
CA PHE A 41 -7.52 -15.28 -7.21
C PHE A 41 -6.76 -16.55 -6.85
N ALA A 42 -5.64 -16.78 -7.54
CA ALA A 42 -4.82 -17.96 -7.29
C ALA A 42 -4.02 -17.81 -5.99
N SER A 43 -3.71 -16.58 -5.61
CA SER A 43 -2.90 -16.35 -4.42
C SER A 43 -3.77 -16.17 -3.17
N ILE A 44 -4.96 -15.63 -3.36
CA ILE A 44 -5.89 -15.47 -2.24
C ILE A 44 -6.64 -16.78 -1.96
N GLY A 45 -6.85 -17.58 -3.01
CA GLY A 45 -7.58 -18.81 -2.85
C GLY A 45 -9.06 -18.62 -3.07
N ALA A 46 -9.40 -17.60 -3.86
CA ALA A 46 -10.79 -17.30 -4.15
C ALA A 46 -11.23 -18.04 -5.40
N THR A 47 -12.42 -18.62 -5.34
CA THR A 47 -12.93 -19.41 -6.45
C THR A 47 -13.98 -18.61 -7.23
N THR A 48 -14.41 -17.49 -6.66
CA THR A 48 -15.44 -16.65 -7.27
C THR A 48 -15.30 -15.22 -6.75
N LYS A 49 -15.85 -14.25 -7.48
CA LYS A 49 -15.84 -12.85 -7.07
C LYS A 49 -16.45 -12.68 -5.66
N GLU A 50 -17.68 -13.14 -5.49
CA GLU A 50 -18.36 -13.07 -4.19
C GLU A 50 -17.60 -13.90 -3.16
N ASP A 51 -16.98 -14.97 -3.63
CA ASP A 51 -16.18 -15.83 -2.77
C ASP A 51 -14.97 -15.07 -2.21
N ALA A 52 -14.35 -14.27 -3.08
CA ALA A 52 -13.24 -13.42 -2.67
C ALA A 52 -13.73 -12.36 -1.69
N ALA A 53 -14.93 -11.85 -1.94
CA ALA A 53 -15.53 -10.84 -1.08
C ALA A 53 -15.67 -11.37 0.34
N LYS A 54 -16.08 -12.62 0.49
CA LYS A 54 -16.24 -13.23 1.82
C LYS A 54 -14.92 -13.24 2.59
N THR A 55 -13.82 -13.11 1.88
CA THR A 55 -12.50 -13.11 2.50
C THR A 55 -11.97 -11.69 2.69
N LEU A 56 -12.30 -10.81 1.75
CA LEU A 56 -11.77 -9.44 1.76
C LEU A 56 -12.62 -8.50 2.61
N GLU A 57 -13.93 -8.72 2.63
CA GLU A 57 -14.85 -7.86 3.36
C GLU A 57 -14.46 -7.67 4.84
N PRO A 58 -14.24 -8.76 5.61
CA PRO A 58 -13.84 -8.65 7.02
C PRO A 58 -12.40 -8.17 7.18
N LEU A 59 -11.68 -8.10 6.06
CA LEU A 59 -10.29 -7.67 6.07
C LEU A 59 -10.22 -6.15 5.86
N SER A 60 -10.84 -5.68 4.78
CA SER A 60 -10.84 -4.26 4.47
C SER A 60 -11.60 -3.46 5.53
N ALA A 61 -12.53 -4.13 6.22
CA ALA A 61 -13.32 -3.50 7.28
C ALA A 61 -12.45 -3.15 8.48
N LYS A 62 -11.21 -3.63 8.49
CA LYS A 62 -10.28 -3.29 9.56
C LYS A 62 -9.84 -1.83 9.40
N TYR A 63 -9.93 -1.32 8.18
CA TYR A 63 -9.59 0.07 7.88
C TYR A 63 -10.76 0.99 8.22
N LYS A 64 -11.63 0.52 9.10
CA LYS A 64 -12.85 1.23 9.50
C LYS A 64 -12.53 2.65 10.01
N ASN A 65 -12.53 3.59 9.06
CA ASN A 65 -12.30 5.02 9.33
C ASN A 65 -11.07 5.26 10.22
N ILE A 66 -9.96 4.59 9.89
CA ILE A 66 -8.70 4.83 10.60
C ILE A 66 -8.25 6.26 10.32
N ALA A 67 -8.26 6.60 9.06
CA ALA A 67 -7.87 7.91 8.58
C ALA A 67 -8.64 8.19 7.30
N GLY A 68 -8.09 9.00 6.42
CA GLY A 68 -8.68 9.17 5.10
C GLY A 68 -8.37 7.97 4.23
N VAL A 69 -8.69 6.80 4.74
CA VAL A 69 -8.33 5.54 4.10
C VAL A 69 -9.42 5.10 3.13
N GLU A 70 -9.13 5.20 1.85
CA GLU A 70 -10.05 4.76 0.81
C GLU A 70 -9.73 3.33 0.39
N GLU A 71 -10.66 2.43 0.64
CA GLU A 71 -10.50 1.04 0.23
C GLU A 71 -11.39 0.72 -0.96
N LYS A 72 -10.78 0.39 -2.08
CA LYS A 72 -11.53 0.03 -3.27
C LYS A 72 -11.28 -1.41 -3.66
N LEU A 73 -12.21 -2.27 -3.29
CA LEU A 73 -12.17 -3.67 -3.66
C LEU A 73 -12.75 -3.86 -5.06
N THR A 74 -11.89 -3.94 -6.06
CA THR A 74 -12.36 -4.11 -7.42
C THR A 74 -12.19 -5.56 -7.87
N TYR A 75 -13.29 -6.19 -8.22
CA TYR A 75 -13.27 -7.58 -8.64
C TYR A 75 -13.51 -7.67 -10.14
N THR A 76 -12.44 -7.90 -10.89
CA THR A 76 -12.53 -7.94 -12.34
C THR A 76 -13.09 -9.26 -12.83
N ASP A 77 -12.30 -10.31 -12.69
CA ASP A 77 -12.70 -11.64 -13.14
C ASP A 77 -11.85 -12.72 -12.46
N THR A 78 -10.54 -12.59 -12.55
CA THR A 78 -9.64 -13.59 -11.99
C THR A 78 -8.71 -12.98 -10.95
N TYR A 79 -8.98 -11.73 -10.58
CA TYR A 79 -8.18 -11.05 -9.58
C TYR A 79 -8.99 -9.98 -8.88
N ALA A 80 -8.58 -9.67 -7.66
CA ALA A 80 -9.19 -8.61 -6.89
C ALA A 80 -8.16 -7.52 -6.62
N GLN A 81 -8.42 -6.33 -7.12
CA GLN A 81 -7.49 -5.22 -6.96
C GLN A 81 -7.95 -4.34 -5.80
N GLU A 82 -7.31 -4.50 -4.65
CA GLU A 82 -7.61 -3.67 -3.51
C GLU A 82 -6.78 -2.40 -3.58
N ASN A 83 -7.36 -1.38 -4.18
CA ASN A 83 -6.68 -0.11 -4.33
C ASN A 83 -6.90 0.73 -3.07
N VAL A 84 -5.91 0.78 -2.22
CA VAL A 84 -6.03 1.49 -0.97
C VAL A 84 -5.38 2.87 -1.08
N THR A 85 -5.99 3.86 -0.46
CA THR A 85 -5.45 5.20 -0.44
C THR A 85 -5.47 5.73 0.98
N ILE A 86 -4.32 5.68 1.64
CA ILE A 86 -4.20 6.12 3.01
C ILE A 86 -3.54 7.48 3.07
N ASP A 87 -4.07 8.37 3.89
CA ASP A 87 -3.41 9.64 4.14
C ASP A 87 -2.47 9.46 5.32
N MET A 88 -1.27 10.00 5.19
CA MET A 88 -0.24 9.80 6.21
C MET A 88 -0.23 10.98 7.17
N GLU A 89 -1.35 11.65 7.25
CA GLU A 89 -1.53 12.78 8.14
C GLU A 89 -2.38 12.38 9.34
N LYS A 90 -3.48 11.68 9.05
CA LYS A 90 -4.40 11.25 10.08
C LYS A 90 -4.14 9.79 10.50
N VAL A 91 -3.10 9.19 9.93
CA VAL A 91 -2.76 7.79 10.22
C VAL A 91 -2.74 7.50 11.72
N ASP A 92 -3.71 6.73 12.16
CA ASP A 92 -3.74 6.30 13.55
C ASP A 92 -2.93 5.03 13.67
N PHE A 93 -1.69 5.16 14.10
CA PHE A 93 -0.77 4.03 14.17
C PHE A 93 -1.15 3.08 15.30
N LYS A 94 -2.01 3.53 16.21
CA LYS A 94 -2.46 2.68 17.30
C LYS A 94 -3.45 1.67 16.77
N ALA A 95 -4.37 2.11 15.93
CA ALA A 95 -5.29 1.23 15.26
C ALA A 95 -4.54 0.38 14.23
N LEU A 96 -3.59 1.00 13.56
CA LEU A 96 -2.77 0.31 12.56
C LEU A 96 -1.92 -0.78 13.20
N GLN A 97 -1.67 -0.65 14.50
CA GLN A 97 -0.83 -1.60 15.24
C GLN A 97 -1.29 -3.04 15.02
N GLY A 98 -2.59 -3.25 15.00
CA GLY A 98 -3.12 -4.59 14.84
C GLY A 98 -3.44 -4.93 13.39
N ILE A 99 -3.13 -4.02 12.48
CA ILE A 99 -3.45 -4.21 11.07
C ILE A 99 -2.21 -4.02 10.20
N SER A 100 -1.05 -3.92 10.84
CA SER A 100 0.20 -3.70 10.12
C SER A 100 0.61 -4.97 9.35
N GLY A 101 0.33 -4.98 8.06
CA GLY A 101 0.72 -6.09 7.22
C GLY A 101 2.08 -5.87 6.57
N ILE A 102 2.81 -4.88 7.08
CA ILE A 102 4.14 -4.57 6.57
C ILE A 102 5.14 -5.55 7.18
N ASN A 103 5.26 -6.73 6.57
CA ASN A 103 6.14 -7.76 7.10
C ASN A 103 7.58 -7.50 6.68
N VAL A 104 8.13 -6.43 7.22
CA VAL A 104 9.54 -6.11 7.07
C VAL A 104 10.10 -5.87 8.45
N SER A 105 9.35 -5.07 9.21
CA SER A 105 9.63 -4.84 10.61
C SER A 105 8.41 -4.20 11.25
N ALA A 106 7.76 -4.92 12.15
CA ALA A 106 6.59 -4.40 12.85
C ALA A 106 7.03 -3.28 13.78
N GLU A 107 8.26 -3.38 14.25
CA GLU A 107 8.85 -2.39 15.15
C GLU A 107 9.10 -1.08 14.43
N ASP A 108 9.07 -1.12 13.09
CA ASP A 108 9.24 0.08 12.29
C ASP A 108 7.95 0.86 12.26
N ALA A 109 6.84 0.15 12.12
CA ALA A 109 5.52 0.76 12.14
C ALA A 109 5.21 1.31 13.53
N LYS A 110 5.65 0.59 14.55
CA LYS A 110 5.48 1.03 15.94
C LYS A 110 6.20 2.35 16.18
N LYS A 111 7.31 2.55 15.45
CA LYS A 111 8.13 3.73 15.63
C LYS A 111 7.71 4.83 14.64
N GLY A 112 6.60 4.60 13.96
CA GLY A 112 6.13 5.55 12.96
C GLY A 112 6.84 5.37 11.64
N ILE A 113 6.23 5.83 10.56
CA ILE A 113 6.80 5.64 9.24
C ILE A 113 7.29 6.96 8.66
N THR A 114 8.52 6.96 8.19
CA THR A 114 9.14 8.15 7.61
C THR A 114 9.69 7.82 6.24
N MET A 115 10.15 8.83 5.50
CA MET A 115 10.74 8.59 4.19
C MET A 115 12.11 7.96 4.35
N ALA A 116 12.81 8.33 5.41
CA ALA A 116 14.12 7.76 5.72
C ALA A 116 14.02 6.25 5.88
N GLN A 117 12.95 5.83 6.55
CA GLN A 117 12.67 4.41 6.71
C GLN A 117 12.37 3.75 5.38
N MET A 118 11.32 4.20 4.71
CA MET A 118 10.93 3.64 3.42
C MET A 118 12.11 3.50 2.45
N GLU A 119 13.05 4.43 2.46
CA GLU A 119 14.26 4.31 1.65
C GLU A 119 15.08 3.09 2.05
N LEU A 120 15.60 3.09 3.28
CA LEU A 120 16.47 2.00 3.75
C LEU A 120 15.71 0.67 3.78
N VAL A 121 14.57 0.71 4.44
CA VAL A 121 13.71 -0.44 4.65
C VAL A 121 13.31 -1.14 3.35
N MET A 122 12.95 -0.38 2.32
CA MET A 122 12.56 -0.99 1.05
C MET A 122 13.75 -1.63 0.35
N LYS A 123 14.90 -0.98 0.47
CA LYS A 123 16.14 -1.52 -0.09
C LYS A 123 16.60 -2.73 0.75
N ALA A 124 16.16 -2.76 2.00
CA ALA A 124 16.43 -3.90 2.88
C ALA A 124 15.48 -5.06 2.55
N ALA A 125 14.21 -4.72 2.37
CA ALA A 125 13.18 -5.71 2.06
C ALA A 125 13.37 -6.30 0.68
N GLY A 126 14.04 -5.55 -0.18
CA GLY A 126 14.24 -6.00 -1.55
C GLY A 126 13.09 -5.60 -2.43
N PHE A 127 12.43 -4.51 -2.07
CA PHE A 127 11.32 -4.01 -2.85
C PHE A 127 11.82 -3.33 -4.12
N LYS A 128 11.01 -3.39 -5.16
CA LYS A 128 11.43 -2.89 -6.45
C LYS A 128 10.88 -1.48 -6.67
N GLU A 129 11.71 -0.49 -6.36
CA GLU A 129 11.31 0.91 -6.49
C GLU A 129 11.15 1.29 -7.96
N VAL A 130 9.98 1.79 -8.30
CA VAL A 130 9.68 2.18 -9.68
C VAL A 130 9.64 3.70 -9.79
N LYS A 131 10.79 4.29 -10.09
CA LYS A 131 10.86 5.74 -10.24
C LYS A 131 10.36 6.14 -11.63
N LEU A 132 9.15 6.67 -11.67
CA LEU A 132 8.56 7.13 -12.92
C LEU A 132 9.02 8.55 -13.23
N GLU A 133 10.33 8.77 -13.12
CA GLU A 133 10.90 10.10 -13.27
C GLU A 133 11.66 10.26 -14.58
N HIS A 134 12.09 11.49 -14.82
CA HIS A 134 12.99 11.83 -15.89
C HIS A 134 13.64 13.16 -15.54
N HIS A 135 14.97 13.17 -15.42
CA HIS A 135 15.67 14.38 -15.05
C HIS A 135 15.35 15.51 -16.03
N HIS A 136 15.03 16.67 -15.49
CA HIS A 136 14.54 17.78 -16.27
C HIS A 136 15.66 18.47 -17.03
N HIS A 137 15.94 17.99 -18.22
CA HIS A 137 16.91 18.63 -19.09
C HIS A 137 16.54 18.39 -20.55
N HIS A 138 15.63 19.21 -21.05
CA HIS A 138 15.23 19.18 -22.45
C HIS A 138 14.63 20.53 -22.83
N HIS A 139 15.07 21.55 -22.13
CA HIS A 139 14.57 22.91 -22.35
C HIS A 139 15.72 23.89 -22.31
N MET A 1 -0.01 24.82 2.05
CA MET A 1 0.99 24.92 0.96
C MET A 1 2.40 24.82 1.54
N GLY A 2 3.02 23.68 1.32
CA GLY A 2 4.38 23.49 1.80
C GLY A 2 5.33 23.15 0.66
N ASP A 3 5.92 21.97 0.72
CA ASP A 3 6.85 21.53 -0.32
C ASP A 3 6.07 20.82 -1.44
N LYS A 4 6.80 20.19 -2.35
CA LYS A 4 6.18 19.51 -3.48
C LYS A 4 5.85 18.07 -3.11
N GLU A 5 4.78 17.53 -3.68
CA GLU A 5 4.37 16.17 -3.38
C GLU A 5 4.66 15.25 -4.56
N GLU A 6 5.58 14.33 -4.35
CA GLU A 6 6.04 13.42 -5.39
C GLU A 6 5.51 12.02 -5.12
N SER A 7 5.36 11.22 -6.15
CA SER A 7 4.78 9.89 -6.00
C SER A 7 5.77 8.81 -6.43
N LYS A 8 6.14 7.94 -5.49
CA LYS A 8 6.95 6.79 -5.81
C LYS A 8 6.13 5.53 -5.60
N LYS A 9 5.94 4.79 -6.68
CA LYS A 9 5.24 3.53 -6.64
C LYS A 9 6.26 2.41 -6.57
N PHE A 10 6.00 1.37 -5.81
CA PHE A 10 6.85 0.19 -5.83
C PHE A 10 5.97 -1.04 -5.98
N SER A 11 6.51 -2.10 -6.54
CA SER A 11 5.72 -3.28 -6.83
C SER A 11 6.47 -4.54 -6.42
N ALA A 12 5.77 -5.42 -5.72
CA ALA A 12 6.31 -6.71 -5.35
C ALA A 12 5.25 -7.78 -5.51
N ASN A 13 5.39 -8.59 -6.56
CA ASN A 13 4.49 -9.71 -6.77
C ASN A 13 4.96 -10.88 -5.93
N LEU A 14 4.28 -11.12 -4.82
CA LEU A 14 4.63 -12.20 -3.94
C LEU A 14 3.49 -13.21 -3.85
N ASN A 15 3.74 -14.40 -4.39
CA ASN A 15 2.78 -15.51 -4.35
C ASN A 15 1.52 -15.17 -5.16
N GLY A 16 1.66 -14.23 -6.08
CA GLY A 16 0.52 -13.84 -6.91
C GLY A 16 -0.11 -12.55 -6.43
N THR A 17 0.30 -12.10 -5.25
CA THR A 17 -0.17 -10.84 -4.71
C THR A 17 0.77 -9.72 -5.11
N GLU A 18 0.38 -8.95 -6.10
CA GLU A 18 1.20 -7.84 -6.58
C GLU A 18 0.95 -6.62 -5.71
N ILE A 19 1.87 -6.34 -4.80
CA ILE A 19 1.71 -5.21 -3.91
C ILE A 19 2.35 -3.97 -4.53
N ALA A 20 1.50 -3.07 -5.00
CA ALA A 20 1.96 -1.85 -5.61
C ALA A 20 1.58 -0.65 -4.75
N ILE A 21 2.49 -0.26 -3.87
CA ILE A 21 2.24 0.86 -2.99
C ILE A 21 2.78 2.15 -3.60
N THR A 22 1.89 3.07 -3.88
CA THR A 22 2.25 4.36 -4.42
C THR A 22 2.20 5.40 -3.30
N TYR A 23 3.35 5.70 -2.70
CA TYR A 23 3.35 6.64 -1.59
C TYR A 23 3.80 8.03 -2.06
N VAL A 24 3.00 9.02 -1.67
CA VAL A 24 3.27 10.40 -2.00
C VAL A 24 3.98 11.07 -0.84
N TYR A 25 5.15 11.62 -1.13
CA TYR A 25 5.96 12.24 -0.10
C TYR A 25 6.23 13.70 -0.47
N LYS A 26 6.38 14.53 0.54
CA LYS A 26 6.65 15.95 0.35
C LYS A 26 7.89 16.32 1.16
N GLY A 27 9.01 16.44 0.47
CA GLY A 27 10.28 16.57 1.15
C GLY A 27 10.83 15.22 1.55
N ASP A 28 10.95 14.98 2.86
CA ASP A 28 11.40 13.68 3.36
C ASP A 28 10.31 13.05 4.21
N LYS A 29 9.12 13.64 4.21
CA LYS A 29 7.98 13.05 4.88
C LYS A 29 7.09 12.36 3.85
N VAL A 30 6.59 11.19 4.20
CA VAL A 30 5.60 10.53 3.35
C VAL A 30 4.22 10.83 3.92
N LEU A 31 3.34 11.39 3.09
CA LEU A 31 2.07 11.90 3.58
C LEU A 31 0.90 11.06 3.11
N LYS A 32 1.10 10.28 2.06
CA LYS A 32 0.06 9.38 1.57
C LYS A 32 0.64 8.04 1.17
N GLN A 33 0.19 7.00 1.84
CA GLN A 33 0.63 5.66 1.54
C GLN A 33 -0.49 4.89 0.84
N SER A 34 -0.49 4.93 -0.47
CA SER A 34 -1.50 4.22 -1.24
C SER A 34 -1.06 2.79 -1.47
N SER A 35 -1.59 1.89 -0.66
CA SER A 35 -1.22 0.50 -0.74
C SER A 35 -2.26 -0.25 -1.57
N GLU A 36 -1.94 -0.41 -2.84
CA GLU A 36 -2.85 -1.02 -3.78
C GLU A 36 -2.38 -2.43 -4.15
N THR A 37 -3.06 -3.41 -3.59
CA THR A 37 -2.69 -4.80 -3.76
C THR A 37 -3.48 -5.47 -4.87
N LYS A 38 -2.80 -5.82 -5.95
CA LYS A 38 -3.41 -6.55 -7.04
C LYS A 38 -3.35 -8.05 -6.76
N ILE A 39 -4.35 -8.53 -6.04
CA ILE A 39 -4.39 -9.91 -5.61
C ILE A 39 -5.02 -10.78 -6.68
N GLN A 40 -4.22 -11.67 -7.25
CA GLN A 40 -4.74 -12.61 -8.24
C GLN A 40 -5.59 -13.65 -7.53
N PHE A 41 -6.66 -14.10 -8.19
CA PHE A 41 -7.58 -15.07 -7.59
C PHE A 41 -6.88 -16.39 -7.28
N ALA A 42 -5.77 -16.63 -7.95
CA ALA A 42 -4.97 -17.84 -7.71
C ALA A 42 -4.39 -17.84 -6.29
N SER A 43 -4.12 -16.65 -5.76
CA SER A 43 -3.52 -16.52 -4.43
C SER A 43 -4.57 -16.78 -3.35
N ILE A 44 -5.76 -16.22 -3.52
CA ILE A 44 -6.83 -16.40 -2.56
C ILE A 44 -7.43 -17.80 -2.69
N GLY A 45 -7.40 -18.34 -3.90
CA GLY A 45 -7.95 -19.64 -4.16
C GLY A 45 -9.39 -19.58 -4.58
N ALA A 46 -9.74 -18.53 -5.31
CA ALA A 46 -11.09 -18.34 -5.79
C ALA A 46 -11.10 -18.23 -7.32
N THR A 47 -12.28 -18.43 -7.91
CA THR A 47 -12.44 -18.28 -9.34
C THR A 47 -13.61 -17.35 -9.64
N THR A 48 -14.62 -17.38 -8.78
CA THR A 48 -15.78 -16.53 -8.91
C THR A 48 -15.60 -15.23 -8.10
N LYS A 49 -16.17 -14.16 -8.61
CA LYS A 49 -15.99 -12.83 -8.04
C LYS A 49 -16.51 -12.75 -6.60
N GLU A 50 -17.67 -13.34 -6.33
CA GLU A 50 -18.29 -13.22 -5.02
C GLU A 50 -17.66 -14.20 -4.02
N ASP A 51 -17.00 -15.23 -4.52
CA ASP A 51 -16.31 -16.17 -3.65
C ASP A 51 -15.00 -15.58 -3.15
N ALA A 52 -14.49 -14.61 -3.90
CA ALA A 52 -13.31 -13.87 -3.46
C ALA A 52 -13.74 -12.77 -2.49
N ALA A 53 -14.89 -12.17 -2.78
CA ALA A 53 -15.44 -11.12 -1.93
C ALA A 53 -15.68 -11.62 -0.51
N LYS A 54 -16.13 -12.86 -0.39
CA LYS A 54 -16.39 -13.48 0.91
C LYS A 54 -15.17 -13.36 1.83
N THR A 55 -13.98 -13.43 1.25
CA THR A 55 -12.76 -13.44 2.02
C THR A 55 -12.13 -12.03 2.10
N LEU A 56 -12.28 -11.24 1.06
CA LEU A 56 -11.58 -9.96 0.96
C LEU A 56 -12.40 -8.81 1.58
N GLU A 57 -13.71 -8.93 1.61
CA GLU A 57 -14.55 -7.88 2.21
C GLU A 57 -14.20 -7.67 3.69
N PRO A 58 -14.17 -8.75 4.52
CA PRO A 58 -13.74 -8.65 5.92
C PRO A 58 -12.25 -8.33 6.06
N LEU A 59 -11.54 -8.40 4.93
CA LEU A 59 -10.12 -8.06 4.90
C LEU A 59 -9.95 -6.54 4.94
N SER A 60 -10.63 -5.86 4.03
CA SER A 60 -10.55 -4.41 3.92
C SER A 60 -11.16 -3.73 5.16
N ALA A 61 -12.18 -4.37 5.73
CA ALA A 61 -12.91 -3.81 6.87
C ALA A 61 -12.03 -3.69 8.13
N LYS A 62 -10.79 -4.14 8.03
CA LYS A 62 -9.88 -4.09 9.17
C LYS A 62 -9.27 -2.70 9.33
N TYR A 63 -9.36 -1.87 8.29
CA TYR A 63 -8.96 -0.48 8.41
C TYR A 63 -10.12 0.32 8.97
N LYS A 64 -11.24 0.27 8.24
CA LYS A 64 -12.52 0.82 8.71
C LYS A 64 -12.38 2.30 9.09
N ASN A 65 -11.77 3.06 8.18
CA ASN A 65 -11.61 4.51 8.32
C ASN A 65 -11.03 4.91 9.69
N ILE A 66 -9.84 4.41 9.97
CA ILE A 66 -9.09 4.82 11.17
C ILE A 66 -8.84 6.33 11.17
N ALA A 67 -8.51 6.86 10.00
CA ALA A 67 -8.26 8.29 9.84
C ALA A 67 -8.67 8.74 8.45
N GLY A 68 -7.72 8.70 7.53
CA GLY A 68 -7.99 9.00 6.15
C GLY A 68 -7.72 7.79 5.28
N VAL A 69 -7.86 6.61 5.88
CA VAL A 69 -7.61 5.36 5.17
C VAL A 69 -8.87 4.90 4.45
N GLU A 70 -8.83 4.96 3.14
CA GLU A 70 -9.95 4.53 2.32
C GLU A 70 -9.62 3.21 1.64
N GLU A 71 -10.31 2.15 2.04
CA GLU A 71 -10.11 0.83 1.45
C GLU A 71 -11.10 0.61 0.31
N LYS A 72 -10.60 0.19 -0.84
CA LYS A 72 -11.42 0.09 -2.04
C LYS A 72 -11.15 -1.21 -2.80
N LEU A 73 -12.06 -2.16 -2.67
CA LEU A 73 -11.97 -3.42 -3.39
C LEU A 73 -12.47 -3.28 -4.82
N THR A 74 -11.57 -3.29 -5.78
CA THR A 74 -11.96 -3.25 -7.18
C THR A 74 -11.77 -4.63 -7.82
N TYR A 75 -12.88 -5.29 -8.12
CA TYR A 75 -12.83 -6.61 -8.72
C TYR A 75 -12.86 -6.50 -10.24
N THR A 76 -11.89 -7.12 -10.89
CA THR A 76 -11.84 -7.08 -12.34
C THR A 76 -12.46 -8.34 -12.93
N ASP A 77 -11.89 -9.48 -12.57
CA ASP A 77 -12.36 -10.78 -13.04
C ASP A 77 -11.50 -11.89 -12.45
N THR A 78 -10.24 -11.96 -12.90
CA THR A 78 -9.33 -13.01 -12.49
C THR A 78 -8.51 -12.55 -11.28
N TYR A 79 -8.77 -11.32 -10.86
CA TYR A 79 -8.03 -10.72 -9.77
C TYR A 79 -8.81 -9.56 -9.17
N ALA A 80 -8.45 -9.19 -7.96
CA ALA A 80 -9.06 -8.07 -7.28
C ALA A 80 -7.99 -7.11 -6.77
N GLN A 81 -8.18 -5.84 -7.03
CA GLN A 81 -7.24 -4.82 -6.60
C GLN A 81 -7.78 -4.08 -5.39
N GLU A 82 -7.10 -4.23 -4.27
CA GLU A 82 -7.45 -3.51 -3.06
C GLU A 82 -6.66 -2.20 -3.00
N ASN A 83 -7.35 -1.10 -3.21
CA ASN A 83 -6.72 0.20 -3.21
C ASN A 83 -6.92 0.86 -1.85
N VAL A 84 -5.89 0.81 -1.02
CA VAL A 84 -5.97 1.38 0.32
C VAL A 84 -5.20 2.68 0.37
N THR A 85 -5.90 3.79 0.55
CA THR A 85 -5.25 5.07 0.61
C THR A 85 -5.03 5.49 2.05
N ILE A 86 -3.80 5.38 2.52
CA ILE A 86 -3.48 5.70 3.90
C ILE A 86 -3.00 7.14 4.03
N ASP A 87 -3.83 7.98 4.63
CA ASP A 87 -3.42 9.34 4.97
C ASP A 87 -2.45 9.30 6.14
N MET A 88 -1.20 9.66 5.89
CA MET A 88 -0.14 9.50 6.86
C MET A 88 0.08 10.79 7.65
N GLU A 89 -0.97 11.60 7.73
CA GLU A 89 -0.92 12.85 8.48
C GLU A 89 -1.83 12.77 9.68
N LYS A 90 -2.96 12.09 9.49
CA LYS A 90 -3.96 11.94 10.54
C LYS A 90 -3.95 10.49 11.08
N VAL A 91 -2.94 9.73 10.67
CA VAL A 91 -2.83 8.31 11.06
C VAL A 91 -2.87 8.09 12.56
N ASP A 92 -3.56 7.05 12.96
CA ASP A 92 -3.51 6.57 14.34
C ASP A 92 -2.58 5.37 14.40
N PHE A 93 -1.37 5.59 14.88
CA PHE A 93 -0.36 4.53 14.88
C PHE A 93 -0.70 3.46 15.91
N LYS A 94 -1.58 3.79 16.85
CA LYS A 94 -2.07 2.82 17.81
C LYS A 94 -2.73 1.64 17.09
N ALA A 95 -3.70 1.95 16.23
CA ALA A 95 -4.35 0.94 15.41
C ALA A 95 -3.43 0.50 14.27
N LEU A 96 -2.57 1.41 13.83
CA LEU A 96 -1.61 1.12 12.76
C LEU A 96 -0.72 -0.05 13.16
N GLN A 97 -0.40 -0.13 14.44
CA GLN A 97 0.43 -1.20 14.98
C GLN A 97 -0.18 -2.57 14.72
N GLY A 98 -1.50 -2.61 14.62
CA GLY A 98 -2.18 -3.88 14.41
C GLY A 98 -2.12 -4.35 12.97
N ILE A 99 -2.53 -3.48 12.06
CA ILE A 99 -2.58 -3.84 10.64
C ILE A 99 -1.24 -3.62 9.93
N SER A 100 -0.59 -2.51 10.27
CA SER A 100 0.69 -2.11 9.70
C SER A 100 0.58 -1.81 8.20
N GLY A 101 0.45 -2.87 7.42
CA GLY A 101 0.46 -2.73 5.98
C GLY A 101 1.87 -2.61 5.44
N ILE A 102 2.84 -2.83 6.32
CA ILE A 102 4.25 -2.72 5.97
C ILE A 102 5.01 -3.95 6.47
N ASN A 103 5.82 -4.54 5.60
CA ASN A 103 6.64 -5.67 5.99
C ASN A 103 7.87 -5.19 6.75
N VAL A 104 7.69 -4.98 8.04
CA VAL A 104 8.76 -4.52 8.91
C VAL A 104 8.30 -4.63 10.37
N SER A 105 9.21 -4.41 11.30
CA SER A 105 8.89 -4.43 12.71
C SER A 105 8.10 -3.19 13.10
N ALA A 106 7.13 -3.35 13.98
CA ALA A 106 6.29 -2.23 14.41
C ALA A 106 7.11 -1.17 15.13
N GLU A 107 8.26 -1.59 15.66
CA GLU A 107 9.16 -0.69 16.37
C GLU A 107 9.54 0.52 15.52
N ASP A 108 9.76 0.30 14.23
CA ASP A 108 10.16 1.40 13.34
C ASP A 108 8.99 2.35 13.12
N ALA A 109 7.79 1.79 13.10
CA ALA A 109 6.58 2.57 12.88
C ALA A 109 6.20 3.38 14.12
N LYS A 110 6.47 2.81 15.29
CA LYS A 110 6.18 3.49 16.55
C LYS A 110 6.95 4.80 16.67
N LYS A 111 8.16 4.81 16.11
CA LYS A 111 9.03 5.96 16.25
C LYS A 111 8.88 6.92 15.06
N GLY A 112 7.90 6.64 14.22
CA GLY A 112 7.59 7.53 13.12
C GLY A 112 8.19 7.07 11.81
N ILE A 113 7.39 7.09 10.75
CA ILE A 113 7.84 6.68 9.43
C ILE A 113 8.10 7.90 8.55
N THR A 114 9.29 7.97 7.98
CA THR A 114 9.63 9.03 7.05
C THR A 114 10.03 8.43 5.71
N MET A 115 10.52 9.26 4.81
CA MET A 115 11.01 8.78 3.53
C MET A 115 12.24 7.90 3.74
N ALA A 116 13.05 8.28 4.73
CA ALA A 116 14.25 7.53 5.07
C ALA A 116 13.89 6.10 5.48
N GLN A 117 12.79 5.98 6.22
CA GLN A 117 12.25 4.66 6.56
C GLN A 117 12.00 3.85 5.30
N MET A 118 10.95 4.21 4.57
CA MET A 118 10.54 3.51 3.35
C MET A 118 11.71 3.06 2.48
N GLU A 119 12.66 3.96 2.20
CA GLU A 119 13.81 3.62 1.37
C GLU A 119 14.57 2.43 1.95
N LEU A 120 14.96 2.54 3.21
CA LEU A 120 15.78 1.52 3.88
C LEU A 120 14.95 0.27 4.21
N VAL A 121 13.67 0.50 4.46
CA VAL A 121 12.76 -0.53 4.94
C VAL A 121 12.25 -1.38 3.78
N MET A 122 11.97 -0.75 2.66
CA MET A 122 11.53 -1.47 1.47
C MET A 122 12.70 -2.24 0.86
N LYS A 123 13.90 -1.67 0.95
CA LYS A 123 15.09 -2.38 0.54
C LYS A 123 15.33 -3.56 1.48
N ALA A 124 15.01 -3.35 2.76
CA ALA A 124 15.14 -4.39 3.77
C ALA A 124 14.19 -5.55 3.48
N ALA A 125 12.96 -5.24 3.12
CA ALA A 125 11.97 -6.25 2.80
C ALA A 125 12.25 -6.89 1.44
N GLY A 126 12.89 -6.13 0.57
CA GLY A 126 13.21 -6.64 -0.76
C GLY A 126 12.19 -6.19 -1.79
N PHE A 127 11.81 -4.92 -1.73
CA PHE A 127 10.87 -4.36 -2.68
C PHE A 127 11.59 -3.49 -3.69
N LYS A 128 11.17 -3.58 -4.95
CA LYS A 128 11.75 -2.76 -6.01
C LYS A 128 10.81 -1.61 -6.35
N GLU A 129 11.36 -0.46 -6.70
CA GLU A 129 10.55 0.70 -7.03
C GLU A 129 10.08 0.63 -8.47
N VAL A 130 8.84 1.06 -8.67
CA VAL A 130 8.28 1.21 -10.00
C VAL A 130 8.09 2.70 -10.27
N LYS A 131 9.14 3.30 -10.81
CA LYS A 131 9.17 4.72 -11.07
C LYS A 131 8.39 5.03 -12.35
N LEU A 132 7.12 5.37 -12.16
CA LEU A 132 6.21 5.61 -13.27
C LEU A 132 6.73 6.73 -14.18
N GLU A 133 6.92 6.38 -15.45
CA GLU A 133 7.44 7.29 -16.47
C GLU A 133 8.90 7.66 -16.22
N HIS A 134 9.81 6.87 -16.78
CA HIS A 134 11.23 7.19 -16.72
C HIS A 134 11.55 8.27 -17.74
N HIS A 135 11.53 9.52 -17.27
CA HIS A 135 11.74 10.66 -18.13
C HIS A 135 13.23 10.93 -18.29
N HIS A 136 13.68 11.13 -19.52
CA HIS A 136 15.08 11.40 -19.79
C HIS A 136 15.22 12.65 -20.66
N HIS A 137 16.15 13.51 -20.29
CA HIS A 137 16.42 14.73 -21.04
C HIS A 137 17.59 14.48 -21.99
N HIS A 138 18.71 14.07 -21.42
CA HIS A 138 19.90 13.70 -22.17
C HIS A 138 20.82 12.88 -21.27
N HIS A 139 21.44 13.56 -20.33
CA HIS A 139 22.26 12.92 -19.30
C HIS A 139 22.55 13.92 -18.19
N MET A 1 15.86 16.99 -4.97
CA MET A 1 15.28 16.33 -6.16
C MET A 1 13.80 16.68 -6.34
N GLY A 2 13.05 16.71 -5.25
CA GLY A 2 11.63 17.00 -5.33
C GLY A 2 11.28 18.30 -4.64
N ASP A 3 9.98 18.61 -4.59
CA ASP A 3 9.54 19.85 -3.95
C ASP A 3 8.10 19.76 -3.46
N LYS A 4 7.20 19.32 -4.34
CA LYS A 4 5.78 19.32 -4.01
C LYS A 4 5.12 18.02 -4.45
N GLU A 5 4.73 17.22 -3.46
CA GLU A 5 4.08 15.93 -3.69
C GLU A 5 4.89 15.04 -4.62
N GLU A 6 5.90 14.39 -4.06
CA GLU A 6 6.76 13.53 -4.84
C GLU A 6 6.30 12.08 -4.70
N SER A 7 6.03 11.44 -5.82
CA SER A 7 5.47 10.11 -5.81
C SER A 7 6.57 9.06 -5.96
N LYS A 8 6.70 8.21 -4.95
CA LYS A 8 7.63 7.10 -5.01
C LYS A 8 6.84 5.80 -5.02
N LYS A 9 7.01 5.04 -6.10
CA LYS A 9 6.22 3.85 -6.32
C LYS A 9 7.13 2.63 -6.29
N PHE A 10 6.60 1.52 -5.80
CA PHE A 10 7.31 0.26 -5.87
C PHE A 10 6.28 -0.85 -6.04
N SER A 11 6.69 -1.98 -6.60
CA SER A 11 5.78 -3.09 -6.76
C SER A 11 6.54 -4.41 -6.67
N ALA A 12 6.12 -5.24 -5.73
CA ALA A 12 6.73 -6.53 -5.54
C ALA A 12 5.69 -7.64 -5.68
N ASN A 13 5.89 -8.52 -6.63
CA ASN A 13 5.00 -9.64 -6.84
C ASN A 13 5.31 -10.74 -5.84
N LEU A 14 4.60 -10.73 -4.71
CA LEU A 14 4.84 -11.70 -3.65
C LEU A 14 4.15 -13.01 -3.97
N ASN A 15 4.69 -13.71 -4.98
CA ASN A 15 4.17 -15.00 -5.45
C ASN A 15 2.84 -14.84 -6.17
N GLY A 16 1.90 -14.24 -5.48
CA GLY A 16 0.56 -14.05 -6.04
C GLY A 16 0.06 -12.64 -5.82
N THR A 17 0.32 -12.08 -4.65
CA THR A 17 -0.12 -10.73 -4.33
C THR A 17 0.82 -9.69 -4.92
N GLU A 18 0.32 -8.97 -5.92
CA GLU A 18 1.08 -7.90 -6.55
C GLU A 18 0.91 -6.63 -5.74
N ILE A 19 1.84 -6.37 -4.84
CA ILE A 19 1.75 -5.20 -4.00
C ILE A 19 2.53 -4.03 -4.62
N ALA A 20 1.80 -3.11 -5.22
CA ALA A 20 2.40 -1.91 -5.77
C ALA A 20 1.96 -0.71 -4.95
N ILE A 21 2.86 -0.23 -4.10
CA ILE A 21 2.58 0.90 -3.24
C ILE A 21 3.14 2.17 -3.85
N THR A 22 2.30 3.17 -3.95
CA THR A 22 2.71 4.47 -4.46
C THR A 22 2.57 5.50 -3.34
N TYR A 23 3.66 5.75 -2.62
CA TYR A 23 3.59 6.65 -1.50
C TYR A 23 4.16 8.02 -1.86
N VAL A 24 3.28 8.99 -1.85
CA VAL A 24 3.63 10.38 -2.14
C VAL A 24 4.12 11.06 -0.87
N TYR A 25 5.34 11.54 -0.91
CA TYR A 25 5.93 12.20 0.23
C TYR A 25 6.14 13.68 -0.06
N LYS A 26 6.18 14.46 0.99
CA LYS A 26 6.42 15.90 0.87
C LYS A 26 7.64 16.26 1.69
N GLY A 27 8.79 16.33 1.03
CA GLY A 27 10.03 16.56 1.74
C GLY A 27 10.54 15.29 2.36
N ASP A 28 10.61 15.26 3.68
CA ASP A 28 11.07 14.09 4.41
C ASP A 28 9.89 13.27 4.92
N LYS A 29 8.71 13.86 4.88
CA LYS A 29 7.51 13.25 5.44
C LYS A 29 6.70 12.54 4.36
N VAL A 30 6.46 11.25 4.55
CA VAL A 30 5.57 10.52 3.67
C VAL A 30 4.14 10.79 4.09
N LEU A 31 3.30 11.23 3.15
CA LEU A 31 1.96 11.65 3.51
C LEU A 31 0.89 10.71 3.00
N LYS A 32 0.77 10.52 1.69
CA LYS A 32 -0.27 9.63 1.20
C LYS A 32 0.35 8.39 0.57
N GLN A 33 0.06 7.24 1.16
CA GLN A 33 0.62 5.99 0.68
C GLN A 33 -0.48 5.09 0.12
N SER A 34 -0.64 5.08 -1.20
CA SER A 34 -1.61 4.21 -1.82
C SER A 34 -1.03 2.83 -2.04
N SER A 35 -1.42 1.89 -1.19
CA SER A 35 -0.93 0.54 -1.24
C SER A 35 -1.93 -0.34 -1.96
N GLU A 36 -1.70 -0.56 -3.25
CA GLU A 36 -2.62 -1.30 -4.08
C GLU A 36 -2.14 -2.75 -4.24
N THR A 37 -2.87 -3.66 -3.60
CA THR A 37 -2.54 -5.07 -3.66
C THR A 37 -3.43 -5.78 -4.69
N LYS A 38 -2.82 -6.28 -5.74
CA LYS A 38 -3.56 -6.92 -6.82
C LYS A 38 -3.43 -8.44 -6.71
N ILE A 39 -4.56 -9.10 -6.45
CA ILE A 39 -4.57 -10.54 -6.29
C ILE A 39 -5.38 -11.19 -7.39
N GLN A 40 -4.81 -12.19 -8.06
CA GLN A 40 -5.57 -12.96 -9.03
C GLN A 40 -6.40 -14.02 -8.32
N PHE A 41 -7.47 -14.47 -8.96
CA PHE A 41 -8.36 -15.46 -8.35
C PHE A 41 -7.62 -16.76 -8.05
N ALA A 42 -6.62 -17.08 -8.85
CA ALA A 42 -5.83 -18.29 -8.67
C ALA A 42 -4.97 -18.20 -7.41
N SER A 43 -4.61 -16.98 -7.03
CA SER A 43 -3.76 -16.75 -5.87
C SER A 43 -4.58 -16.78 -4.58
N ILE A 44 -5.78 -16.23 -4.62
CA ILE A 44 -6.64 -16.19 -3.45
C ILE A 44 -7.38 -17.52 -3.27
N GLY A 45 -7.70 -18.18 -4.37
CA GLY A 45 -8.40 -19.45 -4.31
C GLY A 45 -9.90 -19.28 -4.38
N ALA A 46 -10.33 -18.10 -4.80
CA ALA A 46 -11.75 -17.78 -4.89
C ALA A 46 -12.32 -18.22 -6.23
N THR A 47 -13.44 -18.92 -6.21
CA THR A 47 -14.07 -19.39 -7.42
C THR A 47 -15.03 -18.34 -7.98
N THR A 48 -15.35 -17.35 -7.16
CA THR A 48 -16.22 -16.25 -7.57
C THR A 48 -15.70 -14.95 -6.98
N LYS A 49 -16.14 -13.82 -7.53
CA LYS A 49 -15.80 -12.52 -6.96
C LYS A 49 -16.66 -12.28 -5.73
N GLU A 50 -17.77 -13.02 -5.66
CA GLU A 50 -18.65 -13.01 -4.50
C GLU A 50 -17.93 -13.60 -3.30
N ASP A 51 -17.30 -14.77 -3.49
CA ASP A 51 -16.51 -15.39 -2.43
C ASP A 51 -15.21 -14.62 -2.22
N ALA A 52 -14.76 -13.93 -3.25
CA ALA A 52 -13.60 -13.07 -3.13
C ALA A 52 -13.87 -11.96 -2.12
N ALA A 53 -15.02 -11.30 -2.27
CA ALA A 53 -15.45 -10.30 -1.32
C ALA A 53 -15.60 -10.91 0.07
N LYS A 54 -16.28 -12.05 0.11
CA LYS A 54 -16.46 -12.82 1.33
C LYS A 54 -15.14 -13.07 2.06
N THR A 55 -14.06 -13.17 1.29
CA THR A 55 -12.74 -13.41 1.87
C THR A 55 -12.00 -12.11 2.17
N LEU A 56 -12.10 -11.14 1.25
CA LEU A 56 -11.29 -9.92 1.34
C LEU A 56 -11.91 -8.85 2.24
N GLU A 57 -13.23 -8.70 2.18
CA GLU A 57 -13.93 -7.63 2.92
C GLU A 57 -13.52 -7.58 4.40
N PRO A 58 -13.60 -8.70 5.16
CA PRO A 58 -13.22 -8.71 6.57
C PRO A 58 -11.75 -8.35 6.81
N LEU A 59 -10.95 -8.40 5.76
CA LEU A 59 -9.54 -8.02 5.85
C LEU A 59 -9.38 -6.53 5.56
N SER A 60 -10.01 -6.06 4.50
CA SER A 60 -9.98 -4.65 4.16
C SER A 60 -10.67 -3.82 5.25
N ALA A 61 -11.68 -4.42 5.87
CA ALA A 61 -12.45 -3.76 6.93
C ALA A 61 -11.63 -3.58 8.21
N LYS A 62 -10.42 -4.11 8.22
CA LYS A 62 -9.51 -3.89 9.34
C LYS A 62 -9.00 -2.46 9.32
N TYR A 63 -8.94 -1.89 8.12
CA TYR A 63 -8.64 -0.47 7.96
C TYR A 63 -9.87 0.35 8.32
N LYS A 64 -11.02 -0.18 7.95
CA LYS A 64 -12.32 0.40 8.27
C LYS A 64 -12.43 1.83 7.76
N ASN A 65 -12.09 2.78 8.61
CA ASN A 65 -12.06 4.19 8.26
C ASN A 65 -11.43 4.95 9.42
N ILE A 66 -10.43 4.32 10.02
CA ILE A 66 -9.69 4.88 11.16
C ILE A 66 -9.22 6.31 10.88
N ALA A 67 -8.83 6.52 9.65
CA ALA A 67 -8.29 7.80 9.19
C ALA A 67 -8.62 7.93 7.72
N GLY A 68 -7.73 8.57 6.96
CA GLY A 68 -7.87 8.61 5.51
C GLY A 68 -7.50 7.29 4.86
N VAL A 69 -7.69 6.20 5.61
CA VAL A 69 -7.39 4.86 5.10
C VAL A 69 -8.57 4.30 4.33
N GLU A 70 -8.45 4.34 3.02
CA GLU A 70 -9.51 3.87 2.14
C GLU A 70 -9.29 2.41 1.76
N GLU A 71 -10.35 1.65 1.70
CA GLU A 71 -10.30 0.30 1.19
C GLU A 71 -11.16 0.16 -0.06
N LYS A 72 -10.54 0.33 -1.21
CA LYS A 72 -11.26 0.30 -2.46
C LYS A 72 -11.08 -1.06 -3.13
N LEU A 73 -12.06 -1.93 -2.92
CA LEU A 73 -12.00 -3.28 -3.45
C LEU A 73 -12.56 -3.31 -4.87
N THR A 74 -11.67 -3.53 -5.83
CA THR A 74 -12.07 -3.58 -7.22
C THR A 74 -12.17 -5.03 -7.70
N TYR A 75 -13.39 -5.48 -7.92
CA TYR A 75 -13.64 -6.86 -8.29
C TYR A 75 -13.71 -7.03 -9.80
N THR A 76 -12.66 -7.60 -10.37
CA THR A 76 -12.66 -7.97 -11.76
C THR A 76 -12.67 -9.49 -11.86
N ASP A 77 -13.31 -10.02 -12.89
CA ASP A 77 -13.47 -11.47 -13.04
C ASP A 77 -12.13 -12.16 -13.28
N THR A 78 -11.08 -11.36 -13.48
CA THR A 78 -9.75 -11.90 -13.67
C THR A 78 -8.90 -11.72 -12.40
N TYR A 79 -9.18 -10.66 -11.65
CA TYR A 79 -8.38 -10.32 -10.49
C TYR A 79 -9.14 -9.37 -9.56
N ALA A 80 -8.81 -9.45 -8.29
CA ALA A 80 -9.38 -8.54 -7.30
C ALA A 80 -8.28 -7.65 -6.74
N GLN A 81 -8.40 -6.35 -6.96
CA GLN A 81 -7.38 -5.42 -6.50
C GLN A 81 -7.84 -4.67 -5.27
N GLU A 82 -7.11 -4.82 -4.18
CA GLU A 82 -7.36 -4.07 -2.97
C GLU A 82 -6.62 -2.74 -3.04
N ASN A 83 -7.31 -1.73 -3.54
CA ASN A 83 -6.73 -0.40 -3.65
C ASN A 83 -6.84 0.31 -2.31
N VAL A 84 -5.73 0.40 -1.60
CA VAL A 84 -5.74 0.95 -0.25
C VAL A 84 -5.07 2.32 -0.23
N THR A 85 -5.71 3.28 0.42
CA THR A 85 -5.11 4.58 0.62
C THR A 85 -4.74 4.76 2.08
N ILE A 86 -3.46 4.72 2.39
CA ILE A 86 -3.00 4.96 3.75
C ILE A 86 -2.49 6.39 3.86
N ASP A 87 -3.34 7.26 4.40
CA ASP A 87 -3.00 8.67 4.53
C ASP A 87 -2.39 8.94 5.91
N MET A 88 -1.11 9.26 5.90
CA MET A 88 -0.28 9.32 7.11
C MET A 88 -0.48 10.61 7.90
N GLU A 89 -1.43 11.43 7.49
CA GLU A 89 -1.61 12.73 8.13
C GLU A 89 -2.78 12.73 9.10
N LYS A 90 -3.42 11.56 9.23
CA LYS A 90 -4.55 11.41 10.14
C LYS A 90 -4.54 10.02 10.79
N VAL A 91 -3.51 9.24 10.50
CA VAL A 91 -3.46 7.85 10.95
C VAL A 91 -3.30 7.72 12.46
N ASP A 92 -3.86 6.64 12.97
CA ASP A 92 -3.62 6.22 14.33
C ASP A 92 -2.91 4.87 14.30
N PHE A 93 -1.61 4.87 14.56
CA PHE A 93 -0.82 3.66 14.48
C PHE A 93 -1.23 2.66 15.56
N LYS A 94 -1.89 3.16 16.59
CA LYS A 94 -2.38 2.33 17.68
C LYS A 94 -3.38 1.28 17.17
N ALA A 95 -4.18 1.67 16.19
CA ALA A 95 -5.12 0.77 15.57
C ALA A 95 -4.49 0.07 14.37
N LEU A 96 -3.49 0.72 13.77
CA LEU A 96 -2.82 0.19 12.59
C LEU A 96 -2.05 -1.08 12.94
N GLN A 97 -1.54 -1.15 14.17
CA GLN A 97 -0.83 -2.34 14.64
C GLN A 97 -1.78 -3.53 14.72
N GLY A 98 -3.07 -3.25 14.88
CA GLY A 98 -4.06 -4.30 14.91
C GLY A 98 -4.37 -4.79 13.51
N ILE A 99 -4.03 -3.99 12.52
CA ILE A 99 -4.24 -4.35 11.13
C ILE A 99 -3.07 -5.16 10.62
N SER A 100 -1.99 -4.46 10.34
CA SER A 100 -0.77 -5.08 9.85
C SER A 100 0.36 -4.82 10.81
N GLY A 101 0.32 -3.65 11.44
CA GLY A 101 1.44 -3.20 12.26
C GLY A 101 2.69 -2.95 11.43
N ILE A 102 2.55 -3.06 10.11
CA ILE A 102 3.68 -2.99 9.19
C ILE A 102 4.68 -4.08 9.53
N ASN A 103 4.41 -5.27 8.99
CA ASN A 103 5.13 -6.48 9.39
C ASN A 103 6.50 -6.57 8.72
N VAL A 104 7.07 -5.41 8.46
CA VAL A 104 8.44 -5.30 8.00
C VAL A 104 9.30 -4.88 9.19
N SER A 105 8.72 -4.01 10.00
CA SER A 105 9.35 -3.53 11.23
C SER A 105 8.37 -2.66 11.99
N ALA A 106 7.86 -3.17 13.11
CA ALA A 106 6.91 -2.42 13.93
C ALA A 106 7.57 -1.17 14.49
N GLU A 107 8.89 -1.23 14.62
CA GLU A 107 9.69 -0.10 15.05
C GLU A 107 9.40 1.14 14.20
N ASP A 108 9.20 0.93 12.91
CA ASP A 108 9.07 2.02 11.96
C ASP A 108 7.76 2.78 12.18
N ALA A 109 6.68 2.02 12.36
CA ALA A 109 5.35 2.59 12.52
C ALA A 109 5.26 3.39 13.81
N LYS A 110 5.96 2.94 14.84
CA LYS A 110 5.88 3.57 16.16
C LYS A 110 6.70 4.86 16.22
N LYS A 111 7.57 5.05 15.25
CA LYS A 111 8.40 6.26 15.19
C LYS A 111 7.76 7.31 14.29
N GLY A 112 7.05 6.85 13.27
CA GLY A 112 6.49 7.76 12.30
C GLY A 112 7.20 7.63 10.97
N ILE A 113 6.46 7.27 9.93
CA ILE A 113 7.04 6.93 8.63
C ILE A 113 7.71 8.14 7.97
N THR A 114 9.02 8.02 7.73
CA THR A 114 9.77 9.06 7.04
C THR A 114 10.44 8.49 5.80
N MET A 115 11.04 9.36 4.98
CA MET A 115 11.75 8.92 3.79
C MET A 115 13.02 8.16 4.16
N ALA A 116 13.73 8.63 5.18
CA ALA A 116 14.92 7.94 5.67
C ALA A 116 14.59 6.48 5.98
N GLN A 117 13.47 6.30 6.67
CA GLN A 117 12.98 4.96 6.98
C GLN A 117 12.63 4.21 5.71
N MET A 118 11.64 4.70 4.96
CA MET A 118 11.20 4.05 3.73
C MET A 118 12.35 3.71 2.78
N GLU A 119 13.44 4.46 2.83
CA GLU A 119 14.62 4.16 2.04
C GLU A 119 15.30 2.87 2.51
N LEU A 120 15.79 2.88 3.75
CA LEU A 120 16.53 1.75 4.31
C LEU A 120 15.63 0.55 4.53
N VAL A 121 14.37 0.82 4.81
CA VAL A 121 13.39 -0.18 5.19
C VAL A 121 12.85 -0.94 3.98
N MET A 122 12.54 -0.24 2.90
CA MET A 122 12.05 -0.89 1.69
C MET A 122 13.19 -1.64 1.00
N LYS A 123 14.40 -1.11 1.12
CA LYS A 123 15.57 -1.80 0.60
C LYS A 123 15.94 -2.98 1.50
N ALA A 124 15.48 -2.92 2.75
CA ALA A 124 15.68 -4.02 3.70
C ALA A 124 14.77 -5.17 3.35
N ALA A 125 13.53 -4.85 2.96
CA ALA A 125 12.57 -5.88 2.56
C ALA A 125 12.94 -6.46 1.20
N GLY A 126 13.63 -5.66 0.40
CA GLY A 126 14.05 -6.11 -0.91
C GLY A 126 13.01 -5.83 -1.98
N PHE A 127 12.28 -4.74 -1.79
CA PHE A 127 11.22 -4.38 -2.72
C PHE A 127 11.80 -3.78 -4.01
N LYS A 128 11.06 -3.94 -5.10
CA LYS A 128 11.46 -3.40 -6.38
C LYS A 128 10.86 -2.01 -6.58
N GLU A 129 11.71 -0.99 -6.60
CA GLU A 129 11.26 0.37 -6.81
C GLU A 129 10.80 0.57 -8.25
N VAL A 130 9.68 1.27 -8.40
CA VAL A 130 9.12 1.56 -9.72
C VAL A 130 8.89 3.06 -9.83
N LYS A 131 9.93 3.79 -10.19
CA LYS A 131 9.83 5.23 -10.34
C LYS A 131 8.96 5.55 -11.56
N LEU A 132 7.87 6.28 -11.32
CA LEU A 132 6.87 6.53 -12.36
C LEU A 132 7.41 7.51 -13.39
N GLU A 133 7.81 6.98 -14.54
CA GLU A 133 8.30 7.81 -15.63
C GLU A 133 7.21 8.01 -16.67
N HIS A 134 5.99 7.59 -16.31
CA HIS A 134 4.84 7.69 -17.18
C HIS A 134 3.72 8.46 -16.50
N HIS A 135 2.97 9.25 -17.27
CA HIS A 135 1.85 9.99 -16.72
C HIS A 135 0.54 9.28 -17.05
N HIS A 136 -0.50 9.55 -16.28
CA HIS A 136 -1.81 8.98 -16.54
C HIS A 136 -2.72 9.98 -17.24
N HIS A 137 -2.28 11.23 -17.27
CA HIS A 137 -3.02 12.28 -17.95
C HIS A 137 -2.76 12.20 -19.46
N HIS A 138 -3.82 11.95 -20.23
CA HIS A 138 -3.70 11.87 -21.67
C HIS A 138 -4.97 12.34 -22.33
N HIS A 139 -4.92 12.53 -23.64
CA HIS A 139 -6.11 12.84 -24.43
C HIS A 139 -6.12 11.95 -25.65
N MET A 1 2.85 14.10 -11.91
CA MET A 1 4.27 14.46 -12.06
C MET A 1 4.80 15.06 -10.77
N GLY A 2 6.12 15.13 -10.65
CA GLY A 2 6.72 15.79 -9.50
C GLY A 2 6.54 17.29 -9.56
N ASP A 3 5.42 17.78 -9.04
CA ASP A 3 5.12 19.21 -9.05
C ASP A 3 5.19 19.76 -7.64
N LYS A 4 4.18 19.45 -6.84
CA LYS A 4 4.20 19.76 -5.43
C LYS A 4 4.15 18.46 -4.65
N GLU A 5 4.94 18.38 -3.58
CA GLU A 5 5.22 17.11 -2.93
C GLU A 5 5.98 16.21 -3.90
N GLU A 6 6.21 14.96 -3.53
CA GLU A 6 6.97 14.06 -4.38
C GLU A 6 6.34 12.67 -4.38
N SER A 7 6.37 12.03 -5.53
CA SER A 7 5.77 10.71 -5.67
C SER A 7 6.82 9.65 -6.01
N LYS A 8 6.95 8.67 -5.13
CA LYS A 8 7.85 7.55 -5.35
C LYS A 8 7.06 6.26 -5.54
N LYS A 9 7.10 5.73 -6.74
CA LYS A 9 6.37 4.53 -7.08
C LYS A 9 7.30 3.31 -7.09
N PHE A 10 6.85 2.21 -6.54
CA PHE A 10 7.57 0.96 -6.65
C PHE A 10 6.55 -0.17 -6.75
N SER A 11 6.97 -1.33 -7.22
CA SER A 11 6.02 -2.41 -7.43
C SER A 11 6.71 -3.75 -7.35
N ALA A 12 6.26 -4.59 -6.44
CA ALA A 12 6.84 -5.90 -6.26
C ALA A 12 5.80 -6.99 -6.53
N ASN A 13 6.06 -7.76 -7.57
CA ASN A 13 5.19 -8.89 -7.91
C ASN A 13 5.70 -10.14 -7.22
N LEU A 14 5.01 -10.55 -6.17
CA LEU A 14 5.44 -11.69 -5.37
C LEU A 14 4.84 -12.98 -5.90
N ASN A 15 4.51 -12.95 -7.20
CA ASN A 15 3.86 -14.07 -7.88
C ASN A 15 2.53 -14.41 -7.24
N GLY A 16 1.47 -13.79 -7.74
CA GLY A 16 0.16 -13.97 -7.17
C GLY A 16 -0.39 -12.67 -6.62
N THR A 17 0.50 -11.86 -6.08
CA THR A 17 0.14 -10.56 -5.56
C THR A 17 1.05 -9.47 -6.14
N GLU A 18 0.43 -8.39 -6.61
CA GLU A 18 1.18 -7.23 -7.06
C GLU A 18 1.10 -6.14 -6.00
N ILE A 19 2.20 -5.90 -5.31
CA ILE A 19 2.23 -4.85 -4.31
C ILE A 19 2.89 -3.61 -4.89
N ALA A 20 2.08 -2.65 -5.28
CA ALA A 20 2.57 -1.40 -5.82
C ALA A 20 2.22 -0.24 -4.90
N ILE A 21 3.23 0.37 -4.33
CA ILE A 21 3.01 1.49 -3.43
C ILE A 21 3.56 2.78 -4.05
N THR A 22 2.72 3.80 -4.05
CA THR A 22 3.13 5.10 -4.53
C THR A 22 3.14 6.09 -3.36
N TYR A 23 4.35 6.45 -2.95
CA TYR A 23 4.52 7.34 -1.81
C TYR A 23 4.47 8.80 -2.24
N VAL A 24 3.43 9.49 -1.84
CA VAL A 24 3.38 10.93 -2.01
C VAL A 24 3.83 11.60 -0.72
N TYR A 25 5.05 12.10 -0.73
CA TYR A 25 5.64 12.64 0.47
C TYR A 25 6.07 14.09 0.28
N LYS A 26 6.09 14.81 1.38
CA LYS A 26 6.55 16.19 1.40
C LYS A 26 7.83 16.27 2.22
N GLY A 27 8.97 16.12 1.56
CA GLY A 27 10.23 16.07 2.27
C GLY A 27 10.42 14.76 3.01
N ASP A 28 10.48 14.84 4.34
CA ASP A 28 10.63 13.65 5.17
C ASP A 28 9.28 13.01 5.44
N LYS A 29 8.24 13.82 5.34
CA LYS A 29 6.90 13.40 5.75
C LYS A 29 6.13 12.78 4.59
N VAL A 30 5.95 11.47 4.64
CA VAL A 30 5.09 10.80 3.68
C VAL A 30 3.64 11.05 4.08
N LEU A 31 2.88 11.69 3.20
CA LEU A 31 1.53 12.11 3.54
C LEU A 31 0.49 11.19 2.95
N LYS A 32 0.73 10.68 1.75
CA LYS A 32 -0.21 9.74 1.13
C LYS A 32 0.51 8.49 0.66
N GLN A 33 0.16 7.36 1.23
CA GLN A 33 0.71 6.09 0.82
C GLN A 33 -0.34 5.29 0.04
N SER A 34 -0.22 5.30 -1.27
CA SER A 34 -1.10 4.50 -2.11
C SER A 34 -0.52 3.11 -2.29
N SER A 35 -0.91 2.20 -1.42
CA SER A 35 -0.38 0.85 -1.38
C SER A 35 -1.41 -0.15 -1.89
N GLU A 36 -1.28 -0.59 -3.12
CA GLU A 36 -2.22 -1.55 -3.69
C GLU A 36 -1.62 -2.94 -3.67
N THR A 37 -2.42 -3.92 -3.28
CA THR A 37 -2.02 -5.30 -3.37
C THR A 37 -3.00 -6.06 -4.29
N LYS A 38 -2.59 -6.28 -5.52
CA LYS A 38 -3.42 -6.98 -6.50
C LYS A 38 -3.31 -8.48 -6.32
N ILE A 39 -4.36 -9.09 -5.81
CA ILE A 39 -4.38 -10.51 -5.54
C ILE A 39 -5.10 -11.26 -6.66
N GLN A 40 -4.43 -12.25 -7.24
CA GLN A 40 -5.04 -13.08 -8.28
C GLN A 40 -5.97 -14.10 -7.62
N PHE A 41 -6.97 -14.57 -8.36
CA PHE A 41 -7.89 -15.58 -7.85
C PHE A 41 -7.22 -16.96 -7.81
N ALA A 42 -6.13 -17.05 -7.05
CA ALA A 42 -5.40 -18.29 -6.88
C ALA A 42 -4.91 -18.41 -5.44
N SER A 43 -4.37 -17.31 -4.92
CA SER A 43 -3.88 -17.27 -3.54
C SER A 43 -5.03 -17.11 -2.56
N ILE A 44 -6.23 -16.88 -3.10
CA ILE A 44 -7.42 -16.73 -2.28
C ILE A 44 -8.32 -17.97 -2.40
N GLY A 45 -8.21 -18.66 -3.54
CA GLY A 45 -9.01 -19.85 -3.76
C GLY A 45 -10.44 -19.52 -4.16
N ALA A 46 -10.70 -18.25 -4.43
CA ALA A 46 -12.04 -17.80 -4.79
C ALA A 46 -12.39 -18.25 -6.20
N THR A 47 -13.48 -19.00 -6.32
CA THR A 47 -13.95 -19.46 -7.61
C THR A 47 -14.53 -18.31 -8.42
N THR A 48 -15.39 -17.52 -7.79
CA THR A 48 -16.03 -16.40 -8.45
C THR A 48 -15.65 -15.10 -7.75
N LYS A 49 -15.96 -13.97 -8.38
CA LYS A 49 -15.75 -12.66 -7.74
C LYS A 49 -16.66 -12.54 -6.51
N GLU A 50 -17.77 -13.28 -6.53
CA GLU A 50 -18.66 -13.37 -5.38
C GLU A 50 -17.92 -14.00 -4.20
N ASP A 51 -17.23 -15.11 -4.46
CA ASP A 51 -16.47 -15.80 -3.43
C ASP A 51 -15.35 -14.91 -2.91
N ALA A 52 -14.79 -14.10 -3.81
CA ALA A 52 -13.74 -13.18 -3.45
C ALA A 52 -14.25 -12.14 -2.47
N ALA A 53 -15.33 -11.46 -2.83
CA ALA A 53 -15.94 -10.46 -1.95
C ALA A 53 -16.41 -11.09 -0.65
N LYS A 54 -16.98 -12.28 -0.77
CA LYS A 54 -17.46 -13.05 0.38
C LYS A 54 -16.33 -13.29 1.40
N THR A 55 -15.11 -13.33 0.92
CA THR A 55 -13.95 -13.57 1.77
C THR A 55 -13.23 -12.28 2.14
N LEU A 56 -13.13 -11.35 1.20
CA LEU A 56 -12.31 -10.16 1.36
C LEU A 56 -13.04 -9.00 2.04
N GLU A 57 -14.34 -8.88 1.85
CA GLU A 57 -15.09 -7.76 2.43
C GLU A 57 -14.97 -7.71 3.95
N PRO A 58 -15.19 -8.82 4.68
CA PRO A 58 -15.04 -8.85 6.13
C PRO A 58 -13.59 -8.66 6.57
N LEU A 59 -12.66 -8.75 5.63
CA LEU A 59 -11.25 -8.60 5.93
C LEU A 59 -10.83 -7.14 5.73
N SER A 60 -11.32 -6.52 4.67
CA SER A 60 -10.99 -5.12 4.37
C SER A 60 -11.58 -4.18 5.42
N ALA A 61 -12.63 -4.64 6.10
CA ALA A 61 -13.26 -3.87 7.17
C ALA A 61 -12.31 -3.65 8.34
N LYS A 62 -11.14 -4.29 8.25
CA LYS A 62 -10.07 -4.13 9.22
C LYS A 62 -9.61 -2.67 9.31
N TYR A 63 -9.57 -2.00 8.16
CA TYR A 63 -9.16 -0.60 8.13
C TYR A 63 -10.34 0.31 8.44
N LYS A 64 -11.53 -0.16 8.06
CA LYS A 64 -12.78 0.52 8.38
C LYS A 64 -12.81 1.94 7.79
N ASN A 65 -12.45 2.91 8.61
CA ASN A 65 -12.33 4.30 8.21
C ASN A 65 -11.72 5.09 9.35
N ILE A 66 -10.77 4.44 10.01
CA ILE A 66 -10.05 5.01 11.16
C ILE A 66 -9.56 6.43 10.86
N ALA A 67 -8.98 6.56 9.68
CA ALA A 67 -8.39 7.81 9.23
C ALA A 67 -8.60 7.92 7.74
N GLY A 68 -7.64 8.50 7.03
CA GLY A 68 -7.70 8.51 5.59
C GLY A 68 -7.27 7.17 5.00
N VAL A 69 -7.64 6.10 5.67
CA VAL A 69 -7.34 4.75 5.23
C VAL A 69 -8.50 4.19 4.42
N GLU A 70 -8.36 4.24 3.10
CA GLU A 70 -9.38 3.75 2.21
C GLU A 70 -9.04 2.34 1.73
N GLU A 71 -9.93 1.40 2.01
CA GLU A 71 -9.77 0.05 1.54
C GLU A 71 -10.64 -0.19 0.32
N LYS A 72 -10.04 -0.07 -0.85
CA LYS A 72 -10.78 -0.21 -2.10
C LYS A 72 -10.58 -1.59 -2.69
N LEU A 73 -11.57 -2.45 -2.51
CA LEU A 73 -11.57 -3.76 -3.14
C LEU A 73 -12.13 -3.65 -4.55
N THR A 74 -11.26 -3.77 -5.53
CA THR A 74 -11.68 -3.65 -6.92
C THR A 74 -11.59 -5.00 -7.63
N TYR A 75 -12.74 -5.50 -8.05
CA TYR A 75 -12.83 -6.78 -8.73
C TYR A 75 -13.05 -6.55 -10.22
N THR A 76 -12.12 -6.98 -11.05
CA THR A 76 -12.22 -6.71 -12.48
C THR A 76 -12.49 -7.97 -13.29
N ASP A 77 -11.85 -9.06 -12.92
CA ASP A 77 -11.97 -10.30 -13.70
C ASP A 77 -11.47 -11.51 -12.92
N THR A 78 -10.17 -11.77 -13.00
CA THR A 78 -9.57 -12.92 -12.33
C THR A 78 -8.65 -12.43 -11.21
N TYR A 79 -8.79 -11.16 -10.88
CA TYR A 79 -7.98 -10.57 -9.84
C TYR A 79 -8.77 -9.56 -9.04
N ALA A 80 -8.43 -9.45 -7.77
CA ALA A 80 -9.03 -8.47 -6.89
C ALA A 80 -7.93 -7.58 -6.32
N GLN A 81 -8.06 -6.29 -6.49
CA GLN A 81 -7.05 -5.36 -6.02
C GLN A 81 -7.46 -4.78 -4.68
N GLU A 82 -6.69 -5.09 -3.65
CA GLU A 82 -6.86 -4.45 -2.36
C GLU A 82 -6.06 -3.15 -2.39
N ASN A 83 -6.68 -2.11 -2.94
CA ASN A 83 -6.01 -0.83 -3.07
C ASN A 83 -6.11 -0.07 -1.76
N VAL A 84 -5.03 -0.07 -1.01
CA VAL A 84 -5.01 0.54 0.30
C VAL A 84 -4.43 1.95 0.24
N THR A 85 -5.25 2.94 0.56
CA THR A 85 -4.80 4.31 0.55
C THR A 85 -4.68 4.81 1.98
N ILE A 86 -3.50 5.22 2.38
CA ILE A 86 -3.27 5.68 3.73
C ILE A 86 -2.94 7.17 3.76
N ASP A 87 -3.88 7.96 4.23
CA ASP A 87 -3.67 9.39 4.43
C ASP A 87 -3.00 9.62 5.79
N MET A 88 -1.73 10.00 5.75
CA MET A 88 -0.89 10.03 6.96
C MET A 88 -1.05 11.33 7.74
N GLU A 89 -2.10 12.08 7.46
CA GLU A 89 -2.33 13.33 8.17
C GLU A 89 -3.52 13.20 9.12
N LYS A 90 -4.08 12.01 9.17
CA LYS A 90 -5.23 11.73 10.02
C LYS A 90 -5.06 10.40 10.74
N VAL A 91 -3.96 9.71 10.44
CA VAL A 91 -3.74 8.35 10.95
C VAL A 91 -3.62 8.30 12.47
N ASP A 92 -3.98 7.15 13.00
CA ASP A 92 -3.78 6.87 14.40
C ASP A 92 -2.83 5.68 14.52
N PHE A 93 -1.57 5.97 14.75
CA PHE A 93 -0.53 4.93 14.76
C PHE A 93 -0.76 3.94 15.90
N LYS A 94 -1.52 4.36 16.91
CA LYS A 94 -1.82 3.52 18.06
C LYS A 94 -2.67 2.32 17.62
N ALA A 95 -3.78 2.60 16.95
CA ALA A 95 -4.67 1.57 16.47
C ALA A 95 -4.06 0.78 15.32
N LEU A 96 -3.35 1.48 14.44
CA LEU A 96 -2.74 0.85 13.27
C LEU A 96 -1.68 -0.17 13.67
N GLN A 97 -1.15 -0.03 14.88
CA GLN A 97 -0.08 -0.90 15.36
C GLN A 97 -0.58 -2.33 15.58
N GLY A 98 -1.89 -2.50 15.57
CA GLY A 98 -2.47 -3.82 15.66
C GLY A 98 -3.33 -4.14 14.45
N ILE A 99 -3.10 -3.41 13.37
CA ILE A 99 -3.90 -3.55 12.16
C ILE A 99 -3.04 -3.72 10.92
N SER A 100 -1.98 -2.94 10.84
CA SER A 100 -1.11 -2.95 9.67
C SER A 100 -0.42 -4.30 9.50
N GLY A 101 0.24 -4.73 10.56
CA GLY A 101 0.94 -6.01 10.53
C GLY A 101 2.26 -5.91 9.81
N ILE A 102 2.83 -4.71 9.79
CA ILE A 102 4.12 -4.49 9.16
C ILE A 102 5.23 -5.14 9.98
N ASN A 103 5.58 -6.37 9.62
CA ASN A 103 6.57 -7.14 10.37
C ASN A 103 7.94 -6.99 9.72
N VAL A 104 8.15 -5.86 9.06
CA VAL A 104 9.45 -5.54 8.52
C VAL A 104 10.29 -4.90 9.59
N SER A 105 9.83 -3.75 10.05
CA SER A 105 10.35 -3.15 11.26
C SER A 105 9.18 -2.58 12.06
N ALA A 106 8.72 -3.38 13.03
CA ALA A 106 7.54 -3.02 13.81
C ALA A 106 7.74 -1.72 14.57
N GLU A 107 8.97 -1.51 15.03
CA GLU A 107 9.31 -0.30 15.75
C GLU A 107 9.27 0.92 14.84
N ASP A 108 9.43 0.69 13.54
CA ASP A 108 9.48 1.77 12.56
C ASP A 108 8.10 2.38 12.36
N ALA A 109 7.08 1.53 12.42
CA ALA A 109 5.70 2.01 12.33
C ALA A 109 5.30 2.71 13.62
N LYS A 110 6.07 2.47 14.68
CA LYS A 110 5.84 3.13 15.96
C LYS A 110 6.51 4.50 15.98
N LYS A 111 7.72 4.56 15.41
CA LYS A 111 8.47 5.79 15.32
C LYS A 111 7.82 6.74 14.33
N GLY A 112 7.35 6.19 13.22
CA GLY A 112 6.74 6.98 12.19
C GLY A 112 7.28 6.60 10.82
N ILE A 113 6.39 6.48 9.85
CA ILE A 113 6.81 6.08 8.51
C ILE A 113 7.22 7.30 7.69
N THR A 114 8.50 7.36 7.37
CA THR A 114 9.05 8.47 6.60
C THR A 114 9.70 7.96 5.33
N MET A 115 10.35 8.85 4.60
CA MET A 115 11.05 8.49 3.39
C MET A 115 12.24 7.59 3.70
N ALA A 116 13.03 7.99 4.69
CA ALA A 116 14.22 7.24 5.11
C ALA A 116 13.84 5.82 5.50
N GLN A 117 12.77 5.69 6.28
CA GLN A 117 12.21 4.40 6.64
C GLN A 117 12.00 3.55 5.41
N MET A 118 11.10 3.98 4.53
CA MET A 118 10.77 3.21 3.35
C MET A 118 11.99 2.85 2.51
N GLU A 119 12.93 3.77 2.36
CA GLU A 119 14.15 3.50 1.61
C GLU A 119 14.93 2.32 2.22
N LEU A 120 15.31 2.48 3.48
CA LEU A 120 16.10 1.48 4.19
C LEU A 120 15.31 0.16 4.33
N VAL A 121 14.04 0.33 4.61
CA VAL A 121 13.13 -0.77 4.90
C VAL A 121 12.77 -1.58 3.66
N MET A 122 12.49 -0.89 2.57
CA MET A 122 12.11 -1.54 1.33
C MET A 122 13.32 -2.17 0.65
N LYS A 123 14.49 -1.59 0.88
CA LYS A 123 15.72 -2.17 0.39
C LYS A 123 16.03 -3.45 1.17
N ALA A 124 15.63 -3.46 2.44
CA ALA A 124 15.81 -4.64 3.29
C ALA A 124 14.96 -5.81 2.81
N ALA A 125 13.77 -5.51 2.31
CA ALA A 125 12.88 -6.53 1.78
C ALA A 125 13.34 -6.98 0.40
N GLY A 126 14.05 -6.09 -0.29
CA GLY A 126 14.57 -6.40 -1.60
C GLY A 126 13.56 -6.16 -2.70
N PHE A 127 12.89 -5.03 -2.64
CA PHE A 127 11.92 -4.67 -3.66
C PHE A 127 12.56 -3.75 -4.70
N LYS A 128 11.82 -3.40 -5.74
CA LYS A 128 12.37 -2.61 -6.82
C LYS A 128 11.54 -1.35 -7.05
N GLU A 129 12.23 -0.24 -7.24
CA GLU A 129 11.58 1.01 -7.60
C GLU A 129 11.04 0.95 -9.01
N VAL A 130 9.92 1.62 -9.24
CA VAL A 130 9.34 1.68 -10.57
C VAL A 130 9.20 3.14 -11.02
N LYS A 131 8.89 4.01 -10.07
CA LYS A 131 8.67 5.42 -10.34
C LYS A 131 7.57 5.60 -11.38
N LEU A 132 7.48 6.78 -11.97
CA LEU A 132 6.44 7.05 -12.96
C LEU A 132 7.08 7.23 -14.33
N GLU A 133 8.24 6.60 -14.49
CA GLU A 133 8.98 6.66 -15.74
C GLU A 133 9.14 5.25 -16.31
N HIS A 134 9.14 5.13 -17.63
CA HIS A 134 9.28 3.83 -18.26
C HIS A 134 10.23 3.92 -19.44
N HIS A 135 10.74 5.12 -19.70
CA HIS A 135 11.71 5.33 -20.77
C HIS A 135 13.10 4.88 -20.35
N HIS A 136 13.95 4.65 -21.33
CA HIS A 136 15.32 4.26 -21.06
C HIS A 136 16.26 5.43 -21.39
N HIS A 137 17.48 5.35 -20.89
CA HIS A 137 18.43 6.45 -21.05
C HIS A 137 19.21 6.34 -22.35
N HIS A 138 18.97 7.27 -23.25
CA HIS A 138 19.79 7.40 -24.45
C HIS A 138 20.04 8.87 -24.74
N HIS A 139 20.91 9.47 -23.94
CA HIS A 139 21.32 10.85 -24.13
C HIS A 139 22.79 10.98 -23.81
N MET A 1 7.94 24.46 -1.91
CA MET A 1 8.14 23.43 -0.86
C MET A 1 7.87 22.04 -1.41
N GLY A 2 8.37 21.75 -2.60
CA GLY A 2 8.08 20.49 -3.26
C GLY A 2 6.58 20.28 -3.38
N ASP A 3 5.97 21.08 -4.24
CA ASP A 3 4.52 21.16 -4.27
C ASP A 3 3.92 20.41 -5.44
N LYS A 4 4.65 19.41 -5.92
CA LYS A 4 4.06 18.43 -6.83
C LYS A 4 3.56 17.26 -6.00
N GLU A 5 4.11 17.18 -4.78
CA GLU A 5 3.98 16.01 -3.92
C GLU A 5 4.68 14.83 -4.56
N GLU A 6 5.60 14.23 -3.84
CA GLU A 6 6.56 13.33 -4.44
C GLU A 6 6.11 11.89 -4.29
N SER A 7 5.85 11.26 -5.41
CA SER A 7 5.34 9.91 -5.42
C SER A 7 6.44 8.91 -5.75
N LYS A 8 6.80 8.10 -4.77
CA LYS A 8 7.75 7.02 -4.99
C LYS A 8 7.04 5.69 -4.85
N LYS A 9 7.03 4.93 -5.93
CA LYS A 9 6.35 3.66 -5.96
C LYS A 9 7.35 2.52 -5.88
N PHE A 10 6.95 1.45 -5.24
CA PHE A 10 7.68 0.20 -5.32
C PHE A 10 6.68 -0.90 -5.67
N SER A 11 7.11 -1.87 -6.44
CA SER A 11 6.21 -2.95 -6.81
C SER A 11 6.97 -4.26 -6.93
N ALA A 12 6.44 -5.30 -6.31
CA ALA A 12 7.02 -6.61 -6.40
C ALA A 12 5.92 -7.67 -6.48
N ASN A 13 6.06 -8.57 -7.43
CA ASN A 13 5.10 -9.64 -7.58
C ASN A 13 5.46 -10.80 -6.68
N LEU A 14 4.68 -11.00 -5.63
CA LEU A 14 4.90 -12.11 -4.72
C LEU A 14 4.27 -13.38 -5.29
N ASN A 15 4.03 -14.37 -4.45
CA ASN A 15 3.50 -15.67 -4.90
C ASN A 15 2.19 -15.52 -5.68
N GLY A 16 1.36 -14.59 -5.29
CA GLY A 16 0.11 -14.36 -5.98
C GLY A 16 -0.45 -12.99 -5.73
N THR A 17 0.41 -12.05 -5.36
CA THR A 17 -0.01 -10.70 -5.06
C THR A 17 0.93 -9.67 -5.67
N GLU A 18 0.38 -8.69 -6.37
CA GLU A 18 1.17 -7.58 -6.86
C GLU A 18 1.08 -6.43 -5.87
N ILE A 19 2.13 -6.22 -5.10
CA ILE A 19 2.13 -5.12 -4.15
C ILE A 19 2.86 -3.93 -4.73
N ALA A 20 2.09 -2.93 -5.15
CA ALA A 20 2.65 -1.69 -5.66
C ALA A 20 2.18 -0.55 -4.79
N ILE A 21 3.07 -0.05 -3.96
CA ILE A 21 2.75 1.01 -3.03
C ILE A 21 3.38 2.33 -3.49
N THR A 22 2.53 3.27 -3.81
CA THR A 22 2.97 4.61 -4.19
C THR A 22 2.81 5.55 -3.01
N TYR A 23 3.87 5.72 -2.24
CA TYR A 23 3.82 6.62 -1.10
C TYR A 23 4.21 8.03 -1.53
N VAL A 24 3.34 8.97 -1.20
CA VAL A 24 3.52 10.36 -1.57
C VAL A 24 4.02 11.16 -0.37
N TYR A 25 5.22 11.67 -0.50
CA TYR A 25 5.85 12.43 0.57
C TYR A 25 6.07 13.87 0.11
N LYS A 26 6.14 14.78 1.06
CA LYS A 26 6.37 16.18 0.75
C LYS A 26 7.53 16.66 1.59
N GLY A 27 8.71 16.69 0.98
CA GLY A 27 9.92 16.90 1.73
C GLY A 27 10.40 15.60 2.33
N ASP A 28 10.41 15.51 3.66
CA ASP A 28 10.80 14.28 4.33
C ASP A 28 9.56 13.58 4.88
N LYS A 29 8.53 14.38 5.15
CA LYS A 29 7.28 13.88 5.72
C LYS A 29 6.45 13.17 4.66
N VAL A 30 6.12 11.92 4.91
CA VAL A 30 5.21 11.19 4.04
C VAL A 30 3.77 11.50 4.45
N LEU A 31 2.95 11.92 3.49
CA LEU A 31 1.62 12.42 3.80
C LEU A 31 0.53 11.49 3.29
N LYS A 32 0.82 10.77 2.22
CA LYS A 32 -0.12 9.81 1.67
C LYS A 32 0.60 8.54 1.28
N GLN A 33 -0.09 7.42 1.33
CA GLN A 33 0.46 6.16 0.87
C GLN A 33 -0.60 5.35 0.13
N SER A 34 -0.46 5.26 -1.18
CA SER A 34 -1.39 4.46 -1.97
C SER A 34 -0.86 3.04 -2.09
N SER A 35 -1.28 2.20 -1.17
CA SER A 35 -0.80 0.83 -1.10
C SER A 35 -1.77 -0.12 -1.79
N GLU A 36 -1.53 -0.40 -3.04
CA GLU A 36 -2.37 -1.32 -3.78
C GLU A 36 -1.80 -2.72 -3.74
N THR A 37 -2.62 -3.67 -3.34
CA THR A 37 -2.23 -5.06 -3.37
C THR A 37 -3.18 -5.82 -4.28
N LYS A 38 -2.64 -6.30 -5.39
CA LYS A 38 -3.44 -7.05 -6.34
C LYS A 38 -3.37 -8.54 -6.03
N ILE A 39 -4.41 -9.06 -5.42
CA ILE A 39 -4.46 -10.46 -5.04
C ILE A 39 -5.09 -11.28 -6.17
N GLN A 40 -4.29 -12.13 -6.80
CA GLN A 40 -4.79 -12.95 -7.90
C GLN A 40 -5.68 -14.06 -7.35
N PHE A 41 -6.61 -14.53 -8.17
CA PHE A 41 -7.50 -15.62 -7.77
C PHE A 41 -6.75 -16.95 -7.73
N ALA A 42 -5.79 -17.03 -6.82
CA ALA A 42 -5.01 -18.23 -6.62
C ALA A 42 -4.66 -18.38 -5.14
N SER A 43 -3.82 -17.46 -4.66
CA SER A 43 -3.38 -17.48 -3.28
C SER A 43 -4.52 -17.11 -2.33
N ILE A 44 -5.48 -16.35 -2.84
CA ILE A 44 -6.63 -15.95 -2.05
C ILE A 44 -7.60 -17.13 -1.85
N GLY A 45 -7.54 -18.09 -2.75
CA GLY A 45 -8.44 -19.23 -2.66
C GLY A 45 -9.83 -18.93 -3.21
N ALA A 46 -9.92 -17.83 -3.95
CA ALA A 46 -11.19 -17.41 -4.52
C ALA A 46 -11.25 -17.77 -6.00
N THR A 47 -12.47 -17.97 -6.50
CA THR A 47 -12.65 -18.31 -7.91
C THR A 47 -13.79 -17.49 -8.54
N THR A 48 -14.35 -16.57 -7.78
CA THR A 48 -15.45 -15.74 -8.27
C THR A 48 -15.42 -14.39 -7.56
N LYS A 49 -16.00 -13.35 -8.18
CA LYS A 49 -15.94 -12.00 -7.60
C LYS A 49 -16.69 -11.93 -6.27
N GLU A 50 -17.85 -12.58 -6.20
CA GLU A 50 -18.61 -12.67 -4.94
C GLU A 50 -17.78 -13.39 -3.90
N ASP A 51 -17.22 -14.52 -4.31
CA ASP A 51 -16.38 -15.35 -3.44
C ASP A 51 -15.13 -14.60 -2.98
N ALA A 52 -14.57 -13.80 -3.88
CA ALA A 52 -13.39 -13.00 -3.56
C ALA A 52 -13.73 -11.93 -2.52
N ALA A 53 -14.82 -11.21 -2.76
CA ALA A 53 -15.28 -10.19 -1.81
C ALA A 53 -15.60 -10.83 -0.46
N LYS A 54 -16.26 -11.96 -0.52
CA LYS A 54 -16.66 -12.71 0.67
C LYS A 54 -15.43 -13.15 1.47
N THR A 55 -14.25 -13.08 0.85
CA THR A 55 -13.01 -13.44 1.52
C THR A 55 -12.27 -12.19 2.02
N LEU A 56 -12.35 -11.10 1.27
CA LEU A 56 -11.57 -9.89 1.57
C LEU A 56 -12.33 -8.90 2.43
N GLU A 57 -13.67 -8.94 2.37
CA GLU A 57 -14.50 -8.02 3.14
C GLU A 57 -14.18 -8.01 4.64
N PRO A 58 -14.08 -9.18 5.30
CA PRO A 58 -13.71 -9.25 6.73
C PRO A 58 -12.33 -8.65 7.01
N LEU A 59 -11.51 -8.54 5.97
CA LEU A 59 -10.18 -7.97 6.09
C LEU A 59 -10.21 -6.46 5.88
N SER A 60 -10.94 -6.03 4.87
CA SER A 60 -11.09 -4.60 4.58
C SER A 60 -11.85 -3.91 5.70
N ALA A 61 -12.72 -4.66 6.37
CA ALA A 61 -13.51 -4.16 7.47
C ALA A 61 -12.64 -3.83 8.68
N LYS A 62 -11.38 -4.25 8.64
CA LYS A 62 -10.45 -3.96 9.72
C LYS A 62 -10.00 -2.50 9.66
N TYR A 63 -9.95 -1.95 8.45
CA TYR A 63 -9.53 -0.57 8.25
C TYR A 63 -10.66 0.40 8.52
N LYS A 64 -11.73 -0.11 9.14
CA LYS A 64 -12.95 0.66 9.38
C LYS A 64 -12.67 1.99 10.07
N ASN A 65 -12.57 3.04 9.26
CA ASN A 65 -12.41 4.42 9.73
C ASN A 65 -11.22 4.57 10.69
N ILE A 66 -10.08 4.00 10.32
CA ILE A 66 -8.85 4.21 11.09
C ILE A 66 -8.43 5.66 10.98
N ALA A 67 -8.62 6.18 9.77
CA ALA A 67 -8.14 7.50 9.41
C ALA A 67 -8.64 7.81 8.00
N GLY A 68 -7.87 8.59 7.26
CA GLY A 68 -8.19 8.81 5.86
C GLY A 68 -7.81 7.61 5.01
N VAL A 69 -8.15 6.42 5.49
CA VAL A 69 -7.88 5.19 4.76
C VAL A 69 -9.05 4.86 3.85
N GLU A 70 -8.75 4.72 2.57
CA GLU A 70 -9.75 4.37 1.59
C GLU A 70 -9.37 3.06 0.93
N GLU A 71 -9.88 1.97 1.47
CA GLU A 71 -9.66 0.66 0.87
C GLU A 71 -10.64 0.44 -0.28
N LYS A 72 -10.16 0.63 -1.50
CA LYS A 72 -11.02 0.55 -2.66
C LYS A 72 -10.88 -0.80 -3.33
N LEU A 73 -11.87 -1.65 -3.11
CA LEU A 73 -11.88 -3.01 -3.60
C LEU A 73 -12.57 -3.12 -4.94
N THR A 74 -11.81 -3.46 -5.97
CA THR A 74 -12.38 -3.72 -7.29
C THR A 74 -12.08 -5.17 -7.69
N TYR A 75 -13.13 -5.97 -7.82
CA TYR A 75 -12.96 -7.39 -8.10
C TYR A 75 -13.21 -7.67 -9.57
N THR A 76 -12.36 -8.50 -10.16
CA THR A 76 -12.55 -8.94 -11.53
C THR A 76 -12.77 -10.45 -11.52
N ASP A 77 -12.47 -11.09 -12.65
CA ASP A 77 -12.60 -12.53 -12.75
C ASP A 77 -11.26 -13.22 -12.45
N THR A 78 -10.17 -12.49 -12.63
CA THR A 78 -8.84 -13.07 -12.47
C THR A 78 -8.13 -12.54 -11.23
N TYR A 79 -8.37 -11.28 -10.88
CA TYR A 79 -7.66 -10.67 -9.78
C TYR A 79 -8.56 -9.75 -8.95
N ALA A 80 -8.18 -9.56 -7.71
CA ALA A 80 -8.84 -8.62 -6.83
C ALA A 80 -7.93 -7.44 -6.57
N GLN A 81 -8.38 -6.24 -6.94
CA GLN A 81 -7.55 -5.06 -6.81
C GLN A 81 -7.93 -4.31 -5.54
N GLU A 82 -7.06 -4.40 -4.54
CA GLU A 82 -7.27 -3.71 -3.28
C GLU A 82 -6.35 -2.50 -3.21
N ASN A 83 -6.86 -1.35 -3.62
CA ASN A 83 -6.10 -0.11 -3.54
C ASN A 83 -6.33 0.53 -2.19
N VAL A 84 -5.32 0.46 -1.35
CA VAL A 84 -5.45 1.00 0.01
C VAL A 84 -4.86 2.40 0.07
N THR A 85 -5.72 3.39 0.13
CA THR A 85 -5.27 4.78 0.15
C THR A 85 -5.14 5.26 1.59
N ILE A 86 -3.92 5.33 2.08
CA ILE A 86 -3.67 5.69 3.46
C ILE A 86 -3.26 7.15 3.58
N ASP A 87 -4.11 7.95 4.19
CA ASP A 87 -3.76 9.32 4.55
C ASP A 87 -2.93 9.31 5.83
N MET A 88 -1.68 9.73 5.71
CA MET A 88 -0.74 9.63 6.82
C MET A 88 -0.78 10.86 7.72
N GLU A 89 -1.78 11.70 7.54
CA GLU A 89 -1.95 12.85 8.41
C GLU A 89 -2.93 12.51 9.53
N LYS A 90 -4.00 11.82 9.17
CA LYS A 90 -5.05 11.48 10.12
C LYS A 90 -4.84 10.08 10.69
N VAL A 91 -3.78 9.40 10.25
CA VAL A 91 -3.50 8.02 10.69
C VAL A 91 -3.58 7.86 12.19
N ASP A 92 -4.17 6.75 12.61
CA ASP A 92 -4.21 6.40 14.00
C ASP A 92 -3.43 5.11 14.21
N PHE A 93 -2.17 5.26 14.62
CA PHE A 93 -1.24 4.13 14.68
C PHE A 93 -1.73 3.03 15.62
N LYS A 94 -2.34 3.41 16.74
CA LYS A 94 -2.81 2.43 17.71
C LYS A 94 -3.91 1.55 17.12
N ALA A 95 -4.67 2.10 16.17
CA ALA A 95 -5.72 1.34 15.51
C ALA A 95 -5.13 0.48 14.38
N LEU A 96 -4.16 1.06 13.66
CA LEU A 96 -3.51 0.36 12.56
C LEU A 96 -2.66 -0.80 13.08
N GLN A 97 -2.24 -0.70 14.33
CA GLN A 97 -1.43 -1.75 14.96
C GLN A 97 -2.16 -3.09 14.94
N GLY A 98 -3.48 -3.05 14.94
CA GLY A 98 -4.27 -4.28 14.92
C GLY A 98 -4.36 -4.90 13.53
N ILE A 99 -3.72 -4.26 12.56
CA ILE A 99 -3.72 -4.76 11.19
C ILE A 99 -2.29 -4.76 10.64
N SER A 100 -1.33 -4.63 11.53
CA SER A 100 0.06 -4.50 11.12
C SER A 100 0.64 -5.84 10.64
N GLY A 101 0.52 -6.07 9.34
CA GLY A 101 1.09 -7.28 8.75
C GLY A 101 2.46 -7.03 8.15
N ILE A 102 3.14 -6.02 8.67
CA ILE A 102 4.47 -5.66 8.18
C ILE A 102 5.51 -6.61 8.77
N ASN A 103 5.70 -7.74 8.10
CA ASN A 103 6.63 -8.76 8.58
C ASN A 103 8.05 -8.49 8.06
N VAL A 104 8.35 -7.21 7.86
CA VAL A 104 9.69 -6.78 7.50
C VAL A 104 10.35 -6.16 8.72
N SER A 105 9.83 -5.02 9.11
CA SER A 105 10.21 -4.37 10.36
C SER A 105 9.03 -3.53 10.87
N ALA A 106 8.21 -4.14 11.72
CA ALA A 106 7.03 -3.47 12.26
C ALA A 106 7.46 -2.32 13.17
N GLU A 107 8.65 -2.45 13.74
CA GLU A 107 9.21 -1.44 14.61
C GLU A 107 9.48 -0.14 13.87
N ASP A 108 9.48 -0.18 12.54
CA ASP A 108 9.75 1.00 11.73
C ASP A 108 8.59 1.98 11.84
N ALA A 109 7.38 1.44 11.79
CA ALA A 109 6.17 2.25 11.95
C ALA A 109 6.05 2.75 13.38
N LYS A 110 6.62 2.00 14.31
CA LYS A 110 6.62 2.40 15.72
C LYS A 110 7.67 3.48 15.95
N LYS A 111 8.59 3.60 15.01
CA LYS A 111 9.68 4.56 15.07
C LYS A 111 9.26 5.87 14.39
N GLY A 112 8.47 5.76 13.32
CA GLY A 112 8.03 6.93 12.61
C GLY A 112 8.32 6.85 11.12
N ILE A 113 7.28 6.60 10.33
CA ILE A 113 7.42 6.47 8.89
C ILE A 113 7.89 7.77 8.26
N THR A 114 9.13 7.77 7.79
CA THR A 114 9.71 8.92 7.14
C THR A 114 10.29 8.52 5.78
N MET A 115 10.86 9.48 5.07
CA MET A 115 11.38 9.24 3.73
C MET A 115 12.46 8.17 3.75
N ALA A 116 13.52 8.39 4.53
CA ALA A 116 14.64 7.46 4.59
C ALA A 116 14.21 6.09 5.11
N GLN A 117 13.22 6.08 5.99
CA GLN A 117 12.65 4.84 6.50
C GLN A 117 12.11 3.99 5.37
N MET A 118 11.08 4.49 4.69
CA MET A 118 10.49 3.81 3.54
C MET A 118 11.57 3.40 2.53
N GLU A 119 12.57 4.25 2.36
CA GLU A 119 13.64 3.99 1.39
C GLU A 119 14.45 2.77 1.80
N LEU A 120 15.14 2.85 2.94
CA LEU A 120 16.02 1.78 3.40
C LEU A 120 15.21 0.53 3.71
N VAL A 121 14.06 0.72 4.34
CA VAL A 121 13.21 -0.37 4.78
C VAL A 121 12.61 -1.15 3.60
N MET A 122 12.26 -0.45 2.53
CA MET A 122 11.73 -1.12 1.34
C MET A 122 12.84 -1.79 0.55
N LYS A 123 14.04 -1.20 0.64
CA LYS A 123 15.22 -1.82 0.09
C LYS A 123 15.50 -3.14 0.82
N ALA A 124 15.28 -3.11 2.13
CA ALA A 124 15.50 -4.27 2.99
C ALA A 124 14.64 -5.46 2.58
N ALA A 125 13.41 -5.20 2.18
CA ALA A 125 12.50 -6.27 1.76
C ALA A 125 12.89 -6.82 0.40
N GLY A 126 13.69 -6.05 -0.34
CA GLY A 126 14.12 -6.47 -1.66
C GLY A 126 13.08 -6.21 -2.72
N PHE A 127 12.27 -5.18 -2.50
CA PHE A 127 11.25 -4.81 -3.46
C PHE A 127 11.85 -4.01 -4.60
N LYS A 128 11.15 -3.98 -5.73
CA LYS A 128 11.64 -3.29 -6.91
C LYS A 128 11.17 -1.84 -6.92
N GLU A 129 12.11 -0.92 -7.02
CA GLU A 129 11.81 0.51 -7.00
C GLU A 129 11.28 0.98 -8.34
N VAL A 130 10.19 1.75 -8.31
CA VAL A 130 9.63 2.35 -9.50
C VAL A 130 9.70 3.87 -9.39
N LYS A 131 10.52 4.48 -10.21
CA LYS A 131 10.72 5.92 -10.15
C LYS A 131 9.89 6.62 -11.22
N LEU A 132 9.01 7.51 -10.78
CA LEU A 132 8.11 8.22 -11.68
C LEU A 132 8.72 9.56 -12.11
N GLU A 133 9.89 9.87 -11.55
CA GLU A 133 10.61 11.07 -11.92
C GLU A 133 11.42 10.81 -13.18
N HIS A 134 10.86 11.18 -14.33
CA HIS A 134 11.51 11.00 -15.61
C HIS A 134 10.91 11.92 -16.64
N HIS A 135 11.52 13.08 -16.82
CA HIS A 135 11.06 14.06 -17.80
C HIS A 135 12.16 14.30 -18.83
N HIS A 136 11.90 15.21 -19.77
CA HIS A 136 12.87 15.49 -20.82
C HIS A 136 13.96 16.40 -20.27
N HIS A 137 15.12 15.83 -19.99
CA HIS A 137 16.25 16.59 -19.50
C HIS A 137 17.56 16.08 -20.08
N HIS A 138 18.63 16.82 -19.86
CA HIS A 138 19.96 16.45 -20.33
C HIS A 138 20.82 16.01 -19.16
N HIS A 139 21.81 15.17 -19.43
CA HIS A 139 22.74 14.74 -18.41
C HIS A 139 24.00 15.62 -18.44
N MET A 1 15.11 23.82 -4.04
CA MET A 1 14.65 22.47 -3.66
C MET A 1 13.27 22.21 -4.25
N GLY A 2 13.02 20.97 -4.65
CA GLY A 2 11.74 20.61 -5.19
C GLY A 2 10.73 20.34 -4.09
N ASP A 3 10.32 21.41 -3.41
CA ASP A 3 9.35 21.30 -2.33
C ASP A 3 7.94 21.15 -2.88
N LYS A 4 7.64 19.96 -3.37
CA LYS A 4 6.34 19.65 -3.91
C LYS A 4 5.97 18.22 -3.60
N GLU A 5 4.69 17.91 -3.70
CA GLU A 5 4.19 16.58 -3.43
C GLU A 5 4.61 15.64 -4.55
N GLU A 6 5.55 14.76 -4.25
CA GLU A 6 6.11 13.89 -5.27
C GLU A 6 5.58 12.46 -5.13
N SER A 7 5.24 11.86 -6.25
CA SER A 7 4.71 10.51 -6.27
C SER A 7 5.82 9.49 -6.54
N LYS A 8 6.08 8.63 -5.57
CA LYS A 8 7.10 7.61 -5.71
C LYS A 8 6.50 6.23 -5.47
N LYS A 9 6.51 5.40 -6.51
CA LYS A 9 5.85 4.10 -6.44
C LYS A 9 6.86 2.96 -6.57
N PHE A 10 6.66 1.92 -5.77
CA PHE A 10 7.39 0.68 -5.91
C PHE A 10 6.37 -0.46 -6.03
N SER A 11 6.82 -1.64 -6.42
CA SER A 11 5.92 -2.77 -6.52
C SER A 11 6.69 -4.08 -6.38
N ALA A 12 6.33 -4.83 -5.36
CA ALA A 12 6.93 -6.13 -5.15
C ALA A 12 5.86 -7.21 -5.21
N ASN A 13 6.12 -8.27 -5.94
CA ASN A 13 5.18 -9.37 -6.05
C ASN A 13 5.51 -10.41 -5.00
N LEU A 14 4.82 -10.33 -3.88
CA LEU A 14 5.13 -11.14 -2.72
C LEU A 14 4.31 -12.43 -2.70
N ASN A 15 4.95 -13.52 -3.11
CA ASN A 15 4.40 -14.87 -2.98
C ASN A 15 3.13 -15.04 -3.81
N GLY A 16 2.93 -14.16 -4.77
CA GLY A 16 1.75 -14.23 -5.62
C GLY A 16 0.84 -13.04 -5.46
N THR A 17 1.09 -12.27 -4.42
CA THR A 17 0.29 -11.09 -4.14
C THR A 17 1.10 -9.83 -4.41
N GLU A 18 0.66 -9.03 -5.36
CA GLU A 18 1.37 -7.80 -5.69
C GLU A 18 1.08 -6.74 -4.64
N ILE A 19 2.09 -5.98 -4.28
CA ILE A 19 1.87 -4.80 -3.47
C ILE A 19 2.49 -3.59 -4.17
N ALA A 20 1.64 -2.81 -4.81
CA ALA A 20 2.06 -1.62 -5.52
C ALA A 20 1.78 -0.39 -4.69
N ILE A 21 2.80 0.11 -4.02
CA ILE A 21 2.63 1.25 -3.13
C ILE A 21 3.11 2.53 -3.79
N THR A 22 2.19 3.44 -3.97
CA THR A 22 2.50 4.76 -4.47
C THR A 22 2.44 5.75 -3.31
N TYR A 23 3.59 6.13 -2.78
CA TYR A 23 3.60 7.04 -1.65
C TYR A 23 3.99 8.44 -2.10
N VAL A 24 3.16 9.39 -1.71
CA VAL A 24 3.39 10.79 -1.99
C VAL A 24 4.07 11.43 -0.79
N TYR A 25 5.28 11.87 -0.98
CA TYR A 25 6.06 12.44 0.10
C TYR A 25 6.39 13.90 -0.18
N LYS A 26 6.73 14.63 0.85
CA LYS A 26 7.17 16.00 0.71
C LYS A 26 8.37 16.23 1.62
N GLY A 27 9.55 16.30 1.02
CA GLY A 27 10.77 16.37 1.80
C GLY A 27 11.14 15.02 2.34
N ASP A 28 11.13 14.88 3.67
CA ASP A 28 11.38 13.59 4.30
C ASP A 28 10.10 13.07 4.93
N LYS A 29 9.01 13.77 4.67
CA LYS A 29 7.73 13.42 5.26
C LYS A 29 6.82 12.78 4.22
N VAL A 30 6.56 11.49 4.36
CA VAL A 30 5.60 10.81 3.52
C VAL A 30 4.20 11.12 4.04
N LEU A 31 3.38 11.74 3.20
CA LEU A 31 2.10 12.27 3.65
C LEU A 31 0.93 11.39 3.23
N LYS A 32 1.11 10.58 2.21
CA LYS A 32 0.04 9.70 1.77
C LYS A 32 0.60 8.46 1.09
N GLN A 33 0.06 7.31 1.42
CA GLN A 33 0.49 6.05 0.84
C GLN A 33 -0.67 5.34 0.19
N SER A 34 -0.69 5.30 -1.13
CA SER A 34 -1.67 4.49 -1.83
C SER A 34 -1.10 3.11 -2.13
N SER A 35 -1.40 2.17 -1.23
CA SER A 35 -0.92 0.81 -1.34
C SER A 35 -1.99 -0.06 -1.96
N GLU A 36 -1.68 -0.63 -3.11
CA GLU A 36 -2.62 -1.51 -3.78
C GLU A 36 -2.12 -2.95 -3.74
N THR A 37 -2.83 -3.77 -3.00
CA THR A 37 -2.49 -5.16 -2.85
C THR A 37 -3.32 -6.02 -3.81
N LYS A 38 -2.66 -6.60 -4.80
CA LYS A 38 -3.35 -7.37 -5.82
C LYS A 38 -3.36 -8.86 -5.47
N ILE A 39 -4.53 -9.38 -5.16
CA ILE A 39 -4.69 -10.78 -4.84
C ILE A 39 -5.22 -11.53 -6.05
N GLN A 40 -4.48 -12.50 -6.53
CA GLN A 40 -4.90 -13.30 -7.68
C GLN A 40 -6.01 -14.27 -7.25
N PHE A 41 -7.01 -14.45 -8.11
CA PHE A 41 -8.12 -15.35 -7.80
C PHE A 41 -7.62 -16.78 -7.58
N ALA A 42 -6.53 -17.13 -8.25
CA ALA A 42 -5.93 -18.45 -8.12
C ALA A 42 -5.25 -18.62 -6.76
N SER A 43 -4.94 -17.52 -6.11
CA SER A 43 -4.26 -17.56 -4.82
C SER A 43 -5.28 -17.55 -3.67
N ILE A 44 -6.40 -16.88 -3.89
CA ILE A 44 -7.43 -16.78 -2.87
C ILE A 44 -8.40 -17.95 -2.94
N GLY A 45 -8.50 -18.55 -4.12
CA GLY A 45 -9.43 -19.65 -4.31
C GLY A 45 -10.83 -19.16 -4.55
N ALA A 46 -10.93 -18.07 -5.30
CA ALA A 46 -12.22 -17.46 -5.59
C ALA A 46 -12.65 -17.78 -7.01
N THR A 47 -13.89 -18.21 -7.16
CA THR A 47 -14.46 -18.47 -8.47
C THR A 47 -15.19 -17.23 -8.98
N THR A 48 -15.79 -16.50 -8.05
CA THR A 48 -16.53 -15.30 -8.38
C THR A 48 -15.97 -14.11 -7.62
N LYS A 49 -16.43 -12.91 -7.94
CA LYS A 49 -15.98 -11.73 -7.24
C LYS A 49 -16.58 -11.67 -5.83
N GLU A 50 -17.76 -12.28 -5.67
CA GLU A 50 -18.37 -12.41 -4.35
C GLU A 50 -17.57 -13.35 -3.48
N ASP A 51 -17.00 -14.41 -4.08
CA ASP A 51 -16.11 -15.30 -3.35
C ASP A 51 -14.93 -14.53 -2.82
N ALA A 52 -14.35 -13.71 -3.68
CA ALA A 52 -13.23 -12.86 -3.32
C ALA A 52 -13.61 -11.95 -2.16
N ALA A 53 -14.74 -11.25 -2.31
CA ALA A 53 -15.21 -10.36 -1.26
C ALA A 53 -15.46 -11.11 0.04
N LYS A 54 -16.10 -12.27 -0.06
CA LYS A 54 -16.45 -13.06 1.12
C LYS A 54 -15.21 -13.41 1.95
N THR A 55 -14.06 -13.43 1.30
CA THR A 55 -12.82 -13.79 1.96
C THR A 55 -12.02 -12.53 2.34
N LEU A 56 -12.10 -11.50 1.50
CA LEU A 56 -11.29 -10.30 1.68
C LEU A 56 -11.95 -9.27 2.61
N GLU A 57 -13.27 -9.29 2.68
CA GLU A 57 -14.00 -8.34 3.53
C GLU A 57 -13.57 -8.43 5.01
N PRO A 58 -13.43 -9.66 5.58
CA PRO A 58 -12.83 -9.85 6.90
C PRO A 58 -11.58 -9.01 7.13
N LEU A 59 -10.81 -8.80 6.08
CA LEU A 59 -9.56 -8.04 6.17
C LEU A 59 -9.83 -6.55 6.00
N SER A 60 -10.64 -6.19 5.01
CA SER A 60 -10.90 -4.79 4.70
C SER A 60 -11.70 -4.11 5.80
N ALA A 61 -12.52 -4.89 6.51
CA ALA A 61 -13.33 -4.38 7.60
C ALA A 61 -12.47 -3.92 8.78
N LYS A 62 -11.18 -4.20 8.71
CA LYS A 62 -10.25 -3.81 9.76
C LYS A 62 -9.68 -2.42 9.48
N TYR A 63 -10.05 -1.84 8.35
CA TYR A 63 -9.60 -0.49 8.00
C TYR A 63 -10.56 0.57 8.52
N LYS A 64 -11.58 0.13 9.24
CA LYS A 64 -12.63 1.03 9.71
C LYS A 64 -12.06 2.19 10.54
N ASN A 65 -12.06 3.38 9.91
CA ASN A 65 -11.69 4.63 10.57
C ASN A 65 -10.27 4.60 11.15
N ILE A 66 -9.33 4.05 10.39
CA ILE A 66 -7.92 4.09 10.81
C ILE A 66 -7.34 5.48 10.50
N ALA A 67 -7.81 6.05 9.41
CA ALA A 67 -7.33 7.34 8.93
C ALA A 67 -8.19 7.74 7.75
N GLY A 68 -7.65 8.55 6.86
CA GLY A 68 -8.28 8.79 5.59
C GLY A 68 -8.09 7.60 4.68
N VAL A 69 -8.43 6.42 5.17
CA VAL A 69 -8.16 5.18 4.47
C VAL A 69 -9.23 4.92 3.41
N GLU A 70 -8.82 5.07 2.16
CA GLU A 70 -9.71 4.87 1.03
C GLU A 70 -9.58 3.43 0.55
N GLU A 71 -10.56 2.62 0.90
CA GLU A 71 -10.53 1.21 0.56
C GLU A 71 -11.33 0.95 -0.72
N LYS A 72 -10.66 0.38 -1.70
CA LYS A 72 -11.31 -0.02 -2.94
C LYS A 72 -11.02 -1.48 -3.22
N LEU A 73 -11.95 -2.35 -2.85
CA LEU A 73 -11.84 -3.75 -3.22
C LEU A 73 -12.38 -3.90 -4.64
N THR A 74 -11.48 -3.94 -5.59
CA THR A 74 -11.88 -3.90 -6.99
C THR A 74 -11.61 -5.24 -7.66
N TYR A 75 -12.69 -5.95 -7.96
CA TYR A 75 -12.58 -7.26 -8.58
C TYR A 75 -12.79 -7.14 -10.08
N THR A 76 -11.70 -7.18 -10.82
CA THR A 76 -11.76 -6.95 -12.25
C THR A 76 -12.22 -8.19 -13.00
N ASP A 77 -11.56 -9.30 -12.73
CA ASP A 77 -11.88 -10.58 -13.36
C ASP A 77 -11.02 -11.70 -12.80
N THR A 78 -9.73 -11.65 -13.08
CA THR A 78 -8.81 -12.70 -12.65
C THR A 78 -8.01 -12.27 -11.43
N TYR A 79 -8.15 -11.00 -11.06
CA TYR A 79 -7.42 -10.46 -9.92
C TYR A 79 -8.27 -9.50 -9.13
N ALA A 80 -8.06 -9.50 -7.82
CA ALA A 80 -8.73 -8.59 -6.93
C ALA A 80 -7.74 -7.52 -6.46
N GLN A 81 -8.05 -6.28 -6.74
CA GLN A 81 -7.17 -5.19 -6.37
C GLN A 81 -7.65 -4.53 -5.08
N GLU A 82 -6.88 -4.73 -4.02
CA GLU A 82 -7.12 -4.04 -2.77
C GLU A 82 -6.40 -2.69 -2.82
N ASN A 83 -7.02 -1.73 -3.50
CA ASN A 83 -6.44 -0.41 -3.65
C ASN A 83 -6.72 0.41 -2.40
N VAL A 84 -5.72 0.55 -1.55
CA VAL A 84 -5.91 1.22 -0.28
C VAL A 84 -5.16 2.55 -0.25
N THR A 85 -5.84 3.60 0.15
CA THR A 85 -5.24 4.93 0.25
C THR A 85 -5.11 5.33 1.71
N ILE A 86 -3.90 5.24 2.25
CA ILE A 86 -3.68 5.59 3.65
C ILE A 86 -3.02 6.97 3.77
N ASP A 87 -3.79 7.95 4.21
CA ASP A 87 -3.24 9.27 4.48
C ASP A 87 -2.33 9.21 5.70
N MET A 88 -1.04 9.43 5.50
CA MET A 88 -0.07 9.40 6.58
C MET A 88 -0.03 10.74 7.29
N GLU A 89 -0.96 11.61 6.93
CA GLU A 89 -1.08 12.90 7.59
C GLU A 89 -1.79 12.72 8.92
N LYS A 90 -2.66 11.73 8.99
CA LYS A 90 -3.42 11.43 10.19
C LYS A 90 -3.64 9.93 10.32
N VAL A 91 -2.61 9.20 10.72
CA VAL A 91 -2.75 7.76 10.90
C VAL A 91 -3.05 7.43 12.35
N ASP A 92 -4.06 6.60 12.56
CA ASP A 92 -4.24 6.01 13.88
C ASP A 92 -3.33 4.79 13.95
N PHE A 93 -2.07 5.02 14.27
CA PHE A 93 -1.05 3.98 14.25
C PHE A 93 -1.38 2.86 15.25
N LYS A 94 -2.21 3.17 16.24
CA LYS A 94 -2.64 2.16 17.20
C LYS A 94 -3.65 1.21 16.55
N ALA A 95 -4.55 1.76 15.75
CA ALA A 95 -5.49 0.95 14.98
C ALA A 95 -4.76 0.27 13.83
N LEU A 96 -3.66 0.89 13.41
CA LEU A 96 -2.81 0.34 12.35
C LEU A 96 -2.29 -1.04 12.74
N GLN A 97 -2.16 -1.26 14.05
CA GLN A 97 -1.65 -2.52 14.58
C GLN A 97 -2.60 -3.68 14.32
N GLY A 98 -3.76 -3.38 13.73
CA GLY A 98 -4.67 -4.42 13.34
C GLY A 98 -4.35 -4.96 11.96
N ILE A 99 -3.64 -4.16 11.17
CA ILE A 99 -3.33 -4.52 9.79
C ILE A 99 -1.84 -4.44 9.49
N SER A 100 -1.02 -4.20 10.51
CA SER A 100 0.40 -4.01 10.32
C SER A 100 1.13 -5.34 10.07
N GLY A 101 1.00 -5.83 8.85
CA GLY A 101 1.73 -7.02 8.45
C GLY A 101 2.97 -6.66 7.66
N ILE A 102 3.67 -5.64 8.15
CA ILE A 102 4.85 -5.12 7.50
C ILE A 102 6.06 -6.01 7.80
N ASN A 103 6.38 -6.90 6.87
CA ASN A 103 7.48 -7.82 7.06
C ASN A 103 8.81 -7.18 6.66
N VAL A 104 9.41 -6.49 7.61
CA VAL A 104 10.73 -5.92 7.47
C VAL A 104 11.27 -5.57 8.85
N SER A 105 10.40 -4.96 9.63
CA SER A 105 10.68 -4.65 11.03
C SER A 105 9.42 -4.05 11.65
N ALA A 106 9.34 -4.07 12.96
CA ALA A 106 8.22 -3.47 13.66
C ALA A 106 8.58 -2.07 14.10
N GLU A 107 9.88 -1.80 14.11
CA GLU A 107 10.41 -0.52 14.55
C GLU A 107 10.07 0.61 13.57
N ASP A 108 9.84 0.24 12.30
CA ASP A 108 9.47 1.20 11.27
C ASP A 108 8.15 1.85 11.64
N ALA A 109 7.16 1.02 11.93
CA ALA A 109 5.83 1.49 12.30
C ALA A 109 5.84 2.21 13.64
N LYS A 110 6.60 1.67 14.61
CA LYS A 110 6.64 2.25 15.95
C LYS A 110 7.30 3.63 15.94
N LYS A 111 8.35 3.77 15.14
CA LYS A 111 9.08 5.03 15.06
C LYS A 111 8.28 6.09 14.32
N GLY A 112 7.46 5.65 13.39
CA GLY A 112 6.75 6.58 12.55
C GLY A 112 7.39 6.66 11.18
N ILE A 113 6.67 6.22 10.16
CA ILE A 113 7.21 6.12 8.82
C ILE A 113 7.60 7.50 8.28
N THR A 114 8.85 7.59 7.88
CA THR A 114 9.38 8.78 7.26
C THR A 114 10.06 8.40 5.94
N MET A 115 10.50 9.39 5.18
CA MET A 115 11.13 9.11 3.89
C MET A 115 12.44 8.38 4.09
N ALA A 116 13.18 8.80 5.11
CA ALA A 116 14.43 8.14 5.49
C ALA A 116 14.17 6.65 5.73
N GLN A 117 13.16 6.36 6.55
CA GLN A 117 12.78 4.97 6.79
C GLN A 117 12.40 4.29 5.49
N MET A 118 11.33 4.75 4.86
CA MET A 118 10.84 4.13 3.62
C MET A 118 11.96 3.70 2.68
N GLU A 119 12.87 4.60 2.34
CA GLU A 119 13.95 4.29 1.41
C GLU A 119 14.83 3.13 1.91
N LEU A 120 15.30 3.23 3.15
CA LEU A 120 16.20 2.20 3.70
C LEU A 120 15.44 0.92 4.05
N VAL A 121 14.17 1.08 4.34
CA VAL A 121 13.30 0.02 4.79
C VAL A 121 12.83 -0.82 3.62
N MET A 122 12.54 -0.16 2.49
CA MET A 122 12.24 -0.87 1.25
C MET A 122 13.46 -1.66 0.83
N LYS A 123 14.63 -1.04 0.96
CA LYS A 123 15.90 -1.66 0.62
C LYS A 123 16.17 -2.85 1.54
N ALA A 124 15.83 -2.69 2.81
CA ALA A 124 16.03 -3.74 3.80
C ALA A 124 15.20 -4.98 3.48
N ALA A 125 13.92 -4.78 3.18
CA ALA A 125 13.03 -5.88 2.84
C ALA A 125 13.37 -6.45 1.48
N GLY A 126 13.84 -5.59 0.59
CA GLY A 126 14.17 -6.01 -0.75
C GLY A 126 13.04 -5.76 -1.72
N PHE A 127 12.37 -4.62 -1.54
CA PHE A 127 11.31 -4.21 -2.44
C PHE A 127 11.90 -3.52 -3.65
N LYS A 128 11.26 -3.67 -4.79
CA LYS A 128 11.79 -3.14 -6.03
C LYS A 128 11.03 -1.89 -6.44
N GLU A 129 11.77 -0.81 -6.66
CA GLU A 129 11.19 0.46 -7.04
C GLU A 129 10.70 0.42 -8.49
N VAL A 130 9.61 1.11 -8.75
CA VAL A 130 9.11 1.28 -10.10
C VAL A 130 9.45 2.69 -10.59
N LYS A 131 9.42 3.64 -9.65
CA LYS A 131 9.69 5.05 -9.97
C LYS A 131 8.70 5.57 -11.02
N LEU A 132 7.53 4.93 -11.07
CA LEU A 132 6.50 5.24 -12.05
C LEU A 132 6.99 4.90 -13.46
N GLU A 133 6.56 3.76 -13.97
CA GLU A 133 6.93 3.31 -15.30
C GLU A 133 5.71 3.39 -16.22
N HIS A 134 5.90 3.08 -17.50
CA HIS A 134 4.83 3.10 -18.49
C HIS A 134 4.24 4.50 -18.61
N HIS A 135 5.08 5.43 -19.04
CA HIS A 135 4.69 6.83 -19.16
C HIS A 135 3.86 7.05 -20.42
N HIS A 136 2.96 8.03 -20.35
CA HIS A 136 2.22 8.51 -21.51
C HIS A 136 1.34 7.42 -22.13
N HIS A 137 1.86 6.72 -23.13
CA HIS A 137 1.12 5.65 -23.81
C HIS A 137 2.08 4.71 -24.53
N HIS A 138 2.52 5.15 -25.71
CA HIS A 138 3.49 4.39 -26.49
C HIS A 138 4.86 4.57 -25.88
N HIS A 139 5.34 5.81 -25.90
CA HIS A 139 6.55 6.23 -25.21
C HIS A 139 6.46 7.74 -24.96
N MET A 1 3.46 29.66 -2.48
CA MET A 1 3.43 28.19 -2.24
C MET A 1 4.41 27.49 -3.18
N GLY A 2 5.56 27.09 -2.66
CA GLY A 2 6.54 26.38 -3.45
C GLY A 2 6.42 24.88 -3.24
N ASP A 3 5.34 24.32 -3.76
CA ASP A 3 5.05 22.91 -3.53
C ASP A 3 5.59 22.05 -4.69
N LYS A 4 5.37 20.76 -4.60
CA LYS A 4 5.82 19.81 -5.60
C LYS A 4 5.02 18.52 -5.46
N GLU A 5 5.17 17.88 -4.30
CA GLU A 5 4.46 16.66 -3.96
C GLU A 5 4.89 15.51 -4.88
N GLU A 6 5.54 14.51 -4.31
CA GLU A 6 6.17 13.46 -5.09
C GLU A 6 5.45 12.14 -4.88
N SER A 7 5.47 11.30 -5.89
CA SER A 7 4.84 10.00 -5.80
C SER A 7 5.79 8.91 -6.29
N LYS A 8 6.09 7.95 -5.43
CA LYS A 8 6.95 6.85 -5.80
C LYS A 8 6.23 5.52 -5.59
N LYS A 9 6.08 4.77 -6.67
CA LYS A 9 5.44 3.46 -6.60
C LYS A 9 6.49 2.36 -6.62
N PHE A 10 6.51 1.53 -5.60
CA PHE A 10 7.31 0.32 -5.66
C PHE A 10 6.36 -0.85 -5.80
N SER A 11 6.78 -1.89 -6.50
CA SER A 11 5.90 -3.02 -6.73
C SER A 11 6.69 -4.33 -6.79
N ALA A 12 6.45 -5.18 -5.82
CA ALA A 12 7.04 -6.51 -5.80
C ALA A 12 5.93 -7.55 -5.81
N ASN A 13 5.92 -8.40 -6.83
CA ASN A 13 4.94 -9.47 -6.89
C ASN A 13 5.48 -10.72 -6.20
N LEU A 14 4.98 -10.95 -5.00
CA LEU A 14 5.46 -12.03 -4.17
C LEU A 14 4.52 -13.21 -4.24
N ASN A 15 4.81 -14.13 -5.15
CA ASN A 15 4.05 -15.37 -5.32
C ASN A 15 2.59 -15.08 -5.64
N GLY A 16 2.36 -14.51 -6.82
CA GLY A 16 1.01 -14.26 -7.29
C GLY A 16 0.32 -13.12 -6.57
N THR A 17 1.10 -12.28 -5.90
CA THR A 17 0.57 -11.15 -5.17
C THR A 17 1.41 -9.90 -5.46
N GLU A 18 0.89 -9.01 -6.29
CA GLU A 18 1.63 -7.82 -6.68
C GLU A 18 1.32 -6.65 -5.75
N ILE A 19 2.19 -6.41 -4.79
CA ILE A 19 2.00 -5.27 -3.91
C ILE A 19 2.71 -4.06 -4.47
N ALA A 20 1.92 -3.11 -4.95
CA ALA A 20 2.46 -1.87 -5.48
C ALA A 20 2.01 -0.71 -4.62
N ILE A 21 2.94 -0.15 -3.88
CA ILE A 21 2.64 0.97 -3.01
C ILE A 21 3.12 2.27 -3.64
N THR A 22 2.15 3.09 -4.04
CA THR A 22 2.43 4.40 -4.57
C THR A 22 2.29 5.43 -3.48
N TYR A 23 3.37 5.70 -2.77
CA TYR A 23 3.30 6.63 -1.66
C TYR A 23 3.62 8.04 -2.12
N VAL A 24 2.71 8.95 -1.79
CA VAL A 24 2.90 10.37 -2.06
C VAL A 24 3.57 11.01 -0.85
N TYR A 25 4.73 11.59 -1.09
CA TYR A 25 5.52 12.17 -0.04
C TYR A 25 5.92 13.59 -0.39
N LYS A 26 6.18 14.38 0.63
CA LYS A 26 6.62 15.76 0.43
C LYS A 26 7.78 16.03 1.36
N GLY A 27 8.98 16.06 0.79
CA GLY A 27 10.18 16.17 1.59
C GLY A 27 10.54 14.84 2.21
N ASP A 28 10.56 14.78 3.53
CA ASP A 28 10.83 13.55 4.24
C ASP A 28 9.54 13.03 4.86
N LYS A 29 8.47 13.78 4.68
CA LYS A 29 7.16 13.42 5.21
C LYS A 29 6.37 12.64 4.16
N VAL A 30 6.15 11.36 4.41
CA VAL A 30 5.25 10.59 3.57
C VAL A 30 3.82 10.90 3.98
N LEU A 31 3.01 11.32 3.03
CA LEU A 31 1.69 11.83 3.35
C LEU A 31 0.59 10.82 3.06
N LYS A 32 0.70 10.12 1.94
CA LYS A 32 -0.29 9.12 1.58
C LYS A 32 0.39 7.85 1.08
N GLN A 33 0.02 6.72 1.66
CA GLN A 33 0.56 5.44 1.23
C GLN A 33 -0.51 4.65 0.48
N SER A 34 -0.48 4.74 -0.83
CA SER A 34 -1.43 3.99 -1.64
C SER A 34 -0.89 2.58 -1.90
N SER A 35 -1.26 1.66 -1.02
CA SER A 35 -0.77 0.31 -1.07
C SER A 35 -1.78 -0.58 -1.78
N GLU A 36 -1.53 -0.88 -3.03
CA GLU A 36 -2.44 -1.69 -3.82
C GLU A 36 -1.95 -3.12 -3.91
N THR A 37 -2.64 -4.01 -3.23
CA THR A 37 -2.29 -5.41 -3.24
C THR A 37 -3.07 -6.15 -4.34
N LYS A 38 -2.41 -6.43 -5.45
CA LYS A 38 -3.02 -7.15 -6.56
C LYS A 38 -2.96 -8.65 -6.29
N ILE A 39 -4.09 -9.21 -5.87
CA ILE A 39 -4.15 -10.61 -5.49
C ILE A 39 -4.80 -11.43 -6.60
N GLN A 40 -4.03 -12.35 -7.18
CA GLN A 40 -4.58 -13.29 -8.14
C GLN A 40 -5.44 -14.32 -7.40
N PHE A 41 -6.53 -14.73 -8.03
CA PHE A 41 -7.48 -15.64 -7.41
C PHE A 41 -6.87 -17.02 -7.13
N ALA A 42 -5.74 -17.29 -7.74
CA ALA A 42 -5.06 -18.57 -7.56
C ALA A 42 -4.52 -18.73 -6.14
N SER A 43 -4.12 -17.60 -5.53
CA SER A 43 -3.52 -17.64 -4.21
C SER A 43 -4.58 -17.62 -3.11
N ILE A 44 -5.76 -17.12 -3.43
CA ILE A 44 -6.84 -17.02 -2.45
C ILE A 44 -7.84 -18.17 -2.59
N GLY A 45 -7.93 -18.73 -3.80
CA GLY A 45 -8.87 -19.82 -4.04
C GLY A 45 -10.24 -19.29 -4.40
N ALA A 46 -10.27 -18.16 -5.09
CA ALA A 46 -11.51 -17.52 -5.47
C ALA A 46 -11.83 -17.79 -6.93
N THR A 47 -13.10 -17.90 -7.26
CA THR A 47 -13.51 -18.13 -8.63
C THR A 47 -14.02 -16.85 -9.29
N THR A 48 -14.75 -16.04 -8.53
CA THR A 48 -15.35 -14.83 -9.07
C THR A 48 -15.22 -13.67 -8.08
N LYS A 49 -15.74 -12.51 -8.46
CA LYS A 49 -15.63 -11.32 -7.63
C LYS A 49 -16.29 -11.50 -6.27
N GLU A 50 -17.37 -12.27 -6.22
CA GLU A 50 -18.08 -12.50 -4.96
C GLU A 50 -17.25 -13.32 -4.00
N ASP A 51 -16.52 -14.30 -4.53
CA ASP A 51 -15.60 -15.11 -3.71
C ASP A 51 -14.63 -14.19 -2.99
N ALA A 52 -14.07 -13.27 -3.76
CA ALA A 52 -13.10 -12.31 -3.26
C ALA A 52 -13.74 -11.39 -2.22
N ALA A 53 -14.98 -10.99 -2.47
CA ALA A 53 -15.72 -10.14 -1.54
C ALA A 53 -15.99 -10.88 -0.23
N LYS A 54 -16.47 -12.12 -0.36
CA LYS A 54 -16.77 -12.96 0.80
C LYS A 54 -15.56 -13.11 1.72
N THR A 55 -14.38 -12.91 1.16
CA THR A 55 -13.14 -13.02 1.92
C THR A 55 -12.63 -11.65 2.38
N LEU A 56 -12.55 -10.70 1.45
CA LEU A 56 -11.86 -9.44 1.73
C LEU A 56 -12.80 -8.35 2.24
N GLU A 57 -14.11 -8.55 2.20
CA GLU A 57 -15.02 -7.56 2.77
C GLU A 57 -14.95 -7.59 4.30
N PRO A 58 -14.96 -8.79 4.93
CA PRO A 58 -14.58 -8.93 6.34
C PRO A 58 -13.25 -8.23 6.65
N LEU A 59 -12.37 -8.20 5.66
CA LEU A 59 -11.07 -7.57 5.81
C LEU A 59 -11.19 -6.04 5.77
N SER A 60 -11.94 -5.53 4.80
CA SER A 60 -12.16 -4.09 4.70
C SER A 60 -12.98 -3.57 5.88
N ALA A 61 -13.63 -4.48 6.58
CA ALA A 61 -14.35 -4.15 7.80
C ALA A 61 -13.38 -3.85 8.94
N LYS A 62 -12.08 -3.92 8.64
CA LYS A 62 -11.06 -3.55 9.61
C LYS A 62 -10.75 -2.06 9.51
N TYR A 63 -10.63 -1.56 8.28
CA TYR A 63 -10.22 -0.18 8.03
C TYR A 63 -11.41 0.77 7.94
N LYS A 64 -12.62 0.25 8.15
CA LYS A 64 -13.83 1.04 7.92
C LYS A 64 -13.85 2.31 8.77
N ASN A 65 -13.59 3.44 8.11
CA ASN A 65 -13.57 4.76 8.73
C ASN A 65 -12.68 4.78 9.99
N ILE A 66 -11.39 4.58 9.79
CA ILE A 66 -10.43 4.73 10.87
C ILE A 66 -9.82 6.11 10.81
N ALA A 67 -8.89 6.28 9.87
CA ALA A 67 -8.25 7.56 9.63
C ALA A 67 -8.48 7.96 8.19
N GLY A 68 -7.50 8.61 7.59
CA GLY A 68 -7.56 8.87 6.16
C GLY A 68 -7.24 7.61 5.37
N VAL A 69 -7.90 6.53 5.73
CA VAL A 69 -7.67 5.24 5.10
C VAL A 69 -8.70 5.00 4.01
N GLU A 70 -8.28 5.20 2.77
CA GLU A 70 -9.16 5.01 1.63
C GLU A 70 -8.97 3.61 1.06
N GLU A 71 -9.94 2.75 1.28
CA GLU A 71 -9.85 1.38 0.79
C GLU A 71 -10.85 1.16 -0.33
N LYS A 72 -10.37 0.62 -1.43
CA LYS A 72 -11.19 0.40 -2.60
C LYS A 72 -10.97 -1.02 -3.13
N LEU A 73 -11.94 -1.88 -2.92
CA LEU A 73 -11.82 -3.26 -3.36
C LEU A 73 -12.39 -3.45 -4.75
N THR A 74 -11.51 -3.47 -5.74
CA THR A 74 -11.93 -3.68 -7.11
C THR A 74 -11.63 -5.13 -7.51
N TYR A 75 -12.66 -5.94 -7.66
CA TYR A 75 -12.46 -7.34 -7.96
C TYR A 75 -13.09 -7.75 -9.27
N THR A 76 -12.24 -8.24 -10.16
CA THR A 76 -12.69 -8.83 -11.41
C THR A 76 -12.65 -10.35 -11.24
N ASP A 77 -13.35 -11.09 -12.08
CA ASP A 77 -13.43 -12.54 -11.93
C ASP A 77 -12.16 -13.22 -12.41
N THR A 78 -11.05 -12.83 -11.80
CA THR A 78 -9.74 -13.40 -12.10
C THR A 78 -8.70 -12.90 -11.08
N TYR A 79 -8.84 -11.65 -10.65
CA TYR A 79 -7.97 -11.08 -9.64
C TYR A 79 -8.68 -9.97 -8.87
N ALA A 80 -8.27 -9.75 -7.64
CA ALA A 80 -8.84 -8.70 -6.82
C ALA A 80 -7.77 -7.68 -6.47
N GLN A 81 -8.05 -6.42 -6.74
CA GLN A 81 -7.12 -5.35 -6.44
C GLN A 81 -7.51 -4.68 -5.13
N GLU A 82 -6.69 -4.92 -4.12
CA GLU A 82 -6.87 -4.30 -2.82
C GLU A 82 -6.24 -2.92 -2.84
N ASN A 83 -6.99 -1.93 -3.31
CA ASN A 83 -6.48 -0.57 -3.42
C ASN A 83 -6.57 0.13 -2.08
N VAL A 84 -5.45 0.24 -1.40
CA VAL A 84 -5.42 0.88 -0.09
C VAL A 84 -4.74 2.23 -0.19
N THR A 85 -5.16 3.20 0.60
CA THR A 85 -4.49 4.48 0.66
C THR A 85 -4.50 5.00 2.10
N ILE A 86 -3.35 4.94 2.74
CA ILE A 86 -3.23 5.34 4.13
C ILE A 86 -2.70 6.78 4.24
N ASP A 87 -3.56 7.69 4.64
CA ASP A 87 -3.13 9.06 4.94
C ASP A 87 -2.39 9.09 6.27
N MET A 88 -1.15 9.56 6.23
CA MET A 88 -0.28 9.50 7.40
C MET A 88 -0.38 10.77 8.24
N GLU A 89 -1.48 11.49 8.12
CA GLU A 89 -1.67 12.70 8.91
C GLU A 89 -2.84 12.52 9.88
N LYS A 90 -3.70 11.57 9.59
CA LYS A 90 -4.85 11.31 10.44
C LYS A 90 -4.77 9.94 11.11
N VAL A 91 -3.83 9.10 10.65
CA VAL A 91 -3.72 7.72 11.14
C VAL A 91 -3.42 7.64 12.62
N ASP A 92 -4.10 6.73 13.28
CA ASP A 92 -3.75 6.38 14.64
C ASP A 92 -3.00 5.06 14.64
N PHE A 93 -1.69 5.16 14.82
CA PHE A 93 -0.79 4.01 14.70
C PHE A 93 -1.09 2.94 15.75
N LYS A 94 -1.88 3.29 16.76
CA LYS A 94 -2.26 2.34 17.80
C LYS A 94 -3.09 1.21 17.21
N ALA A 95 -3.97 1.54 16.27
CA ALA A 95 -4.75 0.52 15.56
C ALA A 95 -3.98 0.05 14.34
N LEU A 96 -3.15 0.94 13.80
CA LEU A 96 -2.32 0.61 12.64
C LEU A 96 -1.40 -0.56 12.94
N GLN A 97 -1.03 -0.71 14.21
CA GLN A 97 -0.16 -1.78 14.67
C GLN A 97 -0.71 -3.16 14.28
N GLY A 98 -2.03 -3.30 14.38
CA GLY A 98 -2.66 -4.57 14.07
C GLY A 98 -2.90 -4.77 12.59
N ILE A 99 -2.88 -3.67 11.84
CA ILE A 99 -3.18 -3.70 10.42
C ILE A 99 -2.06 -3.06 9.60
N SER A 100 -0.82 -3.29 10.01
CA SER A 100 0.31 -2.75 9.30
C SER A 100 0.51 -3.46 7.97
N GLY A 101 0.06 -2.82 6.90
CA GLY A 101 0.28 -3.35 5.56
C GLY A 101 1.73 -3.24 5.14
N ILE A 102 2.53 -2.57 5.96
CA ILE A 102 3.95 -2.44 5.71
C ILE A 102 4.66 -3.73 6.08
N ASN A 103 4.75 -4.64 5.13
CA ASN A 103 5.33 -5.97 5.38
C ASN A 103 6.85 -5.90 5.35
N VAL A 104 7.43 -5.21 6.33
CA VAL A 104 8.88 -5.12 6.47
C VAL A 104 9.25 -5.17 7.95
N SER A 105 9.01 -4.07 8.62
CA SER A 105 9.29 -3.94 10.05
C SER A 105 8.15 -3.21 10.75
N ALA A 106 7.79 -3.70 11.93
CA ALA A 106 6.67 -3.12 12.67
C ALA A 106 7.13 -2.01 13.58
N GLU A 107 8.37 -2.12 14.06
CA GLU A 107 8.87 -1.18 15.06
C GLU A 107 9.32 0.13 14.41
N ASP A 108 9.26 0.18 13.08
CA ASP A 108 9.51 1.42 12.36
C ASP A 108 8.34 2.36 12.56
N ALA A 109 7.15 1.78 12.66
CA ALA A 109 5.92 2.54 12.88
C ALA A 109 5.91 3.13 14.28
N LYS A 110 6.69 2.53 15.18
CA LYS A 110 6.83 3.05 16.53
C LYS A 110 7.57 4.39 16.50
N LYS A 111 8.54 4.48 15.59
CA LYS A 111 9.33 5.69 15.42
C LYS A 111 8.54 6.72 14.62
N GLY A 112 8.07 6.31 13.46
CA GLY A 112 7.34 7.20 12.59
C GLY A 112 7.83 7.11 11.17
N ILE A 113 6.96 6.63 10.28
CA ILE A 113 7.34 6.43 8.88
C ILE A 113 7.71 7.75 8.23
N THR A 114 8.95 7.81 7.78
CA THR A 114 9.45 8.96 7.06
C THR A 114 10.09 8.48 5.76
N MET A 115 10.47 9.41 4.90
CA MET A 115 10.96 9.05 3.58
C MET A 115 12.31 8.31 3.67
N ALA A 116 13.20 8.82 4.51
CA ALA A 116 14.49 8.16 4.73
C ALA A 116 14.29 6.71 5.15
N GLN A 117 13.32 6.50 6.02
CA GLN A 117 12.94 5.16 6.44
C GLN A 117 12.50 4.33 5.26
N MET A 118 11.40 4.73 4.60
CA MET A 118 10.87 3.98 3.45
C MET A 118 11.96 3.55 2.46
N GLU A 119 12.92 4.43 2.19
CA GLU A 119 14.01 4.13 1.26
C GLU A 119 14.86 2.95 1.75
N LEU A 120 15.42 3.06 2.94
CA LEU A 120 16.34 2.03 3.46
C LEU A 120 15.57 0.80 3.95
N VAL A 121 14.34 1.04 4.35
CA VAL A 121 13.48 0.01 4.90
C VAL A 121 13.01 -0.94 3.81
N MET A 122 12.55 -0.37 2.69
CA MET A 122 12.16 -1.17 1.53
C MET A 122 13.39 -1.80 0.88
N LYS A 123 14.53 -1.14 1.05
CA LYS A 123 15.81 -1.67 0.59
C LYS A 123 16.14 -2.97 1.32
N ALA A 124 15.76 -3.04 2.60
CA ALA A 124 16.02 -4.23 3.40
C ALA A 124 15.10 -5.38 2.99
N ALA A 125 13.85 -5.05 2.67
CA ALA A 125 12.87 -6.04 2.25
C ALA A 125 13.22 -6.59 0.88
N GLY A 126 13.84 -5.77 0.06
CA GLY A 126 14.17 -6.17 -1.30
C GLY A 126 13.10 -5.75 -2.27
N PHE A 127 12.46 -4.62 -1.98
CA PHE A 127 11.42 -4.09 -2.84
C PHE A 127 12.01 -3.16 -3.89
N LYS A 128 11.52 -3.27 -5.11
CA LYS A 128 12.01 -2.45 -6.21
C LYS A 128 11.11 -1.25 -6.44
N GLU A 129 11.70 -0.07 -6.46
CA GLU A 129 10.95 1.16 -6.68
C GLU A 129 10.85 1.47 -8.17
N VAL A 130 9.62 1.61 -8.64
CA VAL A 130 9.35 1.87 -10.05
C VAL A 130 9.24 3.37 -10.28
N LYS A 131 9.05 4.12 -9.18
CA LYS A 131 8.84 5.56 -9.24
C LYS A 131 7.52 5.88 -9.92
N LEU A 132 7.29 7.15 -10.21
CA LEU A 132 6.10 7.57 -10.94
C LEU A 132 6.32 8.99 -11.48
N GLU A 133 6.74 9.06 -12.73
CA GLU A 133 7.11 10.33 -13.32
C GLU A 133 6.40 10.53 -14.66
N HIS A 134 6.55 11.72 -15.22
CA HIS A 134 5.94 12.05 -16.51
C HIS A 134 6.68 11.33 -17.64
N HIS A 135 6.02 10.33 -18.21
CA HIS A 135 6.58 9.63 -19.37
C HIS A 135 6.03 10.24 -20.64
N HIS A 136 4.88 10.87 -20.52
CA HIS A 136 4.27 11.58 -21.64
C HIS A 136 4.65 13.05 -21.59
N HIS A 137 5.72 13.41 -22.27
CA HIS A 137 6.21 14.78 -22.23
C HIS A 137 6.78 15.21 -23.57
N HIS A 138 5.98 15.92 -24.35
CA HIS A 138 6.43 16.54 -25.57
C HIS A 138 5.68 17.85 -25.77
N HIS A 139 6.05 18.63 -26.77
CA HIS A 139 5.40 19.90 -26.99
C HIS A 139 4.27 19.74 -27.99
N MET A 1 19.53 19.33 -1.76
CA MET A 1 18.24 19.98 -2.08
C MET A 1 17.14 18.93 -2.12
N GLY A 2 15.91 19.37 -2.26
CA GLY A 2 14.79 18.46 -2.36
C GLY A 2 13.69 19.03 -3.22
N ASP A 3 13.02 18.17 -3.98
CA ASP A 3 11.91 18.62 -4.80
C ASP A 3 10.67 18.81 -3.96
N LYS A 4 9.77 19.65 -4.42
CA LYS A 4 8.61 20.05 -3.63
C LYS A 4 7.48 19.05 -3.83
N GLU A 5 7.42 18.06 -2.93
CA GLU A 5 6.40 17.02 -2.96
C GLU A 5 6.61 16.09 -4.15
N GLU A 6 7.09 14.88 -3.88
CA GLU A 6 7.45 13.95 -4.93
C GLU A 6 6.81 12.59 -4.68
N SER A 7 6.44 11.92 -5.75
CA SER A 7 5.85 10.60 -5.67
C SER A 7 6.92 9.54 -5.89
N LYS A 8 6.97 8.57 -4.98
CA LYS A 8 7.89 7.45 -5.12
C LYS A 8 7.09 6.17 -5.34
N LYS A 9 6.99 5.78 -6.60
CA LYS A 9 6.20 4.62 -6.98
C LYS A 9 7.08 3.39 -7.09
N PHE A 10 6.92 2.47 -6.13
CA PHE A 10 7.61 1.20 -6.22
C PHE A 10 6.56 0.09 -6.36
N SER A 11 6.93 -1.00 -6.98
CA SER A 11 6.01 -2.10 -7.17
C SER A 11 6.78 -3.42 -7.17
N ALA A 12 6.31 -4.36 -6.38
CA ALA A 12 6.93 -5.66 -6.28
C ALA A 12 5.92 -6.75 -6.55
N ASN A 13 6.10 -7.46 -7.66
CA ASN A 13 5.26 -8.59 -7.97
C ASN A 13 5.76 -9.82 -7.23
N LEU A 14 5.04 -10.20 -6.19
CA LEU A 14 5.41 -11.36 -5.40
C LEU A 14 4.85 -12.62 -6.05
N ASN A 15 5.20 -13.77 -5.51
CA ASN A 15 4.68 -15.04 -6.04
C ASN A 15 3.24 -15.27 -5.59
N GLY A 16 2.39 -14.29 -5.87
CA GLY A 16 1.00 -14.37 -5.48
C GLY A 16 0.29 -13.05 -5.64
N THR A 17 0.84 -12.00 -5.01
CA THR A 17 0.24 -10.69 -5.05
C THR A 17 1.12 -9.67 -5.78
N GLU A 18 0.50 -8.74 -6.47
CA GLU A 18 1.22 -7.66 -7.13
C GLU A 18 1.03 -6.37 -6.33
N ILE A 19 2.05 -6.00 -5.58
CA ILE A 19 1.95 -4.85 -4.68
C ILE A 19 2.57 -3.60 -5.31
N ALA A 20 1.74 -2.59 -5.50
CA ALA A 20 2.21 -1.30 -5.99
C ALA A 20 2.00 -0.23 -4.94
N ILE A 21 3.07 0.21 -4.32
CA ILE A 21 2.98 1.25 -3.32
C ILE A 21 3.56 2.55 -3.84
N THR A 22 2.67 3.47 -4.17
CA THR A 22 3.04 4.78 -4.65
C THR A 22 2.87 5.80 -3.54
N TYR A 23 3.94 6.08 -2.82
CA TYR A 23 3.86 7.00 -1.71
C TYR A 23 4.44 8.36 -2.07
N VAL A 24 3.65 9.39 -1.81
CA VAL A 24 4.08 10.76 -2.04
C VAL A 24 4.62 11.35 -0.76
N TYR A 25 5.82 11.89 -0.83
CA TYR A 25 6.45 12.48 0.33
C TYR A 25 6.71 13.95 0.10
N LYS A 26 6.60 14.74 1.16
CA LYS A 26 6.83 16.16 1.08
C LYS A 26 8.01 16.51 1.97
N GLY A 27 9.21 16.53 1.39
CA GLY A 27 10.40 16.78 2.15
C GLY A 27 10.91 15.51 2.82
N ASP A 28 10.97 15.53 4.14
CA ASP A 28 11.48 14.39 4.89
C ASP A 28 10.34 13.54 5.44
N LYS A 29 9.11 13.90 5.12
CA LYS A 29 7.96 13.17 5.62
C LYS A 29 7.10 12.63 4.47
N VAL A 30 6.72 11.36 4.57
CA VAL A 30 5.77 10.78 3.63
C VAL A 30 4.36 11.11 4.10
N LEU A 31 3.51 11.56 3.20
CA LEU A 31 2.20 12.06 3.61
C LEU A 31 1.05 11.27 2.99
N LYS A 32 1.29 10.55 1.91
CA LYS A 32 0.25 9.71 1.33
C LYS A 32 0.84 8.46 0.71
N GLN A 33 0.47 7.31 1.25
CA GLN A 33 0.97 6.03 0.74
C GLN A 33 -0.14 5.29 0.01
N SER A 34 -0.06 5.23 -1.31
CA SER A 34 -1.03 4.50 -2.10
C SER A 34 -0.57 3.05 -2.25
N SER A 35 -1.17 2.15 -1.50
CA SER A 35 -0.78 0.76 -1.52
C SER A 35 -1.84 -0.06 -2.25
N GLU A 36 -1.55 -0.44 -3.48
CA GLU A 36 -2.52 -1.12 -4.28
C GLU A 36 -2.06 -2.56 -4.53
N THR A 37 -2.69 -3.48 -3.83
CA THR A 37 -2.28 -4.88 -3.87
C THR A 37 -3.23 -5.69 -4.75
N LYS A 38 -2.72 -6.12 -5.90
CA LYS A 38 -3.49 -6.94 -6.82
C LYS A 38 -3.37 -8.41 -6.46
N ILE A 39 -4.45 -8.98 -5.93
CA ILE A 39 -4.45 -10.36 -5.49
C ILE A 39 -5.09 -11.27 -6.54
N GLN A 40 -4.35 -12.26 -7.00
CA GLN A 40 -4.91 -13.26 -7.91
C GLN A 40 -5.78 -14.24 -7.13
N PHE A 41 -6.82 -14.74 -7.78
CA PHE A 41 -7.73 -15.68 -7.11
C PHE A 41 -7.03 -16.98 -6.74
N ALA A 42 -5.96 -17.30 -7.44
CA ALA A 42 -5.21 -18.53 -7.21
C ALA A 42 -4.58 -18.56 -5.82
N SER A 43 -4.07 -17.41 -5.38
CA SER A 43 -3.36 -17.34 -4.11
C SER A 43 -4.31 -17.17 -2.93
N ILE A 44 -5.48 -16.57 -3.17
CA ILE A 44 -6.46 -16.39 -2.11
C ILE A 44 -7.30 -17.65 -1.94
N GLY A 45 -7.48 -18.41 -3.02
CA GLY A 45 -8.27 -19.61 -2.97
C GLY A 45 -9.72 -19.36 -3.30
N ALA A 46 -9.95 -18.40 -4.18
CA ALA A 46 -11.30 -18.05 -4.60
C ALA A 46 -11.50 -18.37 -6.06
N THR A 47 -12.72 -18.74 -6.43
CA THR A 47 -13.04 -19.02 -7.83
C THR A 47 -13.85 -17.87 -8.43
N THR A 48 -14.67 -17.24 -7.60
CA THR A 48 -15.50 -16.15 -8.05
C THR A 48 -15.43 -15.00 -7.04
N LYS A 49 -16.14 -13.92 -7.33
CA LYS A 49 -16.08 -12.70 -6.52
C LYS A 49 -16.64 -12.93 -5.12
N GLU A 50 -17.68 -13.77 -5.03
CA GLU A 50 -18.33 -14.07 -3.75
C GLU A 50 -17.32 -14.51 -2.69
N ASP A 51 -16.50 -15.50 -3.04
CA ASP A 51 -15.54 -16.06 -2.10
C ASP A 51 -14.47 -15.04 -1.74
N ALA A 52 -14.03 -14.29 -2.74
CA ALA A 52 -13.02 -13.27 -2.52
C ALA A 52 -13.55 -12.17 -1.60
N ALA A 53 -14.77 -11.74 -1.86
CA ALA A 53 -15.40 -10.70 -1.07
C ALA A 53 -15.58 -11.13 0.38
N LYS A 54 -16.11 -12.33 0.59
CA LYS A 54 -16.36 -12.82 1.95
C LYS A 54 -15.06 -12.98 2.73
N THR A 55 -13.93 -12.91 2.03
CA THR A 55 -12.63 -12.96 2.65
C THR A 55 -12.04 -11.55 2.83
N LEU A 56 -12.15 -10.73 1.78
CA LEU A 56 -11.48 -9.43 1.74
C LEU A 56 -12.30 -8.31 2.35
N GLU A 57 -13.62 -8.36 2.21
CA GLU A 57 -14.51 -7.32 2.74
C GLU A 57 -14.29 -7.10 4.25
N PRO A 58 -14.30 -8.17 5.08
CA PRO A 58 -13.98 -8.04 6.51
C PRO A 58 -12.51 -7.75 6.76
N LEU A 59 -11.69 -7.89 5.72
CA LEU A 59 -10.26 -7.63 5.82
C LEU A 59 -9.99 -6.14 5.63
N SER A 60 -10.70 -5.53 4.68
CA SER A 60 -10.59 -4.09 4.48
C SER A 60 -11.27 -3.35 5.63
N ALA A 61 -12.24 -4.01 6.26
CA ALA A 61 -12.95 -3.47 7.41
C ALA A 61 -12.02 -3.38 8.62
N LYS A 62 -10.84 -3.97 8.52
CA LYS A 62 -9.85 -3.87 9.58
C LYS A 62 -9.31 -2.44 9.66
N TYR A 63 -9.26 -1.77 8.51
CA TYR A 63 -8.81 -0.38 8.47
C TYR A 63 -9.91 0.53 8.99
N LYS A 64 -11.08 0.46 8.35
CA LYS A 64 -12.18 1.36 8.65
C LYS A 64 -11.81 2.79 8.30
N ASN A 65 -12.72 3.72 8.55
CA ASN A 65 -12.46 5.12 8.26
C ASN A 65 -11.74 5.79 9.44
N ILE A 66 -10.48 5.44 9.60
CA ILE A 66 -9.64 6.04 10.65
C ILE A 66 -9.40 7.51 10.35
N ALA A 67 -8.77 7.74 9.22
CA ALA A 67 -8.52 9.09 8.75
C ALA A 67 -8.66 9.14 7.23
N GLY A 68 -7.56 8.89 6.56
CA GLY A 68 -7.57 8.89 5.11
C GLY A 68 -7.17 7.55 4.55
N VAL A 69 -7.52 6.48 5.26
CA VAL A 69 -7.27 5.14 4.77
C VAL A 69 -8.47 4.63 3.98
N GLU A 70 -8.37 4.73 2.67
CA GLU A 70 -9.44 4.33 1.79
C GLU A 70 -9.23 2.89 1.32
N GLU A 71 -10.20 2.05 1.61
CA GLU A 71 -10.15 0.65 1.24
C GLU A 71 -11.14 0.34 0.12
N LYS A 72 -10.67 0.39 -1.11
CA LYS A 72 -11.51 0.09 -2.26
C LYS A 72 -11.12 -1.26 -2.84
N LEU A 73 -12.04 -2.21 -2.76
CA LEU A 73 -11.81 -3.55 -3.30
C LEU A 73 -12.42 -3.69 -4.68
N THR A 74 -11.56 -3.77 -5.69
CA THR A 74 -12.02 -3.95 -7.06
C THR A 74 -11.87 -5.40 -7.50
N TYR A 75 -13.00 -6.05 -7.70
CA TYR A 75 -13.00 -7.44 -8.14
C TYR A 75 -13.15 -7.48 -9.66
N THR A 76 -12.06 -7.73 -10.35
CA THR A 76 -12.04 -7.67 -11.80
C THR A 76 -11.98 -9.07 -12.42
N ASP A 77 -13.00 -9.87 -12.11
CA ASP A 77 -13.26 -11.16 -12.77
C ASP A 77 -12.32 -12.27 -12.30
N THR A 78 -11.02 -12.03 -12.46
CA THR A 78 -10.03 -13.07 -12.21
C THR A 78 -9.14 -12.71 -11.02
N TYR A 79 -9.19 -11.46 -10.62
CA TYR A 79 -8.32 -10.98 -9.55
C TYR A 79 -9.03 -9.91 -8.73
N ALA A 80 -8.65 -9.79 -7.48
CA ALA A 80 -9.22 -8.81 -6.58
C ALA A 80 -8.14 -7.84 -6.14
N GLN A 81 -8.35 -6.57 -6.40
CA GLN A 81 -7.35 -5.57 -6.11
C GLN A 81 -7.72 -4.78 -4.86
N GLU A 82 -6.82 -4.77 -3.89
CA GLU A 82 -6.97 -3.94 -2.72
C GLU A 82 -6.43 -2.55 -3.05
N ASN A 83 -7.29 -1.67 -3.52
CA ASN A 83 -6.90 -0.31 -3.81
C ASN A 83 -6.86 0.47 -2.51
N VAL A 84 -5.72 0.47 -1.85
CA VAL A 84 -5.61 1.07 -0.54
C VAL A 84 -4.90 2.41 -0.61
N THR A 85 -5.49 3.41 0.00
CA THR A 85 -4.91 4.73 0.03
C THR A 85 -4.72 5.14 1.48
N ILE A 86 -3.47 5.26 1.91
CA ILE A 86 -3.19 5.57 3.29
C ILE A 86 -2.67 6.99 3.44
N ASP A 87 -3.56 7.90 3.82
CA ASP A 87 -3.16 9.26 4.14
C ASP A 87 -2.39 9.28 5.45
N MET A 88 -1.09 9.55 5.36
CA MET A 88 -0.22 9.55 6.52
C MET A 88 -0.28 10.89 7.23
N GLU A 89 -1.25 11.71 6.86
CA GLU A 89 -1.40 13.02 7.47
C GLU A 89 -2.14 12.90 8.79
N LYS A 90 -2.73 11.73 9.01
CA LYS A 90 -3.45 11.47 10.26
C LYS A 90 -3.50 9.97 10.53
N VAL A 91 -2.39 9.27 10.30
CA VAL A 91 -2.32 7.86 10.60
C VAL A 91 -2.39 7.62 12.10
N ASP A 92 -3.54 7.17 12.56
CA ASP A 92 -3.69 6.81 13.96
C ASP A 92 -3.13 5.42 14.18
N PHE A 93 -1.87 5.36 14.59
CA PHE A 93 -1.17 4.09 14.76
C PHE A 93 -1.74 3.29 15.93
N LYS A 94 -2.73 3.85 16.61
CA LYS A 94 -3.36 3.20 17.74
C LYS A 94 -4.50 2.31 17.26
N ALA A 95 -5.23 2.77 16.25
CA ALA A 95 -6.23 1.96 15.57
C ALA A 95 -5.55 1.09 14.53
N LEU A 96 -4.50 1.64 13.92
CA LEU A 96 -3.71 0.92 12.93
C LEU A 96 -2.87 -0.15 13.63
N GLN A 97 -2.89 -0.14 14.96
CA GLN A 97 -2.16 -1.10 15.77
C GLN A 97 -2.60 -2.54 15.48
N GLY A 98 -3.83 -2.69 14.99
CA GLY A 98 -4.33 -4.01 14.68
C GLY A 98 -4.01 -4.42 13.25
N ILE A 99 -3.37 -3.51 12.52
CA ILE A 99 -3.03 -3.72 11.13
C ILE A 99 -1.66 -3.13 10.83
N SER A 100 -1.43 -2.78 9.56
CA SER A 100 -0.20 -2.10 9.16
C SER A 100 -0.22 -1.76 7.70
N GLY A 101 -0.40 -2.77 6.88
CA GLY A 101 -0.28 -2.62 5.44
C GLY A 101 1.15 -2.88 5.00
N ILE A 102 2.07 -2.47 5.85
CA ILE A 102 3.48 -2.72 5.64
C ILE A 102 3.86 -4.02 6.34
N ASN A 103 3.62 -5.13 5.67
CA ASN A 103 3.82 -6.45 6.26
C ASN A 103 5.29 -6.87 6.25
N VAL A 104 6.16 -5.88 6.33
CA VAL A 104 7.59 -6.12 6.44
C VAL A 104 7.97 -6.21 7.91
N SER A 105 7.62 -5.18 8.63
CA SER A 105 7.83 -5.13 10.07
C SER A 105 6.80 -4.22 10.72
N ALA A 106 5.92 -4.79 11.54
CA ALA A 106 4.94 -4.02 12.29
C ALA A 106 5.66 -3.18 13.34
N GLU A 107 6.82 -3.66 13.75
CA GLU A 107 7.70 -2.93 14.65
C GLU A 107 7.98 -1.53 14.09
N ASP A 108 8.40 -1.48 12.83
CA ASP A 108 8.80 -0.22 12.19
C ASP A 108 7.58 0.66 11.96
N ALA A 109 6.41 0.04 11.81
CA ALA A 109 5.17 0.77 11.58
C ALA A 109 4.77 1.58 12.81
N LYS A 110 4.68 0.91 13.95
CA LYS A 110 4.30 1.59 15.20
C LYS A 110 5.45 2.44 15.73
N LYS A 111 6.57 2.34 15.03
CA LYS A 111 7.77 3.11 15.32
C LYS A 111 7.67 4.50 14.69
N GLY A 112 6.71 4.66 13.78
CA GLY A 112 6.52 5.93 13.12
C GLY A 112 7.23 5.96 11.79
N ILE A 113 6.48 5.81 10.70
CA ILE A 113 7.06 5.72 9.38
C ILE A 113 7.54 7.09 8.88
N THR A 114 8.84 7.19 8.64
CA THR A 114 9.41 8.39 8.05
C THR A 114 9.79 8.12 6.59
N MET A 115 10.36 9.12 5.93
CA MET A 115 10.78 8.97 4.54
C MET A 115 12.04 8.11 4.48
N ALA A 116 12.97 8.38 5.38
CA ALA A 116 14.21 7.63 5.48
C ALA A 116 13.93 6.15 5.75
N GLN A 117 12.84 5.89 6.46
CA GLN A 117 12.40 4.52 6.69
C GLN A 117 11.99 3.86 5.38
N MET A 118 10.98 4.40 4.71
CA MET A 118 10.54 3.87 3.41
C MET A 118 11.73 3.50 2.50
N GLU A 119 12.68 4.42 2.38
CA GLU A 119 13.87 4.20 1.55
C GLU A 119 14.65 2.96 1.97
N LEU A 120 15.16 2.95 3.19
CA LEU A 120 16.03 1.87 3.67
C LEU A 120 15.25 0.58 3.92
N VAL A 121 13.96 0.73 4.17
CA VAL A 121 13.08 -0.38 4.48
C VAL A 121 12.64 -1.10 3.21
N MET A 122 12.36 -0.35 2.15
CA MET A 122 12.09 -0.94 0.84
C MET A 122 13.35 -1.61 0.30
N LYS A 123 14.48 -0.99 0.61
CA LYS A 123 15.78 -1.51 0.19
C LYS A 123 16.16 -2.76 0.99
N ALA A 124 15.69 -2.82 2.24
CA ALA A 124 15.98 -3.96 3.11
C ALA A 124 15.35 -5.24 2.57
N ALA A 125 14.14 -5.12 2.04
CA ALA A 125 13.46 -6.28 1.45
C ALA A 125 13.89 -6.48 0.02
N GLY A 126 14.48 -5.46 -0.57
CA GLY A 126 14.93 -5.54 -1.94
C GLY A 126 13.79 -5.39 -2.92
N PHE A 127 12.98 -4.35 -2.73
CA PHE A 127 11.85 -4.10 -3.61
C PHE A 127 12.30 -3.44 -4.91
N LYS A 128 11.34 -3.21 -5.80
CA LYS A 128 11.64 -2.64 -7.11
C LYS A 128 11.00 -1.27 -7.26
N GLU A 129 11.83 -0.27 -7.55
CA GLU A 129 11.32 1.07 -7.83
C GLU A 129 10.88 1.17 -9.29
N VAL A 130 9.65 1.62 -9.50
CA VAL A 130 9.16 1.87 -10.85
C VAL A 130 9.53 3.29 -11.24
N LYS A 131 9.28 4.21 -10.30
CA LYS A 131 9.63 5.62 -10.43
C LYS A 131 8.94 6.27 -11.64
N LEU A 132 7.89 7.03 -11.36
CA LEU A 132 7.10 7.64 -12.42
C LEU A 132 7.75 8.92 -12.95
N GLU A 133 8.89 9.30 -12.36
CA GLU A 133 9.57 10.53 -12.76
C GLU A 133 10.38 10.31 -14.02
N HIS A 134 9.68 10.03 -15.10
CA HIS A 134 10.27 10.00 -16.43
C HIS A 134 9.23 10.50 -17.42
N HIS A 135 8.17 11.06 -16.87
CA HIS A 135 7.08 11.63 -17.65
C HIS A 135 6.79 13.02 -17.11
N HIS A 136 7.48 14.02 -17.65
CA HIS A 136 7.36 15.38 -17.15
C HIS A 136 5.94 15.90 -17.27
N HIS A 137 5.42 16.35 -16.13
CA HIS A 137 4.07 16.89 -16.05
C HIS A 137 3.96 18.17 -16.87
N HIS A 138 3.05 18.15 -17.84
CA HIS A 138 2.86 19.26 -18.78
C HIS A 138 4.12 19.52 -19.59
N HIS A 139 4.19 18.93 -20.77
CA HIS A 139 5.29 19.16 -21.67
C HIS A 139 4.77 19.31 -23.09
#